data_9QT5
#
_entry.id   9QT5
#
_cell.length_a   1.00
_cell.length_b   1.00
_cell.length_c   1.00
_cell.angle_alpha   90.00
_cell.angle_beta   90.00
_cell.angle_gamma   90.00
#
_symmetry.space_group_name_H-M   'P 1'
#
loop_
_entity.id
_entity.type
_entity.pdbx_description
1 polymer 'Large ribosomal subunit protein uL16'
2 polymer '5S rRNA'
3 polymer 'Large ribosomal subunit protein uL2'
4 polymer 'Large ribosomal subunit protein uL3'
5 polymer 'Large ribosomal subunit protein uL4'
6 polymer 'Large ribosomal subunit protein uL5'
7 polymer 'Large ribosomal subunit protein uL6'
8 polymer 'Large ribosomal subunit protein bL9'
9 polymer 'Large ribosomal subunit protein uL13'
10 polymer 'Large ribosomal subunit protein uL14'
11 polymer 'Large ribosomal subunit protein uL18'
12 polymer 'Large ribosomal subunit protein uL15'
13 polymer 'Large ribosomal subunit protein bL19'
14 polymer 'Large ribosomal subunit protein bL20'
15 polymer 'Large ribosomal subunit protein bL21'
16 polymer 'Large ribosomal subunit protein uL22'
17 polymer 'Large ribosomal subunit protein uL23'
18 polymer 'Large ribosomal subunit protein uL24'
19 polymer 'Large ribosomal subunit protein bL25'
20 polymer 'Large ribosomal subunit protein bL27'
21 polymer 'Large ribosomal subunit protein bL28'
22 polymer 'Large ribosomal subunit protein uL29'
23 polymer 'Large ribosomal subunit protein uL30'
24 polymer 'Large ribosomal subunit protein bL32'
25 polymer 'Large ribosomal subunit protein bL33'
26 polymer 'Large ribosomal subunit protein bL34'
27 polymer 'Large ribosomal subunit protein bL35'
28 polymer 'Large ribosomal subunit protein bL36'
29 polymer 'Large ribosomal subunit protein bL17'
30 polymer '23S rRNA'
#
loop_
_entity_poly.entity_id
_entity_poly.type
_entity_poly.pdbx_seq_one_letter_code
_entity_poly.pdbx_strand_id
1 'polypeptide(L)'
;MLIPRRVKHRKQHHPKRSGMSKGGTQVAFGEYGIQALTPAYVTNRQIEAARIAMTRHIKRGGKVWINIYPDRPLTKKPAE
TRMGSGKGSPEWWVANVKPGRVMFELSYPNEKIAREALTRAAHKLPMKCRIVRREAGEA
;
M
2 'polyribonucleotide'
;UUCGGUGGUCAUAGCGUUAGGGAAACGCCCGGUUACAUUCCGAACCCGGAAGCUAAGCCUUUCAGCGCCGAUGGUACUGC
AGGGGGGACCCUGUGGGAGAGUAGGACGCCGCCGAAC
;
2
3 'polypeptide(L)'
;MGIRKYKPTTPGRRGSSVADFVEITRSTPEKSLVRPLHSKGGRNNTGRVTVRHQGGGHKRAYRVIDFRRHDKDGVPAKVA
HIEYDPNRTARIALLHYADGEKRYIIAPRGLSQGDRIENGPGADIKPGNNLALRNIPVGTTIHAIELRPGGGAKFARSAG
ASVQLLAKEGSMAHLRMPSGEIRLVDVRCRATIGEVGNAEQSNINWGKAGRKRWLGVRPTVRGVAMNPVDHPHGGGEGKT
SGGRHPVSPWGQKEGRTRSPKKASNKYIVRRRKTNKKR
;
B
4 'polypeptide(L)'
;MAKNIKGVLGEKLGMTQVWDENNRVVPVTVVKAGPCVVTQVRSNDTDGYESVQIAFGEIDPRKVNKPLKGHFAKADVTPR
RHLVEIRTADASEYTLGQEITAAVFEAGVKVDVTGKSKGKGFAGVMKRHNFRGLGAGHGTQRKHRSPGSIGGCATPGRVF
KGLRMAGRMGNERVTTQNLTVHAVDAEKGLLLIKGAVPGPNGGLVLVRTAAKGA
;
C
5 'polypeptide(L)'
;MSTIDILSPAGDKAGTVELPSEIFDAKTSVPLIHQVVVAQLAAARQGTHKTKTRGEVRGGGKKPYRQKGTGRARQGSTRA
PQFAGGGVVHGPVPRDYSQRTPKKMKAAALRGALSDRARHSRIHVVTGVVEGEISTKAAKTLFGKISERKNLLLVVERSD
EAAWLSARNLPQVHILEPGQLNTYDVLVSDDVVFTKAAFESFVSGPQTAETEGSDA
;
D
6 'polypeptide(L)'
;MATTTTPRLKTKYREEIVGKLRDEFSYENVMQVPGLVKIVVNMGVGDAARDSKLIEGAIRDLTTITGQKPAVTKARKSIA
QFKLREGQPIGAHVTLRGDRMWEFLDRTLSLALPRIRDFRGLSPKQFDGRGNYTFGLTEQVMFHEIDQDKIDRVRGMDIT
VVTTATNDDEGRALLRHLGFPFKEN
;
E
7 'polypeptide(L)'
;MSRIGKLPITVPAGVDVTIDGRTVEVKGPKGTLTHTVAAPIEIVKGEDGVLNVTRPNDERQNKALHGLSRTLVANMITGV
TQGYTKALEISGVGYRVAAKGSNLEFQLGYSHPILVEAPEGISFKVESPTKFSVEGIDKQKVGEVAANIRKLRKPDPYKA
KGVKYAGEVIRRKVGKAGK
;
F
8 'polypeptide(L)'
;MKIILTHEVSGLGAAGDVVDVKDGYARNYLVPRGFAIRWTKGGEKDVAQIRRARKIHEIATIEQANQIKAQLESVKVRLA
VRSGDAGRLFGSVTPADIASAIKSAGGPEVDKRRVELGSPIKTLGSHQVSVRLHPEVAAKLGVEVVAA
;
G
9 'polypeptide(L)'
;MRTYSPKPGDVTRQWHVIDAQDVVLGRLATTAATLLRGKHKPIYAPHVDAGDFVIIINADKVHLSGNKRTQKMAYRHSGY
PGGLRSVRYDDLLANNPEKAVEKAVKGMLPKNSLGRQMLSKLKVYAGENHPHAAQQPVPFEITQVAQ
;
J
10 'polypeptide(L)'
;MIQQESRLRVADNTGAKEILCIRVLGGSGRRYAGIGDVIVATVKDAIPGGNVKKGDVVKAVIVRTVKERRRQDGSYIRFD
ENAAVILKNDGDPRGTRIFGPVGRELREKKFMKIISLAPEVL
;
K
11 'polypeptide(L)'
;MAYGVKIAKGKAYKGAALKRRHIRIRKKVSGTAERPRLVVTRSNRGITAQVIDDIAGHTVASASTLDASIRGGEGDKSAK
AQQVGKLVAERAKAAGVEAVVFDRGGNRYAGRIAALADAAREAGLKF
;
O
12 'polypeptide(L)'
;MAENNPLKIHNLRPAPGAKTAKTRVGRGEASKGKTAGRGTKGTKARYQVPERFEGGQMPLHMRLPKLKGFKNPFKTEYQV
VNLDKLASLYPEGGEVTVADLVAKGAVRKNQLVKVLGQGEVSVALQVTVDAVSGSAKEKITAAGGSVTELV
;
L
13 'polypeptide(L)'
;MSHVLDAVNAASLRSDVPAFRPGDTVNVHVRVIEGNRSRIQQFKGVVIRRQGSGVSETFTVRKVSFSVGVERTFPVHSPI
FEKIELVTRGDVRRAKLYYLRELRGKAAKIKEKREN
;
P
14 'polypeptide(L)'
;MARVKRAVNAHKKRRAILEQASGYRGQRSRLYRKAKEQVTHSLVYNYNDRKKRKGDFRQLWIQRINAAARANGITYNRFI
QGLKAANVEVDRKILAELAVNDANAFAALVEVAQKALPSDVNAPKAAA
;
Q
15 'polypeptide(L)'
;MYAIVRSGGRQHKVAVGDIVEVDKISTAKVGDTVELSTLLVVDGDAVTSDPWVLAGIKVQAEVVDHHKGAKIDILRYKNK
TGYRRRQGHRQQYTAIKVTAIPTAAK
;
R
16 'polypeptide(L)'
;MEARAQARYIRVTPMKARRVVDLIRGMDATEAQAVLRFAPQAASVPVKKVLDSAIANAAHNYDHTDASSLFISEAFVDEG
PTLKRFRPRAQGRAYRIRKRTSHITVVVSSKEGTR
;
S
17 'polypeptide(L)'
;MSEAVVTSKTFTDPRDILVKPVVSEKSYALLDENKYTFVVDPRANKTQIKQAVEAVFSVKVTGVNTINRQGKRKRTRTGY
GKRANTKRAIVTLAEGNRIDIFGGPTA
;
T
18 'polypeptide(L)'
;MKIKKGDLVQVITGKDKGKQGKVIAAFPREDRVLVEGVNRVKKHTKANQPGRASQAGGIVTVEAPIHVSNVQLVVEKDGN
KVVTRVGYRFDENGNKIRVAKRTGEDI
;
U
19 'polypeptide(L)'
;MSEVKITAETRSEFGKGAARRIRRENKVPGVLYGHGTDPVHLTLPGHDLMMALKTSNVLLSLDLDGKTELAIPKAVQRDP
LKGFLEHVDLLLVKRGEQVNVEIPVVTEGELAPGGNLLEHVLNALPVEAEATHIPESLSVSVAGLEAGASVLAKDIALPK
GVSLAVEADTVVLQVLAAQAEEPAEGAESAESAEA
;
V
20 'polypeptide(L)'
;MAHKKGASSTRNGRDSNAQRLGVKRFGGQVVNAGEILVRQRGTHFHPGAGVGRGGDDTLFALQAGSVQFGTFRGRKVVNI
VPVA
;
W
21 'polypeptide(L)' MAANCDVCGKGPGFGNNISHSHRRTSRRWNPNIQRVRAVVGRTPKRLNVCTSCIKAGKVSR X
22 'polypeptide(L)' MSAGTKASELRELSNEELVGKLREAKEELFNLRFQAATGQLENHGRLKAVRKDIARIYTLMRERELGIETVESA Y
23 'polypeptide(L)' MARLKITQTKSYIGSKQNHRDTLRSLGLKGINTQVVKEDRPEFRGMVHTVRHLVTVEEVD Z
24 'polypeptide(L)' MAVPKRKMSRSNTRHRRSQWKAAVPTLVSCERCQEPKQQHIACPSCGTYNKRQVLAV 3
25 'polypeptide(L)' MAATDVRPKITLACVECKERNYITKKNRRNNPDRLEMKKHCPRCNAHTAHRETR 4
26 'polypeptide(L)' MSKRTFQPNNRRRAKTHGFRLRMRTRAGRAILATRRSKGRARLSA 5
27 'polypeptide(L)' MPKNKTHSGAKKRFKITGSGKVLRERAGKRHLLEHKSSKLTRRLTGNAEMAPGDSAKIKKMLGI 6
28 'polypeptide(L)' MKVKPSVKKICDKCKVIRRHGRVMVICDNLRHKQRQG 7
29 'polypeptide(L)'
;MPKPAKGARLGGSAAHEKLLLANLAKSLFEHGRITTTEAKARRLRPVAERLITKAKKGDIHNRRLVLQTITDKGIVHTLF
TEIAPRYAERPGGYTRITKIGNRRGDNAPMAVIELVEGEIAKKATVAEAEAATKRAVKEADEAAASEAPAEDTAEAPAEE
KKEA
;
N
30 'polyribonucleotide'
;GGCCAAGUUUAUAAGGGCGCACGGUGGAUGCCUUGGCACCAGGAACCGAUGAAGGACGUGGGAGGCCGCGAUAGGCCCCG
GGGAGCUGUCAACCGAGCUUUGAUCCGGGGGUGUCCGAAUGGGGAAACCCGGCAGUCGUCAUGGGCUGUCACCCACUGCU
GAACACAUAGGCAGUGUGGAGGGAACGAGGGGAAGUGAAACAUCUCAGUACCCUCAGGAAGAGAAAACAACCGUGAUUCC
GGGAGUAGUGGCGAGCGAAACCGGAUGAGGCCAAACCGUAUGCGUGUGAUACCCGGCAGGGGUUGCGCAUGCGGGGUUGU
GGGAUCUCUCUUUCACGGUCUGCCGGCCGUGAGACGAGUCAGAAACCGUUGAUGUAGGCGAAGGACAUGCGAAAGGUCCG
GCGUAGAGGGUAAGACCCCCGUAGCUGAAACAUUGACGGCUCGUUUGAGAGACACCCAAGUAGCACGGGGCCCGAGAAAU
CCCGUGUGAAUCUGGCGGGACCACCCGCUAAGCCUAAAUAUUCCCUGGUGACCGAUAGCGGAUAGUACCGUGAGGGAAUG
GUGAAAAGUACCGCGGGAGCGGAGUGAAAUAGUACCUGAAACCGUGUGCCUACAAGCCGUGGGAGCGUCGGACAUGCUUU
GCAUGUCUCGUGACUGCGUGCCUUUUGAAGAAUGAGCCUGCGAGUUUGCGGUGCGUUGCGAGGUUAACCCGUGUGGGGAA
GCCGUAGCGAAAGCGAGUCCGAAUAGGGCGAUCGAGUAGCGCGCUCAAGACCCGAAGCGGAGUGAUCUAGCCAUGGGCAG
GUUGAAGCGGAGGUAAGACUUCGUGGAGGACCGAACCCACCAGGGUUGAAAACCUGGGGGAUGACCUGUGGUUAGGGGUG
AAAGGCCAAUCAAACUCCGUGAUAGCUGGUUCUCCCCGAAAUGCAUUUAGGUGCAGCGUCGUGUGUUUCUUGCCGGAGGU
AGAGCACUGGAUAGGCGAUGGGCCCUACCGGGUUACUGACCUUAGCCAAACUCCGAAUGCCGGUAAGUGAGAGCGCGGCA
GUGAGACUGUGGGGGAUAAGCUCCAUGGUCGAGAGGGAAACAGCCCAGAGCAUCGACUAAGGCCCCUAAGCGUACGCUAA
GUGGGAAAGGAUGUGGAGUCGCAGAGACAACCAGGAGGUUGGCUUAGAAGCAGCCACCCUUGAAAGAGUGCGUAAUAGCU
CACUGGUCAAGUGAUUCCGCGCCGACAAUGUAGCGGGGCUCAAGCGUACCGCCGAAGUCGUGUCAUUGCAGCAUAAGCCC
CAACGGGUGCUGUGAUGGGUAGGGGAGCGUCGUGUGCCGGGUGAAGCAGCCGCGGAAGCGAGUUGUGGACGGUUCACGAG
UGAGAAUGCAGGCAUGAGUAGCGAUACACACGUGAGAAACGUGUGCGCCGAUUGACUAAGGGUUCCUGGGUCAAGCUGAU
CUGCCCAGGGUAAGUCGGGACCUAAGGCGAGGCCGACAGGCGUAGUCGAUGGACAACCGGUUGAUAUUCCGGUACCCGCU
UUGAAGCGCCAGCGCUGAACCCAGCGAUGCUAAGCCCGUGAAACCGCCGUGUGCGUCUUCGGACAAGCACGGAGUGGUGG
AGCCGGUGGCCCAGACUGGUAGUAGGUGAGCGAUGGGGUGACGCAGGAAGGUAGUCCAGCCCGGGCGGUGGUUGUCCCGG
GGUAAGGGUGUAGGCCGUGUGGUAGGCAAAUCCGUCACACGUUAAGGCUGAGACCUGAUGCCGAGCCGAUUGUGGUGAAG
UGGAUGAUCCUAUGCUGUCGAGAAAAGCCUCUAGCGAGUUUCAUGGCGGCCCGUACCCUAAACCGACUCAGGUGGUCAGG
UAGAGAAUACCGAGGCGUUCGGGUGAACUAUGGUUAAGGAACUCGGCAAAAUGCCCCCGUAACUUCGGGAGAAGGGGGGC
CACUUCUGGUGAUCACUCUUGCAGUGUGAGCUGGGGGUGGCCGCAGAGACCAGCGAGAAGCGACUGUUUACUAAAAACAC
AGGUCCGUGCGAAGCCGUAAGGCGAUGUAUACGGACUGACGCCUGCCCGGUGCUGGAACGUUAAGGGGACCGGUUAGCUU
GGAUUCGUCCGGGCGAAGCUGAGAACUUAAGCGCCAGUAAACGGCGGUGGUAACUAUAACCAUCCUAAGGUAGCGAAAUU
CCUUGUCGGGUAAGUUCCGACCUGCACGAAUGGCGUAACGACUUCUCGACUGUCUCAACCAUAGGCCCGGUGAAAUUGCA
CUACGAGUAAAGAUGCUCGUUUCGCGCAGCAGGACGGAAAGACCCCGGGACCUUUACUACAGUUUGAUAUUGGUGUUCGG
UUCGGCUUGUGUAGGAUAGGUGGGAGACUGUGAAACUGUGACGCCAGUCAUGGUGGAGUCGUCGUUGAAAUACCACUCUG
GUCGUGCUGGAUGUCUAACCUGGGUCCGUGAUCCGGAUCAGGGACAGUGUCUGAUGGGUAGUUUAACUGGGGCGGUUGCC
UCCUAAAGGGUAACGGAGGCGCCCAAAGGUUCCCUCAGCCUGGUUGGCAAUCAGGUGUUGAGUGUAAGUGCACAAGGGAG
CUUGACUGUGAGACCGACGGGUCGAGCAGGGACGAAAGUCGGGACUAGUGAUCCGGCGGUGGCUUGUGGAAGCGCCGUCG
CUCAACGGAUAAAAGGUACCCCGGGGAUAACAGGCUGAUCUUCCCCAAGAGUCCAUAUCGACGGGAUGGUUUGGCACCUC
GAUGUCGGCUCGUCGCAUCCUGGGGCUGGAGUCGGUCCCAAGGGUUGGGCUGUUCGCCCAUUAAAGCGGUACGCGAGCUG
GGUUUAGAACGUCGUGAGACAGUUCGGUCCCUAUCCGCUGCGCGCGCAGGAACAUUGAGAAGGGCUGUCCCUAGUACGAG
AGGACCGGGACGGACGAACCUCUGGUGUGCCAGUUGUUCUGCCAAGGGCAUGGCUGGUUGGCUACGUUCGGGAGGGAUAA
CCGCUGAAAGCAUCUAAGCGGGAAGCCUGCUUCGAGAUGAGUGUUCCCACCUCCUUGAGAGGGUAAGGCUCCCAGUAGAC
GACUGGGUUGAUAGGCCGGAUAUGGAAGCCCAGUGAUGGGUGGAGUUGACCGGUACUAAUAGGCCGAGGGCUUGUCCUC
;
1
#
# COMPACT_ATOMS: atom_id res chain seq x y z
N MET A 1 30.42 44.42 12.16
CA MET A 1 30.13 42.97 11.99
C MET A 1 31.13 42.34 11.03
N LEU A 2 31.75 41.25 11.46
CA LEU A 2 32.94 40.71 10.79
C LEU A 2 32.53 39.78 9.66
N ILE A 3 33.01 40.09 8.45
CA ILE A 3 32.83 39.23 7.28
C ILE A 3 34.15 39.23 6.51
N PRO A 4 34.55 38.11 5.90
CA PRO A 4 35.75 38.14 5.04
C PRO A 4 35.47 38.93 3.77
N ARG A 5 36.34 39.90 3.48
CA ARG A 5 36.13 40.71 2.29
C ARG A 5 36.26 39.86 1.03
N ARG A 6 37.00 38.76 1.10
CA ARG A 6 37.16 37.88 -0.05
C ARG A 6 37.44 36.46 0.45
N VAL A 7 36.79 35.48 -0.16
CA VAL A 7 36.95 34.08 0.19
C VAL A 7 37.02 33.26 -1.09
N LYS A 8 37.94 32.30 -1.14
CA LYS A 8 38.21 31.60 -2.39
C LYS A 8 37.03 30.73 -2.82
N HIS A 9 36.44 29.98 -1.89
CA HIS A 9 35.32 29.09 -2.18
C HIS A 9 34.13 29.50 -1.33
N ARG A 10 33.03 29.88 -2.00
CA ARG A 10 31.85 30.32 -1.28
C ARG A 10 31.17 29.15 -0.57
N LYS A 11 31.10 28.00 -1.23
CA LYS A 11 30.41 26.82 -0.70
C LYS A 11 31.45 25.84 -0.15
N GLN A 12 31.33 25.50 1.13
CA GLN A 12 32.34 24.72 1.84
C GLN A 12 31.65 23.65 2.67
N HIS A 13 32.44 22.65 3.08
CA HIS A 13 31.92 21.64 4.00
C HIS A 13 31.75 22.19 5.40
N HIS A 14 31.11 21.39 6.23
CA HIS A 14 30.91 21.74 7.62
C HIS A 14 32.21 21.52 8.37
N PRO A 15 32.80 22.55 8.98
CA PRO A 15 34.10 22.35 9.64
C PRO A 15 33.95 21.39 10.81
N LYS A 16 34.72 20.30 10.77
CA LYS A 16 34.59 19.26 11.77
C LYS A 16 34.95 19.80 13.15
N ARG A 17 34.50 19.09 14.18
CA ARG A 17 34.50 19.63 15.54
C ARG A 17 35.09 18.67 16.56
N SER A 18 35.71 17.58 16.12
CA SER A 18 36.38 16.68 17.04
C SER A 18 37.75 17.24 17.44
N GLY A 19 38.19 16.86 18.64
CA GLY A 19 39.51 17.20 19.11
C GLY A 19 39.58 18.54 19.83
N MET A 20 40.74 18.81 20.39
CA MET A 20 41.02 20.07 21.06
C MET A 20 41.56 21.08 20.06
N SER A 21 41.84 22.29 20.54
CA SER A 21 42.37 23.33 19.68
C SER A 21 43.81 23.02 19.30
N LYS A 22 44.17 23.35 18.06
CA LYS A 22 45.57 23.27 17.66
C LYS A 22 46.41 24.20 18.51
N GLY A 23 45.92 25.42 18.74
CA GLY A 23 46.68 26.41 19.48
C GLY A 23 45.79 27.52 19.95
N GLY A 24 46.40 28.62 20.36
CA GLY A 24 45.64 29.72 20.90
C GLY A 24 44.92 29.36 22.18
N THR A 25 45.51 28.50 23.00
CA THR A 25 44.89 28.06 24.24
C THR A 25 45.22 28.96 25.43
N GLN A 26 46.11 29.92 25.27
CA GLN A 26 46.57 30.75 26.38
C GLN A 26 46.44 32.22 26.04
N VAL A 27 46.29 33.04 27.08
CA VAL A 27 46.16 34.48 26.88
C VAL A 27 47.42 34.99 26.21
N ALA A 28 47.26 35.72 25.12
CA ALA A 28 48.38 36.21 24.33
C ALA A 28 48.56 37.72 24.39
N PHE A 29 47.49 38.48 24.20
CA PHE A 29 47.57 39.94 24.10
C PHE A 29 47.17 40.62 25.41
N GLY A 30 45.95 40.38 25.87
CA GLY A 30 45.41 41.07 27.03
C GLY A 30 45.76 40.37 28.32
N GLU A 31 45.10 40.82 29.40
CA GLU A 31 45.33 40.27 30.72
C GLU A 31 44.33 39.19 31.09
N TYR A 32 43.14 39.21 30.51
CA TYR A 32 42.09 38.24 30.79
C TYR A 32 41.56 37.69 29.47
N GLY A 33 40.98 36.49 29.53
CA GLY A 33 40.48 35.85 28.34
C GLY A 33 39.32 34.92 28.60
N ILE A 34 38.59 34.62 27.53
CA ILE A 34 37.48 33.66 27.55
C ILE A 34 37.97 32.40 26.87
N GLN A 35 38.02 31.31 27.61
CA GLN A 35 38.44 30.02 27.08
C GLN A 35 37.22 29.11 26.93
N ALA A 36 37.05 28.57 25.74
CA ALA A 36 35.93 27.67 25.50
C ALA A 36 36.13 26.35 26.22
N LEU A 37 35.02 25.69 26.54
CA LEU A 37 35.05 24.38 27.18
C LEU A 37 34.39 23.29 26.35
N THR A 38 33.56 23.65 25.37
CA THR A 38 32.90 22.71 24.48
C THR A 38 32.96 23.22 23.06
N PRO A 39 32.90 22.34 22.06
CA PRO A 39 32.91 22.81 20.68
C PRO A 39 31.60 23.48 20.30
N ALA A 40 31.67 24.35 19.29
CA ALA A 40 30.50 25.03 18.77
C ALA A 40 30.93 25.82 17.55
N TYR A 41 29.94 26.34 16.83
CA TYR A 41 30.16 27.36 15.81
C TYR A 41 29.65 28.69 16.35
N VAL A 42 30.52 29.70 16.35
CA VAL A 42 30.18 31.04 16.83
C VAL A 42 30.00 31.93 15.62
N THR A 43 28.78 32.40 15.41
CA THR A 43 28.48 33.18 14.23
C THR A 43 28.94 34.62 14.42
N ASN A 44 29.14 35.32 13.30
CA ASN A 44 29.61 36.70 13.37
C ASN A 44 28.67 37.55 14.20
N ARG A 45 27.37 37.25 14.20
CA ARG A 45 26.45 37.96 15.06
C ARG A 45 26.77 37.71 16.54
N GLN A 46 27.09 36.47 16.89
CA GLN A 46 27.36 36.14 18.29
C GLN A 46 28.63 36.84 18.77
N ILE A 47 29.66 36.92 17.94
CA ILE A 47 30.87 37.64 18.32
C ILE A 47 30.57 39.12 18.51
N GLU A 48 29.81 39.72 17.61
CA GLU A 48 29.49 41.13 17.75
C GLU A 48 28.70 41.39 19.04
N ALA A 49 27.70 40.56 19.32
CA ALA A 49 26.92 40.75 20.54
C ALA A 49 27.80 40.68 21.77
N ALA A 50 28.74 39.73 21.79
CA ALA A 50 29.66 39.63 22.92
C ALA A 50 30.57 40.85 23.01
N ARG A 51 31.06 41.33 21.86
CA ARG A 51 31.99 42.47 21.89
C ARG A 51 31.31 43.70 22.46
N ILE A 52 30.07 43.97 22.05
CA ILE A 52 29.35 45.11 22.59
C ILE A 52 29.16 44.96 24.10
N ALA A 53 28.90 43.73 24.56
CA ALA A 53 28.69 43.52 25.98
C ALA A 53 29.91 43.95 26.79
N MET A 54 31.11 43.51 26.38
CA MET A 54 32.31 43.88 27.13
C MET A 54 32.57 45.38 27.03
N THR A 55 32.61 45.92 25.82
CA THR A 55 32.99 47.32 25.64
C THR A 55 31.99 48.25 26.32
N ARG A 56 30.70 47.94 26.22
CA ARG A 56 29.71 48.77 26.89
C ARG A 56 29.87 48.73 28.40
N HIS A 57 30.17 47.55 28.96
CA HIS A 57 30.26 47.44 30.41
C HIS A 57 31.42 48.25 30.95
N ILE A 58 32.61 48.13 30.35
CA ILE A 58 33.76 48.90 30.80
C ILE A 58 33.57 50.38 30.48
N LYS A 59 32.97 50.69 29.34
CA LYS A 59 32.49 52.02 29.02
C LYS A 59 33.59 53.01 28.64
N ARG A 60 34.85 52.68 28.91
CA ARG A 60 36.01 53.50 28.57
C ARG A 60 37.25 52.76 29.06
N GLY A 61 38.40 53.15 28.52
CA GLY A 61 39.64 52.50 28.88
C GLY A 61 39.58 51.03 28.52
N GLY A 62 40.65 50.29 28.77
CA GLY A 62 40.64 48.87 28.48
C GLY A 62 40.58 48.61 26.99
N LYS A 63 41.09 47.45 26.58
CA LYS A 63 41.19 47.10 25.18
C LYS A 63 40.79 45.65 25.01
N VAL A 64 40.00 45.37 23.98
CA VAL A 64 39.43 44.04 23.76
C VAL A 64 39.96 43.51 22.44
N TRP A 65 40.50 42.30 22.46
CA TRP A 65 40.96 41.60 21.27
C TRP A 65 40.01 40.45 20.99
N ILE A 66 39.75 40.20 19.71
CA ILE A 66 38.90 39.09 19.28
C ILE A 66 39.78 38.13 18.52
N ASN A 67 40.19 37.03 19.17
CA ASN A 67 41.21 36.15 18.62
C ASN A 67 40.70 35.26 17.49
N ILE A 68 39.40 35.12 17.35
CA ILE A 68 38.80 34.25 16.34
C ILE A 68 38.08 35.11 15.32
N TYR A 69 38.00 34.60 14.09
CA TYR A 69 37.38 35.33 12.99
C TYR A 69 36.40 34.43 12.29
N PRO A 70 35.14 34.85 12.10
CA PRO A 70 34.16 34.00 11.41
C PRO A 70 34.33 34.00 9.91
N ASP A 71 35.18 33.11 9.37
CA ASP A 71 35.46 33.08 7.94
C ASP A 71 34.99 31.81 7.25
N ARG A 72 34.36 30.88 7.95
CA ARG A 72 33.84 29.67 7.31
C ARG A 72 32.39 29.88 6.89
N PRO A 73 32.05 29.72 5.61
CA PRO A 73 30.66 29.93 5.19
C PRO A 73 29.79 28.71 5.47
N LEU A 74 28.62 28.96 6.03
CA LEU A 74 27.57 27.97 6.15
C LEU A 74 26.42 28.35 5.22
N THR A 75 25.77 27.35 4.65
CA THR A 75 24.76 27.59 3.64
C THR A 75 23.38 27.16 4.13
N LYS A 76 22.37 27.73 3.51
CA LYS A 76 20.97 27.42 3.79
C LYS A 76 20.16 27.61 2.52
N LYS A 77 19.33 26.62 2.20
CA LYS A 77 18.49 26.70 1.03
C LYS A 77 17.27 27.57 1.30
N PRO A 78 16.61 28.05 0.24
CA PRO A 78 15.36 28.78 0.45
C PRO A 78 14.34 27.94 1.18
N ALA A 79 13.53 28.59 2.00
CA ALA A 79 12.57 27.87 2.82
C ALA A 79 11.56 27.12 1.95
N GLU A 80 11.03 26.03 2.50
CA GLU A 80 9.97 25.26 1.84
C GLU A 80 10.40 24.75 0.48
N THR A 81 11.65 24.35 0.33
CA THR A 81 12.16 23.76 -0.89
C THR A 81 12.47 22.29 -0.65
N ARG A 82 12.08 21.44 -1.59
CA ARG A 82 12.36 20.02 -1.47
C ARG A 82 13.86 19.77 -1.53
N MET A 83 14.26 18.56 -1.14
CA MET A 83 15.68 18.21 -1.11
C MET A 83 16.22 18.04 -2.52
N GLY A 84 17.46 18.50 -2.72
CA GLY A 84 18.16 18.34 -3.98
C GLY A 84 18.30 19.65 -4.73
N SER A 85 18.75 19.53 -5.98
CA SER A 85 18.94 20.67 -6.87
C SER A 85 19.99 21.64 -6.33
N GLY A 86 21.16 21.09 -5.98
CA GLY A 86 22.31 21.91 -5.67
C GLY A 86 22.43 22.25 -4.19
N LYS A 87 23.45 23.05 -3.91
CA LYS A 87 23.73 23.56 -2.58
C LYS A 87 23.17 24.97 -2.41
N GLY A 88 22.87 25.33 -1.16
CA GLY A 88 22.33 26.65 -0.89
C GLY A 88 23.40 27.73 -0.86
N SER A 89 22.93 28.97 -0.84
CA SER A 89 23.84 30.11 -0.80
C SER A 89 24.29 30.36 0.64
N PRO A 90 25.51 30.87 0.83
CA PRO A 90 26.01 31.10 2.19
C PRO A 90 25.13 32.08 2.94
N GLU A 91 24.85 31.76 4.21
CA GLU A 91 24.09 32.64 5.07
C GLU A 91 24.88 33.10 6.28
N TRP A 92 25.40 32.17 7.07
CA TRP A 92 26.12 32.49 8.30
C TRP A 92 27.61 32.27 8.13
N TRP A 93 28.38 33.18 8.72
CA TRP A 93 29.83 33.08 8.79
C TRP A 93 30.19 32.64 10.19
N VAL A 94 30.88 31.51 10.31
CA VAL A 94 31.14 30.88 11.60
C VAL A 94 32.64 30.66 11.76
N ALA A 95 33.11 30.83 13.00
CA ALA A 95 34.46 30.46 13.38
C ALA A 95 34.39 29.14 14.13
N ASN A 96 35.14 28.15 13.64
CA ASN A 96 35.12 26.82 14.23
C ASN A 96 35.93 26.84 15.53
N VAL A 97 35.25 27.01 16.65
CA VAL A 97 35.90 27.07 17.95
C VAL A 97 35.84 25.70 18.59
N LYS A 98 36.99 25.22 19.04
CA LYS A 98 37.13 23.94 19.70
C LYS A 98 37.40 24.15 21.18
N PRO A 99 37.28 23.11 22.00
CA PRO A 99 37.59 23.26 23.41
C PRO A 99 39.03 23.73 23.61
N GLY A 100 39.22 24.62 24.58
CA GLY A 100 40.52 25.15 24.89
C GLY A 100 40.85 26.46 24.21
N ARG A 101 40.15 26.82 23.14
CA ARG A 101 40.44 28.05 22.43
C ARG A 101 40.10 29.26 23.28
N VAL A 102 41.03 30.19 23.37
CA VAL A 102 40.78 31.49 24.01
C VAL A 102 40.16 32.40 22.96
N MET A 103 38.91 32.80 23.17
CA MET A 103 38.16 33.52 22.15
C MET A 103 38.34 35.03 22.25
N PHE A 104 38.05 35.60 23.41
CA PHE A 104 38.12 37.04 23.62
C PHE A 104 39.19 37.33 24.67
N GLU A 105 39.81 38.51 24.54
CA GLU A 105 40.84 38.95 25.47
C GLU A 105 40.52 40.36 25.90
N LEU A 106 40.84 40.68 27.15
CA LEU A 106 40.51 41.97 27.71
C LEU A 106 41.57 42.38 28.72
N SER A 107 41.99 43.63 28.65
CA SER A 107 42.91 44.23 29.61
C SER A 107 42.21 45.40 30.26
N TYR A 108 42.25 45.46 31.58
CA TYR A 108 41.58 46.51 32.33
C TYR A 108 42.25 46.67 33.68
N PRO A 109 42.30 47.88 34.23
CA PRO A 109 42.95 48.05 35.54
C PRO A 109 42.21 47.33 36.67
N ASN A 110 40.90 47.50 36.73
CA ASN A 110 40.09 46.93 37.80
C ASN A 110 39.76 45.48 37.46
N GLU A 111 40.13 44.57 38.35
CA GLU A 111 39.88 43.15 38.09
C GLU A 111 38.39 42.82 38.16
N LYS A 112 37.69 43.36 39.17
CA LYS A 112 36.27 43.02 39.34
C LYS A 112 35.48 43.41 38.10
N ILE A 113 35.67 44.63 37.60
CA ILE A 113 34.95 45.06 36.41
C ILE A 113 35.33 44.20 35.22
N ALA A 114 36.61 43.82 35.12
CA ALA A 114 37.04 42.96 34.03
C ALA A 114 36.27 41.65 34.04
N ARG A 115 36.21 40.99 35.19
CA ARG A 115 35.50 39.71 35.27
C ARG A 115 34.02 39.89 34.94
N GLU A 116 33.40 40.96 35.45
CA GLU A 116 31.98 41.19 35.16
C GLU A 116 31.74 41.37 33.67
N ALA A 117 32.58 42.15 33.01
CA ALA A 117 32.42 42.35 31.57
C ALA A 117 32.60 41.04 30.82
N LEU A 118 33.58 40.24 31.22
CA LEU A 118 33.82 38.95 30.57
C LEU A 118 32.63 38.02 30.76
N THR A 119 32.05 37.99 31.96
CA THR A 119 30.90 37.13 32.20
C THR A 119 29.72 37.56 31.33
N ARG A 120 29.46 38.86 31.23
CA ARG A 120 28.35 39.32 30.41
C ARG A 120 28.51 38.87 28.97
N ALA A 121 29.74 38.84 28.46
CA ALA A 121 29.99 38.33 27.12
C ALA A 121 29.69 36.85 27.02
N ALA A 122 30.09 36.08 28.03
CA ALA A 122 29.96 34.63 27.95
C ALA A 122 28.51 34.22 27.74
N HIS A 123 27.57 34.91 28.39
CA HIS A 123 26.17 34.56 28.26
C HIS A 123 25.60 34.88 26.89
N LYS A 124 26.34 35.58 26.04
CA LYS A 124 25.95 35.77 24.65
C LYS A 124 26.51 34.68 23.74
N LEU A 125 27.40 33.82 24.24
CA LEU A 125 28.04 32.80 23.45
C LEU A 125 27.33 31.47 23.60
N PRO A 126 27.45 30.57 22.62
CA PRO A 126 26.70 29.32 22.63
C PRO A 126 27.40 28.14 23.30
N MET A 127 28.52 28.33 23.97
CA MET A 127 29.24 27.23 24.62
C MET A 127 29.49 27.59 26.09
N LYS A 128 29.98 26.59 26.83
CA LYS A 128 30.47 26.84 28.18
C LYS A 128 31.83 27.52 28.11
N CYS A 129 32.00 28.56 28.92
CA CYS A 129 33.19 29.38 28.88
C CYS A 129 33.79 29.49 30.27
N ARG A 130 35.11 29.71 30.32
CA ARG A 130 35.81 29.93 31.57
C ARG A 130 36.71 31.16 31.43
N ILE A 131 36.85 31.89 32.53
CA ILE A 131 37.70 33.08 32.57
C ILE A 131 39.11 32.65 32.95
N VAL A 132 40.09 33.06 32.15
CA VAL A 132 41.49 32.70 32.35
C VAL A 132 42.31 33.97 32.48
N ARG A 133 43.28 33.94 33.39
CA ARG A 133 44.19 35.05 33.60
C ARG A 133 45.52 34.74 32.92
N ARG A 134 46.21 35.80 32.51
CA ARG A 134 47.49 35.63 31.83
C ARG A 134 48.51 35.03 32.79
N GLU A 135 48.98 33.82 32.47
CA GLU A 135 50.02 33.20 33.28
C GLU A 135 51.33 33.95 33.11
N ALA A 136 51.97 34.26 34.23
CA ALA A 136 53.28 34.91 34.19
C ALA A 136 54.35 33.89 33.87
N GLY A 137 54.55 33.62 32.58
CA GLY A 137 55.52 32.63 32.14
C GLY A 137 56.87 32.75 32.82
N GLY C 2 -49.81 42.59 -53.27
CA GLY C 2 -49.11 43.43 -52.32
C GLY C 2 -48.70 42.67 -51.08
N ILE C 3 -48.42 43.42 -50.01
CA ILE C 3 -48.00 42.84 -48.74
C ILE C 3 -48.87 43.44 -47.64
N ARG C 4 -49.35 42.58 -46.74
CA ARG C 4 -50.17 42.98 -45.61
C ARG C 4 -49.38 42.76 -44.32
N LYS C 5 -49.23 43.81 -43.52
CA LYS C 5 -48.49 43.71 -42.28
C LYS C 5 -49.42 43.33 -41.13
N TYR C 6 -49.04 42.29 -40.41
CA TYR C 6 -49.86 41.76 -39.33
C TYR C 6 -49.79 42.70 -38.13
N LYS C 7 -50.94 42.93 -37.52
CA LYS C 7 -50.97 43.73 -36.30
C LYS C 7 -50.22 43.01 -35.21
N PRO C 8 -49.28 43.65 -34.51
CA PRO C 8 -48.56 42.93 -33.47
C PRO C 8 -49.47 42.61 -32.31
N THR C 9 -49.92 41.37 -32.23
CA THR C 9 -50.88 40.96 -31.21
C THR C 9 -50.44 39.77 -30.40
N THR C 10 -49.47 39.00 -30.85
CA THR C 10 -48.82 37.95 -30.08
C THR C 10 -47.32 38.07 -30.30
N PRO C 11 -46.51 37.56 -29.37
CA PRO C 11 -45.06 37.67 -29.54
C PRO C 11 -44.58 37.13 -30.87
N GLY C 12 -45.18 36.04 -31.35
CA GLY C 12 -44.75 35.47 -32.61
C GLY C 12 -45.17 36.31 -33.81
N ARG C 13 -46.41 36.78 -33.81
CA ARG C 13 -46.94 37.47 -34.99
C ARG C 13 -46.33 38.85 -35.18
N ARG C 14 -45.82 39.47 -34.12
CA ARG C 14 -45.33 40.84 -34.23
C ARG C 14 -44.22 40.92 -35.28
N GLY C 15 -44.27 41.99 -36.07
CA GLY C 15 -43.23 42.25 -37.05
C GLY C 15 -43.31 41.40 -38.29
N SER C 16 -44.36 40.60 -38.46
CA SER C 16 -44.50 39.73 -39.61
C SER C 16 -45.42 40.36 -40.64
N SER C 17 -45.52 39.69 -41.79
CA SER C 17 -46.38 40.15 -42.87
C SER C 17 -46.68 38.96 -43.77
N VAL C 18 -47.64 39.15 -44.66
CA VAL C 18 -48.09 38.09 -45.54
C VAL C 18 -48.60 38.71 -46.84
N ALA C 19 -48.44 37.97 -47.94
CA ALA C 19 -48.97 38.44 -49.21
C ALA C 19 -50.47 38.68 -49.10
N ASP C 20 -50.94 39.76 -49.73
CA ASP C 20 -52.35 40.13 -49.63
C ASP C 20 -53.24 39.32 -50.57
N PHE C 21 -52.67 38.65 -51.57
CA PHE C 21 -53.44 37.78 -52.46
C PHE C 21 -54.56 38.51 -53.17
N VAL C 22 -54.38 39.81 -53.45
CA VAL C 22 -55.38 40.52 -54.23
C VAL C 22 -55.40 40.05 -55.67
N GLU C 23 -54.29 39.47 -56.14
CA GLU C 23 -54.16 39.11 -57.55
C GLU C 23 -55.03 37.93 -57.92
N ILE C 24 -55.13 36.94 -57.04
CA ILE C 24 -55.77 35.67 -57.40
C ILE C 24 -57.27 35.88 -57.57
N THR C 25 -57.84 35.18 -58.55
CA THR C 25 -59.27 35.24 -58.83
C THR C 25 -60.00 33.95 -58.50
N ARG C 26 -59.31 32.82 -58.49
CA ARG C 26 -59.88 31.55 -58.06
C ARG C 26 -59.01 30.97 -56.97
N SER C 27 -59.63 30.26 -56.02
CA SER C 27 -58.91 29.62 -54.93
C SER C 27 -58.64 28.14 -55.17
N THR C 28 -59.32 27.51 -56.11
CA THR C 28 -59.09 26.11 -56.41
C THR C 28 -58.39 25.94 -57.75
N PRO C 29 -57.58 24.90 -57.91
CA PRO C 29 -56.89 24.69 -59.19
C PRO C 29 -57.79 24.03 -60.21
N GLU C 30 -57.30 23.96 -61.45
CA GLU C 30 -57.98 23.25 -62.51
C GLU C 30 -57.70 21.77 -62.37
N LYS C 31 -58.77 20.96 -62.25
CA LYS C 31 -58.59 19.56 -61.88
C LYS C 31 -57.75 18.81 -62.91
N SER C 32 -57.99 19.06 -64.20
CA SER C 32 -57.30 18.28 -65.23
C SER C 32 -55.79 18.54 -65.25
N LEU C 33 -55.33 19.65 -64.68
CA LEU C 33 -53.94 20.05 -64.79
C LEU C 33 -53.15 19.89 -63.49
N VAL C 34 -53.68 19.17 -62.51
CA VAL C 34 -53.00 18.93 -61.25
C VAL C 34 -52.43 17.51 -61.24
N ARG C 35 -51.28 17.35 -60.62
CA ARG C 35 -50.63 16.06 -60.47
C ARG C 35 -50.19 15.85 -59.03
N PRO C 36 -50.08 14.60 -58.59
CA PRO C 36 -49.65 14.35 -57.21
C PRO C 36 -48.21 14.75 -57.00
N LEU C 37 -47.89 15.08 -55.75
CA LEU C 37 -46.55 15.50 -55.38
C LEU C 37 -46.35 15.25 -53.90
N HIS C 38 -45.38 14.41 -53.56
CA HIS C 38 -45.05 14.10 -52.17
C HIS C 38 -43.67 14.65 -51.85
N SER C 39 -43.51 15.17 -50.64
CA SER C 39 -42.22 15.71 -50.22
C SER C 39 -41.17 14.60 -50.15
N LYS C 40 -39.94 14.95 -50.51
CA LYS C 40 -38.85 13.99 -50.48
C LYS C 40 -38.08 14.02 -49.16
N GLY C 41 -38.05 15.16 -48.47
CA GLY C 41 -37.33 15.26 -47.23
C GLY C 41 -35.83 15.39 -47.37
N GLY C 42 -35.34 15.69 -48.56
CA GLY C 42 -33.91 15.83 -48.76
C GLY C 42 -33.15 14.53 -48.84
N ARG C 43 -33.81 13.44 -49.19
CA ARG C 43 -33.20 12.12 -49.22
C ARG C 43 -33.31 11.54 -50.62
N ASN C 44 -32.21 11.00 -51.14
CA ASN C 44 -32.17 10.47 -52.49
C ASN C 44 -32.62 9.01 -52.48
N ASN C 45 -32.43 8.33 -53.61
CA ASN C 45 -32.96 6.98 -53.77
C ASN C 45 -32.32 5.98 -52.82
N THR C 46 -31.21 6.32 -52.17
CA THR C 46 -30.59 5.44 -51.19
C THR C 46 -31.10 5.68 -49.78
N GLY C 47 -31.97 6.66 -49.59
CA GLY C 47 -32.55 6.92 -48.29
C GLY C 47 -31.75 7.85 -47.40
N ARG C 48 -30.54 8.24 -47.82
CA ARG C 48 -29.70 9.10 -47.01
C ARG C 48 -29.98 10.57 -47.32
N VAL C 49 -29.83 11.41 -46.31
CA VAL C 49 -30.04 12.84 -46.51
C VAL C 49 -28.84 13.41 -47.27
N THR C 50 -29.10 13.95 -48.45
CA THR C 50 -28.07 14.62 -49.22
C THR C 50 -28.22 16.14 -49.20
N VAL C 51 -29.43 16.64 -49.06
CA VAL C 51 -29.68 18.06 -48.89
C VAL C 51 -30.20 18.27 -47.47
N ARG C 52 -29.50 19.09 -46.71
CA ARG C 52 -29.87 19.32 -45.33
C ARG C 52 -30.98 20.35 -45.23
N HIS C 53 -31.70 20.32 -44.11
CA HIS C 53 -32.65 21.36 -43.74
C HIS C 53 -33.87 21.37 -44.65
N GLN C 54 -34.45 20.21 -44.91
CA GLN C 54 -35.65 20.14 -45.73
C GLN C 54 -36.57 19.05 -45.20
N GLY C 55 -37.86 19.22 -45.44
CA GLY C 55 -38.86 18.24 -45.07
C GLY C 55 -39.77 18.75 -43.96
N GLY C 56 -40.98 18.20 -43.93
CA GLY C 56 -41.96 18.56 -42.93
C GLY C 56 -42.92 19.66 -43.34
N GLY C 57 -42.89 20.08 -44.60
CA GLY C 57 -43.74 21.17 -45.04
C GLY C 57 -45.18 20.75 -45.26
N HIS C 58 -45.99 21.75 -45.58
CA HIS C 58 -47.40 21.51 -45.85
C HIS C 58 -47.55 20.72 -47.14
N LYS C 59 -48.59 19.89 -47.20
CA LYS C 59 -48.81 19.07 -48.38
C LYS C 59 -49.13 19.94 -49.59
N ARG C 60 -48.61 19.54 -50.75
CA ARG C 60 -48.75 20.31 -51.98
C ARG C 60 -49.16 19.42 -53.13
N ALA C 61 -49.73 20.03 -54.16
CA ALA C 61 -50.01 19.38 -55.44
C ALA C 61 -49.40 20.21 -56.55
N TYR C 62 -48.90 19.53 -57.59
CA TYR C 62 -48.11 20.17 -58.64
C TYR C 62 -49.02 20.52 -59.80
N ARG C 63 -48.91 21.77 -60.28
CA ARG C 63 -49.63 22.20 -61.47
C ARG C 63 -48.76 22.00 -62.70
N VAL C 64 -49.33 21.41 -63.74
CA VAL C 64 -48.62 21.18 -64.98
C VAL C 64 -48.54 22.50 -65.74
N ILE C 65 -47.34 23.07 -65.85
CA ILE C 65 -47.14 24.34 -66.51
C ILE C 65 -46.47 24.09 -67.86
N ASP C 66 -46.84 24.90 -68.85
CA ASP C 66 -46.33 24.76 -70.20
C ASP C 66 -45.17 25.74 -70.36
N PHE C 67 -43.97 25.28 -70.01
CA PHE C 67 -42.77 26.09 -70.20
C PHE C 67 -42.29 26.09 -71.64
N ARG C 68 -42.87 25.27 -72.51
CA ARG C 68 -42.43 25.18 -73.90
C ARG C 68 -43.20 26.17 -74.78
N ARG C 69 -44.53 26.03 -74.82
CA ARG C 69 -45.38 26.97 -75.55
C ARG C 69 -44.95 27.08 -77.02
N HIS C 70 -44.68 25.92 -77.63
CA HIS C 70 -44.19 25.88 -79.00
C HIS C 70 -45.21 25.39 -80.02
N ASP C 71 -46.26 24.69 -79.58
CA ASP C 71 -47.18 24.04 -80.49
C ASP C 71 -48.50 24.79 -80.65
N LYS C 72 -48.61 25.99 -80.09
CA LYS C 72 -49.81 26.81 -80.21
C LYS C 72 -49.52 28.09 -80.98
N ASP C 73 -48.77 27.95 -82.09
CA ASP C 73 -48.46 29.11 -82.91
C ASP C 73 -49.71 29.57 -83.65
N GLY C 74 -50.07 30.83 -83.48
CA GLY C 74 -51.21 31.40 -84.15
C GLY C 74 -52.55 31.16 -83.50
N VAL C 75 -52.59 30.48 -82.36
CA VAL C 75 -53.83 30.19 -81.65
C VAL C 75 -53.97 31.19 -80.50
N PRO C 76 -54.96 32.07 -80.51
CA PRO C 76 -55.10 33.03 -79.40
C PRO C 76 -55.63 32.35 -78.15
N ALA C 77 -55.45 33.04 -77.03
CA ALA C 77 -55.91 32.55 -75.74
C ALA C 77 -56.26 33.70 -74.84
N LYS C 78 -57.15 33.43 -73.89
CA LYS C 78 -57.61 34.41 -72.92
C LYS C 78 -57.21 33.98 -71.51
N VAL C 79 -56.79 34.94 -70.70
CA VAL C 79 -56.37 34.68 -69.32
C VAL C 79 -57.63 34.50 -68.49
N ALA C 80 -58.01 33.25 -68.23
CA ALA C 80 -59.26 32.98 -67.54
C ALA C 80 -59.18 33.32 -66.06
N HIS C 81 -58.07 32.97 -65.41
CA HIS C 81 -57.92 33.19 -63.98
C HIS C 81 -56.46 33.44 -63.65
N ILE C 82 -56.24 34.04 -62.49
CA ILE C 82 -54.91 34.12 -61.89
C ILE C 82 -54.99 33.37 -60.56
N GLU C 83 -54.11 32.38 -60.38
CA GLU C 83 -54.22 31.46 -59.26
C GLU C 83 -52.93 31.41 -58.45
N TYR C 84 -53.06 30.96 -57.22
CA TYR C 84 -51.93 30.77 -56.33
C TYR C 84 -51.24 29.45 -56.65
N ASP C 85 -49.92 29.45 -56.59
CA ASP C 85 -49.12 28.25 -56.83
C ASP C 85 -48.19 28.02 -55.65
N PRO C 86 -48.34 26.92 -54.91
CA PRO C 86 -47.43 26.68 -53.78
C PRO C 86 -46.04 26.26 -54.21
N ASN C 87 -45.86 25.79 -55.43
CA ASN C 87 -44.58 25.24 -55.87
C ASN C 87 -43.56 26.30 -56.23
N ARG C 88 -44.00 27.53 -56.51
CA ARG C 88 -43.09 28.58 -56.97
C ARG C 88 -43.59 29.92 -56.47
N THR C 89 -42.70 30.90 -56.56
CA THR C 89 -42.98 32.22 -56.00
C THR C 89 -43.96 33.00 -56.85
N ALA C 90 -43.82 32.92 -58.17
CA ALA C 90 -44.71 33.64 -59.07
C ALA C 90 -46.06 32.96 -59.15
N ARG C 91 -47.11 33.76 -59.37
CA ARG C 91 -48.43 33.21 -59.58
C ARG C 91 -48.51 32.54 -60.94
N ILE C 92 -49.58 31.77 -61.14
CA ILE C 92 -49.81 31.07 -62.40
C ILE C 92 -51.15 31.51 -62.96
N ALA C 93 -51.20 31.67 -64.27
CA ALA C 93 -52.37 32.17 -64.96
C ALA C 93 -52.92 31.07 -65.87
N LEU C 94 -54.22 30.83 -65.79
CA LEU C 94 -54.86 29.81 -66.60
C LEU C 94 -55.30 30.41 -67.94
N LEU C 95 -54.88 29.79 -69.02
CA LEU C 95 -55.19 30.25 -70.37
C LEU C 95 -56.25 29.34 -70.98
N HIS C 96 -57.27 29.95 -71.59
CA HIS C 96 -58.25 29.22 -72.38
C HIS C 96 -57.95 29.48 -73.85
N TYR C 97 -57.26 28.54 -74.49
CA TYR C 97 -56.97 28.68 -75.91
C TYR C 97 -58.28 28.61 -76.72
N ALA C 98 -58.31 29.39 -77.80
CA ALA C 98 -59.51 29.46 -78.61
C ALA C 98 -59.88 28.11 -79.23
N ASP C 99 -58.94 27.18 -79.30
CA ASP C 99 -59.23 25.86 -79.82
C ASP C 99 -59.78 24.90 -78.78
N GLY C 100 -59.84 25.33 -77.51
CA GLY C 100 -60.49 24.57 -76.47
C GLY C 100 -59.57 23.96 -75.43
N GLU C 101 -58.26 24.08 -75.60
CA GLU C 101 -57.32 23.49 -74.67
C GLU C 101 -56.96 24.48 -73.57
N LYS C 102 -56.71 23.94 -72.37
CA LYS C 102 -56.38 24.73 -71.20
C LYS C 102 -54.94 24.45 -70.80
N ARG C 103 -54.24 25.51 -70.36
CA ARG C 103 -52.86 25.37 -69.91
C ARG C 103 -52.54 26.48 -68.91
N TYR C 104 -51.49 26.25 -68.13
CA TYR C 104 -50.98 27.21 -67.17
C TYR C 104 -49.69 27.84 -67.69
N ILE C 105 -49.45 29.08 -67.28
CA ILE C 105 -48.17 29.74 -67.49
C ILE C 105 -47.84 30.56 -66.25
N ILE C 106 -46.54 30.89 -66.11
CA ILE C 106 -46.15 31.81 -65.06
C ILE C 106 -46.88 33.14 -65.30
N ALA C 107 -47.17 33.85 -64.21
CA ALA C 107 -47.92 35.09 -64.30
C ALA C 107 -46.98 36.27 -64.53
N PRO C 108 -46.89 36.81 -65.75
CA PRO C 108 -46.08 38.00 -65.95
C PRO C 108 -46.74 39.23 -65.34
N ARG C 109 -45.89 40.21 -65.01
CA ARG C 109 -46.40 41.45 -64.43
C ARG C 109 -47.32 42.14 -65.42
N GLY C 110 -48.44 42.65 -64.92
CA GLY C 110 -49.37 43.38 -65.74
C GLY C 110 -50.38 42.53 -66.48
N LEU C 111 -50.27 41.21 -66.41
CA LEU C 111 -51.27 40.34 -67.00
C LEU C 111 -52.48 40.26 -66.08
N SER C 112 -53.65 40.55 -66.64
CA SER C 112 -54.88 40.62 -65.87
C SER C 112 -55.92 39.70 -66.50
N GLN C 113 -56.90 39.32 -65.69
CA GLN C 113 -57.94 38.43 -66.17
C GLN C 113 -58.64 39.03 -67.38
N GLY C 114 -58.87 38.19 -68.38
CA GLY C 114 -59.53 38.61 -69.61
C GLY C 114 -58.61 39.01 -70.73
N ASP C 115 -57.34 39.27 -70.43
CA ASP C 115 -56.41 39.70 -71.48
C ASP C 115 -56.24 38.61 -72.53
N ARG C 116 -56.06 39.04 -73.77
CA ARG C 116 -55.79 38.14 -74.88
C ARG C 116 -54.29 38.11 -75.13
N ILE C 117 -53.74 36.91 -75.27
CA ILE C 117 -52.32 36.73 -75.56
C ILE C 117 -52.18 35.65 -76.62
N GLU C 118 -51.21 35.85 -77.52
CA GLU C 118 -51.00 34.95 -78.63
C GLU C 118 -49.51 34.62 -78.75
N ASN C 119 -49.23 33.42 -79.24
CA ASN C 119 -47.88 32.95 -79.45
C ASN C 119 -47.56 32.91 -80.94
N GLY C 120 -46.30 32.62 -81.25
CA GLY C 120 -45.88 32.50 -82.63
C GLY C 120 -45.25 33.78 -83.14
N PRO C 121 -44.55 33.70 -84.27
CA PRO C 121 -43.77 34.86 -84.72
C PRO C 121 -44.59 36.11 -84.99
N GLY C 122 -45.91 35.98 -85.18
CA GLY C 122 -46.76 37.11 -85.43
C GLY C 122 -47.36 37.78 -84.22
N ALA C 123 -47.03 37.33 -83.01
CA ALA C 123 -47.63 37.90 -81.82
C ALA C 123 -47.06 39.29 -81.54
N ASP C 124 -47.93 40.17 -81.06
CA ASP C 124 -47.51 41.52 -80.73
C ASP C 124 -46.65 41.48 -79.46
N ILE C 125 -45.82 42.50 -79.30
CA ILE C 125 -44.86 42.55 -78.19
C ILE C 125 -45.61 43.15 -77.01
N LYS C 126 -46.34 42.29 -76.31
CA LYS C 126 -47.07 42.67 -75.11
C LYS C 126 -46.83 41.63 -74.02
N PRO C 127 -46.98 42.02 -72.76
CA PRO C 127 -46.74 41.07 -71.67
C PRO C 127 -47.57 39.80 -71.83
N GLY C 128 -46.89 38.65 -71.80
CA GLY C 128 -47.53 37.35 -71.89
C GLY C 128 -47.23 36.61 -73.18
N ASN C 129 -47.06 37.33 -74.28
CA ASN C 129 -46.83 36.70 -75.57
C ASN C 129 -45.48 35.98 -75.58
N ASN C 130 -45.41 34.90 -76.35
CA ASN C 130 -44.20 34.10 -76.45
C ASN C 130 -43.69 34.11 -77.89
N LEU C 131 -42.38 34.31 -78.03
CA LEU C 131 -41.76 34.48 -79.32
C LEU C 131 -40.37 33.85 -79.30
N ALA C 132 -39.89 33.49 -80.49
CA ALA C 132 -38.48 33.16 -80.65
C ALA C 132 -37.66 34.43 -80.51
N LEU C 133 -36.47 34.30 -79.91
CA LEU C 133 -35.65 35.48 -79.66
C LEU C 133 -35.38 36.26 -80.93
N ARG C 134 -35.37 35.59 -82.08
CA ARG C 134 -35.11 36.29 -83.34
C ARG C 134 -36.19 37.30 -83.67
N ASN C 135 -37.37 37.18 -83.07
CA ASN C 135 -38.50 38.05 -83.39
C ASN C 135 -38.75 39.13 -82.34
N ILE C 136 -37.99 39.14 -81.25
CA ILE C 136 -38.18 40.13 -80.19
C ILE C 136 -37.24 41.31 -80.44
N PRO C 137 -37.73 42.55 -80.41
CA PRO C 137 -36.82 43.69 -80.61
C PRO C 137 -35.74 43.73 -79.54
N VAL C 138 -34.54 44.17 -79.94
CA VAL C 138 -33.48 44.36 -78.99
C VAL C 138 -33.91 45.37 -77.94
N GLY C 139 -33.47 45.18 -76.71
CA GLY C 139 -33.81 46.07 -75.61
C GLY C 139 -35.08 45.71 -74.88
N THR C 140 -35.79 44.67 -75.31
CA THR C 140 -37.01 44.25 -74.63
C THR C 140 -36.68 43.46 -73.38
N THR C 141 -37.57 43.53 -72.40
CA THR C 141 -37.47 42.72 -71.20
C THR C 141 -38.32 41.47 -71.36
N ILE C 142 -37.72 40.31 -71.08
CA ILE C 142 -38.35 39.02 -71.32
C ILE C 142 -38.13 38.13 -70.11
N HIS C 143 -38.75 36.96 -70.14
CA HIS C 143 -38.61 36.00 -69.05
C HIS C 143 -38.91 34.61 -69.61
N ALA C 144 -38.58 33.59 -68.80
CA ALA C 144 -38.85 32.20 -69.15
C ALA C 144 -38.18 31.86 -70.49
N ILE C 145 -36.85 31.95 -70.50
CA ILE C 145 -36.06 31.85 -71.72
C ILE C 145 -35.57 30.42 -71.88
N GLU C 146 -35.78 29.87 -73.09
CA GLU C 146 -35.28 28.54 -73.39
C GLU C 146 -33.75 28.56 -73.51
N LEU C 147 -33.13 27.43 -73.15
CA LEU C 147 -31.70 27.28 -73.29
C LEU C 147 -31.31 26.66 -74.63
N ARG C 148 -32.06 25.66 -75.08
CA ARG C 148 -31.90 25.07 -76.40
C ARG C 148 -33.21 25.14 -77.16
N PRO C 149 -33.15 25.16 -78.49
CA PRO C 149 -34.39 25.14 -79.27
C PRO C 149 -35.30 24.00 -78.87
N GLY C 150 -36.46 24.32 -78.29
CA GLY C 150 -37.39 23.31 -77.84
C GLY C 150 -37.10 22.72 -76.49
N GLY C 151 -36.10 23.23 -75.77
CA GLY C 151 -35.70 22.67 -74.49
C GLY C 151 -36.50 23.10 -73.29
N GLY C 152 -37.47 23.99 -73.45
CA GLY C 152 -38.27 24.45 -72.34
C GLY C 152 -37.59 25.59 -71.59
N ALA C 153 -38.41 26.40 -70.91
CA ALA C 153 -37.92 27.58 -70.24
C ALA C 153 -37.00 27.22 -69.08
N LYS C 154 -35.90 27.96 -68.95
CA LYS C 154 -34.92 27.69 -67.91
C LYS C 154 -34.59 28.94 -67.10
N PHE C 155 -34.55 30.09 -67.75
CA PHE C 155 -34.07 31.31 -67.12
C PHE C 155 -35.22 32.26 -66.80
N ALA C 156 -35.04 33.04 -65.74
CA ALA C 156 -35.98 34.10 -65.37
C ALA C 156 -37.39 33.55 -65.16
N ARG C 157 -37.51 32.69 -64.16
CA ARG C 157 -38.77 32.03 -63.86
C ARG C 157 -39.33 32.33 -62.47
N SER C 158 -38.58 33.00 -61.60
CA SER C 158 -39.08 33.30 -60.26
C SER C 158 -39.72 34.68 -60.23
N ALA C 159 -40.28 35.03 -59.08
CA ALA C 159 -41.00 36.29 -58.95
C ALA C 159 -40.08 37.47 -59.20
N GLY C 160 -40.51 38.39 -60.04
CA GLY C 160 -39.80 39.62 -60.30
C GLY C 160 -38.58 39.48 -61.19
N ALA C 161 -38.25 38.28 -61.64
CA ALA C 161 -37.09 38.10 -62.49
C ALA C 161 -37.33 38.72 -63.85
N SER C 162 -36.28 39.34 -64.41
CA SER C 162 -36.38 39.99 -65.71
C SER C 162 -35.05 39.88 -66.42
N VAL C 163 -35.11 39.64 -67.73
CA VAL C 163 -33.93 39.53 -68.58
C VAL C 163 -34.05 40.58 -69.67
N GLN C 164 -32.98 41.33 -69.90
CA GLN C 164 -32.93 42.35 -70.93
C GLN C 164 -32.14 41.83 -72.11
N LEU C 165 -32.75 41.84 -73.29
CA LEU C 165 -32.09 41.43 -74.51
C LEU C 165 -31.23 42.59 -75.02
N LEU C 166 -29.93 42.37 -75.09
CA LEU C 166 -28.97 43.44 -75.38
C LEU C 166 -28.62 43.52 -76.86
N ALA C 167 -28.35 42.39 -77.50
CA ALA C 167 -27.94 42.40 -78.91
C ALA C 167 -28.27 41.07 -79.54
N LYS C 168 -28.33 41.08 -80.86
CA LYS C 168 -28.47 39.87 -81.66
C LYS C 168 -27.31 39.82 -82.65
N GLU C 169 -26.49 38.78 -82.56
CA GLU C 169 -25.32 38.63 -83.43
C GLU C 169 -25.42 37.29 -84.13
N GLY C 170 -25.67 37.33 -85.44
CA GLY C 170 -25.79 36.11 -86.21
C GLY C 170 -26.84 35.18 -85.67
N SER C 171 -26.42 34.01 -85.19
CA SER C 171 -27.32 33.01 -84.64
C SER C 171 -27.33 33.02 -83.11
N MET C 172 -26.74 34.04 -82.48
CA MET C 172 -26.65 34.14 -81.04
C MET C 172 -27.17 35.49 -80.58
N ALA C 173 -27.70 35.52 -79.34
CA ALA C 173 -28.26 36.72 -78.77
C ALA C 173 -27.65 36.96 -77.40
N HIS C 174 -27.41 38.24 -77.09
CA HIS C 174 -26.80 38.63 -75.82
C HIS C 174 -27.89 38.93 -74.79
N LEU C 175 -27.81 38.26 -73.65
CA LEU C 175 -28.82 38.37 -72.60
C LEU C 175 -28.16 38.81 -71.30
N ARG C 176 -28.78 39.78 -70.62
CA ARG C 176 -28.33 40.24 -69.31
C ARG C 176 -29.15 39.51 -68.25
N MET C 177 -28.54 38.49 -67.65
CA MET C 177 -29.29 37.61 -66.78
C MET C 177 -29.66 38.33 -65.48
N PRO C 178 -30.64 37.83 -64.74
CA PRO C 178 -31.03 38.51 -63.50
C PRO C 178 -29.89 38.69 -62.53
N SER C 179 -28.92 37.78 -62.53
CA SER C 179 -27.74 37.91 -61.70
C SER C 179 -26.76 38.95 -62.23
N GLY C 180 -27.03 39.53 -63.39
CA GLY C 180 -26.12 40.45 -64.03
C GLY C 180 -25.14 39.79 -64.97
N GLU C 181 -25.10 38.46 -65.02
CA GLU C 181 -24.23 37.78 -65.96
C GLU C 181 -24.74 37.98 -67.37
N ILE C 182 -23.83 38.25 -68.29
CA ILE C 182 -24.16 38.41 -69.70
C ILE C 182 -23.81 37.12 -70.41
N ARG C 183 -24.78 36.55 -71.11
CA ARG C 183 -24.67 35.20 -71.65
C ARG C 183 -25.19 35.16 -73.08
N LEU C 184 -24.57 34.32 -73.90
CA LEU C 184 -25.02 34.08 -75.26
C LEU C 184 -26.05 32.95 -75.28
N VAL C 185 -27.10 33.13 -76.07
CA VAL C 185 -28.13 32.11 -76.22
C VAL C 185 -28.51 32.03 -77.69
N ASP C 186 -28.78 30.81 -78.16
CA ASP C 186 -29.17 30.63 -79.55
C ASP C 186 -30.40 31.48 -79.87
N VAL C 187 -30.40 32.07 -81.06
CA VAL C 187 -31.46 33.00 -81.43
C VAL C 187 -32.75 32.31 -81.81
N ARG C 188 -32.80 30.98 -81.74
CA ARG C 188 -34.03 30.23 -81.98
C ARG C 188 -34.76 29.87 -80.70
N CYS C 189 -34.17 30.10 -79.54
CA CYS C 189 -34.84 29.83 -78.28
C CYS C 189 -36.02 30.78 -78.09
N ARG C 190 -37.07 30.27 -77.45
CA ARG C 190 -38.25 31.09 -77.20
C ARG C 190 -38.17 31.79 -75.85
N ALA C 191 -38.83 32.93 -75.77
CA ALA C 191 -38.91 33.71 -74.54
C ALA C 191 -40.24 34.44 -74.52
N THR C 192 -40.67 34.79 -73.31
CA THR C 192 -41.93 35.48 -73.12
C THR C 192 -41.69 36.95 -72.84
N ILE C 193 -42.57 37.80 -73.36
CA ILE C 193 -42.44 39.24 -73.17
C ILE C 193 -42.90 39.63 -71.78
N GLY C 194 -42.32 40.69 -71.24
CA GLY C 194 -42.64 41.17 -69.92
C GLY C 194 -41.84 40.47 -68.83
N GLU C 195 -41.86 41.05 -67.65
CA GLU C 195 -41.16 40.48 -66.51
C GLU C 195 -42.15 39.78 -65.59
N VAL C 196 -41.65 38.79 -64.86
CA VAL C 196 -42.51 37.96 -64.03
C VAL C 196 -43.08 38.80 -62.90
N GLY C 197 -44.33 38.51 -62.53
CA GLY C 197 -45.05 39.32 -61.57
C GLY C 197 -44.79 38.91 -60.15
N ASN C 198 -45.64 39.43 -59.25
CA ASN C 198 -45.53 39.18 -57.82
C ASN C 198 -44.17 39.65 -57.28
N ALA C 199 -43.74 40.82 -57.76
CA ALA C 199 -42.41 41.31 -57.42
C ALA C 199 -42.26 41.64 -55.94
N GLU C 200 -43.36 41.78 -55.20
CA GLU C 200 -43.28 42.12 -53.78
C GLU C 200 -43.00 40.91 -52.90
N GLN C 201 -42.93 39.72 -53.48
CA GLN C 201 -42.73 38.50 -52.70
C GLN C 201 -41.54 38.62 -51.76
N SER C 202 -40.43 39.16 -52.23
CA SER C 202 -39.20 39.16 -51.44
C SER C 202 -39.31 39.98 -50.18
N ASN C 203 -40.32 40.83 -50.04
CA ASN C 203 -40.48 41.68 -48.87
C ASN C 203 -41.25 41.01 -47.74
N ILE C 204 -41.72 39.78 -47.94
CA ILE C 204 -42.50 39.10 -46.92
C ILE C 204 -41.60 38.76 -45.74
N ASN C 205 -42.09 39.05 -44.54
CA ASN C 205 -41.39 38.73 -43.31
C ASN C 205 -42.17 37.61 -42.63
N TRP C 206 -41.54 36.44 -42.50
CA TRP C 206 -42.26 35.25 -42.06
C TRP C 206 -42.62 35.31 -40.58
N GLY C 207 -41.79 35.94 -39.76
CA GLY C 207 -42.17 36.27 -38.40
C GLY C 207 -41.90 35.25 -37.32
N LYS C 208 -42.21 33.98 -37.57
CA LYS C 208 -42.06 32.95 -36.57
C LYS C 208 -41.45 31.71 -37.19
N ALA C 209 -40.84 30.88 -36.34
CA ALA C 209 -40.18 29.68 -36.81
C ALA C 209 -41.16 28.73 -37.47
N GLY C 210 -42.39 28.67 -36.96
CA GLY C 210 -43.37 27.77 -37.51
C GLY C 210 -43.69 28.07 -38.97
N ARG C 211 -43.69 29.34 -39.35
CA ARG C 211 -44.06 29.70 -40.72
C ARG C 211 -43.05 29.15 -41.73
N LYS C 212 -41.78 29.06 -41.35
CA LYS C 212 -40.82 28.39 -42.22
C LYS C 212 -41.07 26.89 -42.24
N ARG C 213 -41.39 26.31 -41.07
CA ARG C 213 -41.62 24.87 -41.02
C ARG C 213 -42.74 24.47 -41.96
N TRP C 214 -43.74 25.32 -42.13
CA TRP C 214 -44.80 25.03 -43.08
C TRP C 214 -44.25 24.96 -44.49
N LEU C 215 -43.28 25.82 -44.81
CA LEU C 215 -42.62 25.78 -46.10
C LEU C 215 -41.66 24.61 -46.23
N GLY C 216 -41.38 23.91 -45.13
CA GLY C 216 -40.53 22.74 -45.18
C GLY C 216 -39.07 22.99 -44.89
N VAL C 217 -38.73 24.08 -44.22
CA VAL C 217 -37.35 24.42 -43.92
C VAL C 217 -37.07 24.05 -42.47
N ARG C 218 -36.23 23.05 -42.26
CA ARG C 218 -35.94 22.60 -40.91
C ARG C 218 -34.77 23.36 -40.30
N PRO C 219 -34.60 23.27 -38.99
CA PRO C 219 -33.58 24.10 -38.33
C PRO C 219 -32.19 23.86 -38.86
N THR C 220 -31.40 24.94 -38.91
CA THR C 220 -30.03 24.90 -39.38
C THR C 220 -29.11 25.11 -38.19
N VAL C 221 -28.19 24.17 -37.98
CA VAL C 221 -27.30 24.18 -36.82
C VAL C 221 -25.95 24.73 -37.24
N ARG C 222 -25.46 25.72 -36.49
CA ARG C 222 -24.16 26.31 -36.78
C ARG C 222 -23.03 25.33 -36.49
N GLY C 223 -21.98 25.42 -37.29
CA GLY C 223 -20.83 24.56 -37.07
C GLY C 223 -20.17 24.79 -35.73
N VAL C 224 -19.99 26.06 -35.35
CA VAL C 224 -19.22 26.41 -34.17
C VAL C 224 -19.90 25.93 -32.90
N ALA C 225 -21.13 25.41 -33.03
CA ALA C 225 -21.80 24.79 -31.90
C ALA C 225 -21.58 23.29 -31.84
N MET C 226 -21.08 22.70 -32.92
CA MET C 226 -20.92 21.26 -33.02
C MET C 226 -19.59 20.83 -32.37
N ASN C 227 -19.34 19.52 -32.38
CA ASN C 227 -18.09 18.98 -31.88
C ASN C 227 -17.12 18.70 -33.03
N PRO C 228 -15.82 18.60 -32.74
CA PRO C 228 -14.85 18.44 -33.84
C PRO C 228 -15.11 17.24 -34.71
N VAL C 229 -15.71 16.19 -34.18
CA VAL C 229 -16.00 15.01 -35.00
C VAL C 229 -17.03 15.34 -36.07
N ASP C 230 -17.96 16.24 -35.78
CA ASP C 230 -19.07 16.52 -36.67
C ASP C 230 -18.75 17.55 -37.74
N HIS C 231 -18.13 18.66 -37.35
CA HIS C 231 -17.91 19.78 -38.24
C HIS C 231 -16.50 20.30 -38.00
N PRO C 232 -15.81 20.77 -39.03
CA PRO C 232 -14.45 21.31 -38.81
C PRO C 232 -14.40 22.45 -37.82
N HIS C 233 -15.44 23.28 -37.76
CA HIS C 233 -15.46 24.42 -36.86
C HIS C 233 -15.74 24.03 -35.41
N GLY C 234 -16.22 22.82 -35.15
CA GLY C 234 -16.65 22.46 -33.82
C GLY C 234 -15.56 22.54 -32.78
N GLY C 235 -15.91 22.26 -31.53
CA GLY C 235 -14.95 22.20 -30.46
C GLY C 235 -14.69 23.55 -29.82
N GLY C 236 -13.63 23.56 -29.01
CA GLY C 236 -13.23 24.75 -28.29
C GLY C 236 -14.05 24.97 -27.04
N GLU C 237 -13.40 25.48 -26.00
CA GLU C 237 -14.10 25.78 -24.75
C GLU C 237 -14.63 27.20 -24.81
N GLY C 238 -15.90 27.37 -24.51
CA GLY C 238 -16.55 28.64 -24.75
C GLY C 238 -16.85 28.82 -26.23
N LYS C 239 -17.14 30.06 -26.60
CA LYS C 239 -17.45 30.38 -27.99
C LYS C 239 -16.15 30.59 -28.77
N THR C 240 -16.08 30.01 -29.96
CA THR C 240 -14.97 30.19 -30.87
C THR C 240 -15.52 30.50 -32.25
N SER C 241 -14.68 31.13 -33.07
CA SER C 241 -15.02 31.43 -34.45
C SER C 241 -14.62 30.30 -35.40
N GLY C 242 -14.30 29.13 -34.86
CA GLY C 242 -13.90 27.99 -35.65
C GLY C 242 -12.42 27.65 -35.54
N GLY C 243 -11.58 28.65 -35.31
CA GLY C 243 -10.16 28.40 -35.21
C GLY C 243 -9.47 28.12 -36.52
N ARG C 244 -10.16 28.30 -37.64
CA ARG C 244 -9.58 28.03 -38.95
C ARG C 244 -10.37 28.80 -39.98
N HIS C 245 -9.82 28.89 -41.18
CA HIS C 245 -10.49 29.61 -42.24
C HIS C 245 -11.81 28.93 -42.55
N PRO C 246 -12.89 29.67 -42.73
CA PRO C 246 -14.22 29.04 -42.82
C PRO C 246 -14.27 28.00 -43.93
N VAL C 247 -14.97 26.90 -43.65
CA VAL C 247 -15.12 25.78 -44.57
C VAL C 247 -16.53 25.23 -44.42
N SER C 248 -16.95 24.50 -45.46
CA SER C 248 -18.19 23.76 -45.39
C SER C 248 -18.00 22.59 -44.44
N PRO C 249 -19.08 21.94 -44.03
CA PRO C 249 -18.94 20.83 -43.07
C PRO C 249 -18.01 19.73 -43.56
N TRP C 250 -17.83 19.61 -44.88
CA TRP C 250 -17.00 18.58 -45.46
C TRP C 250 -15.60 19.06 -45.81
N GLY C 251 -15.21 20.22 -45.29
CA GLY C 251 -13.83 20.67 -45.37
C GLY C 251 -13.50 21.55 -46.56
N GLN C 252 -14.41 21.69 -47.53
CA GLN C 252 -14.13 22.54 -48.68
C GLN C 252 -14.06 24.01 -48.25
N LYS C 253 -13.04 24.71 -48.71
CA LYS C 253 -12.88 26.11 -48.39
C LYS C 253 -13.83 26.97 -49.22
N GLU C 254 -14.05 28.20 -48.76
CA GLU C 254 -14.76 29.17 -49.57
C GLU C 254 -13.96 29.48 -50.81
N GLY C 255 -14.64 29.61 -51.94
CA GLY C 255 -13.96 29.83 -53.20
C GLY C 255 -14.87 29.51 -54.37
N ARG C 256 -14.40 29.87 -55.56
CA ARG C 256 -15.23 29.68 -56.74
C ARG C 256 -15.24 28.20 -57.10
N THR C 257 -16.42 27.68 -57.42
CA THR C 257 -16.61 26.25 -57.62
C THR C 257 -17.07 25.88 -59.02
N ARG C 258 -17.32 26.86 -59.90
CA ARG C 258 -17.62 26.53 -61.28
C ARG C 258 -16.46 25.78 -61.90
N SER C 259 -16.78 24.71 -62.62
CA SER C 259 -15.72 23.92 -63.24
C SER C 259 -15.00 24.76 -64.28
N PRO C 260 -13.69 24.96 -64.18
CA PRO C 260 -13.00 25.84 -65.14
C PRO C 260 -13.00 25.31 -66.56
N LYS C 261 -13.09 24.01 -66.76
CA LYS C 261 -13.15 23.41 -68.09
C LYS C 261 -14.57 23.24 -68.60
N LYS C 262 -15.57 23.71 -67.87
CA LYS C 262 -16.95 23.44 -68.24
C LYS C 262 -17.23 24.03 -69.62
N ALA C 263 -17.96 23.27 -70.43
CA ALA C 263 -18.11 23.61 -71.84
C ALA C 263 -18.78 24.97 -72.02
N SER C 264 -19.82 25.26 -71.22
CA SER C 264 -20.62 26.45 -71.44
C SER C 264 -19.81 27.75 -71.32
N ASN C 265 -18.54 27.68 -70.94
CA ASN C 265 -17.77 28.91 -70.78
C ASN C 265 -17.82 29.77 -72.03
N LYS C 266 -17.75 29.15 -73.21
CA LYS C 266 -17.71 29.93 -74.44
C LYS C 266 -19.01 30.65 -74.73
N TYR C 267 -20.10 30.33 -74.02
CA TYR C 267 -21.33 31.11 -74.10
C TYR C 267 -21.38 32.25 -73.08
N ILE C 268 -20.41 32.34 -72.18
CA ILE C 268 -20.43 33.35 -71.14
C ILE C 268 -19.59 34.55 -71.61
N VAL C 269 -20.25 35.69 -71.78
CA VAL C 269 -19.51 36.90 -72.16
C VAL C 269 -18.90 37.56 -70.93
N ARG C 270 -19.72 37.80 -69.91
CA ARG C 270 -19.23 38.40 -68.69
C ARG C 270 -19.94 37.77 -67.51
N ARG C 271 -19.16 37.31 -66.56
CA ARG C 271 -19.65 36.76 -65.32
C ARG C 271 -20.17 37.87 -64.42
N ARG C 272 -20.99 37.48 -63.44
CA ARG C 272 -21.61 38.45 -62.56
C ARG C 272 -20.54 39.19 -61.77
N LYS D 3 -28.82 12.84 62.54
CA LYS D 3 -29.80 13.88 62.82
C LYS D 3 -31.21 13.30 62.89
N ASN D 4 -32.00 13.83 63.82
CA ASN D 4 -33.35 13.33 64.03
C ASN D 4 -34.18 13.51 62.76
N ILE D 5 -35.00 12.51 62.45
CA ILE D 5 -35.86 12.54 61.28
C ILE D 5 -37.18 11.86 61.62
N LYS D 6 -38.26 12.65 61.66
CA LYS D 6 -39.59 12.08 61.80
C LYS D 6 -40.14 11.71 60.42
N GLY D 7 -40.92 10.64 60.36
CA GLY D 7 -41.42 10.16 59.10
C GLY D 7 -42.78 9.52 59.25
N VAL D 8 -43.48 9.39 58.12
CA VAL D 8 -44.78 8.75 58.06
C VAL D 8 -45.09 8.40 56.62
N LEU D 9 -45.71 7.25 56.39
CA LEU D 9 -46.18 6.90 55.06
C LEU D 9 -47.50 7.56 54.74
N GLY D 10 -47.70 7.85 53.46
CA GLY D 10 -48.93 8.44 53.00
C GLY D 10 -49.38 7.85 51.68
N GLU D 11 -50.32 8.52 51.03
CA GLU D 11 -50.87 8.06 49.76
C GLU D 11 -51.40 9.29 49.05
N LYS D 12 -50.73 9.71 47.97
CA LYS D 12 -51.19 10.90 47.27
C LYS D 12 -52.60 10.68 46.77
N LEU D 13 -53.47 11.65 47.01
CA LEU D 13 -54.88 11.54 46.70
C LEU D 13 -55.30 12.40 45.52
N GLY D 14 -54.51 13.40 45.19
CA GLY D 14 -54.85 14.36 44.16
C GLY D 14 -54.24 15.70 44.50
N MET D 15 -54.52 16.68 43.65
CA MET D 15 -54.15 18.06 43.95
C MET D 15 -55.36 18.95 43.89
N THR D 16 -55.30 20.01 44.70
CA THR D 16 -56.28 21.06 44.71
C THR D 16 -55.54 22.35 45.02
N GLN D 17 -56.29 23.44 45.16
CA GLN D 17 -55.70 24.72 45.49
C GLN D 17 -56.37 25.29 46.73
N VAL D 18 -55.62 26.09 47.46
CA VAL D 18 -56.10 26.81 48.62
C VAL D 18 -55.72 28.27 48.44
N TRP D 19 -56.06 29.09 49.44
CA TRP D 19 -55.77 30.51 49.39
C TRP D 19 -55.31 30.94 50.77
N ASP D 20 -54.03 31.26 50.90
CA ASP D 20 -53.50 31.71 52.19
C ASP D 20 -54.07 33.08 52.54
N GLU D 21 -53.84 33.48 53.79
CA GLU D 21 -54.48 34.70 54.29
C GLU D 21 -54.18 35.91 53.43
N ASN D 22 -53.02 35.93 52.76
CA ASN D 22 -52.68 37.03 51.87
C ASN D 22 -53.29 36.87 50.49
N ASN D 23 -54.23 35.95 50.31
CA ASN D 23 -54.86 35.70 49.03
C ASN D 23 -53.82 35.43 47.95
N ARG D 24 -53.07 34.35 48.15
CA ARG D 24 -52.11 33.85 47.16
C ARG D 24 -52.45 32.40 46.88
N VAL D 25 -52.88 32.11 45.65
CA VAL D 25 -53.21 30.73 45.31
C VAL D 25 -52.03 29.85 45.62
N VAL D 26 -52.28 28.78 46.37
CA VAL D 26 -51.24 27.83 46.78
C VAL D 26 -51.67 26.44 46.33
N PRO D 27 -51.15 25.96 45.21
CA PRO D 27 -51.55 24.63 44.74
C PRO D 27 -51.00 23.52 45.62
N VAL D 28 -51.88 22.80 46.31
CA VAL D 28 -51.47 21.80 47.28
C VAL D 28 -51.82 20.43 46.76
N THR D 29 -51.11 19.43 47.29
CA THR D 29 -51.40 18.02 47.04
C THR D 29 -51.86 17.39 48.35
N VAL D 30 -52.96 16.64 48.29
CA VAL D 30 -53.55 16.05 49.48
C VAL D 30 -52.89 14.69 49.69
N VAL D 31 -52.27 14.52 50.86
CA VAL D 31 -51.58 13.29 51.22
C VAL D 31 -52.28 12.70 52.43
N LYS D 32 -52.76 11.46 52.30
CA LYS D 32 -53.45 10.79 53.40
C LYS D 32 -52.41 10.00 54.19
N ALA D 33 -51.72 10.70 55.08
CA ALA D 33 -50.60 10.15 55.83
C ALA D 33 -51.09 9.66 57.18
N GLY D 34 -51.12 8.34 57.37
CA GLY D 34 -51.44 7.76 58.64
C GLY D 34 -52.75 7.00 58.65
N PRO D 35 -53.02 6.25 59.73
CA PRO D 35 -52.13 6.08 60.88
C PRO D 35 -51.21 4.88 60.71
N CYS D 36 -49.96 5.01 61.15
CA CYS D 36 -48.96 3.97 60.95
C CYS D 36 -48.26 3.68 62.27
N VAL D 37 -47.81 2.43 62.42
CA VAL D 37 -47.36 1.92 63.71
C VAL D 37 -45.95 1.39 63.56
N VAL D 38 -45.14 1.58 64.61
CA VAL D 38 -43.80 1.00 64.64
C VAL D 38 -43.90 -0.50 64.86
N THR D 39 -43.22 -1.27 64.01
CA THR D 39 -43.22 -2.72 64.11
C THR D 39 -41.86 -3.31 64.49
N GLN D 40 -40.80 -2.52 64.46
CA GLN D 40 -39.46 -3.03 64.78
C GLN D 40 -38.52 -1.85 64.91
N VAL D 41 -37.64 -1.91 65.90
CA VAL D 41 -36.66 -0.86 66.14
C VAL D 41 -35.28 -1.50 66.08
N ARG D 42 -34.48 -1.07 65.11
CA ARG D 42 -33.10 -1.53 64.98
C ARG D 42 -32.18 -0.68 65.84
N SER D 43 -30.98 -1.22 66.10
CA SER D 43 -30.04 -0.58 67.00
C SER D 43 -28.63 -0.90 66.55
N ASN D 44 -27.66 -0.25 67.21
CA ASN D 44 -26.26 -0.46 66.85
C ASN D 44 -25.84 -1.91 67.09
N ASP D 45 -26.24 -2.48 68.22
CA ASP D 45 -25.76 -3.81 68.59
C ASP D 45 -26.53 -4.90 67.86
N THR D 46 -27.86 -4.87 67.95
CA THR D 46 -28.66 -5.94 67.35
C THR D 46 -28.48 -5.99 65.84
N ASP D 47 -28.55 -4.84 65.17
CA ASP D 47 -28.59 -4.81 63.72
C ASP D 47 -27.59 -3.85 63.08
N GLY D 48 -26.69 -3.25 63.87
CA GLY D 48 -25.61 -2.45 63.33
C GLY D 48 -25.84 -0.96 63.25
N TYR D 49 -27.03 -0.54 62.83
CA TYR D 49 -27.35 0.87 62.63
C TYR D 49 -28.61 1.21 63.42
N GLU D 50 -28.99 2.49 63.36
CA GLU D 50 -30.15 3.00 64.08
C GLU D 50 -31.24 3.33 63.06
N SER D 51 -32.41 2.73 63.23
CA SER D 51 -33.51 2.95 62.30
C SER D 51 -34.81 2.52 62.98
N VAL D 52 -35.92 2.67 62.27
CA VAL D 52 -37.24 2.40 62.82
C VAL D 52 -38.17 2.01 61.67
N GLN D 53 -38.71 0.80 61.73
CA GLN D 53 -39.77 0.47 60.78
C GLN D 53 -41.08 1.11 61.21
N ILE D 54 -41.91 1.40 60.21
CA ILE D 54 -43.29 1.82 60.42
C ILE D 54 -44.13 1.14 59.35
N ALA D 55 -45.28 0.61 59.75
CA ALA D 55 -46.13 -0.17 58.86
C ALA D 55 -47.43 0.57 58.64
N PHE D 56 -47.68 0.98 57.40
CA PHE D 56 -48.89 1.69 57.03
C PHE D 56 -49.65 0.88 56.00
N GLY D 57 -50.98 0.89 56.10
CA GLY D 57 -51.80 0.22 55.11
C GLY D 57 -52.99 -0.48 55.73
N GLU D 58 -53.88 -0.99 54.88
CA GLU D 58 -55.05 -1.72 55.33
C GLU D 58 -55.17 -2.99 54.51
N ILE D 59 -55.09 -4.14 55.16
CA ILE D 59 -55.15 -5.43 54.49
C ILE D 59 -55.81 -6.42 55.43
N ASP D 60 -56.76 -7.19 54.91
CA ASP D 60 -57.40 -8.21 55.72
C ASP D 60 -56.38 -9.27 56.12
N PRO D 61 -56.51 -9.86 57.31
CA PRO D 61 -55.50 -10.83 57.75
C PRO D 61 -55.40 -12.07 56.87
N ARG D 62 -56.26 -12.19 55.87
CA ARG D 62 -56.30 -13.39 55.04
C ARG D 62 -55.32 -13.33 53.87
N LYS D 63 -54.81 -12.15 53.52
CA LYS D 63 -53.88 -12.00 52.42
C LYS D 63 -52.44 -11.82 52.90
N VAL D 64 -52.17 -12.08 54.17
CA VAL D 64 -50.83 -11.97 54.74
C VAL D 64 -50.33 -13.39 55.02
N ASN D 65 -49.15 -13.71 54.49
CA ASN D 65 -48.56 -15.02 54.71
C ASN D 65 -48.02 -15.13 56.13
N LYS D 66 -47.82 -16.36 56.57
CA LYS D 66 -47.47 -16.58 57.97
C LYS D 66 -46.16 -15.94 58.40
N PRO D 67 -45.08 -15.96 57.60
CA PRO D 67 -43.85 -15.29 58.05
C PRO D 67 -44.08 -13.84 58.43
N LEU D 68 -44.83 -13.08 57.64
CA LEU D 68 -45.16 -11.72 58.02
C LEU D 68 -46.23 -11.67 59.10
N LYS D 69 -47.15 -12.63 59.09
CA LYS D 69 -48.20 -12.64 60.11
C LYS D 69 -47.61 -12.89 61.50
N GLY D 70 -46.45 -13.53 61.56
CA GLY D 70 -45.78 -13.75 62.83
C GLY D 70 -44.83 -12.62 63.17
N HIS D 71 -44.35 -11.90 62.17
CA HIS D 71 -43.51 -10.74 62.41
C HIS D 71 -44.32 -9.59 62.98
N PHE D 72 -45.58 -9.47 62.56
CA PHE D 72 -46.46 -8.44 63.10
C PHE D 72 -46.87 -8.76 64.52
N ALA D 73 -47.08 -10.04 64.84
CA ALA D 73 -47.54 -10.42 66.17
C ALA D 73 -46.48 -10.21 67.23
N LYS D 74 -45.21 -10.05 66.85
CA LYS D 74 -44.19 -9.75 67.85
C LYS D 74 -44.37 -8.35 68.41
N ALA D 75 -44.76 -7.40 67.57
CA ALA D 75 -45.05 -6.04 67.98
C ALA D 75 -46.50 -5.84 68.42
N ASP D 76 -47.35 -6.85 68.26
CA ASP D 76 -48.74 -6.79 68.68
C ASP D 76 -49.47 -5.64 67.97
N VAL D 77 -49.51 -5.74 66.64
CA VAL D 77 -50.24 -4.80 65.81
C VAL D 77 -50.94 -5.57 64.71
N THR D 78 -52.12 -5.10 64.32
CA THR D 78 -52.85 -5.75 63.24
C THR D 78 -52.04 -5.68 61.95
N PRO D 79 -52.02 -6.75 61.14
CA PRO D 79 -51.15 -6.75 59.96
C PRO D 79 -51.52 -5.66 58.97
N ARG D 80 -50.51 -4.88 58.58
CA ARG D 80 -50.63 -3.87 57.54
C ARG D 80 -50.09 -4.46 56.24
N ARG D 81 -49.93 -3.61 55.23
CA ARG D 81 -49.52 -4.08 53.91
C ARG D 81 -48.19 -3.53 53.42
N HIS D 82 -47.77 -2.35 53.86
CA HIS D 82 -46.52 -1.75 53.43
C HIS D 82 -45.62 -1.52 54.63
N LEU D 83 -44.34 -1.85 54.49
CA LEU D 83 -43.34 -1.58 55.52
C LEU D 83 -42.18 -0.80 54.93
N VAL D 84 -41.57 0.04 55.76
CA VAL D 84 -40.39 0.82 55.38
C VAL D 84 -39.61 1.13 56.66
N GLU D 85 -38.37 1.57 56.48
CA GLU D 85 -37.55 2.08 57.56
C GLU D 85 -37.22 3.54 57.34
N ILE D 86 -37.27 4.33 58.41
CA ILE D 86 -36.77 5.70 58.41
C ILE D 86 -35.41 5.67 59.09
N ARG D 87 -34.37 6.00 58.34
CA ARG D 87 -33.01 6.02 58.89
C ARG D 87 -32.89 7.25 59.76
N THR D 88 -33.03 7.06 61.07
CA THR D 88 -33.01 8.14 62.05
C THR D 88 -31.78 7.99 62.93
N ALA D 89 -31.64 8.91 63.89
CA ALA D 89 -30.55 8.88 64.85
C ALA D 89 -31.05 8.76 66.28
N ASP D 90 -32.36 8.72 66.50
CA ASP D 90 -32.96 8.63 67.82
C ASP D 90 -33.98 7.50 67.84
N ALA D 91 -33.58 6.36 67.29
CA ALA D 91 -34.49 5.21 67.20
C ALA D 91 -34.73 4.53 68.54
N SER D 92 -33.97 4.89 69.57
CA SER D 92 -34.17 4.31 70.89
C SER D 92 -35.35 4.91 71.64
N GLU D 93 -35.94 5.98 71.12
CA GLU D 93 -37.07 6.63 71.76
C GLU D 93 -38.40 6.05 71.33
N TYR D 94 -38.40 5.15 70.35
CA TYR D 94 -39.62 4.52 69.88
C TYR D 94 -39.88 3.22 70.65
N THR D 95 -41.09 2.69 70.47
CA THR D 95 -41.49 1.45 71.14
C THR D 95 -42.42 0.69 70.21
N LEU D 96 -42.32 -0.63 70.24
CA LEU D 96 -43.11 -1.46 69.34
C LEU D 96 -44.59 -1.18 69.54
N GLY D 97 -45.31 -1.03 68.43
CA GLY D 97 -46.73 -0.77 68.46
C GLY D 97 -47.09 0.70 68.54
N GLN D 98 -46.14 1.58 68.84
CA GLN D 98 -46.46 2.99 68.94
C GLN D 98 -47.10 3.48 67.64
N GLU D 99 -48.14 4.28 67.78
CA GLU D 99 -48.87 4.80 66.63
C GLU D 99 -48.35 6.18 66.27
N ILE D 100 -48.00 6.37 65.00
CA ILE D 100 -47.53 7.65 64.47
C ILE D 100 -48.69 8.23 63.67
N THR D 101 -49.37 9.21 64.27
CA THR D 101 -50.56 9.79 63.65
C THR D 101 -50.16 10.70 62.49
N ALA D 102 -51.17 11.21 61.80
CA ALA D 102 -50.92 12.13 60.69
C ALA D 102 -50.25 13.40 61.17
N ALA D 103 -50.67 13.92 62.34
CA ALA D 103 -50.17 15.20 62.81
C ALA D 103 -48.83 15.07 63.50
N VAL D 104 -47.88 14.39 62.86
CA VAL D 104 -46.50 14.46 63.33
C VAL D 104 -45.88 15.77 62.87
N PHE D 105 -46.36 16.30 61.74
CA PHE D 105 -45.94 17.58 61.21
C PHE D 105 -46.99 18.64 61.53
N GLU D 106 -46.54 19.89 61.58
CA GLU D 106 -47.41 21.03 61.79
C GLU D 106 -47.18 22.05 60.69
N ALA D 107 -48.09 23.01 60.61
CA ALA D 107 -48.08 23.97 59.51
C ALA D 107 -46.73 24.67 59.42
N GLY D 108 -46.20 24.79 58.20
CA GLY D 108 -44.98 25.51 57.93
C GLY D 108 -43.76 24.64 57.77
N VAL D 109 -43.70 23.50 58.47
CA VAL D 109 -42.51 22.66 58.41
C VAL D 109 -42.26 22.23 56.98
N LYS D 110 -40.99 22.03 56.64
CA LYS D 110 -40.58 21.56 55.34
C LYS D 110 -40.26 20.08 55.39
N VAL D 111 -40.73 19.33 54.39
CA VAL D 111 -40.60 17.89 54.35
C VAL D 111 -39.90 17.50 53.06
N ASP D 112 -39.52 16.23 52.98
CA ASP D 112 -38.86 15.66 51.80
C ASP D 112 -39.69 14.46 51.37
N VAL D 113 -40.61 14.68 50.44
CA VAL D 113 -41.50 13.60 50.01
C VAL D 113 -40.77 12.70 49.03
N THR D 114 -41.09 11.40 49.09
CA THR D 114 -40.43 10.39 48.29
C THR D 114 -41.45 9.39 47.77
N GLY D 115 -41.24 8.90 46.56
CA GLY D 115 -42.15 7.92 46.01
C GLY D 115 -41.70 7.46 44.64
N LYS D 116 -42.35 6.42 44.17
CA LYS D 116 -42.09 5.85 42.84
C LYS D 116 -42.68 6.77 41.78
N SER D 117 -41.83 7.35 40.94
CA SER D 117 -42.31 8.26 39.92
C SER D 117 -43.15 7.52 38.89
N LYS D 118 -43.95 8.27 38.15
CA LYS D 118 -44.81 7.68 37.14
C LYS D 118 -43.99 7.02 36.04
N GLY D 119 -44.49 5.91 35.52
CA GLY D 119 -43.81 5.25 34.43
C GLY D 119 -44.03 5.94 33.11
N LYS D 120 -43.10 5.71 32.19
CA LYS D 120 -43.15 6.33 30.86
C LYS D 120 -42.85 5.36 29.72
N GLY D 121 -42.64 4.09 30.00
CA GLY D 121 -42.36 3.14 28.93
C GLY D 121 -40.93 3.24 28.44
N PHE D 122 -40.74 2.90 27.17
CA PHE D 122 -39.43 2.93 26.53
C PHE D 122 -39.27 4.30 25.85
N ALA D 123 -38.89 5.27 26.66
CA ALA D 123 -38.82 6.65 26.19
C ALA D 123 -37.73 6.83 25.15
N GLY D 124 -38.00 7.69 24.19
CA GLY D 124 -37.05 7.97 23.13
C GLY D 124 -35.93 8.87 23.58
N VAL D 125 -35.06 9.20 22.63
CA VAL D 125 -33.86 9.96 22.97
C VAL D 125 -34.22 11.35 23.47
N MET D 126 -35.07 12.08 22.73
CA MET D 126 -35.39 13.45 23.10
C MET D 126 -36.21 13.51 24.38
N LYS D 127 -37.24 12.68 24.48
CA LYS D 127 -38.15 12.77 25.62
C LYS D 127 -37.47 12.40 26.92
N ARG D 128 -36.36 11.66 26.87
CA ARG D 128 -35.73 11.14 28.07
C ARG D 128 -34.44 11.85 28.43
N HIS D 129 -33.83 12.59 27.49
CA HIS D 129 -32.65 13.37 27.82
C HIS D 129 -32.70 14.78 27.23
N ASN D 130 -33.82 15.19 26.63
CA ASN D 130 -33.96 16.54 26.09
C ASN D 130 -32.98 16.81 24.97
N PHE D 131 -32.62 15.77 24.22
CA PHE D 131 -31.81 15.98 23.03
C PHE D 131 -32.56 16.85 22.02
N ARG D 132 -31.81 17.49 21.15
CA ARG D 132 -32.39 18.18 20.02
C ARG D 132 -32.47 17.23 18.82
N GLY D 133 -33.18 17.67 17.79
CA GLY D 133 -33.33 16.93 16.56
C GLY D 133 -32.44 17.46 15.46
N LEU D 134 -32.78 17.09 14.23
CA LEU D 134 -32.07 17.55 13.05
C LEU D 134 -32.94 18.42 12.15
N GLY D 135 -33.98 19.04 12.71
CA GLY D 135 -34.79 19.94 11.93
C GLY D 135 -35.76 19.20 11.03
N ALA D 136 -37.01 19.68 10.98
CA ALA D 136 -38.01 19.02 10.15
C ALA D 136 -37.74 19.26 8.68
N GLY D 137 -37.23 20.45 8.33
CA GLY D 137 -37.07 20.84 6.95
C GLY D 137 -35.63 20.84 6.49
N HIS D 138 -35.41 21.47 5.34
CA HIS D 138 -34.08 21.59 4.74
C HIS D 138 -33.48 20.23 4.42
N GLY D 139 -34.33 19.24 4.14
CA GLY D 139 -33.89 17.97 3.64
C GLY D 139 -33.10 17.14 4.64
N THR D 140 -33.77 16.65 5.68
CA THR D 140 -33.17 15.72 6.63
C THR D 140 -33.72 14.34 6.34
N GLN D 141 -32.83 13.37 6.13
CA GLN D 141 -33.21 12.05 5.64
C GLN D 141 -33.43 11.11 6.82
N ARG D 142 -34.69 10.99 7.24
CA ARG D 142 -35.12 9.96 8.18
C ARG D 142 -34.35 9.99 9.49
N LYS D 143 -33.92 11.17 9.93
CA LYS D 143 -33.21 11.30 11.20
C LYS D 143 -33.69 12.53 11.94
N HIS D 144 -34.98 12.83 11.84
CA HIS D 144 -35.51 14.04 12.46
C HIS D 144 -35.44 14.00 13.97
N ARG D 145 -35.24 12.82 14.58
CA ARG D 145 -35.20 12.74 16.03
C ARG D 145 -34.09 11.82 16.52
N SER D 146 -33.03 11.62 15.73
CA SER D 146 -31.99 10.68 16.08
C SER D 146 -31.10 11.26 17.17
N PRO D 147 -30.40 10.39 17.92
CA PRO D 147 -29.43 10.91 18.89
C PRO D 147 -28.38 11.81 18.28
N GLY D 148 -27.86 11.43 17.12
CA GLY D 148 -26.76 12.14 16.52
C GLY D 148 -25.55 11.24 16.41
N SER D 149 -24.42 11.69 16.93
CA SER D 149 -23.22 10.88 17.03
C SER D 149 -23.13 10.30 18.44
N ILE D 150 -22.27 9.30 18.59
CA ILE D 150 -22.12 8.65 19.89
C ILE D 150 -20.65 8.44 20.24
N GLY D 151 -19.75 9.13 19.56
CA GLY D 151 -18.35 9.03 19.90
C GLY D 151 -17.47 9.49 18.76
N GLY D 152 -16.16 9.46 19.02
CA GLY D 152 -15.18 9.85 18.04
C GLY D 152 -14.69 8.69 17.19
N CYS D 153 -13.74 8.99 16.32
CA CYS D 153 -13.21 8.03 15.36
C CYS D 153 -12.24 7.08 16.05
N ALA D 154 -11.39 6.40 15.27
CA ALA D 154 -10.61 5.27 15.74
C ALA D 154 -10.06 5.44 17.15
N THR D 155 -9.76 6.68 17.55
CA THR D 155 -9.44 6.95 18.95
C THR D 155 -10.68 7.53 19.62
N PRO D 156 -11.29 6.86 20.61
CA PRO D 156 -10.90 5.59 21.23
C PRO D 156 -11.46 4.37 20.51
N GLY D 157 -12.23 4.59 19.44
CA GLY D 157 -12.89 3.48 18.78
C GLY D 157 -13.79 2.71 19.72
N ARG D 158 -14.53 3.42 20.56
CA ARG D 158 -15.36 2.79 21.58
C ARG D 158 -16.34 3.84 22.10
N VAL D 159 -17.56 3.40 22.37
CA VAL D 159 -18.57 4.29 22.94
C VAL D 159 -18.36 4.37 24.44
N PHE D 160 -18.18 5.58 24.95
CA PHE D 160 -17.91 5.76 26.37
C PHE D 160 -19.07 5.22 27.20
N LYS D 161 -18.73 4.60 28.31
CA LYS D 161 -19.73 4.14 29.26
C LYS D 161 -20.45 5.33 29.89
N GLY D 162 -21.73 5.14 30.17
CA GLY D 162 -22.53 6.21 30.70
C GLY D 162 -23.02 7.21 29.68
N LEU D 163 -22.82 6.95 28.39
CA LEU D 163 -23.35 7.84 27.37
C LEU D 163 -24.87 7.73 27.35
N ARG D 164 -25.53 8.80 26.90
CA ARG D 164 -26.97 8.93 27.04
C ARG D 164 -27.66 8.33 25.81
N MET D 165 -28.41 7.26 26.03
CA MET D 165 -29.20 6.56 25.03
C MET D 165 -30.69 6.64 25.39
N ALA D 166 -31.51 5.87 24.67
CA ALA D 166 -32.93 5.76 24.91
C ALA D 166 -33.21 4.44 25.63
N GLY D 167 -33.91 4.51 26.76
CA GLY D 167 -34.24 3.33 27.54
C GLY D 167 -35.51 3.57 28.32
N ARG D 168 -35.85 2.60 29.17
CA ARG D 168 -37.05 2.70 29.98
C ARG D 168 -36.97 3.88 30.93
N MET D 169 -37.92 4.80 30.81
CA MET D 169 -37.97 6.00 31.62
C MET D 169 -38.96 5.84 32.77
N GLY D 170 -38.74 6.61 33.82
CA GLY D 170 -39.68 6.69 34.91
C GLY D 170 -39.76 5.41 35.74
N ASN D 171 -40.78 5.39 36.60
CA ASN D 171 -41.07 4.25 37.46
C ASN D 171 -39.87 3.93 38.36
N GLU D 172 -39.13 4.95 38.75
CA GLU D 172 -38.00 4.80 39.66
C GLU D 172 -38.18 5.73 40.85
N ARG D 173 -37.48 5.40 41.94
CA ARG D 173 -37.59 6.15 43.17
C ARG D 173 -37.16 7.59 42.94
N VAL D 174 -37.91 8.54 43.49
CA VAL D 174 -37.60 9.96 43.36
C VAL D 174 -37.96 10.65 44.66
N THR D 175 -37.15 11.65 45.03
CA THR D 175 -37.31 12.36 46.29
C THR D 175 -37.30 13.86 46.01
N THR D 176 -38.48 14.47 46.05
CA THR D 176 -38.60 15.93 46.00
C THR D 176 -38.31 16.50 47.37
N GLN D 177 -37.64 17.66 47.41
CA GLN D 177 -37.08 18.18 48.64
C GLN D 177 -37.67 19.55 48.99
N ASN D 178 -37.68 19.83 50.29
CA ASN D 178 -38.13 21.12 50.84
C ASN D 178 -39.51 21.49 50.32
N LEU D 179 -40.39 20.50 50.22
CA LEU D 179 -41.79 20.78 50.00
C LEU D 179 -42.41 21.31 51.29
N THR D 180 -43.25 22.33 51.17
CA THR D 180 -43.83 22.97 52.35
C THR D 180 -45.13 22.28 52.74
N VAL D 181 -45.27 21.96 54.02
CA VAL D 181 -46.48 21.37 54.57
C VAL D 181 -47.44 22.52 54.90
N HIS D 182 -48.38 22.78 54.00
CA HIS D 182 -49.27 23.93 54.17
C HIS D 182 -50.17 23.75 55.39
N ALA D 183 -50.98 22.71 55.39
CA ALA D 183 -51.95 22.48 56.45
C ALA D 183 -51.95 21.02 56.84
N VAL D 184 -52.30 20.75 58.10
CA VAL D 184 -52.36 19.39 58.64
C VAL D 184 -53.75 19.24 59.26
N ASP D 185 -54.67 18.66 58.50
CA ASP D 185 -56.04 18.47 58.96
C ASP D 185 -56.08 17.17 59.77
N ALA D 186 -56.00 17.30 61.10
CA ALA D 186 -55.84 16.16 61.97
C ALA D 186 -57.09 15.30 62.10
N GLU D 187 -58.24 15.77 61.61
CA GLU D 187 -59.46 14.97 61.69
C GLU D 187 -59.41 13.80 60.72
N LYS D 188 -59.29 14.11 59.42
CA LYS D 188 -59.14 13.05 58.43
C LYS D 188 -57.74 12.46 58.44
N GLY D 189 -56.75 13.20 58.90
CA GLY D 189 -55.38 12.73 58.86
C GLY D 189 -54.74 13.00 57.52
N LEU D 190 -54.86 14.24 57.04
CA LEU D 190 -54.36 14.65 55.75
C LEU D 190 -53.12 15.53 55.91
N LEU D 191 -52.51 15.85 54.78
CA LEU D 191 -51.39 16.80 54.76
C LEU D 191 -51.48 17.57 53.45
N LEU D 192 -51.73 18.87 53.54
CA LEU D 192 -51.77 19.73 52.38
C LEU D 192 -50.36 20.25 52.15
N ILE D 193 -49.70 19.75 51.10
CA ILE D 193 -48.30 20.04 50.82
C ILE D 193 -48.23 20.88 49.55
N LYS D 194 -47.56 22.03 49.65
CA LYS D 194 -47.45 22.94 48.51
C LYS D 194 -46.48 22.36 47.49
N GLY D 195 -47.00 21.91 46.35
CA GLY D 195 -46.14 21.46 45.27
C GLY D 195 -46.68 20.31 44.47
N ALA D 196 -45.83 19.31 44.21
CA ALA D 196 -46.21 18.17 43.38
C ALA D 196 -45.32 17.00 43.80
N VAL D 197 -45.89 16.08 44.58
CA VAL D 197 -45.16 14.92 45.07
C VAL D 197 -45.02 13.91 43.95
N PRO D 198 -44.00 13.05 43.94
CA PRO D 198 -43.84 12.11 42.84
C PRO D 198 -44.84 10.98 42.88
N GLY D 199 -45.09 10.40 41.71
CA GLY D 199 -45.90 9.22 41.61
C GLY D 199 -47.34 9.52 41.24
N PRO D 200 -48.04 8.53 40.73
CA PRO D 200 -49.44 8.73 40.32
C PRO D 200 -50.38 8.73 41.51
N ASN D 201 -51.63 9.08 41.24
CA ASN D 201 -52.65 9.10 42.28
C ASN D 201 -52.83 7.70 42.85
N GLY D 202 -52.80 7.60 44.18
CA GLY D 202 -52.90 6.32 44.85
C GLY D 202 -51.57 5.70 45.21
N GLY D 203 -50.46 6.31 44.82
CA GLY D 203 -49.16 5.75 45.12
C GLY D 203 -48.83 5.84 46.60
N LEU D 204 -47.73 5.21 46.97
CA LEU D 204 -47.30 5.13 48.37
C LEU D 204 -46.13 6.11 48.55
N VAL D 205 -46.43 7.30 49.03
CA VAL D 205 -45.41 8.31 49.27
C VAL D 205 -44.87 8.15 50.68
N LEU D 206 -43.67 8.65 50.90
CA LEU D 206 -43.06 8.76 52.21
C LEU D 206 -42.72 10.22 52.49
N VAL D 207 -43.01 10.68 53.70
CA VAL D 207 -42.81 12.07 54.08
C VAL D 207 -41.96 12.07 55.34
N ARG D 208 -40.75 12.61 55.24
CA ARG D 208 -39.87 12.73 56.39
C ARG D 208 -39.35 14.16 56.47
N THR D 209 -38.83 14.53 57.64
CA THR D 209 -38.43 15.90 57.87
C THR D 209 -37.30 16.29 56.92
N ALA D 210 -37.14 17.61 56.75
CA ALA D 210 -36.12 18.15 55.87
C ALA D 210 -34.76 17.55 56.18
N ALA D 211 -34.18 16.85 55.21
CA ALA D 211 -32.81 16.38 55.37
C ALA D 211 -31.84 17.56 55.45
N LYS D 212 -32.06 18.57 54.61
CA LYS D 212 -31.23 19.77 54.61
C LYS D 212 -31.70 20.72 55.71
N GLY D 213 -31.01 21.85 55.81
CA GLY D 213 -31.43 22.91 56.71
C GLY D 213 -31.78 22.41 58.09
N ALA D 214 -30.78 21.98 58.85
CA ALA D 214 -31.00 21.48 60.20
C ALA D 214 -29.76 21.68 61.06
N SER E 2 28.80 -76.17 -30.63
CA SER E 2 28.23 -77.37 -30.05
C SER E 2 27.25 -78.02 -31.02
N THR E 3 27.09 -79.34 -30.89
CA THR E 3 26.24 -80.11 -31.77
C THR E 3 24.92 -80.45 -31.08
N ILE E 4 23.85 -80.46 -31.85
CA ILE E 4 22.52 -80.79 -31.36
C ILE E 4 21.88 -81.79 -32.31
N ASP E 5 21.05 -82.66 -31.75
CA ASP E 5 20.45 -83.73 -32.52
C ASP E 5 19.19 -83.26 -33.25
N ILE E 6 19.05 -83.66 -34.50
CA ILE E 6 17.80 -83.48 -35.22
C ILE E 6 16.82 -84.55 -34.79
N LEU E 7 15.56 -84.17 -34.61
CA LEU E 7 14.49 -85.10 -34.30
C LEU E 7 13.59 -85.25 -35.51
N SER E 8 13.27 -86.50 -35.85
CA SER E 8 12.32 -86.76 -36.91
C SER E 8 10.91 -86.43 -36.41
N PRO E 9 9.95 -86.27 -37.32
CA PRO E 9 8.60 -85.89 -36.89
C PRO E 9 8.04 -86.79 -35.80
N ALA E 10 8.48 -88.04 -35.73
CA ALA E 10 8.03 -88.94 -34.68
C ALA E 10 8.78 -88.76 -33.36
N GLY E 11 9.87 -87.99 -33.37
CA GLY E 11 10.68 -87.79 -32.18
C GLY E 11 11.97 -88.58 -32.14
N ASP E 12 12.30 -89.30 -33.20
CA ASP E 12 13.53 -90.07 -33.26
C ASP E 12 14.66 -89.22 -33.82
N LYS E 13 15.89 -89.60 -33.50
CA LYS E 13 17.06 -88.91 -34.02
C LYS E 13 17.18 -89.12 -35.53
N ALA E 14 17.50 -88.04 -36.25
CA ALA E 14 17.63 -88.09 -37.70
C ALA E 14 18.93 -87.44 -38.17
N GLY E 15 19.91 -87.28 -37.30
CA GLY E 15 21.19 -86.71 -37.64
C GLY E 15 21.63 -85.69 -36.61
N THR E 16 22.63 -84.90 -36.97
CA THR E 16 23.20 -83.90 -36.08
C THR E 16 23.54 -82.65 -36.89
N VAL E 17 23.52 -81.50 -36.21
CA VAL E 17 23.88 -80.23 -36.81
C VAL E 17 24.79 -79.46 -35.87
N GLU E 18 25.69 -78.68 -36.46
CA GLU E 18 26.63 -77.86 -35.70
C GLU E 18 26.08 -76.44 -35.57
N LEU E 19 26.00 -75.95 -34.34
CA LEU E 19 25.52 -74.60 -34.10
C LEU E 19 26.63 -73.61 -34.44
N PRO E 20 26.45 -72.73 -35.42
CA PRO E 20 27.51 -71.75 -35.72
C PRO E 20 27.82 -70.89 -34.50
N SER E 21 29.11 -70.87 -34.13
CA SER E 21 29.50 -70.17 -32.91
C SER E 21 29.22 -68.68 -33.00
N GLU E 22 29.39 -68.10 -34.20
CA GLU E 22 29.18 -66.66 -34.34
C GLU E 22 27.73 -66.26 -34.10
N ILE E 23 26.79 -67.16 -34.34
CA ILE E 23 25.37 -66.89 -34.10
C ILE E 23 24.92 -67.39 -32.74
N PHE E 24 25.27 -68.63 -32.39
CA PHE E 24 24.78 -69.26 -31.18
C PHE E 24 25.79 -69.29 -30.05
N ASP E 25 26.93 -68.60 -30.20
CA ASP E 25 27.87 -68.45 -29.10
C ASP E 25 28.42 -67.03 -29.05
N ALA E 26 27.57 -66.05 -29.33
CA ALA E 26 27.96 -64.65 -29.21
C ALA E 26 27.70 -64.15 -27.79
N LYS E 27 28.39 -63.07 -27.44
CA LYS E 27 28.28 -62.55 -26.08
C LYS E 27 26.90 -61.98 -25.84
N THR E 28 26.36 -62.22 -24.65
CA THR E 28 25.04 -61.73 -24.26
C THR E 28 25.24 -60.51 -23.37
N SER E 29 24.92 -59.34 -23.91
CA SER E 29 25.03 -58.08 -23.18
C SER E 29 23.63 -57.66 -22.75
N VAL E 30 23.36 -57.74 -21.45
CA VAL E 30 22.02 -57.42 -20.96
C VAL E 30 21.63 -56.00 -21.34
N PRO E 31 22.46 -54.97 -21.15
CA PRO E 31 22.05 -53.63 -21.57
C PRO E 31 21.70 -53.53 -23.04
N LEU E 32 22.45 -54.22 -23.91
CA LEU E 32 22.14 -54.18 -25.33
C LEU E 32 20.82 -54.88 -25.63
N ILE E 33 20.62 -56.07 -25.05
CA ILE E 33 19.35 -56.77 -25.24
C ILE E 33 18.20 -55.93 -24.68
N HIS E 34 18.42 -55.27 -23.55
CA HIS E 34 17.36 -54.48 -22.94
C HIS E 34 16.89 -53.37 -23.86
N GLN E 35 17.82 -52.64 -24.47
CA GLN E 35 17.44 -51.54 -25.34
C GLN E 35 16.63 -52.03 -26.53
N VAL E 36 17.09 -53.10 -27.18
CA VAL E 36 16.42 -53.57 -28.38
C VAL E 36 15.02 -54.06 -28.04
N VAL E 37 14.87 -54.80 -26.94
CA VAL E 37 13.56 -55.30 -26.55
C VAL E 37 12.61 -54.17 -26.20
N VAL E 38 13.09 -53.18 -25.43
CA VAL E 38 12.25 -52.03 -25.10
C VAL E 38 11.88 -51.27 -26.36
N ALA E 39 12.81 -51.19 -27.32
CA ALA E 39 12.49 -50.56 -28.60
C ALA E 39 11.40 -51.34 -29.33
N GLN E 40 11.46 -52.67 -29.29
CA GLN E 40 10.43 -53.47 -29.95
C GLN E 40 9.06 -53.17 -29.37
N LEU E 41 8.92 -53.26 -28.05
CA LEU E 41 7.61 -53.07 -27.44
C LEU E 41 7.08 -51.66 -27.69
N ALA E 42 7.98 -50.67 -27.68
CA ALA E 42 7.55 -49.30 -27.97
C ALA E 42 7.04 -49.17 -29.40
N ALA E 43 7.74 -49.78 -30.36
CA ALA E 43 7.31 -49.70 -31.75
C ALA E 43 6.00 -50.42 -31.99
N ALA E 44 5.61 -51.34 -31.12
CA ALA E 44 4.31 -52.01 -31.24
C ALA E 44 3.16 -51.14 -30.79
N ARG E 45 3.42 -50.00 -30.16
CA ARG E 45 2.36 -49.16 -29.62
C ARG E 45 1.63 -48.47 -30.77
N GLN E 46 0.31 -48.54 -30.76
CA GLN E 46 -0.44 -47.92 -31.85
C GLN E 46 -0.44 -46.41 -31.74
N GLY E 47 -0.57 -45.89 -30.52
CA GLY E 47 -0.40 -44.47 -30.28
C GLY E 47 -1.53 -43.60 -30.79
N THR E 48 -2.68 -44.18 -31.12
CA THR E 48 -3.84 -43.43 -31.59
C THR E 48 -4.66 -43.00 -30.39
N HIS E 49 -4.50 -41.74 -30.00
CA HIS E 49 -5.13 -41.21 -28.80
C HIS E 49 -4.98 -39.70 -28.80
N LYS E 50 -6.08 -38.98 -28.58
CA LYS E 50 -6.08 -37.54 -28.73
C LYS E 50 -7.16 -36.93 -27.86
N THR E 51 -6.95 -35.67 -27.49
CA THR E 51 -7.93 -34.89 -26.75
C THR E 51 -8.04 -33.51 -27.37
N LYS E 52 -9.04 -32.75 -26.92
CA LYS E 52 -9.38 -31.45 -27.49
C LYS E 52 -8.92 -30.35 -26.55
N THR E 53 -8.05 -29.47 -27.05
CA THR E 53 -7.59 -28.31 -26.30
C THR E 53 -8.59 -27.17 -26.43
N ARG E 54 -8.36 -26.11 -25.65
CA ARG E 54 -9.33 -25.02 -25.60
C ARG E 54 -9.57 -24.38 -26.96
N GLY E 55 -8.72 -24.64 -27.95
CA GLY E 55 -8.97 -24.15 -29.28
C GLY E 55 -9.95 -24.98 -30.08
N GLU E 56 -10.00 -26.30 -29.82
CA GLU E 56 -10.85 -27.19 -30.60
C GLU E 56 -12.18 -27.50 -29.94
N VAL E 57 -12.33 -27.23 -28.64
CA VAL E 57 -13.61 -27.42 -28.00
C VAL E 57 -14.64 -26.52 -28.68
N ARG E 58 -15.87 -27.02 -28.81
CA ARG E 58 -16.87 -26.33 -29.61
C ARG E 58 -17.47 -25.21 -28.77
N GLY E 59 -17.38 -23.98 -29.28
CA GLY E 59 -17.89 -22.82 -28.58
C GLY E 59 -16.81 -22.07 -27.84
N GLY E 60 -17.26 -21.20 -26.94
CA GLY E 60 -16.34 -20.46 -26.10
C GLY E 60 -15.63 -19.32 -26.80
N GLY E 61 -16.09 -18.91 -27.97
CA GLY E 61 -15.46 -17.80 -28.67
C GLY E 61 -15.73 -16.45 -28.05
N LYS E 62 -16.75 -16.36 -27.21
CA LYS E 62 -17.14 -15.11 -26.58
C LYS E 62 -16.45 -14.94 -25.24
N LYS E 63 -16.22 -13.69 -24.87
CA LYS E 63 -15.81 -13.37 -23.50
C LYS E 63 -17.04 -13.42 -22.59
N PRO E 64 -17.06 -14.26 -21.55
CA PRO E 64 -18.33 -14.51 -20.86
C PRO E 64 -19.03 -13.27 -20.35
N TYR E 65 -18.30 -12.27 -19.87
CA TYR E 65 -18.89 -11.04 -19.37
C TYR E 65 -17.81 -9.98 -19.33
N ARG E 66 -18.14 -8.83 -18.73
CA ARG E 66 -17.18 -7.74 -18.62
C ARG E 66 -16.03 -8.09 -17.69
N GLY E 69 -16.35 -4.64 -13.43
CA GLY E 69 -16.92 -4.36 -12.12
C GLY E 69 -17.97 -5.37 -11.72
N THR E 70 -17.90 -6.56 -12.30
CA THR E 70 -18.89 -7.60 -12.02
C THR E 70 -18.70 -8.25 -10.66
N GLY E 71 -17.50 -8.18 -10.09
CA GLY E 71 -17.23 -8.80 -8.82
C GLY E 71 -16.87 -10.27 -8.86
N ARG E 72 -16.79 -10.87 -10.05
CA ARG E 72 -16.40 -12.26 -10.22
C ARG E 72 -14.97 -12.31 -10.74
N ALA E 73 -14.50 -13.53 -11.01
CA ALA E 73 -13.18 -13.70 -11.61
C ALA E 73 -13.19 -13.22 -13.06
N ARG E 74 -12.01 -12.88 -13.56
CA ARG E 74 -11.86 -12.52 -14.96
C ARG E 74 -11.73 -13.78 -15.79
N GLN E 75 -12.55 -13.91 -16.83
CA GLN E 75 -12.54 -15.08 -17.70
C GLN E 75 -12.54 -14.64 -19.15
N GLY E 76 -11.74 -15.32 -19.96
CA GLY E 76 -11.62 -14.99 -21.36
C GLY E 76 -12.44 -15.90 -22.26
N SER E 77 -12.89 -17.04 -21.72
CA SER E 77 -13.71 -17.95 -22.49
C SER E 77 -14.24 -19.02 -21.56
N THR E 78 -15.43 -19.52 -21.89
CA THR E 78 -16.05 -20.60 -21.12
C THR E 78 -15.37 -21.93 -21.32
N ARG E 79 -14.46 -22.05 -22.29
CA ARG E 79 -13.74 -23.29 -22.55
C ARG E 79 -12.28 -23.19 -22.13
N ALA E 80 -11.99 -22.40 -21.11
CA ALA E 80 -10.64 -22.32 -20.57
C ALA E 80 -10.31 -23.61 -19.82
N PRO E 81 -9.02 -23.89 -19.60
CA PRO E 81 -8.66 -25.16 -18.97
C PRO E 81 -9.31 -25.38 -17.62
N GLN E 82 -9.45 -24.34 -16.81
CA GLN E 82 -9.96 -24.49 -15.46
C GLN E 82 -11.46 -24.70 -15.41
N PHE E 83 -12.18 -24.38 -16.47
CA PHE E 83 -13.62 -24.56 -16.49
C PHE E 83 -13.99 -26.03 -16.61
N ALA E 84 -15.10 -26.41 -15.99
CA ALA E 84 -15.67 -27.73 -16.25
C ALA E 84 -16.13 -27.80 -17.69
N GLY E 85 -15.73 -28.86 -18.38
CA GLY E 85 -16.01 -28.98 -19.79
C GLY E 85 -15.11 -28.16 -20.68
N GLY E 86 -14.11 -27.50 -20.13
CA GLY E 86 -13.16 -26.75 -20.92
C GLY E 86 -12.11 -27.64 -21.54
N GLY E 87 -11.20 -27.01 -22.26
CA GLY E 87 -10.19 -27.76 -22.97
C GLY E 87 -9.17 -28.39 -22.05
N VAL E 88 -8.42 -29.33 -22.60
CA VAL E 88 -7.38 -30.05 -21.89
C VAL E 88 -6.05 -29.38 -22.20
N VAL E 89 -5.23 -29.21 -21.17
CA VAL E 89 -3.93 -28.53 -21.31
C VAL E 89 -2.83 -29.58 -21.20
N HIS E 90 -1.91 -29.56 -22.17
CA HIS E 90 -0.84 -30.54 -22.27
C HIS E 90 -1.39 -31.97 -22.23
N GLY E 91 -2.46 -32.20 -22.99
CA GLY E 91 -3.00 -33.52 -23.12
C GLY E 91 -2.25 -34.33 -24.16
N PRO E 92 -2.68 -35.57 -24.33
CA PRO E 92 -2.04 -36.44 -25.31
C PRO E 92 -2.38 -36.04 -26.74
N VAL E 93 -1.51 -36.44 -27.66
CA VAL E 93 -1.73 -36.27 -29.09
C VAL E 93 -1.25 -37.52 -29.82
N PRO E 94 -1.76 -37.76 -31.02
CA PRO E 94 -1.26 -38.91 -31.79
C PRO E 94 0.23 -38.77 -32.02
N ARG E 95 0.96 -39.88 -31.85
CA ARG E 95 2.39 -39.87 -32.09
C ARG E 95 2.88 -41.29 -32.30
N ASP E 96 3.91 -41.42 -33.13
CA ASP E 96 4.57 -42.69 -33.36
C ASP E 96 5.65 -42.89 -32.31
N TYR E 97 5.68 -44.08 -31.72
CA TYR E 97 6.62 -44.39 -30.64
C TYR E 97 7.80 -45.22 -31.12
N SER E 98 7.92 -45.48 -32.42
CA SER E 98 9.01 -46.30 -32.91
C SER E 98 10.34 -45.59 -32.69
N GLN E 99 11.40 -46.37 -32.55
CA GLN E 99 12.72 -45.87 -32.29
C GLN E 99 13.67 -46.34 -33.38
N ARG E 100 14.62 -45.49 -33.75
CA ARG E 100 15.65 -45.84 -34.72
C ARG E 100 16.79 -46.50 -33.94
N THR E 101 16.90 -47.81 -34.05
CA THR E 101 18.01 -48.51 -33.40
C THR E 101 19.01 -48.96 -34.46
N PRO E 102 20.31 -48.82 -34.22
CA PRO E 102 21.29 -49.22 -35.23
C PRO E 102 21.11 -50.68 -35.64
N LYS E 103 21.40 -50.96 -36.90
CA LYS E 103 21.26 -52.33 -37.40
C LYS E 103 22.13 -53.29 -36.62
N LYS E 104 23.37 -52.91 -36.33
CA LYS E 104 24.29 -53.83 -35.65
C LYS E 104 23.80 -54.16 -34.25
N MET E 105 23.22 -53.20 -33.55
CA MET E 105 22.70 -53.49 -32.22
C MET E 105 21.55 -54.50 -32.29
N LYS E 106 20.65 -54.35 -33.27
CA LYS E 106 19.56 -55.32 -33.41
C LYS E 106 20.11 -56.72 -33.66
N ALA E 107 20.98 -56.86 -34.66
CA ALA E 107 21.50 -58.18 -35.00
C ALA E 107 22.27 -58.78 -33.83
N ALA E 108 23.08 -57.97 -33.14
CA ALA E 108 23.84 -58.48 -32.02
C ALA E 108 22.92 -58.96 -30.91
N ALA E 109 21.83 -58.24 -30.65
CA ALA E 109 20.92 -58.65 -29.59
C ALA E 109 20.27 -59.99 -29.89
N LEU E 110 19.85 -60.20 -31.14
CA LEU E 110 19.27 -61.49 -31.51
C LEU E 110 20.29 -62.60 -31.34
N ARG E 111 21.55 -62.35 -31.74
CA ARG E 111 22.60 -63.34 -31.53
C ARG E 111 22.77 -63.63 -30.05
N GLY E 112 22.75 -62.60 -29.21
CA GLY E 112 22.88 -62.82 -27.78
C GLY E 112 21.73 -63.63 -27.22
N ALA E 113 20.50 -63.31 -27.64
CA ALA E 113 19.34 -64.05 -27.14
C ALA E 113 19.40 -65.52 -27.56
N LEU E 114 19.70 -65.77 -28.83
CA LEU E 114 19.81 -67.15 -29.30
C LEU E 114 20.98 -67.86 -28.65
N SER E 115 22.11 -67.17 -28.47
CA SER E 115 23.24 -67.78 -27.80
C SER E 115 22.91 -68.14 -26.37
N ASP E 116 22.17 -67.27 -25.67
CA ASP E 116 21.78 -67.58 -24.30
C ASP E 116 20.94 -68.84 -24.24
N ARG E 117 19.99 -68.98 -25.16
CA ARG E 117 19.17 -70.18 -25.19
C ARG E 117 20.02 -71.41 -25.50
N ALA E 118 20.96 -71.28 -26.43
CA ALA E 118 21.80 -72.42 -26.78
C ALA E 118 22.64 -72.86 -25.59
N ARG E 119 23.21 -71.90 -24.85
CA ARG E 119 24.08 -72.25 -23.74
C ARG E 119 23.34 -73.09 -22.71
N HIS E 120 22.04 -72.85 -22.54
CA HIS E 120 21.21 -73.65 -21.65
C HIS E 120 20.59 -74.85 -22.35
N SER E 121 20.97 -75.10 -23.61
CA SER E 121 20.52 -76.29 -24.34
C SER E 121 19.01 -76.27 -24.56
N ARG E 122 18.52 -75.17 -25.12
CA ARG E 122 17.11 -75.00 -25.40
C ARG E 122 16.84 -74.69 -26.87
N ILE E 123 17.79 -74.99 -27.74
CA ILE E 123 17.56 -74.97 -29.19
C ILE E 123 17.38 -76.41 -29.67
N HIS E 124 16.36 -76.61 -30.50
CA HIS E 124 16.05 -77.92 -31.04
C HIS E 124 15.74 -77.77 -32.53
N VAL E 125 15.94 -78.85 -33.26
CA VAL E 125 15.72 -78.86 -34.70
C VAL E 125 14.93 -80.11 -35.07
N VAL E 126 14.04 -79.99 -36.05
CA VAL E 126 13.25 -81.11 -36.52
C VAL E 126 13.22 -81.09 -38.04
N THR E 127 13.21 -82.27 -38.64
CA THR E 127 13.09 -82.35 -40.11
C THR E 127 11.72 -81.92 -40.57
N GLY E 128 10.72 -82.01 -39.69
CA GLY E 128 9.38 -81.55 -40.01
C GLY E 128 8.57 -81.50 -38.74
N VAL E 129 7.38 -80.91 -38.84
CA VAL E 129 6.44 -80.86 -37.74
C VAL E 129 5.39 -81.96 -37.84
N VAL E 130 4.81 -82.13 -39.03
CA VAL E 130 3.86 -83.19 -39.29
C VAL E 130 4.17 -83.80 -40.64
N GLU E 131 4.07 -85.11 -40.73
CA GLU E 131 4.25 -85.82 -41.99
C GLU E 131 2.89 -86.04 -42.64
N GLY E 132 2.72 -85.54 -43.86
CA GLY E 132 1.48 -85.71 -44.58
C GLY E 132 0.39 -84.75 -44.16
N GLU E 133 -0.65 -85.27 -43.53
CA GLU E 133 -1.87 -84.50 -43.31
C GLU E 133 -1.68 -83.51 -42.17
N ILE E 134 -2.44 -82.42 -42.24
CA ILE E 134 -2.43 -81.41 -41.18
C ILE E 134 -3.14 -81.96 -39.96
N SER E 135 -2.49 -81.91 -38.80
CA SER E 135 -3.05 -82.48 -37.59
C SER E 135 -2.49 -81.72 -36.39
N THR E 136 -3.36 -80.98 -35.69
CA THR E 136 -2.93 -80.33 -34.46
C THR E 136 -2.52 -81.36 -33.41
N LYS E 137 -3.02 -82.59 -33.53
CA LYS E 137 -2.64 -83.63 -32.58
C LYS E 137 -1.20 -84.08 -32.79
N ALA E 138 -0.81 -84.27 -34.05
CA ALA E 138 0.56 -84.70 -34.34
C ALA E 138 1.55 -83.67 -33.83
N ALA E 139 1.30 -82.39 -34.11
CA ALA E 139 2.16 -81.34 -33.60
C ALA E 139 2.18 -81.33 -32.08
N LYS E 140 1.02 -81.52 -31.46
CA LYS E 140 0.96 -81.53 -30.00
C LYS E 140 1.80 -82.65 -29.43
N THR E 141 1.73 -83.84 -30.01
CA THR E 141 2.54 -84.95 -29.53
C THR E 141 4.02 -84.69 -29.72
N LEU E 142 4.41 -84.16 -30.89
CA LEU E 142 5.81 -83.87 -31.15
C LEU E 142 6.36 -82.88 -30.11
N PHE E 143 5.65 -81.77 -29.88
CA PHE E 143 6.15 -80.78 -28.95
C PHE E 143 6.15 -81.30 -27.52
N GLY E 144 5.24 -82.22 -27.19
CA GLY E 144 5.29 -82.83 -25.88
C GLY E 144 6.57 -83.63 -25.67
N LYS E 145 7.01 -84.33 -26.72
CA LYS E 145 8.25 -85.08 -26.64
C LYS E 145 9.45 -84.16 -26.46
N ILE E 146 9.45 -83.03 -27.17
CA ILE E 146 10.59 -82.12 -27.13
C ILE E 146 10.70 -81.46 -25.75
N SER E 147 9.61 -80.87 -25.27
CA SER E 147 9.65 -80.09 -24.05
C SER E 147 8.26 -80.00 -23.43
N GLU E 148 8.22 -79.95 -22.10
CA GLU E 148 6.99 -79.78 -21.35
C GLU E 148 6.87 -78.37 -20.77
N ARG E 149 7.72 -77.45 -21.21
CA ARG E 149 7.75 -76.10 -20.68
C ARG E 149 6.67 -75.25 -21.33
N LYS E 150 6.37 -74.11 -20.70
CA LYS E 150 5.16 -73.38 -21.07
C LYS E 150 5.29 -72.70 -22.43
N ASN E 151 6.40 -72.03 -22.70
CA ASN E 151 6.52 -71.17 -23.87
C ASN E 151 7.45 -71.81 -24.90
N LEU E 152 6.97 -71.97 -26.12
CA LEU E 152 7.71 -72.61 -27.20
C LEU E 152 7.63 -71.73 -28.43
N LEU E 153 8.73 -71.65 -29.19
CA LEU E 153 8.80 -70.83 -30.38
C LEU E 153 9.18 -71.72 -31.56
N LEU E 154 8.34 -71.69 -32.60
CA LEU E 154 8.51 -72.56 -33.76
C LEU E 154 8.90 -71.72 -34.97
N VAL E 155 10.11 -71.92 -35.49
CA VAL E 155 10.62 -71.19 -36.64
C VAL E 155 10.51 -72.10 -37.85
N VAL E 156 9.71 -71.68 -38.83
CA VAL E 156 9.47 -72.48 -40.03
C VAL E 156 9.19 -71.55 -41.20
N GLU E 157 9.62 -71.97 -42.39
CA GLU E 157 9.37 -71.17 -43.58
C GLU E 157 7.88 -71.01 -43.82
N ARG E 158 7.49 -69.87 -44.37
CA ARG E 158 6.07 -69.64 -44.60
C ARG E 158 5.52 -70.48 -45.73
N SER E 159 6.38 -71.07 -46.57
CA SER E 159 5.92 -71.95 -47.64
C SER E 159 5.54 -73.34 -47.14
N ASP E 160 5.79 -73.65 -45.87
CA ASP E 160 5.46 -74.95 -45.30
C ASP E 160 4.14 -74.81 -44.53
N GLU E 161 3.03 -74.88 -45.27
CA GLU E 161 1.72 -74.71 -44.66
C GLU E 161 1.45 -75.78 -43.62
N ALA E 162 1.95 -77.00 -43.82
CA ALA E 162 1.66 -78.09 -42.91
C ALA E 162 2.02 -77.72 -41.48
N ALA E 163 3.22 -77.20 -41.28
CA ALA E 163 3.67 -76.84 -39.94
C ALA E 163 2.89 -75.67 -39.37
N TRP E 164 2.65 -74.64 -40.20
CA TRP E 164 1.93 -73.47 -39.71
C TRP E 164 0.52 -73.85 -39.26
N LEU E 165 -0.23 -74.53 -40.15
CA LEU E 165 -1.62 -74.85 -39.85
C LEU E 165 -1.73 -75.83 -38.70
N SER E 166 -0.79 -76.78 -38.62
CA SER E 166 -0.85 -77.79 -37.57
C SER E 166 -0.60 -77.18 -36.20
N ALA E 167 0.36 -76.26 -36.09
CA ALA E 167 0.83 -75.80 -34.79
C ALA E 167 0.23 -74.47 -34.37
N ARG E 168 -0.40 -73.72 -35.27
CA ARG E 168 -0.81 -72.37 -34.93
C ARG E 168 -1.85 -72.35 -33.81
N ASN E 169 -2.69 -73.38 -33.72
CA ASN E 169 -3.74 -73.38 -32.72
C ASN E 169 -3.26 -73.75 -31.32
N LEU E 170 -2.09 -74.33 -31.17
CA LEU E 170 -1.64 -74.74 -29.85
C LEU E 170 -1.47 -73.48 -28.99
N PRO E 171 -1.98 -73.47 -27.76
CA PRO E 171 -1.97 -72.22 -27.00
C PRO E 171 -0.58 -71.66 -26.78
N GLN E 172 0.41 -72.52 -26.60
CA GLN E 172 1.70 -72.15 -26.07
C GLN E 172 2.75 -71.91 -27.15
N VAL E 173 2.41 -72.09 -28.42
CA VAL E 173 3.40 -72.11 -29.50
C VAL E 173 3.26 -70.84 -30.31
N HIS E 174 4.38 -70.15 -30.52
CA HIS E 174 4.43 -68.93 -31.30
C HIS E 174 5.30 -69.18 -32.53
N ILE E 175 4.76 -68.87 -33.71
CA ILE E 175 5.35 -69.28 -34.98
C ILE E 175 5.96 -68.07 -35.66
N LEU E 176 7.09 -68.29 -36.35
CA LEU E 176 7.80 -67.22 -37.03
C LEU E 176 8.44 -67.76 -38.30
N GLU E 177 8.68 -66.86 -39.24
CA GLU E 177 9.53 -67.15 -40.38
C GLU E 177 10.99 -67.06 -39.96
N PRO E 178 11.89 -67.74 -40.67
CA PRO E 178 13.31 -67.56 -40.37
C PRO E 178 13.75 -66.11 -40.51
N GLY E 179 13.23 -65.40 -41.51
CA GLY E 179 13.67 -64.04 -41.77
C GLY E 179 13.18 -63.03 -40.77
N GLN E 180 12.07 -63.31 -40.08
CA GLN E 180 11.51 -62.39 -39.09
C GLN E 180 11.69 -62.88 -37.67
N LEU E 181 12.61 -63.82 -37.45
CA LEU E 181 13.02 -64.12 -36.10
C LEU E 181 13.52 -62.85 -35.44
N ASN E 182 13.01 -62.56 -34.25
CA ASN E 182 13.23 -61.28 -33.60
C ASN E 182 13.50 -61.50 -32.12
N THR E 183 14.12 -60.50 -31.50
CA THR E 183 14.63 -60.68 -30.14
C THR E 183 13.51 -60.94 -29.15
N TYR E 184 12.41 -60.21 -29.26
CA TYR E 184 11.35 -60.31 -28.25
C TYR E 184 10.80 -61.73 -28.18
N ASP E 185 10.53 -62.33 -29.33
CA ASP E 185 9.97 -63.68 -29.35
C ASP E 185 10.95 -64.69 -28.76
N VAL E 186 12.24 -64.54 -29.05
CA VAL E 186 13.22 -65.49 -28.54
C VAL E 186 13.25 -65.46 -27.02
N LEU E 187 13.27 -64.27 -26.43
CA LEU E 187 13.40 -64.18 -24.98
C LEU E 187 12.15 -64.68 -24.27
N VAL E 188 10.97 -64.41 -24.81
CA VAL E 188 9.75 -64.85 -24.17
C VAL E 188 9.69 -66.36 -24.13
N SER E 189 10.14 -67.02 -25.18
CA SER E 189 9.95 -68.45 -25.37
C SER E 189 10.99 -69.25 -24.60
N ASP E 190 10.53 -70.31 -23.93
CA ASP E 190 11.44 -71.16 -23.18
C ASP E 190 12.32 -71.98 -24.10
N ASP E 191 11.76 -72.51 -25.19
CA ASP E 191 12.50 -73.32 -26.14
C ASP E 191 12.28 -72.79 -27.54
N VAL E 192 13.26 -73.03 -28.41
CA VAL E 192 13.18 -72.65 -29.81
C VAL E 192 13.33 -73.91 -30.65
N VAL E 193 12.41 -74.10 -31.60
CA VAL E 193 12.40 -75.29 -32.44
C VAL E 193 12.46 -74.82 -33.89
N PHE E 194 13.50 -75.24 -34.60
CA PHE E 194 13.68 -74.92 -36.01
C PHE E 194 13.31 -76.13 -36.86
N THR E 195 12.72 -75.88 -38.02
CA THR E 195 12.69 -76.89 -39.06
C THR E 195 14.00 -76.83 -39.84
N LYS E 196 14.50 -78.00 -40.24
CA LYS E 196 15.82 -78.05 -40.86
C LYS E 196 15.93 -77.06 -42.01
N ALA E 197 14.87 -76.93 -42.80
CA ALA E 197 14.86 -75.92 -43.85
C ALA E 197 14.99 -74.53 -43.26
N ALA E 198 14.27 -74.27 -42.15
CA ALA E 198 14.36 -72.98 -41.50
C ALA E 198 15.77 -72.74 -40.96
N PHE E 199 16.36 -73.75 -40.32
CA PHE E 199 17.66 -73.56 -39.69
C PHE E 199 18.72 -73.17 -40.72
N GLU E 200 18.75 -73.88 -41.85
CA GLU E 200 19.73 -73.54 -42.87
C GLU E 200 19.45 -72.17 -43.48
N SER E 201 18.18 -71.84 -43.68
CA SER E 201 17.83 -70.53 -44.21
C SER E 201 18.31 -69.42 -43.28
N PHE E 202 18.13 -69.60 -41.97
CA PHE E 202 18.55 -68.58 -41.02
C PHE E 202 20.07 -68.43 -40.99
N VAL E 203 20.79 -69.55 -40.86
CA VAL E 203 22.23 -69.48 -40.68
C VAL E 203 22.90 -68.88 -41.92
N SER E 204 22.47 -69.28 -43.11
CA SER E 204 23.09 -68.80 -44.34
C SER E 204 23.10 -67.27 -44.37
N THR F 5 97.80 50.46 -35.54
CA THR F 5 98.05 51.70 -34.82
C THR F 5 97.24 51.76 -33.53
N THR F 6 97.92 51.63 -32.40
CA THR F 6 97.25 51.68 -31.12
C THR F 6 96.64 53.07 -30.91
N PRO F 7 95.37 53.17 -30.53
CA PRO F 7 94.76 54.49 -30.37
C PRO F 7 95.46 55.32 -29.31
N ARG F 8 95.40 56.64 -29.50
CA ARG F 8 96.05 57.56 -28.56
C ARG F 8 95.62 57.27 -27.13
N LEU F 9 94.31 57.11 -26.91
CA LEU F 9 93.84 56.88 -25.55
C LEU F 9 94.29 55.52 -25.03
N LYS F 10 94.25 54.49 -25.89
CA LYS F 10 94.78 53.19 -25.50
C LYS F 10 96.22 53.31 -25.02
N THR F 11 97.07 53.94 -25.83
CA THR F 11 98.45 54.18 -25.41
C THR F 11 98.48 54.94 -24.10
N LYS F 12 98.08 56.21 -24.12
CA LYS F 12 98.11 57.04 -22.92
C LYS F 12 97.71 56.26 -21.68
N TYR F 13 96.74 55.35 -21.81
CA TYR F 13 96.33 54.54 -20.68
C TYR F 13 97.46 53.63 -20.23
N ARG F 14 98.12 52.94 -21.18
CA ARG F 14 99.06 51.90 -20.82
C ARG F 14 100.31 52.47 -20.16
N GLU F 15 100.75 53.66 -20.58
CA GLU F 15 101.99 54.22 -20.04
C GLU F 15 101.76 55.10 -18.82
N GLU F 16 100.85 56.08 -18.92
CA GLU F 16 100.75 57.15 -17.94
C GLU F 16 99.59 56.96 -16.97
N ILE F 17 98.40 56.60 -17.47
CA ILE F 17 97.24 56.45 -16.59
C ILE F 17 97.47 55.33 -15.59
N VAL F 18 97.95 54.17 -16.06
CA VAL F 18 98.00 52.98 -15.20
C VAL F 18 98.82 53.26 -13.95
N GLY F 19 100.00 53.86 -14.12
CA GLY F 19 100.88 54.07 -12.98
C GLY F 19 100.31 55.04 -11.97
N LYS F 20 99.77 56.16 -12.45
CA LYS F 20 99.32 57.22 -11.54
C LYS F 20 98.10 56.78 -10.75
N LEU F 21 97.18 56.03 -11.37
CA LEU F 21 96.08 55.44 -10.60
C LEU F 21 96.60 54.49 -9.54
N ARG F 22 97.61 53.67 -9.88
CA ARG F 22 98.19 52.77 -8.89
C ARG F 22 98.79 53.57 -7.75
N ASP F 23 99.47 54.69 -8.07
CA ASP F 23 100.03 55.54 -7.03
C ASP F 23 98.93 56.19 -6.19
N GLU F 24 97.85 56.64 -6.84
CA GLU F 24 96.80 57.37 -6.12
C GLU F 24 96.06 56.47 -5.15
N PHE F 25 95.72 55.26 -5.58
CA PHE F 25 94.96 54.32 -4.77
C PHE F 25 95.84 53.30 -4.05
N SER F 26 97.15 53.34 -4.28
CA SER F 26 98.10 52.46 -3.60
C SER F 26 97.68 50.99 -3.72
N TYR F 27 97.61 50.53 -4.97
CA TYR F 27 97.25 49.15 -5.23
C TYR F 27 98.48 48.24 -5.15
N GLU F 28 98.31 47.09 -4.51
CA GLU F 28 99.40 46.13 -4.38
C GLU F 28 99.70 45.41 -5.70
N ASN F 29 98.66 45.08 -6.48
CA ASN F 29 98.82 44.35 -7.72
C ASN F 29 98.36 45.20 -8.90
N VAL F 30 99.14 45.19 -9.98
CA VAL F 30 98.82 46.02 -11.13
C VAL F 30 97.52 45.57 -11.79
N MET F 31 97.29 44.26 -11.88
CA MET F 31 96.13 43.76 -12.61
C MET F 31 94.82 44.18 -11.96
N GLN F 32 94.82 44.47 -10.66
CA GLN F 32 93.61 44.99 -10.03
C GLN F 32 93.26 46.38 -10.54
N VAL F 33 94.21 47.09 -11.14
CA VAL F 33 93.95 48.50 -11.49
C VAL F 33 92.76 48.57 -12.44
N PRO F 34 91.74 49.39 -12.15
CA PRO F 34 90.60 49.48 -13.07
C PRO F 34 91.01 49.87 -14.49
N GLY F 35 90.20 49.45 -15.45
CA GLY F 35 90.38 49.83 -16.85
C GLY F 35 89.05 49.77 -17.57
N LEU F 36 89.04 50.28 -18.80
CA LEU F 36 87.85 50.27 -19.63
C LEU F 36 87.61 48.88 -20.21
N VAL F 37 86.38 48.40 -20.11
CA VAL F 37 86.03 47.05 -20.53
C VAL F 37 85.32 47.12 -21.88
N LYS F 38 84.26 47.91 -21.96
CA LYS F 38 83.53 48.09 -23.21
C LYS F 38 82.82 49.43 -23.18
N ILE F 39 82.38 49.87 -24.36
CA ILE F 39 81.55 51.06 -24.51
C ILE F 39 80.30 50.65 -25.27
N VAL F 40 79.13 50.89 -24.68
CA VAL F 40 77.85 50.57 -25.28
C VAL F 40 77.09 51.86 -25.48
N VAL F 41 76.66 52.09 -26.72
CA VAL F 41 75.85 53.25 -27.07
C VAL F 41 74.45 52.74 -27.39
N ASN F 42 73.44 53.35 -26.77
CA ASN F 42 72.06 52.91 -26.96
C ASN F 42 71.22 53.98 -27.62
N MET F 43 70.21 53.54 -28.34
CA MET F 43 69.19 54.44 -28.87
C MET F 43 67.86 53.73 -28.81
N GLY F 44 66.84 54.43 -28.32
CA GLY F 44 65.51 53.86 -28.22
C GLY F 44 64.46 54.66 -28.96
N VAL F 45 64.02 54.18 -30.11
CA VAL F 45 63.00 54.85 -30.90
C VAL F 45 61.68 54.15 -30.60
N GLY F 46 61.04 54.59 -29.50
CA GLY F 46 59.72 54.07 -29.17
C GLY F 46 58.70 54.40 -30.22
N ASP F 47 58.91 55.48 -30.97
CA ASP F 47 58.02 55.85 -32.06
C ASP F 47 58.01 54.77 -33.14
N ALA F 48 59.03 53.92 -33.18
CA ALA F 48 59.10 52.90 -34.23
C ALA F 48 57.87 52.01 -34.24
N ALA F 49 57.19 51.88 -33.09
CA ALA F 49 55.93 51.17 -33.06
C ALA F 49 54.90 51.80 -34.00
N ARG F 50 55.03 53.10 -34.27
CA ARG F 50 54.12 53.80 -35.18
C ARG F 50 54.63 53.78 -36.61
N ASP F 51 55.95 53.87 -36.81
CA ASP F 51 56.56 53.81 -38.12
C ASP F 51 57.83 53.00 -38.04
N SER F 52 57.87 51.87 -38.75
CA SER F 52 59.06 51.04 -38.77
C SER F 52 60.18 51.65 -39.61
N LYS F 53 59.84 52.57 -40.51
CA LYS F 53 60.87 53.16 -41.36
C LYS F 53 61.87 53.97 -40.53
N LEU F 54 61.43 54.56 -39.42
CA LEU F 54 62.32 55.41 -38.64
C LEU F 54 63.57 54.66 -38.22
N ILE F 55 63.45 53.36 -37.93
CA ILE F 55 64.60 52.61 -37.45
C ILE F 55 65.69 52.55 -38.52
N GLU F 56 65.30 52.47 -39.79
CA GLU F 56 66.30 52.38 -40.85
C GLU F 56 67.27 53.55 -40.81
N GLY F 57 66.74 54.77 -40.67
CA GLY F 57 67.60 55.93 -40.51
C GLY F 57 68.50 55.78 -39.29
N ALA F 58 67.96 55.21 -38.22
CA ALA F 58 68.74 55.01 -37.01
C ALA F 58 69.95 54.12 -37.25
N ILE F 59 69.77 53.02 -37.99
CA ILE F 59 70.89 52.14 -38.31
C ILE F 59 71.94 52.91 -39.10
N ARG F 60 71.50 53.71 -40.06
CA ARG F 60 72.45 54.47 -40.87
C ARG F 60 73.29 55.39 -40.00
N ASP F 61 72.64 56.14 -39.11
CA ASP F 61 73.36 57.07 -38.26
C ASP F 61 74.34 56.33 -37.35
N LEU F 62 73.87 55.32 -36.63
CA LEU F 62 74.71 54.61 -35.69
C LEU F 62 75.89 53.96 -36.39
N THR F 63 75.63 53.32 -37.53
CA THR F 63 76.73 52.76 -38.33
C THR F 63 77.78 53.84 -38.61
N THR F 64 77.32 55.04 -38.96
CA THR F 64 78.26 56.10 -39.33
C THR F 64 79.10 56.53 -38.15
N ILE F 65 78.48 56.71 -36.97
CA ILE F 65 79.19 57.34 -35.86
C ILE F 65 80.26 56.43 -35.30
N THR F 66 79.98 55.13 -35.17
CA THR F 66 80.86 54.23 -34.44
C THR F 66 81.60 53.21 -35.29
N GLY F 67 81.09 52.84 -36.46
CA GLY F 67 81.79 51.92 -37.33
C GLY F 67 81.46 50.44 -37.15
N GLN F 68 80.39 50.11 -36.45
CA GLN F 68 79.89 48.75 -36.37
C GLN F 68 78.42 48.72 -36.81
N LYS F 69 77.93 47.52 -37.10
CA LYS F 69 76.53 47.37 -37.48
C LYS F 69 75.68 47.19 -36.23
N PRO F 70 74.83 48.15 -35.88
CA PRO F 70 73.96 47.98 -34.71
C PRO F 70 73.21 46.66 -34.75
N ALA F 71 72.77 46.22 -33.58
CA ALA F 71 71.85 45.10 -33.44
C ALA F 71 70.51 45.66 -32.97
N VAL F 72 69.47 45.42 -33.76
CA VAL F 72 68.16 45.99 -33.46
C VAL F 72 67.47 45.13 -32.41
N THR F 73 67.03 45.77 -31.33
CA THR F 73 66.34 45.07 -30.26
C THR F 73 64.84 45.02 -30.54
N LYS F 74 64.20 43.97 -30.05
CA LYS F 74 62.78 43.74 -30.24
C LYS F 74 62.05 43.80 -28.91
N ALA F 75 60.80 44.28 -28.95
CA ALA F 75 60.03 44.50 -27.73
C ALA F 75 59.93 43.23 -26.90
N ARG F 76 60.57 43.22 -25.73
CA ARG F 76 60.55 42.04 -24.87
C ARG F 76 59.18 41.80 -24.25
N LYS F 77 58.42 42.85 -24.00
CA LYS F 77 57.11 42.73 -23.36
C LYS F 77 56.12 43.64 -24.06
N SER F 78 54.84 43.27 -24.01
CA SER F 78 53.78 44.05 -24.64
C SER F 78 53.12 44.94 -23.58
N ILE F 79 53.21 46.26 -23.79
CA ILE F 79 52.73 47.26 -22.84
C ILE F 79 51.61 48.02 -23.51
N ALA F 80 50.44 48.05 -22.87
CA ALA F 80 49.27 48.68 -23.49
C ALA F 80 49.43 50.19 -23.59
N GLN F 81 49.93 50.84 -22.54
CA GLN F 81 49.96 52.31 -22.53
C GLN F 81 50.80 52.83 -23.68
N PHE F 82 51.94 52.20 -23.94
CA PHE F 82 52.74 52.48 -25.12
C PHE F 82 52.30 51.65 -26.32
N LYS F 83 51.11 51.06 -26.28
CA LYS F 83 50.60 50.20 -27.35
C LYS F 83 51.67 49.25 -27.88
N LEU F 84 52.60 48.88 -27.00
CA LEU F 84 53.73 48.06 -27.39
C LEU F 84 53.34 46.58 -27.41
N ARG F 85 53.69 45.91 -28.52
CA ARG F 85 53.49 44.48 -28.68
C ARG F 85 54.86 43.80 -28.65
N GLU F 86 54.91 42.61 -28.05
CA GLU F 86 56.15 41.87 -28.01
C GLU F 86 56.59 41.48 -29.42
N GLY F 87 57.89 41.61 -29.69
CA GLY F 87 58.47 41.15 -30.93
C GLY F 87 58.70 42.21 -31.98
N GLN F 88 58.17 43.42 -31.80
CA GLN F 88 58.42 44.45 -32.80
C GLN F 88 59.65 45.26 -32.42
N PRO F 89 60.42 45.73 -33.40
CA PRO F 89 61.66 46.45 -33.10
C PRO F 89 61.35 47.79 -32.44
N ILE F 90 62.20 48.19 -31.49
CA ILE F 90 61.99 49.42 -30.75
C ILE F 90 63.27 50.24 -30.63
N GLY F 91 64.40 49.67 -31.03
CA GLY F 91 65.65 50.39 -30.89
C GLY F 91 66.82 49.61 -31.44
N ALA F 92 67.99 50.24 -31.37
CA ALA F 92 69.24 49.65 -31.81
C ALA F 92 70.32 49.97 -30.79
N HIS F 93 71.35 49.11 -30.73
CA HIS F 93 72.46 49.33 -29.81
C HIS F 93 73.73 48.73 -30.41
N VAL F 94 74.87 49.22 -29.92
CA VAL F 94 76.18 48.74 -30.34
C VAL F 94 77.05 48.56 -29.10
N THR F 95 77.81 47.47 -29.06
CA THR F 95 78.80 47.22 -28.01
C THR F 95 80.17 47.25 -28.65
N LEU F 96 80.99 48.22 -28.26
CA LEU F 96 82.34 48.40 -28.79
C LEU F 96 83.36 47.89 -27.79
N ARG F 97 84.43 47.29 -28.30
CA ARG F 97 85.46 46.71 -27.46
C ARG F 97 86.82 46.90 -28.14
N GLY F 98 87.87 46.90 -27.32
CA GLY F 98 89.21 46.99 -27.87
C GLY F 98 89.46 48.35 -28.50
N ASP F 99 90.27 48.34 -29.57
CA ASP F 99 90.73 49.59 -30.15
C ASP F 99 89.57 50.43 -30.66
N ARG F 100 88.57 49.80 -31.28
CA ARG F 100 87.42 50.57 -31.77
C ARG F 100 86.75 51.31 -30.64
N MET F 101 86.61 50.66 -29.48
CA MET F 101 86.14 51.35 -28.29
C MET F 101 87.03 52.54 -27.96
N TRP F 102 88.34 52.32 -27.91
CA TRP F 102 89.27 53.39 -27.59
C TRP F 102 89.21 54.52 -28.61
N GLU F 103 89.16 54.18 -29.90
CA GLU F 103 89.10 55.22 -30.92
C GLU F 103 87.82 56.04 -30.79
N PHE F 104 86.68 55.37 -30.59
CA PHE F 104 85.43 56.09 -30.43
C PHE F 104 85.48 56.99 -29.22
N LEU F 105 86.08 56.52 -28.13
CA LEU F 105 86.16 57.33 -26.92
C LEU F 105 86.97 58.60 -27.17
N ASP F 106 88.05 58.48 -27.93
CA ASP F 106 88.85 59.67 -28.27
C ASP F 106 88.01 60.69 -29.02
N ARG F 107 87.25 60.23 -30.02
CA ARG F 107 86.48 61.15 -30.85
C ARG F 107 85.45 61.90 -30.04
N THR F 108 84.63 61.17 -29.27
CA THR F 108 83.56 61.81 -28.51
C THR F 108 84.12 62.81 -27.51
N LEU F 109 85.09 62.39 -26.69
CA LEU F 109 85.61 63.27 -25.65
C LEU F 109 86.27 64.50 -26.27
N SER F 110 87.15 64.31 -27.24
CA SER F 110 87.99 65.41 -27.72
C SER F 110 87.28 66.31 -28.71
N LEU F 111 86.28 65.80 -29.43
CA LEU F 111 85.64 66.56 -30.50
C LEU F 111 84.18 66.86 -30.22
N ALA F 112 83.35 65.82 -30.01
CA ALA F 112 81.91 66.03 -29.98
C ALA F 112 81.43 66.58 -28.65
N LEU F 113 82.05 66.18 -27.55
CA LEU F 113 81.53 66.56 -26.23
C LEU F 113 81.50 68.07 -26.03
N PRO F 114 82.52 68.84 -26.39
CA PRO F 114 82.41 70.31 -26.25
C PRO F 114 81.29 70.91 -27.07
N ARG F 115 80.83 70.23 -28.13
CA ARG F 115 79.78 70.75 -28.99
C ARG F 115 78.40 70.74 -28.35
N ILE F 116 78.27 70.28 -27.10
CA ILE F 116 77.02 70.44 -26.38
C ILE F 116 76.72 71.92 -26.19
N ARG F 117 75.48 72.31 -26.46
CA ARG F 117 75.08 73.70 -26.27
C ARG F 117 75.15 74.06 -24.80
N ASP F 118 75.71 75.23 -24.49
CA ASP F 118 75.79 75.74 -23.13
C ASP F 118 76.50 74.75 -22.21
N PHE F 119 77.47 74.03 -22.73
CA PHE F 119 78.12 72.95 -21.99
C PHE F 119 79.03 73.51 -20.91
N ARG F 120 78.63 73.32 -19.65
CA ARG F 120 79.48 73.60 -18.51
C ARG F 120 80.15 72.35 -17.97
N GLY F 121 79.87 71.18 -18.54
CA GLY F 121 80.37 69.93 -18.03
C GLY F 121 79.27 68.91 -17.82
N LEU F 122 79.62 67.63 -17.81
CA LEU F 122 78.68 66.55 -17.56
C LEU F 122 78.75 66.14 -16.09
N SER F 123 77.60 65.76 -15.55
CA SER F 123 77.47 65.61 -14.10
C SER F 123 78.36 64.49 -13.58
N PRO F 124 78.99 64.66 -12.42
CA PRO F 124 79.78 63.58 -11.83
C PRO F 124 78.98 62.57 -11.03
N LYS F 125 77.69 62.80 -10.80
CA LYS F 125 76.89 61.94 -9.95
C LYS F 125 76.13 60.87 -10.74
N GLN F 126 76.36 60.76 -12.04
CA GLN F 126 75.63 59.84 -12.90
C GLN F 126 76.23 58.44 -12.93
N PHE F 127 77.00 58.07 -11.91
CA PHE F 127 77.48 56.69 -11.80
C PHE F 127 76.38 55.78 -11.26
N ASP F 128 76.47 54.50 -11.61
CA ASP F 128 75.49 53.51 -11.18
C ASP F 128 75.89 52.81 -9.88
N GLY F 129 76.85 53.35 -9.15
CA GLY F 129 77.22 52.78 -7.87
C GLY F 129 78.16 51.59 -7.92
N ARG F 130 78.63 51.21 -9.11
CA ARG F 130 79.56 50.09 -9.24
C ARG F 130 80.79 50.46 -10.06
N GLY F 131 80.95 51.73 -10.44
CA GLY F 131 82.06 52.14 -11.25
C GLY F 131 81.79 52.21 -12.74
N ASN F 132 80.53 52.12 -13.16
CA ASN F 132 80.15 52.22 -14.56
C ASN F 132 79.37 53.51 -14.76
N TYR F 133 79.67 54.22 -15.85
CA TYR F 133 79.14 55.56 -16.05
C TYR F 133 78.15 55.58 -17.20
N THR F 134 77.21 56.52 -17.13
CA THR F 134 76.18 56.69 -18.14
C THR F 134 75.80 58.16 -18.25
N PHE F 135 75.75 58.68 -19.47
CA PHE F 135 75.22 60.01 -19.73
C PHE F 135 74.56 60.01 -21.10
N GLY F 136 73.41 60.66 -21.20
CA GLY F 136 72.61 60.66 -22.41
C GLY F 136 72.86 61.89 -23.25
N LEU F 137 72.67 61.73 -24.57
CA LEU F 137 72.92 62.80 -25.54
C LEU F 137 71.60 63.19 -26.17
N THR F 138 71.31 64.50 -26.18
CA THR F 138 70.01 64.98 -26.59
C THR F 138 69.88 65.18 -28.10
N GLU F 139 70.99 65.20 -28.83
CA GLU F 139 70.93 65.43 -30.27
C GLU F 139 72.08 64.71 -30.96
N GLN F 140 71.82 64.27 -32.19
CA GLN F 140 72.80 63.46 -32.91
C GLN F 140 73.85 64.30 -33.65
N VAL F 141 73.53 65.55 -34.02
CA VAL F 141 74.43 66.33 -34.86
C VAL F 141 75.69 66.69 -34.09
N MET F 142 75.78 66.25 -32.83
CA MET F 142 76.98 66.46 -32.04
C MET F 142 78.21 65.86 -32.70
N PHE F 143 78.05 64.82 -33.50
CA PHE F 143 79.16 64.16 -34.16
C PHE F 143 79.40 64.80 -35.53
N HIS F 144 80.66 65.10 -35.82
CA HIS F 144 81.04 65.67 -37.10
C HIS F 144 80.61 64.75 -38.24
N ARG F 155 67.17 62.98 -32.48
CA ARG F 155 67.29 61.70 -31.79
C ARG F 155 68.29 61.79 -30.64
N GLY F 156 67.93 61.20 -29.51
CA GLY F 156 68.82 61.11 -28.37
C GLY F 156 69.38 59.71 -28.23
N MET F 157 70.64 59.63 -27.80
CA MET F 157 71.36 58.38 -27.69
C MET F 157 72.13 58.37 -26.38
N ASP F 158 72.11 57.22 -25.70
CA ASP F 158 72.72 57.09 -24.39
C ASP F 158 74.12 56.51 -24.50
N ILE F 159 75.06 57.12 -23.79
CA ILE F 159 76.43 56.61 -23.67
C ILE F 159 76.52 55.89 -22.34
N THR F 160 76.96 54.63 -22.37
CA THR F 160 77.17 53.82 -21.18
C THR F 160 78.63 53.36 -21.18
N VAL F 161 79.35 53.72 -20.13
CA VAL F 161 80.77 53.40 -19.99
C VAL F 161 80.89 52.31 -18.94
N VAL F 162 81.37 51.13 -19.35
CA VAL F 162 81.50 49.99 -18.47
C VAL F 162 82.98 49.77 -18.18
N THR F 163 83.36 49.99 -16.93
CA THR F 163 84.75 49.87 -16.50
C THR F 163 84.92 48.59 -15.67
N THR F 164 86.16 48.36 -15.24
CA THR F 164 86.46 47.31 -14.29
C THR F 164 86.44 47.84 -12.85
N ALA F 165 86.08 49.10 -12.66
CA ALA F 165 86.06 49.69 -11.34
C ALA F 165 85.07 48.96 -10.44
N THR F 166 85.41 48.90 -9.15
CA THR F 166 84.57 48.23 -8.16
C THR F 166 83.57 49.17 -7.51
N ASN F 167 83.84 50.46 -7.50
CA ASN F 167 82.93 51.45 -6.93
C ASN F 167 83.02 52.71 -7.79
N ASP F 168 82.37 53.79 -7.32
CA ASP F 168 82.25 54.99 -8.13
C ASP F 168 83.55 55.78 -8.19
N ASP F 169 84.23 55.94 -7.05
CA ASP F 169 85.38 56.85 -7.01
C ASP F 169 86.53 56.32 -7.84
N GLU F 170 86.78 55.00 -7.79
CA GLU F 170 87.81 54.42 -8.63
C GLU F 170 87.48 54.63 -10.11
N GLY F 171 86.23 54.41 -10.49
CA GLY F 171 85.81 54.72 -11.84
C GLY F 171 85.84 56.20 -12.13
N ARG F 172 85.41 57.03 -11.18
CA ARG F 172 85.46 58.47 -11.39
C ARG F 172 86.90 58.95 -11.52
N ALA F 173 87.80 58.39 -10.72
CA ALA F 173 89.21 58.72 -10.85
C ALA F 173 89.71 58.36 -12.24
N LEU F 174 89.36 57.18 -12.73
CA LEU F 174 89.79 56.76 -14.06
C LEU F 174 89.22 57.68 -15.14
N LEU F 175 87.95 58.07 -15.00
CA LEU F 175 87.36 58.95 -16.01
C LEU F 175 87.99 60.34 -15.92
N ARG F 176 88.18 60.87 -14.71
CA ARG F 176 88.94 62.10 -14.56
C ARG F 176 90.22 62.04 -15.39
N HIS F 177 91.09 61.12 -15.03
CA HIS F 177 92.39 61.01 -15.67
C HIS F 177 92.31 60.76 -17.17
N LEU F 178 91.21 60.18 -17.65
CA LEU F 178 91.01 60.07 -19.09
C LEU F 178 90.50 61.36 -19.72
N GLY F 179 90.07 62.33 -18.92
CA GLY F 179 89.78 63.66 -19.43
C GLY F 179 88.32 64.03 -19.56
N PHE F 180 87.40 63.25 -19.01
CA PHE F 180 85.99 63.64 -19.07
C PHE F 180 85.74 64.89 -18.23
N PRO F 181 84.99 65.86 -18.74
CA PRO F 181 84.78 67.14 -18.02
C PRO F 181 83.65 67.10 -16.99
N PHE F 182 83.98 66.58 -15.81
CA PHE F 182 83.00 66.51 -14.74
C PHE F 182 82.81 67.88 -14.08
N LYS F 183 81.57 68.19 -13.72
CA LYS F 183 81.30 69.37 -12.90
C LYS F 183 82.06 69.29 -11.59
N SER G 2 27.05 22.56 67.54
CA SER G 2 26.11 23.64 67.79
C SER G 2 26.57 24.47 68.98
N ARG G 3 26.96 25.72 68.72
CA ARG G 3 27.37 26.61 69.79
C ARG G 3 26.26 26.77 70.81
N ILE G 4 25.02 26.77 70.36
CA ILE G 4 23.88 26.90 71.28
C ILE G 4 23.73 25.64 72.12
N GLY G 5 23.84 24.48 71.49
CA GLY G 5 23.65 23.23 72.21
C GLY G 5 24.63 23.02 73.34
N LYS G 6 25.88 23.49 73.15
CA LYS G 6 26.90 23.28 74.17
C LYS G 6 26.54 23.97 75.49
N LEU G 7 25.91 25.13 75.40
CA LEU G 7 25.65 25.91 76.60
C LEU G 7 24.81 25.10 77.59
N PRO G 8 25.23 24.99 78.85
CA PRO G 8 24.43 24.23 79.82
C PRO G 8 23.17 25.00 80.21
N ILE G 9 22.19 24.24 80.70
CA ILE G 9 20.92 24.78 81.15
C ILE G 9 20.95 24.94 82.67
N THR G 10 20.38 26.04 83.14
CA THR G 10 20.28 26.33 84.57
C THR G 10 18.82 26.26 85.00
N VAL G 11 18.58 25.62 86.14
CA VAL G 11 17.23 25.43 86.68
C VAL G 11 17.10 26.30 87.93
N PRO G 12 16.44 27.46 87.86
CA PRO G 12 16.13 28.22 89.08
C PRO G 12 15.50 27.38 90.18
N ALA G 13 15.58 27.88 91.41
CA ALA G 13 14.95 27.22 92.54
C ALA G 13 13.43 27.25 92.38
N GLY G 14 12.78 26.24 92.95
CA GLY G 14 11.33 26.12 92.86
C GLY G 14 10.84 25.49 91.58
N VAL G 15 11.69 24.75 90.88
CA VAL G 15 11.32 24.07 89.64
C VAL G 15 11.64 22.60 89.81
N ASP G 16 10.65 21.74 89.59
CA ASP G 16 10.81 20.30 89.67
C ASP G 16 10.88 19.72 88.26
N VAL G 17 12.05 19.21 87.90
CA VAL G 17 12.28 18.63 86.58
C VAL G 17 12.35 17.13 86.70
N THR G 18 11.57 16.42 85.88
CA THR G 18 11.54 14.97 85.87
C THR G 18 11.89 14.50 84.45
N ILE G 19 12.90 13.64 84.36
CA ILE G 19 13.34 13.08 83.09
C ILE G 19 13.01 11.59 83.12
N ASP G 20 12.08 11.18 82.27
CA ASP G 20 11.69 9.77 82.16
C ASP G 20 12.05 9.29 80.78
N GLY G 21 13.32 8.90 80.60
CA GLY G 21 13.78 8.41 79.32
C GLY G 21 14.12 9.56 78.38
N ARG G 22 13.21 9.84 77.46
CA ARG G 22 13.36 10.94 76.53
C ARG G 22 12.34 12.05 76.73
N THR G 23 11.29 11.83 77.51
CA THR G 23 10.26 12.82 77.75
C THR G 23 10.56 13.55 79.06
N VAL G 24 10.58 14.88 79.00
CA VAL G 24 10.91 15.73 80.14
C VAL G 24 9.65 16.46 80.58
N GLU G 25 9.33 16.40 81.86
CA GLU G 25 8.19 17.10 82.44
C GLU G 25 8.71 18.06 83.50
N VAL G 26 8.46 19.34 83.31
CA VAL G 26 8.89 20.39 84.21
C VAL G 26 7.67 20.90 84.97
N LYS G 27 7.76 20.92 86.29
CA LYS G 27 6.72 21.45 87.16
C LYS G 27 7.23 22.77 87.73
N GLY G 28 6.49 23.85 87.47
CA GLY G 28 6.83 25.14 88.00
C GLY G 28 5.72 25.71 88.85
N PRO G 29 5.90 26.96 89.29
CA PRO G 29 4.83 27.61 90.07
C PRO G 29 3.65 28.05 89.22
N LYS G 30 3.83 28.16 87.90
CA LYS G 30 2.76 28.59 87.01
C LYS G 30 2.13 27.45 86.21
N GLY G 31 2.65 26.23 86.27
CA GLY G 31 2.07 25.12 85.54
C GLY G 31 3.11 24.09 85.20
N THR G 32 2.69 23.12 84.37
CA THR G 32 3.53 21.99 84.00
C THR G 32 3.52 21.78 82.48
N LEU G 33 4.68 21.40 81.95
CA LEU G 33 4.86 21.20 80.52
C LEU G 33 5.61 19.89 80.30
N THR G 34 5.42 19.30 79.12
CA THR G 34 6.06 18.05 78.76
C THR G 34 6.46 18.07 77.29
N HIS G 35 7.46 17.27 76.95
CA HIS G 35 7.93 17.16 75.58
C HIS G 35 8.75 15.88 75.41
N THR G 36 8.55 15.22 74.27
CA THR G 36 9.36 14.08 73.88
C THR G 36 10.47 14.59 72.96
N VAL G 37 11.72 14.47 73.42
CA VAL G 37 12.85 14.93 72.63
C VAL G 37 13.12 13.95 71.51
N ALA G 38 13.34 14.47 70.30
CA ALA G 38 13.56 13.61 69.15
C ALA G 38 14.91 12.89 69.24
N ALA G 39 14.94 11.66 68.75
CA ALA G 39 16.15 10.87 68.78
C ALA G 39 17.15 11.40 67.76
N PRO G 40 18.46 11.14 67.98
CA PRO G 40 19.06 10.41 69.09
C PRO G 40 19.56 11.33 70.21
N ILE G 41 18.99 12.54 70.29
CA ILE G 41 19.47 13.50 71.28
C ILE G 41 19.08 13.01 72.68
N GLU G 42 20.01 13.13 73.61
CA GLU G 42 19.82 12.70 74.99
C GLU G 42 20.08 13.87 75.93
N ILE G 43 19.50 13.78 77.14
CA ILE G 43 19.58 14.83 78.14
C ILE G 43 19.98 14.20 79.46
N VAL G 44 20.91 14.85 80.17
CA VAL G 44 21.36 14.40 81.47
C VAL G 44 21.30 15.59 82.43
N LYS G 45 21.02 15.31 83.70
CA LYS G 45 21.03 16.36 84.73
C LYS G 45 22.44 16.49 85.29
N GLY G 46 22.99 17.70 85.20
CA GLY G 46 24.34 17.95 85.70
C GLY G 46 24.41 17.91 87.22
N LEU G 51 21.00 21.03 83.59
CA LEU G 51 20.70 20.11 82.50
C LEU G 51 21.67 20.33 81.35
N ASN G 52 22.29 19.25 80.88
CA ASN G 52 23.22 19.31 79.75
C ASN G 52 22.72 18.35 78.67
N VAL G 53 22.58 18.85 77.45
CA VAL G 53 22.05 18.08 76.33
C VAL G 53 23.23 17.51 75.55
N THR G 54 23.18 16.22 75.28
CA THR G 54 24.28 15.52 74.63
C THR G 54 23.82 14.95 73.29
N ARG G 55 24.79 14.73 72.39
CA ARG G 55 24.56 14.23 71.05
C ARG G 55 25.53 13.10 70.75
N PRO G 56 25.08 12.00 70.14
CA PRO G 56 26.00 10.87 69.88
C PRO G 56 27.16 11.22 68.95
N ASN G 57 26.84 11.60 67.72
CA ASN G 57 27.82 11.84 66.67
C ASN G 57 27.79 13.32 66.25
N ASP G 58 28.56 13.64 65.22
CA ASP G 58 28.65 15.00 64.68
C ASP G 58 28.06 15.08 63.27
N GLU G 59 26.96 14.37 63.05
CA GLU G 59 26.27 14.42 61.76
C GLU G 59 25.54 15.76 61.60
N ARG G 60 25.32 16.14 60.34
CA ARG G 60 24.62 17.39 60.06
C ARG G 60 23.29 17.44 60.80
N GLN G 61 22.48 16.39 60.65
CA GLN G 61 21.19 16.37 61.33
C GLN G 61 21.35 16.37 62.84
N ASN G 62 22.34 15.62 63.35
CA ASN G 62 22.54 15.59 64.80
C ASN G 62 22.82 16.97 65.34
N LYS G 63 23.63 17.77 64.64
CA LYS G 63 23.92 19.12 65.08
C LYS G 63 22.65 19.95 65.17
N ALA G 64 21.85 19.94 64.11
CA ALA G 64 20.62 20.72 64.11
C ALA G 64 19.71 20.30 65.25
N LEU G 65 19.52 19.00 65.43
CA LEU G 65 18.66 18.53 66.52
C LEU G 65 19.23 18.92 67.87
N HIS G 66 20.56 18.92 68.00
CA HIS G 66 21.20 19.34 69.25
C HIS G 66 20.69 20.71 69.68
N GLY G 67 20.94 21.73 68.86
CA GLY G 67 20.52 23.06 69.22
C GLY G 67 19.01 23.18 69.39
N LEU G 68 18.25 22.60 68.46
CA LEU G 68 16.80 22.70 68.52
C LEU G 68 16.29 22.16 69.85
N SER G 69 16.71 20.95 70.21
CA SER G 69 16.18 20.31 71.42
C SER G 69 16.45 21.15 72.65
N ARG G 70 17.67 21.67 72.79
CA ARG G 70 18.00 22.47 73.96
C ARG G 70 17.11 23.70 74.03
N THR G 71 16.94 24.39 72.90
CA THR G 71 16.16 25.64 72.91
C THR G 71 14.75 25.39 73.42
N LEU G 72 14.13 24.29 73.00
CA LEU G 72 12.81 23.95 73.51
C LEU G 72 12.85 23.79 75.03
N VAL G 73 13.85 23.08 75.54
CA VAL G 73 13.92 22.82 76.98
C VAL G 73 14.07 24.13 77.74
N ALA G 74 14.98 25.00 77.29
CA ALA G 74 15.18 26.27 77.96
C ALA G 74 13.90 27.07 78.01
N ASN G 75 13.11 27.03 76.92
CA ASN G 75 11.88 27.82 76.86
C ASN G 75 10.91 27.41 77.96
N MET G 76 10.76 26.11 78.20
CA MET G 76 9.86 25.65 79.24
C MET G 76 10.29 26.16 80.61
N ILE G 77 11.60 26.11 80.87
CA ILE G 77 12.09 26.49 82.19
C ILE G 77 11.77 27.96 82.45
N THR G 78 12.01 28.82 81.46
CA THR G 78 11.56 30.21 81.57
C THR G 78 10.05 30.30 81.57
N GLY G 79 9.38 29.48 80.78
CA GLY G 79 7.93 29.57 80.68
C GLY G 79 7.21 29.18 81.95
N VAL G 80 7.70 28.14 82.64
CA VAL G 80 7.06 27.75 83.89
C VAL G 80 7.49 28.66 85.02
N THR G 81 8.66 29.28 84.93
CA THR G 81 9.13 30.17 86.00
C THR G 81 8.49 31.55 85.87
N GLN G 82 8.81 32.27 84.79
CA GLN G 82 8.30 33.62 84.57
C GLN G 82 7.18 33.67 83.54
N GLY G 83 7.36 33.05 82.38
CA GLY G 83 6.33 33.01 81.37
C GLY G 83 6.59 34.00 80.24
N TYR G 84 5.69 33.95 79.27
CA TYR G 84 5.79 34.75 78.05
C TYR G 84 4.56 35.63 77.94
N THR G 85 4.78 36.92 77.69
CA THR G 85 3.70 37.88 77.48
C THR G 85 3.99 38.63 76.19
N LYS G 86 3.00 38.67 75.30
CA LYS G 86 3.11 39.34 74.01
C LYS G 86 2.19 40.55 74.01
N ALA G 87 2.78 41.74 73.86
CA ALA G 87 2.03 42.98 73.88
C ALA G 87 1.61 43.35 72.46
N LEU G 88 0.36 43.78 72.32
CA LEU G 88 -0.21 44.15 71.03
C LEU G 88 -0.89 45.50 71.16
N GLU G 89 -0.65 46.38 70.19
CA GLU G 89 -1.18 47.73 70.20
C GLU G 89 -2.10 47.91 69.00
N ILE G 90 -3.15 48.71 69.20
CA ILE G 90 -4.16 48.94 68.18
C ILE G 90 -4.04 50.39 67.73
N SER G 91 -3.79 50.59 66.45
CA SER G 91 -3.69 51.91 65.84
C SER G 91 -4.75 52.04 64.76
N GLY G 92 -5.39 53.20 64.71
CA GLY G 92 -6.41 53.47 63.72
C GLY G 92 -7.40 54.49 64.25
N VAL G 93 -8.58 54.53 63.64
CA VAL G 93 -9.64 55.46 63.99
C VAL G 93 -10.86 54.65 64.35
N GLY G 94 -11.28 54.72 65.61
CA GLY G 94 -12.45 53.99 66.07
C GLY G 94 -12.19 52.55 66.46
N TYR G 95 -10.96 52.07 66.33
CA TYR G 95 -10.63 50.69 66.67
C TYR G 95 -10.37 50.58 68.17
N ARG G 96 -11.19 49.79 68.86
CA ARG G 96 -11.08 49.59 70.29
C ARG G 96 -11.14 48.09 70.60
N VAL G 97 -10.70 47.74 71.81
CA VAL G 97 -10.70 46.36 72.28
C VAL G 97 -11.26 46.35 73.69
N ALA G 98 -12.30 45.56 73.91
CA ALA G 98 -12.89 45.37 75.22
C ALA G 98 -12.86 43.90 75.60
N ALA G 99 -12.64 43.64 76.88
CA ALA G 99 -12.56 42.27 77.39
C ALA G 99 -13.91 41.90 78.00
N LYS G 100 -14.53 40.84 77.46
CA LYS G 100 -15.81 40.35 77.95
C LYS G 100 -15.55 39.01 78.64
N GLY G 101 -15.13 39.08 79.90
CA GLY G 101 -14.86 37.87 80.66
C GLY G 101 -13.53 37.25 80.29
N SER G 102 -13.58 36.11 79.60
CA SER G 102 -12.39 35.47 79.07
C SER G 102 -12.18 35.79 77.60
N ASN G 103 -13.21 36.26 76.91
CA ASN G 103 -13.15 36.58 75.49
C ASN G 103 -12.77 38.05 75.30
N LEU G 104 -12.41 38.40 74.07
CA LEU G 104 -12.09 39.78 73.72
C LEU G 104 -12.98 40.23 72.56
N GLU G 105 -13.63 41.37 72.74
CA GLU G 105 -14.43 42.00 71.70
C GLU G 105 -13.54 42.98 70.94
N PHE G 106 -13.46 42.82 69.62
CA PHE G 106 -12.67 43.69 68.77
C PHE G 106 -13.60 44.41 67.81
N GLN G 107 -13.26 45.67 67.51
CA GLN G 107 -13.98 46.47 66.51
C GLN G 107 -12.94 47.11 65.59
N LEU G 108 -12.52 46.37 64.57
CA LEU G 108 -11.54 46.84 63.60
C LEU G 108 -12.23 47.41 62.36
N GLY G 109 -13.16 48.34 62.55
CA GLY G 109 -13.83 48.97 61.44
C GLY G 109 -14.63 48.02 60.58
N TYR G 110 -15.23 47.00 61.18
CA TYR G 110 -16.04 46.02 60.45
C TYR G 110 -17.52 46.22 60.75
N SER G 111 -18.36 45.61 59.91
CA SER G 111 -19.80 45.74 60.05
C SER G 111 -20.30 45.08 61.32
N HIS G 112 -19.58 44.07 61.81
CA HIS G 112 -19.94 43.34 63.02
C HIS G 112 -18.73 43.24 63.93
N PRO G 113 -18.93 43.03 65.23
CA PRO G 113 -17.81 42.93 66.14
C PRO G 113 -17.23 41.52 66.22
N ILE G 114 -15.94 41.47 66.49
CA ILE G 114 -15.18 40.23 66.45
C ILE G 114 -14.96 39.74 67.88
N LEU G 115 -15.41 38.53 68.16
CA LEU G 115 -15.28 37.91 69.48
C LEU G 115 -14.26 36.78 69.37
N VAL G 116 -13.05 37.05 69.86
CA VAL G 116 -11.95 36.10 69.79
C VAL G 116 -11.90 35.30 71.08
N GLU G 117 -11.96 33.98 70.98
CA GLU G 117 -11.95 33.14 72.16
C GLU G 117 -10.54 32.92 72.68
N ALA G 118 -10.43 32.66 73.98
CA ALA G 118 -9.15 32.44 74.62
C ALA G 118 -8.87 30.93 74.67
N PRO G 119 -7.81 30.44 74.03
CA PRO G 119 -7.51 29.01 74.11
C PRO G 119 -7.05 28.60 75.50
N GLU G 120 -7.23 27.32 75.81
CA GLU G 120 -6.90 26.82 77.14
C GLU G 120 -5.46 27.15 77.51
N GLY G 121 -5.28 27.73 78.68
CA GLY G 121 -3.97 28.09 79.18
C GLY G 121 -3.46 29.44 78.73
N ILE G 122 -4.27 30.23 78.04
CA ILE G 122 -3.87 31.55 77.55
C ILE G 122 -4.84 32.57 78.11
N SER G 123 -4.30 33.58 78.80
CA SER G 123 -5.09 34.65 79.40
C SER G 123 -4.84 35.95 78.64
N PHE G 124 -5.78 36.88 78.80
CA PHE G 124 -5.73 38.17 78.12
C PHE G 124 -5.79 39.28 79.15
N LYS G 125 -5.00 40.32 78.93
CA LYS G 125 -4.96 41.49 79.79
C LYS G 125 -5.19 42.74 78.95
N VAL G 126 -6.07 43.61 79.41
CA VAL G 126 -6.41 44.85 78.71
C VAL G 126 -5.96 46.01 79.60
N GLU G 127 -4.85 46.64 79.23
CA GLU G 127 -4.41 47.85 79.92
C GLU G 127 -5.22 49.06 79.48
N SER G 128 -5.59 49.10 78.20
CA SER G 128 -6.11 50.28 77.56
C SER G 128 -6.88 49.81 76.33
N PRO G 129 -7.76 50.66 75.76
CA PRO G 129 -8.49 50.23 74.57
C PRO G 129 -7.69 50.36 73.27
N THR G 130 -6.36 50.57 73.36
CA THR G 130 -5.48 50.43 72.21
C THR G 130 -4.25 49.60 72.54
N LYS G 131 -4.20 48.98 73.71
CA LYS G 131 -3.06 48.18 74.14
C LYS G 131 -3.54 46.98 74.94
N PHE G 132 -3.08 45.79 74.55
CA PHE G 132 -3.41 44.57 75.27
C PHE G 132 -2.27 43.58 75.13
N SER G 133 -2.16 42.68 76.09
CA SER G 133 -1.11 41.67 76.11
C SER G 133 -1.73 40.28 76.21
N VAL G 134 -0.96 39.29 75.78
CA VAL G 134 -1.36 37.89 75.83
C VAL G 134 -0.33 37.17 76.69
N GLU G 135 -0.76 36.69 77.85
CA GLU G 135 0.10 35.94 78.74
C GLU G 135 -0.13 34.45 78.53
N GLY G 136 0.92 33.67 78.79
CA GLY G 136 0.80 32.23 78.66
C GLY G 136 2.10 31.56 79.07
N ILE G 137 2.05 30.23 79.08
CA ILE G 137 3.17 29.42 79.54
C ILE G 137 3.90 28.76 78.38
N ASP G 138 3.16 28.32 77.35
CA ASP G 138 3.74 27.66 76.19
C ASP G 138 4.09 28.72 75.14
N LYS G 139 5.37 28.80 74.78
CA LYS G 139 5.80 29.86 73.87
C LYS G 139 5.12 29.75 72.52
N GLN G 140 5.02 28.53 71.99
CA GLN G 140 4.39 28.35 70.69
C GLN G 140 2.93 28.81 70.71
N LYS G 141 2.19 28.41 71.74
CA LYS G 141 0.79 28.81 71.82
C LYS G 141 0.64 30.31 71.99
N VAL G 142 1.47 30.93 72.83
CA VAL G 142 1.37 32.37 73.04
C VAL G 142 1.65 33.11 71.73
N GLY G 143 2.70 32.70 71.02
CA GLY G 143 2.98 33.30 69.72
C GLY G 143 1.88 33.04 68.72
N GLU G 144 1.28 31.85 68.77
CA GLU G 144 0.22 31.52 67.83
C GLU G 144 -1.00 32.41 68.04
N VAL G 145 -1.38 32.64 69.30
CA VAL G 145 -2.55 33.48 69.58
C VAL G 145 -2.29 34.91 69.13
N ALA G 146 -1.10 35.43 69.46
CA ALA G 146 -0.78 36.80 69.09
C ALA G 146 -0.81 36.98 67.57
N ALA G 147 -0.28 36.00 66.84
CA ALA G 147 -0.30 36.08 65.39
C ALA G 147 -1.72 36.03 64.85
N ASN G 148 -2.57 35.18 65.43
CA ASN G 148 -3.95 35.09 64.96
C ASN G 148 -4.70 36.38 65.22
N ILE G 149 -4.50 37.00 66.39
CA ILE G 149 -5.17 38.26 66.68
C ILE G 149 -4.68 39.36 65.74
N ARG G 150 -3.41 39.31 65.35
CA ARG G 150 -2.88 40.30 64.41
C ARG G 150 -3.34 40.06 62.99
N LYS G 151 -3.83 38.85 62.69
CA LYS G 151 -4.34 38.56 61.35
C LYS G 151 -5.71 39.18 61.12
N LEU G 152 -6.39 39.59 62.18
CA LEU G 152 -7.75 40.12 62.03
C LEU G 152 -7.77 41.32 61.06
N ARG G 153 -6.81 42.22 61.21
CA ARG G 153 -6.70 43.38 60.33
C ARG G 153 -5.22 43.69 60.14
N LYS G 154 -4.66 43.25 59.02
CA LYS G 154 -3.27 43.56 58.73
C LYS G 154 -3.09 45.07 58.66
N PRO G 155 -1.91 45.58 59.00
CA PRO G 155 -1.72 47.03 59.06
C PRO G 155 -1.60 47.66 57.68
N ASP G 156 -2.48 48.61 57.41
CA ASP G 156 -2.53 49.24 56.10
C ASP G 156 -1.19 49.90 55.79
N PRO G 157 -0.72 49.86 54.55
CA PRO G 157 0.53 50.55 54.20
C PRO G 157 0.36 52.03 53.91
N TYR G 158 -0.85 52.56 54.04
CA TYR G 158 -1.11 53.97 53.78
C TYR G 158 -1.45 54.75 55.04
N LYS G 159 -2.01 54.09 56.06
CA LYS G 159 -2.32 54.77 57.31
C LYS G 159 -2.01 53.93 58.53
N ALA G 160 -1.42 52.75 58.37
CA ALA G 160 -1.06 51.89 59.49
C ALA G 160 -2.27 51.67 60.41
N LYS G 161 -3.37 51.23 59.82
CA LYS G 161 -4.60 50.94 60.54
C LYS G 161 -4.71 49.45 60.77
N GLY G 162 -4.91 49.06 62.02
CA GLY G 162 -4.98 47.67 62.41
C GLY G 162 -4.10 47.38 63.61
N VAL G 163 -4.07 46.11 63.98
CA VAL G 163 -3.31 45.65 65.14
C VAL G 163 -1.89 45.34 64.70
N LYS G 164 -0.93 45.68 65.55
CA LYS G 164 0.48 45.39 65.27
C LYS G 164 1.16 45.04 66.58
N TYR G 165 2.32 44.39 66.46
CA TYR G 165 3.07 44.03 67.65
C TYR G 165 3.65 45.27 68.32
N ALA G 166 3.78 45.19 69.65
CA ALA G 166 4.28 46.31 70.43
C ALA G 166 5.69 46.68 69.98
N GLY G 167 5.84 47.87 69.40
CA GLY G 167 7.13 48.32 68.93
C GLY G 167 7.50 47.81 67.56
N GLU G 168 6.54 47.31 66.79
CA GLU G 168 6.84 46.72 65.49
C GLU G 168 6.81 47.83 64.45
N VAL G 169 7.95 48.07 63.79
CA VAL G 169 8.09 49.24 62.91
C VAL G 169 7.52 48.89 61.54
N ILE G 170 6.35 49.44 61.23
CA ILE G 170 5.71 49.24 59.93
C ILE G 170 6.25 50.25 58.94
N ARG G 171 6.58 49.79 57.74
CA ARG G 171 6.99 50.68 56.66
C ARG G 171 5.76 51.34 56.04
N ARG G 172 5.76 52.67 56.00
CA ARG G 172 4.65 53.43 55.46
C ARG G 172 4.95 53.84 54.02
N LYS G 173 3.95 53.68 53.15
CA LYS G 173 4.07 54.08 51.75
C LYS G 173 3.33 55.38 51.51
N VAL G 174 3.88 56.20 50.63
CA VAL G 174 3.33 57.53 50.33
C VAL G 174 2.23 57.32 49.28
N GLY G 175 0.98 57.31 49.74
CA GLY G 175 -0.13 57.10 48.83
C GLY G 175 -0.19 58.14 47.73
N LYS G 176 -0.23 57.68 46.49
CA LYS G 176 -0.26 58.59 45.35
C LYS G 176 -1.71 58.85 44.92
N MET H 1 -1.71 3.26 -91.48
CA MET H 1 -2.42 2.29 -92.35
C MET H 1 -2.26 2.69 -93.82
N LYS H 2 -1.77 1.77 -94.64
CA LYS H 2 -1.63 1.98 -96.07
C LYS H 2 -2.69 1.17 -96.80
N ILE H 3 -3.25 1.79 -97.84
CA ILE H 3 -4.59 1.45 -98.33
C ILE H 3 -4.62 1.56 -99.85
N ILE H 4 -5.60 0.88 -100.45
CA ILE H 4 -5.87 0.96 -101.89
C ILE H 4 -7.10 1.84 -102.08
N LEU H 5 -6.96 2.86 -102.94
CA LEU H 5 -8.08 3.72 -103.26
C LEU H 5 -9.05 3.04 -104.22
N THR H 6 -10.34 3.24 -103.97
CA THR H 6 -11.37 2.85 -104.94
C THR H 6 -11.97 4.04 -105.66
N HIS H 7 -11.87 5.24 -105.08
CA HIS H 7 -12.29 6.48 -105.72
C HIS H 7 -11.13 7.46 -105.65
N GLU H 8 -11.25 8.56 -106.37
CA GLU H 8 -10.24 9.60 -106.36
C GLU H 8 -10.52 10.53 -105.19
N VAL H 9 -9.49 10.78 -104.37
CA VAL H 9 -9.61 11.62 -103.19
C VAL H 9 -8.65 12.78 -103.34
N SER H 10 -9.15 13.99 -103.12
CA SER H 10 -8.35 15.19 -103.34
C SER H 10 -7.10 15.17 -102.46
N GLY H 11 -5.96 15.47 -103.08
CA GLY H 11 -4.71 15.57 -102.35
C GLY H 11 -4.15 14.26 -101.85
N LEU H 12 -4.74 13.13 -102.22
CA LEU H 12 -4.23 11.82 -101.85
C LEU H 12 -3.77 11.02 -103.06
N GLY H 13 -4.60 10.91 -104.09
CA GLY H 13 -4.24 10.15 -105.26
C GLY H 13 -5.47 9.79 -106.07
N ALA H 14 -5.22 9.00 -107.10
CA ALA H 14 -6.26 8.53 -107.99
C ALA H 14 -6.73 7.13 -107.57
N ALA H 15 -7.81 6.67 -108.20
CA ALA H 15 -8.34 5.35 -107.89
C ALA H 15 -7.28 4.29 -108.16
N GLY H 16 -7.23 3.30 -107.27
CA GLY H 16 -6.29 2.20 -107.39
C GLY H 16 -4.93 2.48 -106.78
N ASP H 17 -4.63 3.73 -106.46
CA ASP H 17 -3.33 4.05 -105.86
C ASP H 17 -3.20 3.41 -104.49
N VAL H 18 -2.00 2.94 -104.19
CA VAL H 18 -1.66 2.44 -102.87
C VAL H 18 -0.95 3.57 -102.14
N VAL H 19 -1.55 4.04 -101.05
CA VAL H 19 -1.05 5.21 -100.34
C VAL H 19 -1.15 4.93 -98.85
N ASP H 20 -0.29 5.60 -98.08
CA ASP H 20 -0.28 5.49 -96.63
C ASP H 20 -0.94 6.73 -96.04
N VAL H 21 -1.90 6.52 -95.14
CA VAL H 21 -2.62 7.60 -94.48
C VAL H 21 -2.69 7.27 -92.99
N LYS H 22 -3.05 8.28 -92.20
CA LYS H 22 -3.23 8.06 -90.77
C LYS H 22 -4.38 7.09 -90.53
N ASP H 23 -4.21 6.22 -89.53
CA ASP H 23 -5.19 5.16 -89.32
C ASP H 23 -6.58 5.74 -89.06
N GLY H 24 -6.67 6.80 -88.26
CA GLY H 24 -7.96 7.38 -87.95
C GLY H 24 -8.68 7.88 -89.19
N TYR H 25 -7.92 8.54 -90.08
CA TYR H 25 -8.52 9.06 -91.31
C TYR H 25 -9.18 7.95 -92.11
N ALA H 26 -8.47 6.84 -92.30
CA ALA H 26 -9.02 5.74 -93.08
C ALA H 26 -10.17 5.05 -92.34
N ARG H 27 -9.96 4.74 -91.05
CA ARG H 27 -10.92 3.95 -90.32
C ARG H 27 -12.27 4.66 -90.21
N ASN H 28 -12.26 5.96 -89.94
CA ASN H 28 -13.49 6.68 -89.65
C ASN H 28 -14.13 7.31 -90.89
N TYR H 29 -13.35 7.66 -91.90
CA TYR H 29 -13.86 8.38 -93.06
C TYR H 29 -13.76 7.57 -94.35
N LEU H 30 -12.57 7.12 -94.72
CA LEU H 30 -12.38 6.55 -96.05
C LEU H 30 -13.04 5.19 -96.16
N VAL H 31 -12.68 4.25 -95.28
CA VAL H 31 -13.19 2.89 -95.41
C VAL H 31 -14.71 2.85 -95.29
N PRO H 32 -15.33 3.51 -94.31
CA PRO H 32 -16.81 3.43 -94.23
C PRO H 32 -17.50 3.92 -95.49
N ARG H 33 -16.93 4.90 -96.18
CA ARG H 33 -17.58 5.49 -97.35
C ARG H 33 -17.19 4.82 -98.66
N GLY H 34 -16.39 3.77 -98.61
CA GLY H 34 -16.00 3.07 -99.82
C GLY H 34 -14.90 3.73 -100.62
N PHE H 35 -14.33 4.85 -100.15
CA PHE H 35 -13.26 5.50 -100.88
C PHE H 35 -12.00 4.65 -100.91
N ALA H 36 -11.79 3.79 -99.92
CA ALA H 36 -10.54 3.05 -99.82
C ALA H 36 -10.75 1.74 -99.09
N ILE H 37 -9.77 0.86 -99.23
CA ILE H 37 -9.77 -0.46 -98.60
C ILE H 37 -8.38 -0.74 -98.04
N ARG H 38 -8.31 -1.64 -97.08
CA ARG H 38 -7.04 -2.02 -96.48
C ARG H 38 -6.14 -2.70 -97.50
N TRP H 39 -4.83 -2.50 -97.35
CA TRP H 39 -3.88 -3.18 -98.21
C TRP H 39 -3.93 -4.68 -97.98
N THR H 40 -3.90 -5.45 -99.07
CA THR H 40 -3.62 -6.87 -99.01
C THR H 40 -2.85 -7.27 -100.26
N LYS H 41 -2.13 -8.39 -100.16
CA LYS H 41 -1.52 -8.97 -101.35
C LYS H 41 -2.57 -9.19 -102.43
N GLY H 42 -3.72 -9.74 -102.04
CA GLY H 42 -4.84 -9.85 -102.97
C GLY H 42 -5.22 -8.50 -103.54
N GLY H 43 -4.99 -7.43 -102.79
CA GLY H 43 -5.24 -6.10 -103.33
C GLY H 43 -4.38 -5.79 -104.53
N GLU H 44 -3.11 -6.22 -104.49
CA GLU H 44 -2.20 -5.91 -105.60
C GLU H 44 -2.69 -6.58 -106.89
N LYS H 45 -3.01 -7.87 -106.84
CA LYS H 45 -3.55 -8.52 -108.02
C LYS H 45 -4.86 -7.88 -108.45
N ASP H 46 -5.68 -7.48 -107.47
CA ASP H 46 -6.94 -6.82 -107.80
C ASP H 46 -6.70 -5.58 -108.65
N VAL H 47 -5.71 -4.78 -108.28
CA VAL H 47 -5.36 -3.60 -109.08
C VAL H 47 -4.95 -4.02 -110.48
N ALA H 48 -4.11 -5.04 -110.58
CA ALA H 48 -3.67 -5.54 -111.88
C ALA H 48 -4.81 -6.23 -112.61
N MET I 1 10.90 -44.09 36.21
CA MET I 1 10.45 -43.26 37.36
C MET I 1 10.02 -41.87 36.89
N ARG I 2 9.20 -41.21 37.71
CA ARG I 2 8.66 -39.90 37.42
C ARG I 2 8.69 -39.07 38.70
N THR I 3 8.97 -37.78 38.56
CA THR I 3 9.12 -36.92 39.73
C THR I 3 7.77 -36.68 40.40
N TYR I 4 7.75 -36.79 41.72
CA TYR I 4 6.50 -36.77 42.47
C TYR I 4 5.75 -35.47 42.21
N SER I 5 4.47 -35.59 41.88
CA SER I 5 3.57 -34.46 41.75
C SER I 5 2.47 -34.61 42.78
N PRO I 6 2.26 -33.64 43.69
CA PRO I 6 1.39 -33.89 44.82
C PRO I 6 -0.06 -34.06 44.41
N LYS I 7 -0.70 -35.05 45.03
CA LYS I 7 -2.10 -35.38 44.79
C LYS I 7 -2.96 -34.68 45.83
N PRO I 8 -4.28 -34.69 45.67
CA PRO I 8 -5.13 -33.92 46.58
C PRO I 8 -5.31 -34.63 47.92
N GLY I 9 -4.42 -34.35 48.87
CA GLY I 9 -4.39 -35.03 50.13
C GLY I 9 -2.99 -35.18 50.69
N ASP I 10 -1.98 -34.87 49.87
CA ASP I 10 -0.62 -34.79 50.37
C ASP I 10 -0.35 -33.48 51.09
N VAL I 11 -1.23 -32.49 50.98
CA VAL I 11 -1.02 -31.17 51.54
C VAL I 11 -1.70 -31.09 52.90
N THR I 12 -0.97 -30.56 53.89
CA THR I 12 -1.51 -30.36 55.24
C THR I 12 -1.28 -28.90 55.60
N ARG I 13 -2.26 -28.06 55.33
CA ARG I 13 -2.10 -26.62 55.52
C ARG I 13 -2.01 -26.27 56.99
N GLN I 14 -1.16 -25.31 57.31
CA GLN I 14 -1.00 -24.78 58.66
C GLN I 14 -1.50 -23.34 58.70
N TRP I 15 -1.48 -22.77 59.90
CA TRP I 15 -1.94 -21.40 60.13
C TRP I 15 -0.81 -20.60 60.77
N HIS I 16 -0.35 -19.57 60.07
CA HIS I 16 0.68 -18.66 60.56
C HIS I 16 0.08 -17.29 60.84
N VAL I 17 0.53 -16.67 61.93
CA VAL I 17 0.13 -15.32 62.30
C VAL I 17 1.38 -14.45 62.23
N ILE I 18 1.32 -13.39 61.44
CA ILE I 18 2.47 -12.50 61.23
C ILE I 18 2.12 -11.17 61.87
N ASP I 19 2.61 -10.93 63.08
CA ASP I 19 2.47 -9.63 63.70
C ASP I 19 3.25 -8.60 62.91
N ALA I 20 2.53 -7.64 62.33
CA ALA I 20 3.12 -6.64 61.45
C ALA I 20 3.46 -5.34 62.16
N GLN I 21 3.76 -5.43 63.46
CA GLN I 21 4.01 -4.23 64.26
C GLN I 21 5.32 -3.60 63.83
N ASP I 22 5.23 -2.45 63.14
CA ASP I 22 6.41 -1.68 62.73
C ASP I 22 7.36 -2.54 61.89
N VAL I 23 6.79 -3.33 61.00
CA VAL I 23 7.56 -4.15 60.07
C VAL I 23 7.29 -3.63 58.67
N VAL I 24 8.35 -3.47 57.87
CA VAL I 24 8.22 -2.80 56.59
C VAL I 24 7.11 -3.46 55.79
N LEU I 25 6.31 -2.63 55.10
CA LEU I 25 5.16 -3.14 54.37
C LEU I 25 5.61 -4.09 53.26
N GLY I 26 6.67 -3.73 52.53
CA GLY I 26 7.12 -4.57 51.43
C GLY I 26 7.65 -5.90 51.89
N ARG I 27 8.32 -5.94 53.05
CA ARG I 27 8.84 -7.19 53.57
C ARG I 27 7.77 -8.02 54.25
N LEU I 28 6.66 -7.41 54.66
CA LEU I 28 5.51 -8.18 55.11
C LEU I 28 4.86 -8.90 53.95
N ALA I 29 4.69 -8.21 52.82
CA ALA I 29 4.00 -8.80 51.68
C ALA I 29 4.79 -9.97 51.10
N THR I 30 6.10 -9.83 50.94
CA THR I 30 6.90 -10.90 50.37
C THR I 30 6.86 -12.14 51.25
N THR I 31 7.00 -11.95 52.57
CA THR I 31 6.90 -13.08 53.48
C THR I 31 5.52 -13.71 53.45
N ALA I 32 4.47 -12.90 53.37
CA ALA I 32 3.12 -13.45 53.34
C ALA I 32 2.83 -14.15 52.00
N ALA I 33 3.41 -13.64 50.91
CA ALA I 33 3.18 -14.27 49.61
C ALA I 33 3.94 -15.57 49.46
N THR I 34 5.10 -15.69 50.08
CA THR I 34 5.84 -16.94 50.05
C THR I 34 5.03 -18.06 50.70
N LEU I 35 4.58 -17.82 51.93
CA LEU I 35 3.77 -18.81 52.63
C LEU I 35 2.49 -19.12 51.85
N LEU I 36 1.83 -18.07 51.37
CA LEU I 36 0.55 -18.25 50.70
C LEU I 36 0.69 -19.14 49.48
N ARG I 37 1.75 -18.93 48.70
CA ARG I 37 1.99 -19.69 47.48
C ARG I 37 2.46 -21.10 47.75
N GLY I 38 2.79 -21.44 48.99
CA GLY I 38 3.28 -22.77 49.30
C GLY I 38 4.65 -23.05 48.73
N LYS I 39 5.51 -22.04 48.65
CA LYS I 39 6.81 -22.15 48.01
C LYS I 39 7.93 -22.32 49.03
N HIS I 40 7.60 -22.79 50.23
CA HIS I 40 8.58 -22.99 51.28
C HIS I 40 8.67 -24.44 51.72
N LYS I 41 7.88 -25.33 51.14
CA LYS I 41 7.83 -26.73 51.53
C LYS I 41 8.22 -27.61 50.36
N PRO I 42 8.80 -28.79 50.62
CA PRO I 42 9.31 -29.62 49.52
C PRO I 42 8.22 -30.23 48.65
N ILE I 43 6.96 -30.08 49.00
CA ILE I 43 5.87 -30.66 48.20
C ILE I 43 5.33 -29.65 47.20
N TYR I 44 6.07 -28.57 46.95
CA TYR I 44 5.63 -27.55 46.01
C TYR I 44 5.46 -28.12 44.61
N ALA I 45 4.42 -27.65 43.93
CA ALA I 45 4.26 -27.84 42.50
C ALA I 45 3.64 -26.56 41.94
N PRO I 46 3.86 -26.26 40.66
CA PRO I 46 3.42 -24.98 40.11
C PRO I 46 1.97 -24.93 39.70
N HIS I 47 1.18 -25.96 39.97
CA HIS I 47 -0.20 -26.01 39.52
C HIS I 47 -1.20 -26.36 40.61
N VAL I 48 -0.74 -26.55 41.85
CA VAL I 48 -1.62 -26.83 42.97
C VAL I 48 -1.28 -25.87 44.11
N ASP I 49 -2.29 -25.46 44.85
CA ASP I 49 -2.08 -24.59 46.00
C ASP I 49 -1.64 -25.42 47.20
N ALA I 50 -0.42 -25.17 47.67
CA ALA I 50 0.12 -25.87 48.83
C ALA I 50 0.41 -24.93 49.99
N GLY I 51 0.11 -23.64 49.85
CA GLY I 51 0.46 -22.68 50.86
C GLY I 51 -0.34 -22.84 52.13
N ASP I 52 0.01 -21.99 53.10
CA ASP I 52 -0.57 -22.03 54.43
C ASP I 52 -1.36 -20.75 54.68
N PHE I 53 -2.43 -20.86 55.45
CA PHE I 53 -3.19 -19.67 55.81
C PHE I 53 -2.31 -18.72 56.61
N VAL I 54 -2.45 -17.43 56.34
CA VAL I 54 -1.60 -16.40 56.94
C VAL I 54 -2.52 -15.32 57.50
N ILE I 55 -2.70 -15.33 58.80
CA ILE I 55 -3.40 -14.25 59.48
C ILE I 55 -2.41 -13.12 59.70
N ILE I 56 -2.90 -11.88 59.67
CA ILE I 56 -2.06 -10.70 59.85
C ILE I 56 -2.74 -9.81 60.88
N ILE I 57 -2.13 -9.68 62.05
CA ILE I 57 -2.58 -8.75 63.06
C ILE I 57 -1.73 -7.50 62.98
N ASN I 58 -2.23 -6.41 63.57
CA ASN I 58 -1.52 -5.14 63.59
C ASN I 58 -1.18 -4.70 62.17
N ALA I 59 -2.17 -4.78 61.30
CA ALA I 59 -2.02 -4.34 59.92
C ALA I 59 -2.13 -2.84 59.75
N ASP I 60 -2.24 -2.09 60.85
CA ASP I 60 -2.37 -0.64 60.79
C ASP I 60 -1.07 0.06 61.21
N LYS I 61 -0.06 -0.69 61.60
CA LYS I 61 1.19 -0.13 62.12
C LYS I 61 2.37 -0.55 61.26
N VAL I 62 2.14 -0.76 59.97
CA VAL I 62 3.22 -1.14 59.05
C VAL I 62 4.10 0.09 58.84
N HIS I 63 5.37 -0.02 59.19
CA HIS I 63 6.29 1.08 58.99
C HIS I 63 6.54 1.30 57.50
N LEU I 64 6.54 2.56 57.09
CA LEU I 64 6.77 2.92 55.70
C LEU I 64 7.88 3.97 55.64
N SER I 65 8.98 3.62 54.98
CA SER I 65 10.16 4.46 54.97
C SER I 65 9.96 5.69 54.08
N GLY I 66 10.69 6.75 54.41
CA GLY I 66 10.75 7.92 53.55
C GLY I 66 9.41 8.63 53.46
N ASN I 67 9.22 9.29 52.32
CA ASN I 67 8.05 10.13 52.09
C ASN I 67 6.91 9.37 51.44
N LYS I 68 6.88 8.05 51.57
CA LYS I 68 5.85 7.26 50.91
C LYS I 68 4.46 7.61 51.44
N ARG I 69 4.35 7.87 52.74
CA ARG I 69 3.04 8.09 53.36
C ARG I 69 2.30 9.23 52.67
N THR I 70 3.02 10.18 52.08
CA THR I 70 2.41 11.37 51.50
C THR I 70 2.69 11.51 50.01
N GLN I 71 3.27 10.50 49.37
CA GLN I 71 3.57 10.56 47.94
C GLN I 71 3.01 9.40 47.15
N LYS I 72 2.94 8.21 47.73
CA LYS I 72 2.50 7.02 47.01
C LYS I 72 0.98 6.98 46.97
N MET I 73 0.43 6.84 45.78
CA MET I 73 -1.01 6.87 45.59
C MET I 73 -1.51 5.44 45.46
N ALA I 74 -2.81 5.28 45.25
CA ALA I 74 -3.38 3.96 44.94
C ALA I 74 -4.53 4.20 43.96
N TYR I 75 -4.21 4.13 42.67
CA TYR I 75 -5.16 4.52 41.64
C TYR I 75 -6.16 3.42 41.36
N ARG I 76 -7.34 3.83 40.91
CA ARG I 76 -8.47 2.93 40.71
C ARG I 76 -9.39 3.60 39.70
N HIS I 77 -9.50 3.05 38.50
CA HIS I 77 -10.36 3.65 37.48
C HIS I 77 -11.61 2.80 37.31
N SER I 78 -12.72 3.47 37.00
CA SER I 78 -14.04 2.85 37.06
C SER I 78 -14.59 2.45 35.70
N GLY I 79 -14.03 2.95 34.61
CA GLY I 79 -14.53 2.65 33.29
C GLY I 79 -15.23 3.83 32.65
N TYR I 80 -15.90 4.65 33.46
CA TYR I 80 -16.52 5.86 32.96
C TYR I 80 -15.47 6.93 32.73
N PRO I 81 -15.71 7.87 31.80
CA PRO I 81 -14.73 8.91 31.55
C PRO I 81 -14.43 9.71 32.79
N GLY I 82 -13.16 10.07 32.97
CA GLY I 82 -12.78 10.80 34.17
C GLY I 82 -13.15 10.05 35.43
N GLY I 83 -12.94 8.73 35.45
CA GLY I 83 -13.27 7.91 36.59
C GLY I 83 -12.07 7.46 37.40
N LEU I 84 -10.90 8.03 37.19
CA LEU I 84 -9.73 7.69 37.98
C LEU I 84 -9.82 8.34 39.34
N ARG I 85 -9.67 7.54 40.39
CA ARG I 85 -9.70 8.02 41.76
C ARG I 85 -8.49 7.45 42.50
N SER I 86 -7.63 8.33 42.99
CA SER I 86 -6.42 7.94 43.69
C SER I 86 -6.52 8.28 45.17
N VAL I 87 -5.67 7.65 45.97
CA VAL I 87 -5.75 7.75 47.43
C VAL I 87 -4.34 7.71 48.01
N ARG I 88 -3.95 8.75 48.73
CA ARG I 88 -2.67 8.75 49.42
C ARG I 88 -2.67 7.72 50.55
N TYR I 89 -1.55 7.01 50.71
CA TYR I 89 -1.44 6.04 51.78
C TYR I 89 -1.59 6.64 53.17
N ASP I 90 -1.34 7.94 53.34
CA ASP I 90 -1.65 8.56 54.62
C ASP I 90 -3.14 8.41 54.92
N ASP I 91 -3.98 8.65 53.92
CA ASP I 91 -5.41 8.40 54.08
C ASP I 91 -5.71 6.90 54.06
N LEU I 92 -5.11 6.17 53.13
CA LEU I 92 -5.43 4.75 52.99
C LEU I 92 -5.08 3.97 54.24
N LEU I 93 -3.88 4.18 54.78
CA LEU I 93 -3.47 3.44 55.97
C LEU I 93 -4.13 3.96 57.24
N ALA I 94 -4.70 5.17 57.21
CA ALA I 94 -5.36 5.71 58.38
C ALA I 94 -6.62 4.92 58.72
N ASN I 95 -7.46 4.66 57.71
CA ASN I 95 -8.79 4.13 57.95
C ASN I 95 -9.10 2.83 57.21
N ASN I 96 -8.26 2.41 56.26
CA ASN I 96 -8.45 1.14 55.59
C ASN I 96 -7.13 0.40 55.49
N PRO I 97 -6.41 0.20 56.59
CA PRO I 97 -5.11 -0.48 56.49
C PRO I 97 -5.21 -1.86 55.89
N GLU I 98 -6.22 -2.63 56.26
CA GLU I 98 -6.34 -4.00 55.77
C GLU I 98 -6.47 -4.04 54.26
N LYS I 99 -7.13 -3.04 53.68
CA LYS I 99 -7.31 -3.01 52.23
C LYS I 99 -6.04 -2.63 51.49
N ALA I 100 -5.04 -2.10 52.19
CA ALA I 100 -3.77 -1.74 51.58
C ALA I 100 -2.76 -2.88 51.67
N VAL I 101 -2.73 -3.60 52.79
CA VAL I 101 -1.85 -4.75 52.92
C VAL I 101 -2.29 -5.85 51.96
N GLU I 102 -3.60 -6.10 51.88
CA GLU I 102 -4.10 -7.14 51.00
C GLU I 102 -3.86 -6.81 49.53
N LYS I 103 -3.87 -5.52 49.19
CA LYS I 103 -3.54 -5.12 47.82
C LYS I 103 -2.08 -5.39 47.52
N ALA I 104 -1.19 -5.10 48.47
CA ALA I 104 0.24 -5.35 48.25
C ALA I 104 0.49 -6.83 48.00
N VAL I 105 -0.05 -7.70 48.84
CA VAL I 105 0.20 -9.13 48.68
C VAL I 105 -0.39 -9.62 47.36
N LYS I 106 -1.53 -9.06 46.96
CA LYS I 106 -2.16 -9.51 45.71
C LYS I 106 -1.22 -9.32 44.53
N GLY I 107 -0.50 -8.20 44.49
CA GLY I 107 0.45 -7.99 43.41
C GLY I 107 1.61 -8.96 43.44
N MET I 108 1.97 -9.45 44.61
CA MET I 108 3.09 -10.38 44.75
C MET I 108 2.62 -11.82 44.62
N LEU I 109 1.79 -12.10 43.62
CA LEU I 109 1.23 -13.42 43.41
C LEU I 109 0.78 -13.52 41.96
N PRO I 110 0.69 -14.73 41.41
CA PRO I 110 0.26 -14.85 40.02
C PRO I 110 -1.13 -14.27 39.83
N LYS I 111 -1.35 -13.65 38.67
CA LYS I 111 -2.63 -13.04 38.34
C LYS I 111 -3.53 -14.00 37.57
N ASN I 112 -3.37 -15.30 37.78
CA ASN I 112 -4.17 -16.30 37.08
C ASN I 112 -5.33 -16.73 37.98
N SER I 113 -6.04 -17.77 37.57
CA SER I 113 -7.16 -18.30 38.32
C SER I 113 -6.74 -19.09 39.55
N LEU I 114 -5.45 -19.35 39.72
CA LEU I 114 -4.96 -20.01 40.92
C LEU I 114 -4.44 -19.03 41.94
N GLY I 115 -3.81 -17.94 41.50
CA GLY I 115 -3.33 -16.95 42.44
C GLY I 115 -4.46 -16.30 43.21
N ARG I 116 -5.65 -16.20 42.62
CA ARG I 116 -6.79 -15.70 43.37
C ARG I 116 -7.29 -16.72 44.37
N GLN I 117 -7.07 -18.01 44.11
CA GLN I 117 -7.38 -19.02 45.10
C GLN I 117 -6.38 -19.03 46.24
N MET I 118 -5.10 -18.78 45.94
CA MET I 118 -4.12 -18.63 47.01
C MET I 118 -4.45 -17.42 47.88
N LEU I 119 -4.82 -16.30 47.26
CA LEU I 119 -5.00 -15.06 47.99
C LEU I 119 -6.16 -15.14 48.97
N SER I 120 -7.04 -16.11 48.83
CA SER I 120 -8.17 -16.26 49.74
C SER I 120 -7.74 -16.83 51.08
N LYS I 121 -6.46 -17.17 51.25
CA LYS I 121 -5.96 -17.76 52.49
C LYS I 121 -5.20 -16.75 53.33
N LEU I 122 -5.59 -15.48 53.25
CA LEU I 122 -4.88 -14.40 53.94
C LEU I 122 -5.89 -13.50 54.60
N LYS I 123 -5.93 -13.54 55.93
CA LYS I 123 -6.85 -12.73 56.72
C LYS I 123 -6.07 -11.55 57.29
N VAL I 124 -6.56 -10.33 57.04
CA VAL I 124 -5.91 -9.11 57.50
C VAL I 124 -6.82 -8.42 58.51
N TYR I 125 -6.22 -7.93 59.59
CA TYR I 125 -6.95 -7.29 60.67
C TYR I 125 -6.14 -6.11 61.17
N ALA I 126 -6.83 -5.15 61.79
CA ALA I 126 -6.18 -3.94 62.28
C ALA I 126 -5.82 -4.01 63.76
N GLY I 127 -6.51 -4.82 64.55
CA GLY I 127 -6.23 -4.91 65.96
C GLY I 127 -5.24 -6.02 66.28
N GLU I 128 -5.16 -6.34 67.56
CA GLU I 128 -4.38 -7.48 68.02
C GLU I 128 -5.22 -8.74 68.12
N ASN I 129 -6.50 -8.66 67.74
CA ASN I 129 -7.45 -9.74 67.94
C ASN I 129 -7.91 -10.23 66.58
N HIS I 130 -7.73 -11.52 66.32
CA HIS I 130 -8.23 -12.18 65.14
C HIS I 130 -9.25 -13.23 65.53
N PRO I 131 -10.41 -13.29 64.85
CA PRO I 131 -11.44 -14.27 65.25
C PRO I 131 -11.04 -15.71 65.03
N HIS I 132 -9.96 -15.97 64.31
CA HIS I 132 -9.64 -17.32 63.88
C HIS I 132 -8.91 -18.06 64.99
N ALA I 133 -9.45 -18.02 66.21
CA ALA I 133 -8.80 -18.62 67.35
C ALA I 133 -9.02 -20.12 67.45
N ALA I 134 -9.97 -20.66 66.69
CA ALA I 134 -10.24 -22.09 66.69
C ALA I 134 -9.40 -22.85 65.68
N GLN I 135 -8.60 -22.16 64.87
CA GLN I 135 -7.71 -22.80 63.92
C GLN I 135 -6.33 -23.05 64.49
N GLN I 136 -6.10 -22.66 65.74
CA GLN I 136 -4.81 -22.87 66.39
C GLN I 136 -3.69 -22.32 65.52
N PRO I 137 -3.66 -21.03 65.25
CA PRO I 137 -2.56 -20.45 64.49
C PRO I 137 -1.28 -20.44 65.32
N VAL I 138 -0.16 -20.51 64.62
CA VAL I 138 1.17 -20.54 65.23
C VAL I 138 1.87 -19.24 64.89
N PRO I 139 2.32 -18.47 65.88
CA PRO I 139 3.06 -17.24 65.56
C PRO I 139 4.25 -17.55 64.65
N PHE I 140 4.47 -16.67 63.67
CA PHE I 140 5.48 -16.88 62.64
C PHE I 140 6.40 -15.66 62.63
N GLU I 141 7.62 -15.84 63.10
CA GLU I 141 8.61 -14.77 63.08
C GLU I 141 9.24 -14.67 61.70
N ILE I 142 9.80 -13.50 61.42
CA ILE I 142 10.44 -13.21 60.14
C ILE I 142 11.94 -13.27 60.38
N THR I 143 12.60 -14.24 59.74
CA THR I 143 14.02 -14.49 59.95
C THR I 143 14.72 -14.69 58.62
N GLN I 144 16.03 -14.48 58.62
CA GLN I 144 16.88 -14.66 57.47
C GLN I 144 17.84 -15.83 57.72
N VAL I 145 18.52 -16.26 56.66
CA VAL I 145 19.41 -17.41 56.75
C VAL I 145 20.84 -16.95 56.53
N ALA I 146 21.79 -17.88 56.61
CA ALA I 146 23.19 -17.56 56.39
C ALA I 146 23.46 -17.32 54.92
N MET J 1 -45.42 36.85 26.23
CA MET J 1 -44.02 36.53 25.87
C MET J 1 -43.62 37.18 24.56
N ILE J 2 -42.66 38.09 24.63
CA ILE J 2 -42.16 38.83 23.48
C ILE J 2 -40.67 38.55 23.36
N GLN J 3 -40.23 38.14 22.17
CA GLN J 3 -38.84 37.75 21.99
C GLN J 3 -38.21 38.49 20.82
N GLN J 4 -36.97 38.12 20.48
CA GLN J 4 -36.25 38.81 19.43
C GLN J 4 -36.98 38.64 18.09
N GLU J 5 -36.92 39.67 17.26
CA GLU J 5 -37.70 39.82 16.03
C GLU J 5 -39.20 39.98 16.26
N SER J 6 -39.65 40.18 17.50
CA SER J 6 -41.04 40.50 17.75
C SER J 6 -41.27 41.99 17.58
N ARG J 7 -42.45 42.35 17.10
CA ARG J 7 -42.80 43.74 16.84
C ARG J 7 -43.89 44.19 17.79
N LEU J 8 -43.71 45.38 18.36
CA LEU J 8 -44.60 45.92 19.38
C LEU J 8 -45.15 47.26 18.91
N ARG J 9 -46.37 47.56 19.31
CA ARG J 9 -46.92 48.90 19.12
C ARG J 9 -46.45 49.79 20.25
N VAL J 10 -46.05 51.01 19.90
CA VAL J 10 -45.65 51.99 20.91
C VAL J 10 -46.90 52.67 21.43
N ALA J 11 -47.02 52.78 22.75
CA ALA J 11 -48.23 53.27 23.39
C ALA J 11 -48.12 54.71 23.85
N ASP J 12 -47.05 55.40 23.52
CA ASP J 12 -46.87 56.81 23.89
C ASP J 12 -46.67 57.65 22.64
N ASN J 13 -46.38 58.94 22.85
CA ASN J 13 -46.35 59.93 21.78
C ASN J 13 -44.94 60.37 21.40
N THR J 14 -43.95 59.48 21.51
CA THR J 14 -42.60 59.85 21.12
C THR J 14 -42.44 59.99 19.61
N GLY J 15 -43.45 59.61 18.83
CA GLY J 15 -43.36 59.66 17.39
C GLY J 15 -43.14 58.32 16.73
N ALA J 16 -42.76 57.31 17.50
CA ALA J 16 -42.61 55.97 16.97
C ALA J 16 -43.96 55.25 16.96
N LYS J 17 -44.12 54.34 15.99
CA LYS J 17 -45.30 53.49 15.93
C LYS J 17 -45.01 52.02 16.14
N GLU J 18 -43.94 51.49 15.56
CA GLU J 18 -43.65 50.06 15.61
C GLU J 18 -42.18 49.88 15.88
N ILE J 19 -41.85 49.02 16.85
CA ILE J 19 -40.48 48.76 17.24
C ILE J 19 -40.22 47.26 17.17
N LEU J 20 -39.03 46.89 16.71
CA LEU J 20 -38.61 45.50 16.61
C LEU J 20 -37.70 45.19 17.79
N CYS J 21 -38.02 44.12 18.52
CA CYS J 21 -37.28 43.79 19.73
C CYS J 21 -35.90 43.24 19.37
N ILE J 22 -34.85 43.93 19.81
CA ILE J 22 -33.49 43.48 19.53
C ILE J 22 -33.03 42.46 20.55
N ARG J 23 -33.37 42.67 21.83
CA ARG J 23 -32.79 41.87 22.89
C ARG J 23 -33.68 42.01 24.11
N VAL J 24 -33.61 41.03 25.00
CA VAL J 24 -34.28 41.07 26.29
C VAL J 24 -33.21 41.18 27.36
N LEU J 25 -33.31 42.21 28.20
CA LEU J 25 -32.31 42.46 29.21
C LEU J 25 -32.64 41.70 30.48
N GLY J 26 -31.66 41.65 31.38
CA GLY J 26 -31.83 41.03 32.68
C GLY J 26 -31.29 39.62 32.80
N GLY J 27 -30.49 39.16 31.85
CA GLY J 27 -29.90 37.85 31.95
C GLY J 27 -29.31 37.35 30.66
N SER J 28 -28.33 36.47 30.75
CA SER J 28 -27.69 35.90 29.56
C SER J 28 -28.57 34.79 29.01
N GLY J 29 -28.91 34.89 27.74
CA GLY J 29 -29.78 33.91 27.12
C GLY J 29 -31.24 34.05 27.48
N ARG J 30 -31.64 35.17 28.11
CA ARG J 30 -33.04 35.38 28.41
C ARG J 30 -33.86 35.30 27.14
N ARG J 31 -35.00 34.61 27.25
CA ARG J 31 -35.78 34.22 26.09
C ARG J 31 -37.02 35.09 25.91
N TYR J 32 -37.84 35.23 26.94
CA TYR J 32 -39.14 35.88 26.84
C TYR J 32 -39.24 37.04 27.81
N ALA J 33 -39.95 38.09 27.37
CA ALA J 33 -40.22 39.26 28.19
C ALA J 33 -41.73 39.46 28.29
N GLY J 34 -42.19 39.84 29.48
CA GLY J 34 -43.60 40.05 29.72
C GLY J 34 -43.89 41.50 30.05
N ILE J 35 -44.92 41.75 30.86
CA ILE J 35 -45.20 43.11 31.29
C ILE J 35 -44.18 43.53 32.33
N GLY J 36 -43.61 44.72 32.14
CA GLY J 36 -42.63 45.26 33.05
C GLY J 36 -41.19 44.91 32.74
N ASP J 37 -40.93 44.17 31.67
CA ASP J 37 -39.58 43.79 31.30
C ASP J 37 -39.01 44.77 30.29
N VAL J 38 -37.78 45.20 30.52
CA VAL J 38 -37.11 46.20 29.68
C VAL J 38 -36.42 45.50 28.52
N ILE J 39 -36.57 46.05 27.32
CA ILE J 39 -36.00 45.48 26.11
C ILE J 39 -35.34 46.58 25.30
N VAL J 40 -34.44 46.17 24.41
CA VAL J 40 -33.84 47.06 23.42
C VAL J 40 -34.53 46.79 22.09
N ALA J 41 -35.02 47.84 21.45
CA ALA J 41 -35.72 47.70 20.19
C ALA J 41 -35.25 48.76 19.22
N THR J 42 -35.52 48.53 17.94
CA THR J 42 -35.25 49.50 16.89
C THR J 42 -36.59 50.00 16.35
N VAL J 43 -36.62 51.29 16.01
CA VAL J 43 -37.85 51.92 15.55
C VAL J 43 -38.04 51.55 14.08
N LYS J 44 -39.08 50.77 13.80
CA LYS J 44 -39.35 50.30 12.44
C LYS J 44 -40.31 51.19 11.68
N ASP J 45 -41.16 51.94 12.38
CA ASP J 45 -42.07 52.87 11.75
C ASP J 45 -42.32 54.03 12.71
N ALA J 46 -42.27 55.25 12.19
CA ALA J 46 -42.40 56.44 13.04
C ALA J 46 -43.24 57.50 12.33
N ILE J 47 -43.84 58.36 13.14
CA ILE J 47 -44.59 59.51 12.60
C ILE J 47 -43.59 60.51 12.02
N PRO J 48 -43.80 61.02 10.81
CA PRO J 48 -42.91 62.06 10.30
C PRO J 48 -42.89 63.27 11.23
N GLY J 49 -41.68 63.81 11.44
CA GLY J 49 -41.51 64.97 12.28
C GLY J 49 -41.41 64.69 13.76
N GLY J 50 -41.53 63.43 14.17
CA GLY J 50 -41.45 63.10 15.58
C GLY J 50 -40.03 63.13 16.11
N ASN J 51 -39.91 62.97 17.42
CA ASN J 51 -38.59 63.00 18.05
C ASN J 51 -37.73 61.82 17.61
N VAL J 52 -38.27 60.61 17.68
CA VAL J 52 -37.52 59.40 17.35
C VAL J 52 -37.73 59.07 15.88
N LYS J 53 -36.63 58.90 15.16
CA LYS J 53 -36.67 58.67 13.72
C LYS J 53 -36.50 57.19 13.45
N LYS J 54 -37.09 56.73 12.33
CA LYS J 54 -36.98 55.34 11.95
C LYS J 54 -35.51 54.95 11.87
N GLY J 55 -35.18 53.81 12.46
CA GLY J 55 -33.82 53.33 12.52
C GLY J 55 -33.12 53.55 13.84
N ASP J 56 -33.72 54.31 14.75
CA ASP J 56 -33.12 54.54 16.06
C ASP J 56 -33.15 53.26 16.88
N VAL J 57 -32.16 53.11 17.75
CA VAL J 57 -32.08 52.00 18.69
C VAL J 57 -32.48 52.54 20.05
N VAL J 58 -33.51 51.96 20.65
CA VAL J 58 -34.12 52.49 21.86
C VAL J 58 -34.37 51.37 22.86
N LYS J 59 -34.55 51.76 24.12
CA LYS J 59 -34.96 50.87 25.18
C LYS J 59 -36.41 51.14 25.52
N ALA J 60 -37.22 50.08 25.61
CA ALA J 60 -38.64 50.21 25.84
C ALA J 60 -39.08 49.21 26.88
N VAL J 61 -40.09 49.60 27.66
CA VAL J 61 -40.68 48.74 28.68
C VAL J 61 -41.99 48.21 28.14
N ILE J 62 -42.22 46.91 28.32
CA ILE J 62 -43.41 46.28 27.80
C ILE J 62 -44.55 46.49 28.79
N VAL J 63 -45.66 47.04 28.29
CA VAL J 63 -46.80 47.38 29.15
C VAL J 63 -48.02 46.53 28.86
N ARG J 64 -48.12 45.90 27.71
CA ARG J 64 -49.20 44.98 27.41
C ARG J 64 -48.64 43.75 26.71
N THR J 65 -49.28 42.61 26.92
CA THR J 65 -48.91 41.38 26.25
C THR J 65 -50.17 40.61 25.89
N VAL J 66 -50.09 39.84 24.81
CA VAL J 66 -51.21 39.00 24.40
C VAL J 66 -51.20 37.67 25.14
N LYS J 67 -50.05 37.22 25.64
CA LYS J 67 -49.96 35.98 26.39
C LYS J 67 -50.41 36.25 27.82
N GLU J 68 -51.46 35.56 28.25
CA GLU J 68 -51.99 35.80 29.58
C GLU J 68 -50.90 35.57 30.64
N ARG J 69 -50.86 36.48 31.61
CA ARG J 69 -49.88 36.42 32.69
C ARG J 69 -50.59 36.15 34.00
N ARG J 70 -50.07 35.19 34.76
CA ARG J 70 -50.62 34.84 36.05
C ARG J 70 -50.24 35.88 37.10
N ARG J 71 -51.14 36.08 38.06
CA ARG J 71 -50.85 36.88 39.25
C ARG J 71 -50.85 35.99 40.48
N GLN J 72 -50.36 36.56 41.58
CA GLN J 72 -50.22 35.80 42.81
C GLN J 72 -51.58 35.29 43.29
N ASP J 73 -52.60 36.13 43.19
CA ASP J 73 -53.93 35.77 43.68
C ASP J 73 -54.62 34.71 42.83
N GLY J 74 -53.97 34.17 41.81
CA GLY J 74 -54.53 33.11 40.99
C GLY J 74 -55.23 33.59 39.74
N SER J 75 -55.48 34.88 39.60
CA SER J 75 -56.16 35.40 38.44
C SER J 75 -55.17 35.74 37.33
N TYR J 76 -55.69 35.86 36.11
CA TYR J 76 -54.89 36.15 34.93
C TYR J 76 -55.43 37.37 34.20
N ILE J 77 -54.55 37.99 33.42
CA ILE J 77 -54.87 39.15 32.59
C ILE J 77 -54.23 38.97 31.24
N ARG J 78 -54.94 39.36 30.19
CA ARG J 78 -54.38 39.40 28.85
C ARG J 78 -55.03 40.50 28.06
N PHE J 79 -54.32 40.98 27.05
CA PHE J 79 -54.75 42.07 26.20
C PHE J 79 -54.88 41.56 24.77
N ASP J 80 -55.26 42.46 23.86
CA ASP J 80 -55.39 42.09 22.46
C ASP J 80 -54.15 42.38 21.64
N GLU J 81 -53.21 43.17 22.16
CA GLU J 81 -52.02 43.52 21.39
C GLU J 81 -50.85 43.68 22.33
N ASN J 82 -49.64 43.53 21.78
CA ASN J 82 -48.41 43.75 22.52
C ASN J 82 -48.01 45.21 22.37
N ALA J 83 -47.72 45.87 23.49
CA ALA J 83 -47.40 47.29 23.46
C ALA J 83 -46.28 47.60 24.44
N ALA J 84 -45.51 48.65 24.13
CA ALA J 84 -44.39 49.06 24.95
C ALA J 84 -44.31 50.58 24.97
N VAL J 85 -43.56 51.09 25.94
CA VAL J 85 -43.31 52.53 26.09
C VAL J 85 -41.82 52.75 26.03
N ILE J 86 -41.38 53.68 25.18
CA ILE J 86 -39.96 53.95 25.03
C ILE J 86 -39.46 54.69 26.26
N LEU J 87 -38.36 54.23 26.83
CA LEU J 87 -37.76 54.84 28.00
C LEU J 87 -36.57 55.69 27.61
N LYS J 88 -36.22 56.61 28.50
CA LYS J 88 -34.92 57.25 28.45
C LYS J 88 -33.90 56.38 29.16
N ASN J 89 -32.63 56.77 29.06
CA ASN J 89 -31.58 55.99 29.71
C ASN J 89 -31.78 55.92 31.22
N ASP J 90 -32.41 56.94 31.81
CA ASP J 90 -32.55 57.00 33.26
C ASP J 90 -33.78 56.24 33.75
N GLY J 91 -34.45 55.48 32.88
CA GLY J 91 -35.62 54.72 33.28
C GLY J 91 -36.92 55.49 33.24
N ASP J 92 -36.93 56.71 32.74
CA ASP J 92 -38.14 57.51 32.67
C ASP J 92 -38.67 57.53 31.23
N PRO J 93 -39.98 57.53 31.02
CA PRO J 93 -40.49 57.48 29.65
C PRO J 93 -40.09 58.71 28.84
N ARG J 94 -39.83 58.50 27.56
CA ARG J 94 -39.49 59.62 26.68
C ARG J 94 -40.72 60.45 26.37
N GLY J 95 -41.85 59.81 26.09
CA GLY J 95 -43.08 60.53 25.82
C GLY J 95 -43.70 61.09 27.08
N THR J 96 -44.75 61.89 26.88
CA THR J 96 -45.46 62.52 27.98
C THR J 96 -46.90 62.03 28.12
N ARG J 97 -47.41 61.27 27.16
CA ARG J 97 -48.77 60.76 27.20
C ARG J 97 -48.74 59.29 26.82
N ILE J 98 -49.64 58.52 27.43
CA ILE J 98 -49.67 57.07 27.25
C ILE J 98 -51.09 56.66 26.86
N PHE J 99 -51.21 55.84 25.84
CA PHE J 99 -52.50 55.43 25.31
C PHE J 99 -52.85 54.02 25.75
N GLY J 100 -54.14 53.79 26.00
CA GLY J 100 -54.64 52.48 26.34
C GLY J 100 -54.30 52.08 27.77
N PRO J 101 -54.84 50.96 28.22
CA PRO J 101 -54.55 50.48 29.57
C PRO J 101 -53.17 49.85 29.67
N VAL J 102 -52.71 49.70 30.91
CA VAL J 102 -51.45 49.04 31.20
C VAL J 102 -51.67 48.08 32.36
N GLY J 103 -50.76 47.11 32.48
CA GLY J 103 -50.89 46.11 33.51
C GLY J 103 -50.37 46.60 34.85
N ARG J 104 -50.94 46.03 35.92
CA ARG J 104 -50.55 46.41 37.27
C ARG J 104 -49.15 45.94 37.64
N GLU J 105 -48.52 45.09 36.84
CA GLU J 105 -47.18 44.60 37.17
C GLU J 105 -46.16 45.73 37.20
N LEU J 106 -46.45 46.86 36.57
CA LEU J 106 -45.49 47.95 36.57
C LEU J 106 -45.25 48.51 37.97
N ARG J 107 -46.25 48.43 38.85
CA ARG J 107 -46.11 49.08 40.16
C ARG J 107 -44.94 48.49 40.94
N GLU J 108 -44.84 47.16 40.99
CA GLU J 108 -43.78 46.53 41.75
C GLU J 108 -42.41 46.78 41.11
N LYS J 109 -42.36 46.98 39.80
CA LYS J 109 -41.11 47.24 39.11
C LYS J 109 -40.73 48.71 39.06
N LYS J 110 -41.53 49.59 39.69
CA LYS J 110 -41.15 50.97 39.92
C LYS J 110 -41.14 51.80 38.64
N PHE J 111 -42.08 51.50 37.74
CA PHE J 111 -42.38 52.39 36.61
C PHE J 111 -43.51 53.36 36.97
N MET J 112 -43.32 54.10 38.05
CA MET J 112 -44.41 54.90 38.61
C MET J 112 -44.86 55.99 37.65
N LYS J 113 -43.95 56.60 36.91
CA LYS J 113 -44.34 57.65 35.97
C LYS J 113 -45.20 57.08 34.84
N ILE J 114 -44.86 55.88 34.37
CA ILE J 114 -45.70 55.21 33.37
C ILE J 114 -47.12 55.09 33.90
N ILE J 115 -47.24 54.67 35.15
CA ILE J 115 -48.55 54.41 35.74
C ILE J 115 -49.31 55.72 35.96
N SER J 116 -48.65 56.73 36.51
CA SER J 116 -49.32 58.00 36.74
C SER J 116 -49.93 58.55 35.46
N LEU J 117 -49.26 58.35 34.32
CA LEU J 117 -49.73 58.86 33.05
C LEU J 117 -50.70 57.93 32.35
N ALA J 118 -50.81 56.68 32.78
CA ALA J 118 -51.63 55.72 32.07
C ALA J 118 -53.11 55.98 32.34
N PRO J 119 -53.96 55.93 31.31
CA PRO J 119 -55.38 56.19 31.54
C PRO J 119 -56.03 55.21 32.49
N GLU J 120 -55.60 53.96 32.49
CA GLU J 120 -56.21 52.96 33.35
C GLU J 120 -55.21 51.83 33.57
N VAL J 121 -55.14 51.36 34.80
CA VAL J 121 -54.23 50.29 35.19
C VAL J 121 -55.08 49.12 35.67
N LEU J 122 -54.98 48.00 34.96
CA LEU J 122 -55.81 46.84 35.26
C LEU J 122 -54.98 45.70 35.84
N ALA K 2 75.91 14.88 -13.25
CA ALA K 2 75.25 15.00 -11.94
C ALA K 2 74.10 16.02 -12.01
N TYR K 3 73.54 16.40 -10.87
CA TYR K 3 72.64 17.56 -10.81
C TYR K 3 73.43 18.84 -11.11
N GLY K 4 72.99 19.58 -12.11
CA GLY K 4 73.76 20.71 -12.62
C GLY K 4 74.26 21.68 -11.57
N VAL K 5 75.14 22.58 -11.98
CA VAL K 5 75.74 23.57 -11.11
C VAL K 5 75.01 24.89 -11.32
N LYS K 6 75.31 25.87 -10.48
CA LYS K 6 74.64 27.16 -10.53
C LYS K 6 75.18 28.01 -11.68
N ILE K 7 74.81 29.29 -11.71
CA ILE K 7 75.30 30.19 -12.74
C ILE K 7 76.36 31.04 -12.05
N ALA K 8 77.07 31.86 -12.81
CA ALA K 8 78.15 32.66 -12.24
C ALA K 8 77.99 34.13 -12.63
N LYS K 9 78.94 34.97 -12.19
CA LYS K 9 78.85 36.41 -12.39
C LYS K 9 80.24 36.94 -12.69
N GLY K 10 80.35 37.70 -13.78
CA GLY K 10 81.65 38.18 -14.23
C GLY K 10 82.63 37.04 -14.36
N LYS K 11 83.62 37.02 -13.47
CA LYS K 11 84.58 35.93 -13.44
C LYS K 11 83.88 34.65 -12.94
N ALA K 12 84.52 33.51 -13.22
CA ALA K 12 83.94 32.19 -12.96
C ALA K 12 82.75 31.90 -13.86
N TYR K 13 82.48 32.77 -14.84
CA TYR K 13 81.45 32.46 -15.81
C TYR K 13 81.95 31.47 -16.86
N LYS K 14 83.22 31.59 -17.25
CA LYS K 14 83.82 30.55 -18.09
C LYS K 14 83.75 29.19 -17.41
N GLY K 15 84.17 29.12 -16.15
CA GLY K 15 84.17 27.84 -15.47
C GLY K 15 82.77 27.26 -15.30
N ALA K 16 81.83 28.08 -14.85
CA ALA K 16 80.47 27.60 -14.65
C ALA K 16 79.84 27.17 -15.97
N ALA K 17 79.97 28.01 -17.01
CA ALA K 17 79.35 27.69 -18.28
C ALA K 17 79.89 26.37 -18.84
N LEU K 18 81.21 26.19 -18.78
CA LEU K 18 81.80 24.93 -19.24
C LEU K 18 81.28 23.76 -18.41
N LYS K 19 81.26 23.90 -17.10
CA LYS K 19 80.78 22.82 -16.24
C LYS K 19 79.31 22.54 -16.51
N ARG K 20 78.49 23.60 -16.58
CA ARG K 20 77.09 23.46 -16.92
C ARG K 20 76.93 22.77 -18.27
N ARG K 21 77.77 23.14 -19.24
CA ARG K 21 77.76 22.46 -20.53
C ARG K 21 78.19 21.00 -20.39
N HIS K 22 79.16 20.74 -19.50
CA HIS K 22 79.61 19.35 -19.32
C HIS K 22 78.48 18.48 -18.81
N ILE K 23 77.68 18.99 -17.88
CA ILE K 23 76.55 18.20 -17.37
C ILE K 23 75.56 17.91 -18.49
N ARG K 24 75.27 18.90 -19.33
CA ARG K 24 74.37 18.69 -20.45
C ARG K 24 74.80 17.48 -21.27
N ILE K 25 76.11 17.35 -21.50
CA ILE K 25 76.62 16.27 -22.31
C ILE K 25 76.58 14.94 -21.57
N ARG K 26 76.59 14.97 -20.24
CA ARG K 26 76.65 13.76 -19.43
C ARG K 26 75.27 13.23 -19.03
N LYS K 27 74.20 13.83 -19.52
CA LYS K 27 72.87 13.27 -19.31
C LYS K 27 72.48 12.28 -20.41
N LYS K 28 73.35 12.07 -21.40
CA LYS K 28 73.11 11.07 -22.43
C LYS K 28 74.37 10.25 -22.74
N VAL K 29 75.47 10.50 -22.04
CA VAL K 29 76.74 9.81 -22.28
C VAL K 29 77.20 9.28 -20.92
N SER K 30 77.07 7.98 -20.71
CA SER K 30 77.44 7.32 -19.47
C SER K 30 78.58 6.34 -19.70
N GLY K 31 79.38 6.15 -18.66
CA GLY K 31 80.49 5.23 -18.74
C GLY K 31 80.09 3.81 -18.42
N THR K 32 79.88 3.00 -19.46
CA THR K 32 79.44 1.64 -19.29
C THR K 32 80.63 0.73 -19.01
N ALA K 33 80.38 -0.58 -18.98
CA ALA K 33 81.44 -1.55 -18.81
C ALA K 33 82.03 -1.96 -20.15
N GLU K 34 81.18 -2.13 -21.17
CA GLU K 34 81.68 -2.51 -22.49
C GLU K 34 82.35 -1.33 -23.18
N ARG K 35 81.63 -0.22 -23.34
CA ARG K 35 82.22 1.00 -23.88
C ARG K 35 82.38 2.02 -22.75
N PRO K 36 83.60 2.27 -22.29
CA PRO K 36 83.80 3.28 -21.24
C PRO K 36 83.68 4.69 -21.78
N ARG K 37 83.62 5.64 -20.84
CA ARG K 37 83.65 7.06 -21.16
C ARG K 37 85.06 7.49 -21.54
N LEU K 38 85.15 8.52 -22.40
CA LEU K 38 86.42 8.99 -22.94
C LEU K 38 86.54 10.50 -22.73
N VAL K 39 86.35 10.93 -21.49
CA VAL K 39 86.42 12.35 -21.16
C VAL K 39 87.67 12.97 -21.78
N VAL K 40 87.56 14.24 -22.18
CA VAL K 40 88.68 14.99 -22.73
C VAL K 40 88.60 16.42 -22.20
N THR K 41 89.51 16.76 -21.29
CA THR K 41 89.60 18.10 -20.73
C THR K 41 90.51 18.95 -21.62
N ARG K 42 90.13 20.21 -21.82
CA ARG K 42 90.80 21.12 -22.74
C ARG K 42 91.24 22.36 -21.96
N SER K 43 92.48 22.35 -21.48
CA SER K 43 93.02 23.47 -20.73
C SER K 43 93.79 24.41 -21.67
N ASN K 44 94.39 25.44 -21.07
CA ASN K 44 95.20 26.38 -21.84
C ASN K 44 96.56 25.81 -22.21
N ARG K 45 97.19 25.07 -21.31
CA ARG K 45 98.50 24.50 -21.59
C ARG K 45 98.39 23.30 -22.51
N GLY K 46 97.77 22.22 -22.04
CA GLY K 46 97.69 20.99 -22.79
C GLY K 46 96.30 20.42 -22.86
N ILE K 47 96.18 19.15 -23.24
CA ILE K 47 94.90 18.49 -23.40
C ILE K 47 95.04 17.07 -22.88
N THR K 48 94.27 16.72 -21.85
CA THR K 48 94.25 15.38 -21.30
C THR K 48 93.02 14.61 -21.77
N ALA K 49 93.11 13.29 -21.70
CA ALA K 49 92.02 12.41 -22.10
C ALA K 49 92.15 11.11 -21.35
N GLN K 50 91.12 10.73 -20.61
CA GLN K 50 91.10 9.50 -19.84
C GLN K 50 89.88 8.66 -20.22
N VAL K 51 89.97 7.38 -19.90
CA VAL K 51 88.94 6.40 -20.26
C VAL K 51 88.34 5.91 -18.95
N ILE K 52 87.21 6.49 -18.55
CA ILE K 52 86.64 6.28 -17.23
C ILE K 52 85.51 5.26 -17.33
N ASP K 53 85.26 4.58 -16.22
CA ASP K 53 84.18 3.61 -16.07
C ASP K 53 83.26 4.11 -14.97
N ASP K 54 82.30 4.95 -15.34
CA ASP K 54 81.45 5.58 -14.33
C ASP K 54 80.57 4.58 -13.61
N ILE K 55 80.15 3.52 -14.30
CA ILE K 55 79.33 2.49 -13.63
C ILE K 55 80.09 1.92 -12.44
N ALA K 56 81.38 1.67 -12.60
CA ALA K 56 82.22 1.22 -11.50
C ALA K 56 82.88 2.37 -10.77
N GLY K 57 83.21 3.46 -11.49
CA GLY K 57 83.89 4.60 -10.92
C GLY K 57 85.38 4.64 -11.18
N HIS K 58 85.97 3.52 -11.60
CA HIS K 58 87.41 3.47 -11.83
C HIS K 58 87.76 3.99 -13.22
N THR K 59 89.03 4.32 -13.40
CA THR K 59 89.55 4.75 -14.69
C THR K 59 90.41 3.64 -15.29
N VAL K 60 90.23 3.40 -16.58
CA VAL K 60 90.87 2.27 -17.26
C VAL K 60 92.21 2.71 -17.83
N ALA K 61 92.19 3.74 -18.68
CA ALA K 61 93.38 4.28 -19.30
C ALA K 61 93.42 5.79 -19.08
N SER K 62 94.55 6.39 -19.46
CA SER K 62 94.69 7.83 -19.30
C SER K 62 95.95 8.30 -20.02
N ALA K 63 95.89 9.51 -20.57
CA ALA K 63 97.03 10.12 -21.23
C ALA K 63 96.82 11.62 -21.24
N SER K 64 97.92 12.35 -21.25
CA SER K 64 97.88 13.81 -21.17
C SER K 64 99.21 14.35 -21.69
N THR K 65 99.40 15.66 -21.56
CA THR K 65 100.62 16.31 -21.99
C THR K 65 101.72 16.27 -20.93
N LEU K 66 101.42 15.74 -19.75
CA LEU K 66 102.43 15.59 -18.71
C LEU K 66 103.34 14.39 -18.96
N ASP K 67 102.91 13.45 -19.79
CA ASP K 67 103.74 12.29 -20.08
C ASP K 67 105.00 12.71 -20.82
N ALA K 68 106.05 11.91 -20.66
CA ALA K 68 107.33 12.19 -21.31
C ALA K 68 107.17 12.30 -22.82
N SER K 69 106.34 11.43 -23.39
CA SER K 69 106.22 11.39 -24.85
C SER K 69 105.81 12.74 -25.42
N ILE K 70 105.04 13.52 -24.68
CA ILE K 70 104.61 14.84 -25.12
C ILE K 70 105.29 15.97 -24.37
N ARG K 71 105.76 15.73 -23.15
CA ARG K 71 106.21 16.80 -22.27
C ARG K 71 107.50 17.38 -22.85
N GLY K 72 107.38 18.45 -23.63
CA GLY K 72 108.53 19.05 -24.28
C GLY K 72 108.71 18.56 -25.70
N GLY K 73 108.41 19.40 -26.68
CA GLY K 73 108.60 19.00 -28.06
C GLY K 73 108.09 20.07 -29.01
N GLU K 74 108.24 19.78 -30.30
CA GLU K 74 107.87 20.70 -31.36
C GLU K 74 106.42 20.52 -31.77
N GLY K 75 105.79 21.61 -32.19
CA GLY K 75 104.43 21.56 -32.69
C GLY K 75 103.48 22.42 -31.87
N ASP K 76 102.40 22.89 -32.49
CA ASP K 76 101.40 23.65 -31.79
C ASP K 76 100.42 22.71 -31.10
N LYS K 77 99.49 23.29 -30.34
CA LYS K 77 98.56 22.46 -29.58
C LYS K 77 97.82 21.47 -30.47
N SER K 78 97.30 21.93 -31.61
CA SER K 78 96.51 21.06 -32.46
C SER K 78 97.29 19.81 -32.84
N ALA K 79 98.52 19.98 -33.31
CA ALA K 79 99.38 18.82 -33.58
C ALA K 79 99.90 18.20 -32.31
N LYS K 80 99.86 18.92 -31.18
CA LYS K 80 100.35 18.37 -29.93
C LYS K 80 99.36 17.37 -29.34
N ALA K 81 98.07 17.53 -29.64
CA ALA K 81 97.07 16.56 -29.20
C ALA K 81 97.17 15.25 -29.95
N GLN K 82 97.84 15.23 -31.10
CA GLN K 82 97.96 13.99 -31.86
C GLN K 82 98.69 12.94 -31.04
N GLN K 83 99.76 13.34 -30.35
CA GLN K 83 100.44 12.40 -29.48
C GLN K 83 99.49 11.89 -28.39
N VAL K 84 98.74 12.81 -27.77
CA VAL K 84 97.86 12.40 -26.68
C VAL K 84 96.80 11.44 -27.18
N GLY K 85 96.26 11.71 -28.37
CA GLY K 85 95.29 10.79 -28.94
C GLY K 85 95.87 9.40 -29.18
N LYS K 86 97.09 9.34 -29.71
CA LYS K 86 97.67 8.05 -30.05
C LYS K 86 97.93 7.19 -28.81
N LEU K 87 98.56 7.75 -27.79
CA LEU K 87 98.89 6.95 -26.61
C LEU K 87 97.63 6.40 -25.95
N VAL K 88 96.64 7.25 -25.70
CA VAL K 88 95.44 6.81 -24.99
C VAL K 88 94.74 5.71 -25.76
N ALA K 89 94.76 5.80 -27.10
CA ALA K 89 94.30 4.68 -27.91
C ALA K 89 95.12 3.42 -27.63
N GLU K 90 96.45 3.58 -27.53
CA GLU K 90 97.29 2.44 -27.21
C GLU K 90 97.00 1.92 -25.81
N ARG K 91 96.89 2.82 -24.84
CA ARG K 91 96.65 2.42 -23.46
C ARG K 91 95.24 1.86 -23.28
N ALA K 92 94.33 2.13 -24.21
CA ALA K 92 93.01 1.53 -24.20
C ALA K 92 93.00 0.17 -24.89
N LYS K 93 93.67 0.05 -26.04
CA LYS K 93 93.80 -1.25 -26.69
C LYS K 93 94.46 -2.25 -25.75
N ALA K 94 95.46 -1.81 -25.00
CA ALA K 94 96.17 -2.73 -24.11
C ALA K 94 95.21 -3.36 -23.11
N ALA K 95 94.45 -2.54 -22.39
CA ALA K 95 93.55 -3.05 -21.36
C ALA K 95 92.20 -3.45 -21.94
N GLY K 96 92.22 -4.23 -23.02
CA GLY K 96 91.00 -4.78 -23.58
C GLY K 96 89.88 -3.79 -23.76
N VAL K 97 90.05 -2.81 -24.65
CA VAL K 97 88.99 -1.87 -25.00
C VAL K 97 89.02 -1.64 -26.49
N GLU K 98 87.86 -1.82 -27.14
CA GLU K 98 87.75 -1.61 -28.59
C GLU K 98 86.81 -0.47 -28.93
N ALA K 99 85.66 -0.38 -28.27
CA ALA K 99 84.65 0.62 -28.56
C ALA K 99 84.47 1.51 -27.34
N VAL K 100 84.51 2.82 -27.55
CA VAL K 100 84.32 3.79 -26.48
C VAL K 100 83.35 4.86 -26.96
N VAL K 101 82.79 5.60 -26.01
CA VAL K 101 81.87 6.70 -26.29
C VAL K 101 82.62 8.00 -26.04
N PHE K 102 82.83 8.76 -27.11
CA PHE K 102 83.46 10.07 -26.97
C PHE K 102 82.50 11.06 -26.33
N ASP K 103 83.06 11.94 -25.51
CA ASP K 103 82.31 13.09 -25.04
C ASP K 103 83.19 14.33 -25.15
N ARG K 104 82.57 15.45 -25.45
CA ARG K 104 83.32 16.69 -25.66
C ARG K 104 83.91 17.20 -24.35
N GLY K 105 83.19 17.05 -23.25
CA GLY K 105 83.57 17.66 -22.00
C GLY K 105 82.96 19.02 -21.74
N GLY K 106 82.17 19.53 -22.68
CA GLY K 106 81.51 20.81 -22.51
C GLY K 106 81.95 21.79 -23.58
N ASN K 107 83.23 21.75 -23.90
CA ASN K 107 83.77 22.51 -25.01
C ASN K 107 83.27 21.94 -26.33
N ARG K 108 83.38 22.74 -27.39
CA ARG K 108 82.82 22.35 -28.68
C ARG K 108 83.73 21.36 -29.39
N TYR K 109 83.14 20.64 -30.34
CA TYR K 109 83.88 19.66 -31.14
C TYR K 109 84.46 20.38 -32.36
N ALA K 110 85.70 20.86 -32.20
CA ALA K 110 86.45 21.45 -33.29
C ALA K 110 87.87 21.64 -32.79
N GLY K 111 88.76 21.99 -33.71
CA GLY K 111 90.14 22.16 -33.31
C GLY K 111 90.67 20.91 -32.68
N ARG K 112 91.23 21.05 -31.48
CA ARG K 112 91.98 19.93 -30.89
C ARG K 112 91.05 18.75 -30.62
N ILE K 113 89.82 19.02 -30.22
CA ILE K 113 88.91 17.95 -29.85
C ILE K 113 88.63 17.08 -31.07
N ALA K 114 88.42 17.70 -32.23
CA ALA K 114 88.35 16.93 -33.46
C ALA K 114 89.68 16.24 -33.74
N ALA K 115 90.78 16.97 -33.59
CA ALA K 115 92.10 16.40 -33.87
C ALA K 115 92.40 15.24 -32.94
N LEU K 116 92.15 15.41 -31.65
CA LEU K 116 92.39 14.33 -30.70
C LEU K 116 91.49 13.13 -30.99
N ALA K 117 90.23 13.38 -31.32
CA ALA K 117 89.33 12.27 -31.66
C ALA K 117 89.85 11.51 -32.87
N ASP K 118 90.27 12.24 -33.91
CA ASP K 118 90.72 11.57 -35.12
C ASP K 118 91.97 10.76 -34.88
N ALA K 119 92.91 11.29 -34.09
CA ALA K 119 94.12 10.53 -33.77
C ALA K 119 93.77 9.26 -33.00
N ALA K 120 92.85 9.35 -32.05
CA ALA K 120 92.43 8.16 -31.32
C ALA K 120 91.61 7.23 -32.18
N ARG K 121 90.87 7.78 -33.15
CA ARG K 121 89.99 6.95 -33.97
C ARG K 121 90.75 6.14 -35.02
N GLU K 122 91.85 6.68 -35.57
CA GLU K 122 92.62 5.90 -36.53
C GLU K 122 93.44 4.81 -35.87
N ALA K 123 93.62 4.87 -34.55
CA ALA K 123 94.39 3.87 -33.83
C ALA K 123 93.59 2.61 -33.55
N GLY K 124 92.31 2.56 -33.92
CA GLY K 124 91.53 1.35 -33.80
C GLY K 124 90.19 1.55 -33.11
N LEU K 125 90.14 2.45 -32.13
CA LEU K 125 88.92 2.63 -31.36
C LEU K 125 87.77 3.05 -32.26
N LYS K 126 86.59 2.49 -31.98
CA LYS K 126 85.38 2.82 -32.71
C LYS K 126 84.59 3.86 -31.90
N PHE K 127 84.36 5.02 -32.49
CA PHE K 127 83.47 6.00 -31.90
C PHE K 127 82.07 5.78 -32.45
N ASN L 4 22.10 -71.63 -14.79
CA ASN L 4 20.79 -72.18 -15.10
C ASN L 4 19.78 -71.03 -14.96
N ASN L 5 18.50 -71.29 -15.19
CA ASN L 5 17.49 -70.23 -15.16
C ASN L 5 17.87 -69.16 -16.18
N PRO L 6 17.67 -69.42 -17.46
CA PRO L 6 18.20 -68.52 -18.49
C PRO L 6 17.56 -67.13 -18.44
N LEU L 7 18.07 -66.26 -19.30
CA LEU L 7 17.56 -64.90 -19.39
C LEU L 7 16.09 -64.89 -19.81
N LYS L 8 15.24 -64.36 -18.96
CA LYS L 8 13.83 -64.17 -19.24
C LYS L 8 13.54 -62.68 -19.36
N ILE L 9 12.46 -62.34 -20.06
CA ILE L 9 12.22 -60.94 -20.42
C ILE L 9 11.93 -60.06 -19.22
N HIS L 10 11.69 -60.64 -18.05
CA HIS L 10 11.57 -59.85 -16.82
C HIS L 10 12.88 -59.77 -16.07
N ASN L 11 13.98 -60.18 -16.68
CA ASN L 11 15.30 -60.09 -16.10
C ASN L 11 16.12 -58.98 -16.74
N LEU L 12 15.60 -58.33 -17.77
CA LEU L 12 16.33 -57.25 -18.43
C LEU L 12 16.33 -56.00 -17.56
N ARG L 13 17.50 -55.39 -17.40
CA ARG L 13 17.66 -54.15 -16.67
C ARG L 13 18.68 -53.31 -17.42
N PRO L 14 18.53 -51.99 -17.43
CA PRO L 14 19.47 -51.15 -18.16
C PRO L 14 20.81 -51.05 -17.44
N ALA L 15 21.82 -50.64 -18.20
CA ALA L 15 23.11 -50.41 -17.59
C ALA L 15 22.99 -49.30 -16.55
N PRO L 16 23.62 -49.44 -15.38
CA PRO L 16 23.45 -48.41 -14.35
C PRO L 16 23.86 -47.05 -14.86
N GLY L 17 23.06 -46.03 -14.54
CA GLY L 17 23.30 -44.69 -15.00
C GLY L 17 22.76 -44.40 -16.39
N ALA L 18 22.26 -45.41 -17.10
CA ALA L 18 21.72 -45.18 -18.43
C ALA L 18 20.49 -44.28 -18.38
N LYS L 19 19.45 -44.75 -17.71
CA LYS L 19 18.18 -44.03 -17.63
C LYS L 19 18.17 -43.14 -16.39
N THR L 20 17.87 -41.86 -16.59
CA THR L 20 17.77 -40.89 -15.51
C THR L 20 16.32 -40.45 -15.40
N ALA L 21 15.77 -40.53 -14.19
CA ALA L 21 14.36 -40.18 -13.99
C ALA L 21 14.12 -38.72 -14.31
N LYS L 22 12.97 -38.44 -14.90
CA LYS L 22 12.60 -37.09 -15.29
C LYS L 22 12.58 -36.17 -14.08
N THR L 23 12.56 -34.87 -14.36
CA THR L 23 12.48 -33.82 -13.35
C THR L 23 11.11 -33.16 -13.51
N ARG L 24 10.18 -33.49 -12.61
CA ARG L 24 8.80 -33.00 -12.70
C ARG L 24 8.71 -31.73 -11.87
N VAL L 25 8.83 -30.59 -12.52
CA VAL L 25 8.75 -29.31 -11.82
C VAL L 25 7.29 -28.98 -11.56
N GLY L 26 7.05 -28.25 -10.48
CA GLY L 26 5.72 -27.77 -10.17
C GLY L 26 4.92 -28.65 -9.25
N ARG L 27 5.46 -29.77 -8.77
CA ARG L 27 4.78 -30.65 -7.85
C ARG L 27 5.40 -30.49 -6.48
N GLY L 28 4.69 -29.84 -5.57
CA GLY L 28 5.12 -29.76 -4.19
C GLY L 28 6.19 -28.71 -3.97
N GLU L 29 6.43 -28.41 -2.70
CA GLU L 29 7.40 -27.40 -2.30
C GLU L 29 8.71 -28.02 -1.80
N ALA L 30 8.80 -29.34 -1.73
CA ALA L 30 10.04 -30.04 -1.39
C ALA L 30 10.72 -30.56 -2.64
N SER L 31 10.62 -29.79 -3.72
CA SER L 31 11.09 -30.15 -5.05
C SER L 31 11.26 -28.84 -5.81
N LYS L 32 11.29 -28.91 -7.13
CA LYS L 32 11.21 -27.68 -7.91
C LYS L 32 9.84 -27.09 -7.68
N GLY L 33 9.76 -26.16 -6.72
CA GLY L 33 8.50 -25.80 -6.11
C GLY L 33 7.59 -24.93 -6.94
N LYS L 34 6.97 -23.97 -6.28
CA LYS L 34 5.93 -23.17 -6.93
C LYS L 34 6.47 -22.45 -8.16
N THR L 35 7.66 -21.86 -8.07
CA THR L 35 8.21 -21.12 -9.18
C THR L 35 8.85 -22.00 -10.24
N ALA L 36 9.03 -23.29 -9.98
CA ALA L 36 9.63 -24.21 -10.94
C ALA L 36 11.00 -23.73 -11.40
N GLY L 37 11.78 -23.20 -10.47
CA GLY L 37 13.13 -22.76 -10.78
C GLY L 37 13.22 -21.56 -11.70
N ARG L 38 12.38 -20.54 -11.48
CA ARG L 38 12.37 -19.35 -12.32
C ARG L 38 12.53 -18.04 -11.55
N GLY L 39 12.26 -18.02 -10.26
CA GLY L 39 12.25 -16.77 -9.53
C GLY L 39 10.89 -16.11 -9.56
N THR L 40 10.87 -14.79 -9.41
CA THR L 40 9.63 -14.02 -9.31
C THR L 40 9.59 -12.92 -10.36
N LYS L 41 8.50 -12.86 -11.10
CA LYS L 41 8.05 -11.67 -11.84
C LYS L 41 9.18 -10.95 -12.58
N GLY L 42 9.69 -11.61 -13.62
CA GLY L 42 10.50 -10.95 -14.62
C GLY L 42 10.05 -11.39 -15.99
N THR L 43 10.67 -10.80 -17.02
CA THR L 43 10.43 -11.30 -18.37
C THR L 43 10.72 -12.78 -18.47
N LYS L 44 11.65 -13.28 -17.65
CA LYS L 44 12.01 -14.69 -17.66
C LYS L 44 11.15 -15.52 -16.71
N ALA L 45 10.27 -14.89 -15.92
CA ALA L 45 9.37 -15.66 -15.08
C ALA L 45 8.17 -16.18 -15.85
N ARG L 46 7.92 -15.66 -17.05
CA ARG L 46 6.85 -16.16 -17.90
C ARG L 46 7.28 -16.44 -19.32
N TYR L 47 8.41 -15.92 -19.78
CA TYR L 47 8.72 -15.88 -21.20
C TYR L 47 10.19 -16.24 -21.43
N GLN L 48 10.56 -16.37 -22.69
CA GLN L 48 11.94 -16.62 -23.08
C GLN L 48 12.58 -15.36 -23.63
N VAL L 49 13.83 -15.12 -23.25
CA VAL L 49 14.60 -13.96 -23.71
C VAL L 49 15.53 -14.43 -24.82
N PRO L 50 15.39 -13.94 -26.05
CA PRO L 50 16.24 -14.43 -27.14
C PRO L 50 17.70 -14.17 -26.86
N GLU L 51 18.56 -15.05 -27.38
CA GLU L 51 19.99 -14.92 -27.15
C GLU L 51 20.58 -13.71 -27.87
N ARG L 52 20.02 -13.30 -29.01
CA ARG L 52 20.61 -12.24 -29.80
C ARG L 52 20.11 -10.87 -29.35
N PHE L 53 20.17 -10.63 -28.05
CA PHE L 53 19.53 -9.44 -27.47
C PHE L 53 20.29 -9.06 -26.20
N GLU L 54 20.89 -7.88 -26.20
CA GLU L 54 21.70 -7.43 -25.07
C GLU L 54 21.03 -6.29 -24.30
N GLY L 55 19.71 -6.29 -24.21
CA GLY L 55 19.01 -5.25 -23.47
C GLY L 55 19.08 -3.88 -24.11
N GLY L 56 18.99 -3.80 -25.43
CA GLY L 56 18.97 -2.53 -26.10
C GLY L 56 20.34 -2.09 -26.57
N GLN L 57 21.36 -2.33 -25.76
CA GLN L 57 22.73 -2.03 -26.18
C GLN L 57 23.01 -2.73 -27.50
N MET L 58 23.87 -2.12 -28.31
CA MET L 58 24.09 -2.64 -29.65
C MET L 58 24.56 -4.09 -29.58
N PRO L 59 23.89 -5.02 -30.24
CA PRO L 59 24.24 -6.43 -30.09
C PRO L 59 25.66 -6.72 -30.53
N LEU L 60 26.21 -7.82 -30.01
CA LEU L 60 27.52 -8.29 -30.44
C LEU L 60 27.58 -8.44 -31.95
N HIS L 61 26.53 -9.00 -32.54
CA HIS L 61 26.52 -9.32 -33.95
C HIS L 61 26.16 -8.12 -34.82
N MET L 62 26.24 -6.91 -34.29
CA MET L 62 25.81 -5.75 -35.05
C MET L 62 26.74 -4.55 -34.87
N ARG L 63 27.82 -4.69 -34.10
CA ARG L 63 28.80 -3.62 -33.96
C ARG L 63 30.20 -4.02 -34.39
N LEU L 64 30.45 -5.29 -34.69
CA LEU L 64 31.70 -5.73 -35.25
C LEU L 64 31.55 -5.86 -36.76
N PRO L 65 32.55 -5.46 -37.53
CA PRO L 65 32.36 -5.41 -38.99
C PRO L 65 32.19 -6.80 -39.58
N LYS L 66 31.48 -6.84 -40.71
CA LYS L 66 31.35 -8.09 -41.44
C LYS L 66 32.72 -8.70 -41.75
N LEU L 67 32.74 -10.00 -42.01
CA LEU L 67 33.99 -10.67 -42.34
C LEU L 67 34.51 -10.19 -43.68
N LYS L 68 35.83 -10.16 -43.80
CA LYS L 68 36.46 -9.72 -45.04
C LYS L 68 36.15 -10.66 -46.19
N GLY L 69 36.00 -10.09 -47.38
CA GLY L 69 36.10 -10.86 -48.61
C GLY L 69 34.80 -11.47 -49.09
N PHE L 70 34.94 -12.17 -50.21
CA PHE L 70 33.88 -12.90 -50.89
C PHE L 70 34.13 -14.40 -50.75
N LYS L 71 33.31 -15.19 -51.43
CA LYS L 71 33.48 -16.63 -51.46
C LYS L 71 33.35 -17.11 -52.89
N ASN L 72 34.09 -18.18 -53.20
CA ASN L 72 34.16 -18.70 -54.55
C ASN L 72 33.11 -19.77 -54.75
N PRO L 73 32.12 -19.57 -55.62
CA PRO L 73 31.07 -20.59 -55.77
C PRO L 73 31.58 -21.90 -56.35
N PHE L 74 32.74 -21.91 -56.99
CA PHE L 74 33.23 -23.09 -57.70
C PHE L 74 34.54 -23.61 -57.13
N LYS L 75 34.92 -23.21 -55.92
CA LYS L 75 36.10 -23.77 -55.30
C LYS L 75 35.88 -25.25 -55.00
N THR L 76 36.88 -26.07 -55.31
CA THR L 76 36.85 -27.49 -55.01
C THR L 76 37.92 -27.83 -54.00
N GLU L 77 37.55 -28.63 -53.01
CA GLU L 77 38.48 -29.11 -52.01
C GLU L 77 38.83 -30.56 -52.27
N TYR L 78 40.11 -30.89 -52.17
CA TYR L 78 40.58 -32.26 -52.33
C TYR L 78 40.54 -33.00 -51.01
N GLN L 79 40.29 -34.31 -51.09
CA GLN L 79 40.52 -35.19 -49.96
C GLN L 79 42.01 -35.53 -49.92
N VAL L 80 42.65 -35.25 -48.80
CA VAL L 80 44.11 -35.27 -48.74
C VAL L 80 44.58 -36.45 -47.91
N VAL L 81 45.70 -37.04 -48.34
CA VAL L 81 46.30 -38.19 -47.68
C VAL L 81 47.75 -37.85 -47.39
N ASN L 82 48.12 -37.82 -46.11
CA ASN L 82 49.49 -37.56 -45.73
C ASN L 82 50.33 -38.81 -45.90
N LEU L 83 51.64 -38.61 -46.12
CA LEU L 83 52.50 -39.75 -46.41
C LEU L 83 52.58 -40.71 -45.23
N ASP L 84 52.54 -40.19 -43.99
CA ASP L 84 52.64 -41.08 -42.85
C ASP L 84 51.50 -42.08 -42.82
N LYS L 85 50.28 -41.62 -43.09
CA LYS L 85 49.12 -42.50 -43.11
C LYS L 85 48.90 -43.15 -44.47
N LEU L 86 49.71 -42.81 -45.47
CA LEU L 86 49.69 -43.52 -46.74
C LEU L 86 50.75 -44.60 -46.81
N ALA L 87 51.74 -44.56 -45.92
CA ALA L 87 52.76 -45.59 -45.82
C ALA L 87 52.36 -46.70 -44.86
N SER L 88 51.22 -46.57 -44.19
CA SER L 88 50.66 -47.65 -43.39
C SER L 88 49.62 -48.45 -44.13
N LEU L 89 48.99 -47.86 -45.16
CA LEU L 89 48.06 -48.62 -45.99
C LEU L 89 48.80 -49.53 -46.95
N TYR L 90 50.01 -49.15 -47.35
CA TYR L 90 50.84 -49.91 -48.28
C TYR L 90 52.21 -50.13 -47.65
N PRO L 91 52.33 -51.10 -46.75
CA PRO L 91 53.62 -51.37 -46.10
C PRO L 91 54.58 -52.19 -46.95
N GLU L 92 54.27 -52.39 -48.23
CA GLU L 92 55.16 -53.12 -49.13
C GLU L 92 55.26 -52.44 -50.49
N GLY L 93 54.80 -51.20 -50.60
CA GLY L 93 54.83 -50.50 -51.87
C GLY L 93 53.73 -50.96 -52.80
N GLY L 94 53.86 -50.59 -54.05
CA GLY L 94 52.92 -50.93 -55.10
C GLY L 94 52.24 -49.70 -55.67
N GLU L 95 51.36 -49.95 -56.63
CA GLU L 95 50.60 -48.88 -57.25
C GLU L 95 49.46 -48.45 -56.35
N VAL L 96 49.15 -47.16 -56.40
CA VAL L 96 48.20 -46.53 -55.50
C VAL L 96 47.21 -45.75 -56.36
N THR L 97 46.06 -46.35 -56.63
CA THR L 97 45.03 -45.71 -57.44
C THR L 97 44.01 -45.02 -56.54
N VAL L 98 43.26 -44.10 -57.14
CA VAL L 98 42.27 -43.36 -56.38
C VAL L 98 41.14 -44.27 -55.93
N ALA L 99 40.60 -45.07 -56.85
CA ALA L 99 39.48 -45.94 -56.51
C ALA L 99 39.87 -47.01 -55.50
N ASP L 100 41.16 -47.31 -55.39
CA ASP L 100 41.63 -48.24 -54.37
C ASP L 100 41.81 -47.55 -53.03
N LEU L 101 42.18 -46.27 -53.04
CA LEU L 101 42.27 -45.50 -51.81
C LEU L 101 40.90 -45.37 -51.15
N VAL L 102 39.84 -45.28 -51.95
CA VAL L 102 38.49 -45.20 -51.39
C VAL L 102 38.17 -46.45 -50.59
N ALA L 103 38.54 -47.62 -51.13
CA ALA L 103 38.22 -48.89 -50.48
C ALA L 103 39.00 -49.11 -49.19
N LYS L 104 40.05 -48.34 -48.93
CA LYS L 104 40.82 -48.44 -47.70
C LYS L 104 40.44 -47.38 -46.69
N GLY L 105 39.35 -46.66 -46.92
CA GLY L 105 38.84 -45.70 -45.94
C GLY L 105 39.79 -44.57 -45.64
N ALA L 106 40.38 -43.97 -46.68
CA ALA L 106 41.28 -42.84 -46.54
C ALA L 106 40.73 -41.56 -47.13
N VAL L 107 39.78 -41.65 -48.07
CA VAL L 107 39.20 -40.48 -48.70
C VAL L 107 37.74 -40.76 -49.03
N ARG L 108 36.91 -39.73 -48.95
CA ARG L 108 35.51 -39.86 -49.34
C ARG L 108 35.41 -40.36 -50.77
N LYS L 109 34.24 -40.89 -51.13
CA LYS L 109 34.00 -41.31 -52.50
C LYS L 109 33.68 -40.09 -53.37
N ASN L 110 34.07 -40.19 -54.65
CA ASN L 110 33.67 -39.21 -55.66
C ASN L 110 34.22 -37.82 -55.35
N GLN L 111 35.54 -37.74 -55.13
CA GLN L 111 36.21 -36.46 -54.97
C GLN L 111 37.61 -36.55 -55.56
N LEU L 112 38.33 -35.44 -55.46
CA LEU L 112 39.69 -35.33 -55.98
C LEU L 112 40.66 -35.56 -54.83
N VAL L 113 41.63 -36.42 -55.04
CA VAL L 113 42.63 -36.74 -54.04
C VAL L 113 43.87 -35.89 -54.27
N LYS L 114 44.59 -35.59 -53.19
CA LYS L 114 45.83 -34.82 -53.29
C LYS L 114 46.75 -35.28 -52.16
N VAL L 115 47.73 -36.10 -52.50
CA VAL L 115 48.68 -36.58 -51.50
C VAL L 115 49.49 -35.40 -50.97
N LEU L 116 49.61 -35.32 -49.65
CA LEU L 116 50.39 -34.27 -48.99
C LEU L 116 51.60 -34.89 -48.31
N GLY L 117 52.53 -34.04 -47.92
CA GLY L 117 53.89 -34.45 -47.63
C GLY L 117 54.28 -34.64 -46.18
N GLN L 118 53.33 -34.65 -45.25
CA GLN L 118 53.71 -34.88 -43.86
C GLN L 118 54.19 -36.33 -43.70
N GLY L 119 55.18 -36.51 -42.84
CA GLY L 119 55.70 -37.83 -42.58
C GLY L 119 56.77 -38.26 -43.55
N GLU L 120 57.13 -39.54 -43.45
CA GLU L 120 58.19 -40.14 -44.25
C GLU L 120 57.66 -41.39 -44.94
N VAL L 121 58.21 -41.67 -46.11
CA VAL L 121 57.88 -42.87 -46.88
C VAL L 121 59.15 -43.64 -47.13
N SER L 122 59.15 -44.93 -46.79
CA SER L 122 60.34 -45.76 -46.89
C SER L 122 60.29 -46.74 -48.06
N VAL L 123 59.14 -46.92 -48.69
CA VAL L 123 58.99 -47.88 -49.78
C VAL L 123 58.55 -47.14 -51.04
N ALA L 124 58.68 -47.82 -52.18
CA ALA L 124 58.36 -47.20 -53.46
C ALA L 124 56.87 -47.32 -53.75
N LEU L 125 56.26 -46.18 -54.09
CA LEU L 125 54.83 -46.10 -54.40
C LEU L 125 54.64 -45.46 -55.76
N GLN L 126 53.74 -46.03 -56.56
CA GLN L 126 53.38 -45.48 -57.87
C GLN L 126 51.99 -44.87 -57.72
N VAL L 127 51.93 -43.65 -57.22
CA VAL L 127 50.66 -43.00 -56.89
C VAL L 127 50.07 -42.38 -58.15
N THR L 128 48.79 -42.64 -58.39
CA THR L 128 48.06 -42.11 -59.53
C THR L 128 46.88 -41.32 -58.98
N VAL L 129 47.11 -40.04 -58.69
CA VAL L 129 46.15 -39.18 -58.02
C VAL L 129 45.94 -37.92 -58.84
N ASP L 130 45.10 -37.03 -58.33
CA ASP L 130 44.74 -35.81 -59.05
C ASP L 130 45.74 -34.68 -58.84
N ALA L 131 46.49 -34.69 -57.74
CA ALA L 131 47.52 -33.70 -57.51
C ALA L 131 48.41 -34.18 -56.38
N VAL L 132 49.53 -33.48 -56.19
CA VAL L 132 50.47 -33.79 -55.12
C VAL L 132 51.24 -32.52 -54.79
N SER L 133 51.56 -32.35 -53.52
CA SER L 133 52.33 -31.20 -53.08
C SER L 133 53.80 -31.39 -53.39
N GLY L 134 54.55 -30.28 -53.34
CA GLY L 134 55.96 -30.34 -53.69
C GLY L 134 56.75 -31.23 -52.76
N SER L 135 56.56 -31.08 -51.45
CA SER L 135 57.32 -31.89 -50.51
C SER L 135 56.97 -33.36 -50.63
N ALA L 136 55.68 -33.66 -50.81
CA ALA L 136 55.27 -35.05 -51.00
C ALA L 136 55.90 -35.65 -52.24
N LYS L 137 55.92 -34.89 -53.34
CA LYS L 137 56.49 -35.40 -54.59
C LYS L 137 57.96 -35.72 -54.43
N GLU L 138 58.72 -34.85 -53.79
CA GLU L 138 60.13 -35.13 -53.52
C GLU L 138 60.28 -36.40 -52.70
N LYS L 139 59.50 -36.53 -51.62
CA LYS L 139 59.65 -37.68 -50.74
C LYS L 139 59.30 -38.98 -51.46
N ILE L 140 58.25 -38.98 -52.28
CA ILE L 140 57.92 -40.18 -53.03
C ILE L 140 59.06 -40.55 -53.97
N THR L 141 59.57 -39.58 -54.73
CA THR L 141 60.62 -39.88 -55.69
C THR L 141 61.90 -40.35 -54.99
N ALA L 142 62.23 -39.73 -53.86
CA ALA L 142 63.42 -40.16 -53.12
C ALA L 142 63.34 -41.62 -52.74
N ALA L 143 62.16 -42.10 -52.35
CA ALA L 143 61.96 -43.48 -51.97
C ALA L 143 61.84 -44.42 -53.17
N GLY L 144 62.14 -43.94 -54.38
CA GLY L 144 62.08 -44.77 -55.56
C GLY L 144 60.71 -44.88 -56.20
N GLY L 145 59.72 -44.15 -55.71
CA GLY L 145 58.41 -44.14 -56.31
C GLY L 145 58.30 -43.14 -57.44
N SER L 146 57.19 -43.22 -58.16
CA SER L 146 56.87 -42.30 -59.24
C SER L 146 55.50 -41.71 -58.99
N VAL L 147 55.33 -40.43 -59.31
CA VAL L 147 54.07 -39.72 -59.12
C VAL L 147 53.54 -39.33 -60.49
N THR L 148 52.34 -39.82 -60.82
CA THR L 148 51.68 -39.53 -62.08
C THR L 148 50.35 -38.85 -61.78
N GLU L 149 50.25 -37.57 -62.07
CA GLU L 149 49.04 -36.81 -61.83
C GLU L 149 48.07 -36.98 -62.98
N LEU L 150 46.77 -36.97 -62.67
CA LEU L 150 45.75 -36.96 -63.70
C LEU L 150 45.40 -35.54 -64.12
N VAL L 151 45.59 -34.58 -63.22
CA VAL L 151 45.20 -33.19 -63.45
C VAL L 151 46.42 -32.28 -63.32
N MET M 1 -60.69 7.17 44.64
CA MET M 1 -60.11 7.38 46.00
C MET M 1 -60.16 8.85 46.42
N SER M 2 -60.79 9.68 45.59
CA SER M 2 -61.03 11.09 45.90
C SER M 2 -62.23 11.28 46.82
N HIS M 3 -62.70 10.20 47.45
CA HIS M 3 -63.86 10.30 48.33
C HIS M 3 -63.69 11.40 49.36
N VAL M 4 -62.49 11.50 49.96
CA VAL M 4 -62.24 12.51 50.99
C VAL M 4 -61.64 13.78 50.41
N LEU M 5 -61.40 13.83 49.10
CA LEU M 5 -60.89 15.05 48.49
C LEU M 5 -61.96 16.14 48.45
N ASP M 6 -63.21 15.74 48.15
CA ASP M 6 -64.29 16.72 48.12
C ASP M 6 -64.54 17.31 49.50
N ALA M 7 -64.27 16.57 50.56
CA ALA M 7 -64.41 17.12 51.91
C ALA M 7 -63.50 18.32 52.09
N VAL M 8 -62.30 18.27 51.53
CA VAL M 8 -61.39 19.41 51.58
C VAL M 8 -61.78 20.44 50.52
N ASN M 9 -62.52 20.03 49.50
CA ASN M 9 -63.02 20.93 48.47
C ASN M 9 -64.44 21.38 48.78
N ALA M 10 -64.79 21.48 50.06
CA ALA M 10 -66.08 22.02 50.47
C ALA M 10 -65.96 23.05 51.57
N ALA M 11 -64.74 23.39 51.99
CA ALA M 11 -64.51 24.42 53.00
C ALA M 11 -64.08 25.73 52.37
N SER M 12 -63.17 25.68 51.40
CA SER M 12 -62.78 26.87 50.66
C SER M 12 -63.87 27.34 49.69
N LEU M 13 -64.91 26.55 49.48
CA LEU M 13 -65.94 26.94 48.53
C LEU M 13 -66.64 28.22 48.96
N ARG M 14 -67.01 29.02 47.96
CA ARG M 14 -67.73 30.27 48.12
C ARG M 14 -69.21 30.05 47.89
N SER M 15 -70.02 30.89 48.53
CA SER M 15 -71.46 30.86 48.34
C SER M 15 -72.05 32.20 47.91
N ASP M 16 -71.31 33.30 48.04
CA ASP M 16 -71.84 34.60 47.64
C ASP M 16 -72.09 34.67 46.13
N VAL M 17 -71.35 33.89 45.35
CA VAL M 17 -71.38 34.08 43.90
C VAL M 17 -72.79 33.77 43.38
N PRO M 18 -73.32 34.57 42.44
CA PRO M 18 -74.61 34.22 41.83
C PRO M 18 -74.49 33.11 40.81
N ALA M 19 -75.57 32.84 40.09
CA ALA M 19 -75.61 31.80 39.05
C ALA M 19 -75.72 32.49 37.69
N PHE M 20 -74.57 32.75 37.08
CA PHE M 20 -74.53 33.36 35.76
C PHE M 20 -74.15 32.32 34.71
N ARG M 21 -74.05 32.78 33.47
CA ARG M 21 -73.76 31.90 32.35
C ARG M 21 -72.79 32.60 31.39
N PRO M 22 -72.27 31.91 30.40
CA PRO M 22 -71.47 32.60 29.36
C PRO M 22 -72.36 33.46 28.49
N GLY M 23 -71.96 34.70 28.28
CA GLY M 23 -72.74 35.67 27.56
C GLY M 23 -73.48 36.64 28.44
N ASP M 24 -73.30 36.57 29.76
CA ASP M 24 -74.00 37.41 30.71
C ASP M 24 -73.06 38.50 31.19
N THR M 25 -73.44 39.75 30.96
CA THR M 25 -72.64 40.86 31.47
C THR M 25 -72.68 40.86 33.00
N VAL M 26 -71.50 41.01 33.61
CA VAL M 26 -71.37 41.04 35.06
C VAL M 26 -70.45 42.19 35.44
N ASN M 27 -70.35 42.42 36.75
CA ASN M 27 -69.52 43.49 37.30
C ASN M 27 -68.81 42.94 38.53
N VAL M 28 -67.52 42.64 38.39
CA VAL M 28 -66.73 42.03 39.45
C VAL M 28 -66.06 43.13 40.25
N HIS M 29 -66.17 43.05 41.58
CA HIS M 29 -65.57 44.04 42.49
C HIS M 29 -64.23 43.50 42.98
N VAL M 30 -63.23 43.55 42.11
CA VAL M 30 -61.90 43.10 42.50
C VAL M 30 -61.38 43.97 43.64
N ARG M 31 -60.59 43.36 44.52
CA ARG M 31 -60.07 44.04 45.70
C ARG M 31 -58.57 44.29 45.48
N VAL M 32 -58.24 45.46 44.96
CA VAL M 32 -56.85 45.85 44.76
C VAL M 32 -56.25 46.28 46.09
N ILE M 33 -55.01 45.85 46.34
CA ILE M 33 -54.31 46.11 47.60
C ILE M 33 -52.97 46.73 47.26
N GLU M 34 -52.90 48.06 47.23
CA GLU M 34 -51.66 48.77 46.96
C GLU M 34 -50.96 49.08 48.27
N GLY M 35 -50.29 48.06 48.81
CA GLY M 35 -49.56 48.25 50.05
C GLY M 35 -50.44 48.60 51.23
N ASN M 36 -50.40 49.87 51.65
CA ASN M 36 -51.14 50.28 52.84
C ASN M 36 -52.64 50.32 52.57
N ARG M 37 -53.08 51.18 51.64
CA ARG M 37 -54.49 51.34 51.35
C ARG M 37 -54.90 50.38 50.24
N SER M 38 -56.09 49.78 50.40
CA SER M 38 -56.63 48.83 49.44
C SER M 38 -58.01 49.32 48.99
N ARG M 39 -58.11 49.69 47.72
CA ARG M 39 -59.39 50.11 47.16
C ARG M 39 -60.10 48.90 46.56
N ILE M 40 -61.26 49.14 45.97
CA ILE M 40 -62.08 48.09 45.36
C ILE M 40 -62.26 48.49 43.90
N GLN M 41 -61.46 47.90 43.02
CA GLN M 41 -61.60 48.16 41.59
C GLN M 41 -62.79 47.40 41.04
N GLN M 42 -63.45 48.00 40.06
CA GLN M 42 -64.64 47.45 39.43
C GLN M 42 -64.31 47.05 38.00
N PHE M 43 -64.57 45.79 37.66
CA PHE M 43 -64.32 45.28 36.31
C PHE M 43 -65.66 44.85 35.72
N LYS M 44 -66.13 45.58 34.71
CA LYS M 44 -67.39 45.34 34.05
C LYS M 44 -67.13 44.81 32.66
N GLY M 45 -67.77 43.71 32.29
CA GLY M 45 -67.55 43.14 30.98
C GLY M 45 -68.38 41.90 30.79
N VAL M 46 -68.26 41.32 29.61
CA VAL M 46 -69.01 40.11 29.26
C VAL M 46 -68.31 38.89 29.84
N VAL M 47 -69.05 37.80 29.97
CA VAL M 47 -68.54 36.53 30.48
C VAL M 47 -68.42 35.59 29.30
N ILE M 48 -67.20 35.39 28.80
CA ILE M 48 -67.01 34.64 27.57
C ILE M 48 -66.77 33.14 27.77
N ARG M 49 -66.42 32.71 28.98
CA ARG M 49 -66.31 31.29 29.26
C ARG M 49 -66.42 31.06 30.75
N ARG M 50 -66.70 29.81 31.12
CA ARG M 50 -66.72 29.42 32.52
C ARG M 50 -66.39 27.93 32.55
N GLN M 51 -65.18 27.60 32.98
CA GLN M 51 -64.65 26.25 32.87
C GLN M 51 -64.09 25.81 34.22
N GLY M 52 -63.84 24.51 34.33
CA GLY M 52 -63.31 23.93 35.53
C GLY M 52 -64.36 23.12 36.28
N SER M 53 -63.97 22.68 37.48
CA SER M 53 -64.84 21.88 38.32
C SER M 53 -64.65 22.27 39.78
N GLY M 54 -65.74 22.19 40.54
CA GLY M 54 -65.67 22.42 41.97
C GLY M 54 -64.90 23.68 42.33
N VAL M 55 -63.86 23.52 43.15
CA VAL M 55 -63.09 24.66 43.62
C VAL M 55 -62.24 25.28 42.54
N SER M 56 -62.09 24.62 41.40
CA SER M 56 -61.22 25.09 40.33
C SER M 56 -61.96 25.88 39.26
N GLU M 57 -63.27 26.11 39.43
CA GLU M 57 -64.01 26.92 38.48
C GLU M 57 -63.30 28.25 38.23
N THR M 58 -63.19 28.61 36.95
CA THR M 58 -62.71 29.92 36.54
C THR M 58 -63.62 30.45 35.46
N PHE M 59 -63.94 31.73 35.54
CA PHE M 59 -64.69 32.42 34.50
C PHE M 59 -63.84 33.56 33.94
N THR M 60 -64.12 33.92 32.70
CA THR M 60 -63.38 34.96 32.00
C THR M 60 -64.31 36.14 31.77
N VAL M 61 -63.80 37.35 31.99
CA VAL M 61 -64.56 38.56 31.71
C VAL M 61 -63.81 39.36 30.66
N ARG M 62 -64.57 39.96 29.74
CA ARG M 62 -64.02 40.68 28.60
C ARG M 62 -64.63 42.07 28.51
N LYS M 63 -63.79 43.06 28.23
CA LYS M 63 -64.25 44.43 28.01
C LYS M 63 -63.30 45.09 27.02
N VAL M 64 -63.76 46.19 26.44
CA VAL M 64 -62.98 46.98 25.51
C VAL M 64 -62.75 48.33 26.16
N SER M 65 -61.50 48.59 26.58
CA SER M 65 -61.14 49.79 27.32
C SER M 65 -60.15 50.59 26.48
N PHE M 66 -60.57 51.79 26.07
CA PHE M 66 -59.75 52.65 25.22
C PHE M 66 -59.22 51.89 24.01
N SER M 67 -60.14 51.21 23.33
CA SER M 67 -59.82 50.48 22.10
C SER M 67 -58.75 49.41 22.36
N VAL M 68 -58.96 48.64 23.41
CA VAL M 68 -58.12 47.50 23.73
C VAL M 68 -58.98 46.46 24.42
N GLY M 69 -58.94 45.22 23.92
CA GLY M 69 -59.75 44.17 24.49
C GLY M 69 -59.07 43.47 25.65
N VAL M 70 -59.39 43.87 26.86
CA VAL M 70 -58.78 43.30 28.05
C VAL M 70 -59.59 42.09 28.50
N GLU M 71 -58.91 41.10 29.08
CA GLU M 71 -59.54 39.90 29.57
C GLU M 71 -58.96 39.57 30.94
N ARG M 72 -59.81 39.17 31.87
CA ARG M 72 -59.37 38.77 33.20
C ARG M 72 -60.08 37.49 33.60
N THR M 73 -59.30 36.45 33.88
CA THR M 73 -59.82 35.16 34.30
C THR M 73 -59.71 35.07 35.81
N PHE M 74 -60.84 34.84 36.47
CA PHE M 74 -60.86 34.75 37.93
C PHE M 74 -61.28 33.35 38.35
N PRO M 75 -60.75 32.85 39.47
CA PRO M 75 -61.34 31.64 40.06
C PRO M 75 -62.66 31.99 40.74
N VAL M 76 -63.69 31.18 40.47
CA VAL M 76 -65.01 31.51 40.98
C VAL M 76 -65.00 31.64 42.49
N HIS M 77 -64.11 30.92 43.17
CA HIS M 77 -64.07 30.88 44.62
C HIS M 77 -62.81 31.54 45.18
N SER M 78 -62.21 32.46 44.45
CA SER M 78 -61.03 33.16 44.94
C SER M 78 -61.44 34.24 45.94
N PRO M 79 -60.83 34.29 47.12
CA PRO M 79 -61.19 35.36 48.07
C PRO M 79 -60.62 36.72 47.67
N ILE M 80 -60.85 37.13 46.43
CA ILE M 80 -60.27 38.37 45.92
C ILE M 80 -61.33 39.43 45.65
N PHE M 81 -62.53 39.05 45.25
CA PHE M 81 -63.59 39.99 44.93
C PHE M 81 -64.65 39.98 46.02
N GLU M 82 -65.17 41.15 46.36
CA GLU M 82 -66.20 41.25 47.39
C GLU M 82 -67.47 40.52 46.95
N LYS M 83 -67.91 40.79 45.72
CA LYS M 83 -69.19 40.28 45.26
C LYS M 83 -69.25 40.39 43.75
N ILE M 84 -70.08 39.55 43.15
CA ILE M 84 -70.27 39.53 41.70
C ILE M 84 -71.71 39.92 41.41
N GLU M 85 -71.88 40.94 40.58
CA GLU M 85 -73.19 41.52 40.31
C GLU M 85 -73.61 41.12 38.90
N LEU M 86 -74.61 40.26 38.80
CA LEU M 86 -75.16 39.87 37.50
C LEU M 86 -76.00 41.03 36.97
N VAL M 87 -75.49 41.71 35.93
CA VAL M 87 -76.15 42.92 35.44
C VAL M 87 -77.27 42.57 34.48
N THR M 88 -76.94 41.84 33.41
CA THR M 88 -77.94 41.48 32.40
C THR M 88 -77.79 40.00 32.10
N ARG M 89 -78.53 39.54 31.10
CA ARG M 89 -78.53 38.16 30.64
C ARG M 89 -78.16 38.13 29.16
N GLY M 90 -77.67 36.98 28.72
CA GLY M 90 -77.26 36.82 27.34
C GLY M 90 -78.13 35.88 26.56
N ASP M 91 -78.17 36.04 25.24
CA ASP M 91 -78.97 35.19 24.38
C ASP M 91 -78.05 34.46 23.42
N VAL M 92 -76.96 33.92 23.96
CA VAL M 92 -75.96 33.23 23.17
C VAL M 92 -76.38 31.78 22.99
N ARG M 93 -75.77 31.12 22.00
CA ARG M 93 -76.02 29.71 21.73
C ARG M 93 -74.74 28.89 21.81
N ARG M 94 -73.85 29.23 22.74
CA ARG M 94 -72.57 28.55 22.86
C ARG M 94 -72.25 28.40 24.35
N ALA M 95 -71.05 27.88 24.62
CA ALA M 95 -70.52 27.84 25.98
C ALA M 95 -69.14 28.46 26.10
N LYS M 96 -68.44 28.67 24.99
CA LYS M 96 -67.14 29.35 24.96
C LYS M 96 -67.24 30.45 23.90
N LEU M 97 -67.41 31.69 24.36
CA LEU M 97 -67.54 32.83 23.46
C LEU M 97 -66.15 33.33 23.08
N TYR M 98 -65.45 32.50 22.32
CA TYR M 98 -64.13 32.85 21.82
C TYR M 98 -64.19 33.58 20.49
N TYR M 99 -65.36 33.67 19.87
CA TYR M 99 -65.49 34.35 18.59
C TYR M 99 -65.59 35.86 18.75
N LEU M 100 -65.50 36.36 19.97
CA LEU M 100 -65.55 37.78 20.24
C LEU M 100 -64.18 38.43 20.28
N ARG M 101 -63.12 37.66 20.03
CA ARG M 101 -61.78 38.25 20.02
C ARG M 101 -61.60 39.21 18.86
N GLU M 102 -62.10 38.85 17.67
CA GLU M 102 -61.86 39.64 16.48
C GLU M 102 -63.00 40.58 16.12
N LEU M 103 -64.21 40.32 16.62
CA LEU M 103 -65.33 41.20 16.35
C LEU M 103 -65.18 42.49 17.15
N ARG M 104 -65.42 43.62 16.50
CA ARG M 104 -65.23 44.93 17.11
C ARG M 104 -66.46 45.79 16.92
N GLY M 105 -66.86 46.47 17.99
CA GLY M 105 -67.88 47.50 17.88
C GLY M 105 -69.29 46.92 17.86
N LYS M 106 -70.09 47.43 16.93
CA LYS M 106 -71.51 47.08 16.91
C LYS M 106 -71.73 45.59 16.70
N ALA M 107 -70.87 44.96 15.90
CA ALA M 107 -71.03 43.53 15.66
C ALA M 107 -70.74 42.70 16.91
N ALA M 108 -69.85 43.17 17.77
CA ALA M 108 -69.41 42.42 18.95
C ALA M 108 -70.22 42.76 20.19
N LYS M 109 -71.54 42.68 20.10
CA LYS M 109 -72.40 43.00 21.23
C LYS M 109 -73.37 41.85 21.48
N ILE M 110 -73.50 41.47 22.74
CA ILE M 110 -74.38 40.40 23.17
C ILE M 110 -75.77 40.97 23.41
N LYS M 111 -76.79 40.25 22.96
CA LYS M 111 -78.16 40.73 23.08
C LYS M 111 -78.78 40.26 24.39
N GLU M 112 -79.58 41.13 24.98
CA GLU M 112 -80.31 40.79 26.19
C GLU M 112 -81.33 39.70 25.89
N LYS M 113 -81.70 38.96 26.93
CA LYS M 113 -82.70 37.89 26.80
C LYS M 113 -83.98 38.44 27.41
N ARG M 114 -84.82 39.06 26.57
CA ARG M 114 -86.10 39.56 27.04
C ARG M 114 -87.05 38.40 27.27
N GLU M 115 -87.41 38.17 28.53
CA GLU M 115 -88.29 37.08 28.88
C GLU M 115 -89.72 37.38 28.43
N ALA N 2 -3.54 -42.31 -20.91
CA ALA N 2 -3.81 -42.87 -19.60
C ALA N 2 -4.15 -41.78 -18.59
N ARG N 3 -5.45 -41.59 -18.36
CA ARG N 3 -5.91 -40.60 -17.40
C ARG N 3 -5.90 -41.18 -15.99
N VAL N 4 -5.52 -40.35 -15.02
CA VAL N 4 -5.41 -40.76 -13.63
C VAL N 4 -6.39 -39.92 -12.82
N LYS N 5 -7.31 -40.59 -12.13
CA LYS N 5 -8.23 -39.93 -11.21
C LYS N 5 -7.57 -39.86 -9.85
N ARG N 6 -7.33 -38.65 -9.36
CA ARG N 6 -6.50 -38.47 -8.16
C ARG N 6 -7.36 -38.45 -6.90
N ALA N 7 -8.16 -39.50 -6.73
CA ALA N 7 -8.97 -39.68 -5.54
C ALA N 7 -8.45 -40.76 -4.62
N VAL N 8 -7.99 -41.90 -5.17
CA VAL N 8 -7.42 -42.95 -4.34
C VAL N 8 -6.09 -42.52 -3.76
N ASN N 9 -5.38 -41.60 -4.43
CA ASN N 9 -4.07 -41.16 -3.98
C ASN N 9 -4.16 -39.95 -3.06
N ALA N 10 -5.08 -39.02 -3.34
CA ALA N 10 -5.15 -37.80 -2.55
C ALA N 10 -5.66 -38.06 -1.15
N HIS N 11 -6.65 -38.95 -1.02
CA HIS N 11 -7.25 -39.17 0.29
C HIS N 11 -6.26 -39.73 1.30
N LYS N 12 -5.13 -40.27 0.84
CA LYS N 12 -4.23 -40.98 1.73
C LYS N 12 -3.69 -40.07 2.82
N LYS N 13 -3.37 -38.83 2.46
CA LYS N 13 -2.87 -37.85 3.44
C LYS N 13 -3.99 -37.14 4.17
N ARG N 14 -5.16 -37.01 3.55
CA ARG N 14 -6.28 -36.33 4.21
C ARG N 14 -6.69 -37.06 5.47
N ARG N 15 -6.82 -38.39 5.39
CA ARG N 15 -7.17 -39.17 6.58
C ARG N 15 -6.06 -39.11 7.62
N ALA N 16 -4.80 -39.09 7.17
CA ALA N 16 -3.69 -39.01 8.12
C ALA N 16 -3.75 -37.74 8.95
N ILE N 17 -3.99 -36.60 8.30
CA ILE N 17 -4.06 -35.34 9.04
C ILE N 17 -5.27 -35.33 9.96
N LEU N 18 -6.44 -35.70 9.44
CA LEU N 18 -7.64 -35.62 10.26
C LEU N 18 -7.62 -36.62 11.41
N GLU N 19 -6.82 -37.66 11.31
CA GLU N 19 -6.64 -38.55 12.45
C GLU N 19 -5.77 -37.92 13.52
N GLN N 20 -4.73 -37.19 13.08
CA GLN N 20 -3.94 -36.41 14.01
C GLN N 20 -4.73 -35.24 14.57
N ALA N 21 -5.77 -34.80 13.86
CA ALA N 21 -6.56 -33.65 14.26
C ALA N 21 -7.75 -34.01 15.14
N SER N 22 -8.06 -35.29 15.30
CA SER N 22 -9.17 -35.65 16.18
C SER N 22 -8.88 -35.12 17.57
N GLY N 23 -9.69 -34.17 18.03
CA GLY N 23 -9.51 -33.59 19.34
C GLY N 23 -9.56 -32.08 19.33
N TYR N 24 -9.21 -31.47 18.20
CA TYR N 24 -9.19 -30.02 18.13
C TYR N 24 -10.60 -29.46 18.20
N ARG N 25 -10.72 -28.29 18.80
CA ARG N 25 -12.00 -27.69 19.13
C ARG N 25 -12.51 -26.81 18.00
N GLY N 26 -13.73 -27.08 17.57
CA GLY N 26 -14.38 -26.23 16.59
C GLY N 26 -14.21 -26.75 15.19
N GLN N 27 -13.53 -25.98 14.36
CA GLN N 27 -13.37 -26.30 12.96
C GLN N 27 -12.03 -26.93 12.63
N ARG N 28 -11.11 -27.00 13.59
CA ARG N 28 -9.80 -27.59 13.33
C ARG N 28 -9.84 -29.10 13.32
N SER N 29 -10.98 -29.72 13.63
CA SER N 29 -11.08 -31.17 13.72
C SER N 29 -12.06 -31.75 12.71
N ARG N 30 -12.57 -30.95 11.80
CA ARG N 30 -13.49 -31.42 10.78
C ARG N 30 -13.00 -31.15 9.37
N LEU N 31 -12.32 -30.03 9.15
CA LEU N 31 -11.99 -29.58 7.80
C LEU N 31 -10.50 -29.80 7.55
N TYR N 32 -10.18 -30.46 6.44
CA TYR N 32 -8.79 -30.83 6.21
C TYR N 32 -7.89 -29.60 6.15
N ARG N 33 -8.28 -28.61 5.36
CA ARG N 33 -7.43 -27.43 5.19
C ARG N 33 -7.18 -26.74 6.53
N LYS N 34 -8.25 -26.42 7.28
CA LYS N 34 -8.07 -25.76 8.56
C LYS N 34 -7.47 -26.68 9.61
N ALA N 35 -7.62 -28.00 9.45
CA ALA N 35 -6.97 -28.93 10.36
C ALA N 35 -5.49 -29.08 10.04
N LYS N 36 -5.11 -28.89 8.77
CA LYS N 36 -3.72 -29.09 8.39
C LYS N 36 -2.87 -27.85 8.63
N GLU N 37 -3.49 -26.68 8.80
CA GLU N 37 -2.77 -25.51 9.30
C GLU N 37 -2.46 -25.63 10.78
N GLN N 38 -3.24 -26.40 11.53
CA GLN N 38 -3.10 -26.47 12.98
C GLN N 38 -2.22 -27.62 13.43
N VAL N 39 -2.27 -28.76 12.76
CA VAL N 39 -1.38 -29.84 13.12
C VAL N 39 0.06 -29.48 12.77
N THR N 40 0.25 -28.48 11.92
CA THR N 40 1.58 -27.90 11.74
C THR N 40 2.01 -27.15 12.99
N HIS N 41 1.10 -26.36 13.58
CA HIS N 41 1.42 -25.65 14.80
C HIS N 41 1.56 -26.61 15.98
N SER N 42 0.76 -27.68 16.00
CA SER N 42 0.86 -28.64 17.08
C SER N 42 2.21 -29.33 17.09
N LEU N 43 2.78 -29.58 15.92
CA LEU N 43 4.07 -30.25 15.85
C LEU N 43 5.21 -29.31 16.22
N VAL N 44 5.12 -28.06 15.79
CA VAL N 44 6.16 -27.09 16.14
C VAL N 44 6.17 -26.82 17.63
N TYR N 45 4.98 -26.67 18.24
CA TYR N 45 4.92 -26.51 19.69
C TYR N 45 5.43 -27.76 20.40
N ASN N 46 5.11 -28.94 19.88
CA ASN N 46 5.66 -30.17 20.44
C ASN N 46 7.18 -30.09 20.48
N TYR N 47 7.79 -29.67 19.39
CA TYR N 47 9.25 -29.62 19.33
C TYR N 47 9.79 -28.69 20.40
N ASN N 48 9.28 -27.45 20.44
CA ASN N 48 9.79 -26.45 21.37
C ASN N 48 9.60 -26.88 22.81
N ASP N 49 8.36 -27.24 23.18
CA ASP N 49 8.10 -27.60 24.57
C ASP N 49 8.78 -28.90 24.95
N ARG N 50 8.92 -29.82 24.00
CA ARG N 50 9.60 -31.07 24.32
C ARG N 50 11.07 -30.84 24.63
N LYS N 51 11.70 -29.89 23.92
CA LYS N 51 13.08 -29.53 24.24
C LYS N 51 13.19 -28.55 25.38
N LYS N 52 12.09 -27.91 25.78
CA LYS N 52 12.11 -26.88 26.79
C LYS N 52 11.47 -27.32 28.10
N ARG N 53 11.12 -28.59 28.21
CA ARG N 53 10.72 -29.13 29.51
C ARG N 53 11.91 -29.63 30.30
N LYS N 54 13.09 -29.71 29.69
CA LYS N 54 14.29 -30.08 30.42
C LYS N 54 14.65 -28.99 31.43
N GLY N 55 14.64 -27.73 30.98
CA GLY N 55 14.78 -26.62 31.90
C GLY N 55 13.54 -26.37 32.74
N ASP N 56 12.37 -26.80 32.26
CA ASP N 56 11.16 -26.71 33.05
C ASP N 56 11.25 -27.59 34.28
N PHE N 57 11.71 -28.84 34.09
CA PHE N 57 11.79 -29.76 35.22
C PHE N 57 12.94 -29.41 36.15
N ARG N 58 14.05 -28.94 35.60
CA ARG N 58 15.14 -28.49 36.45
C ARG N 58 14.73 -27.33 37.32
N GLN N 59 13.89 -26.44 36.78
CA GLN N 59 13.32 -25.37 37.59
C GLN N 59 12.51 -25.93 38.74
N LEU N 60 11.71 -26.97 38.47
CA LEU N 60 10.88 -27.56 39.52
C LEU N 60 11.75 -28.26 40.56
N TRP N 61 12.87 -28.82 40.13
CA TRP N 61 13.73 -29.52 41.09
C TRP N 61 14.45 -28.53 41.99
N ILE N 62 14.92 -27.42 41.41
CA ILE N 62 15.61 -26.41 42.22
C ILE N 62 14.65 -25.82 43.24
N GLN N 63 13.39 -25.64 42.86
CA GLN N 63 12.40 -25.12 43.81
C GLN N 63 12.27 -26.07 45.00
N ARG N 64 12.16 -27.37 44.73
CA ARG N 64 12.04 -28.34 45.81
C ARG N 64 13.32 -28.43 46.62
N ILE N 65 14.47 -28.49 45.95
CA ILE N 65 15.74 -28.55 46.67
C ILE N 65 15.92 -27.32 47.53
N ASN N 66 15.60 -26.15 46.99
CA ASN N 66 15.77 -24.91 47.74
C ASN N 66 14.83 -24.87 48.93
N ALA N 67 13.58 -25.33 48.75
CA ALA N 67 12.63 -25.33 49.85
C ALA N 67 13.09 -26.25 50.98
N ALA N 68 13.52 -27.46 50.62
CA ALA N 68 13.98 -28.40 51.64
C ALA N 68 15.27 -27.93 52.30
N ALA N 69 16.19 -27.37 51.51
CA ALA N 69 17.45 -26.92 52.06
C ALA N 69 17.25 -25.80 53.06
N ARG N 70 16.33 -24.88 52.77
CA ARG N 70 16.05 -23.79 53.71
C ARG N 70 15.35 -24.29 54.96
N ALA N 71 14.73 -25.47 54.92
CA ALA N 71 14.16 -26.04 56.14
C ALA N 71 15.27 -26.47 57.09
N ASN N 72 16.44 -26.79 56.56
CA ASN N 72 17.59 -27.20 57.35
C ASN N 72 18.58 -26.07 57.54
N GLY N 73 18.20 -24.84 57.23
CA GLY N 73 19.05 -23.69 57.44
C GLY N 73 20.28 -23.62 56.57
N ILE N 74 20.16 -24.01 55.30
CA ILE N 74 21.22 -23.77 54.32
C ILE N 74 20.55 -23.39 53.02
N THR N 75 20.88 -22.22 52.51
CA THR N 75 20.33 -21.77 51.25
C THR N 75 20.80 -22.64 50.09
N TYR N 76 19.98 -22.71 49.03
CA TYR N 76 20.38 -23.45 47.85
C TYR N 76 21.63 -22.86 47.21
N ASN N 77 21.90 -21.59 47.46
CA ASN N 77 23.12 -20.97 46.94
C ASN N 77 24.35 -21.76 47.35
N ARG N 78 24.44 -22.13 48.63
CA ARG N 78 25.65 -22.69 49.18
C ARG N 78 25.56 -24.18 49.42
N PHE N 79 24.36 -24.73 49.50
CA PHE N 79 24.21 -26.18 49.63
C PHE N 79 24.78 -26.89 48.42
N ILE N 80 24.70 -26.27 47.25
CA ILE N 80 25.26 -26.88 46.04
C ILE N 80 26.78 -26.76 46.06
N GLN N 81 27.31 -25.60 46.46
CA GLN N 81 28.77 -25.45 46.45
C GLN N 81 29.40 -26.46 47.40
N GLY N 82 28.83 -26.61 48.59
CA GLY N 82 29.35 -27.59 49.53
C GLY N 82 29.33 -28.99 48.96
N LEU N 83 28.28 -29.33 48.23
CA LEU N 83 28.21 -30.65 47.61
C LEU N 83 29.33 -30.84 46.61
N LYS N 84 29.66 -29.78 45.86
CA LYS N 84 30.78 -29.87 44.92
C LYS N 84 32.08 -30.14 45.65
N ALA N 85 32.31 -29.45 46.77
CA ALA N 85 33.54 -29.62 47.54
C ALA N 85 33.55 -30.90 48.34
N ALA N 86 32.55 -31.75 48.18
CA ALA N 86 32.55 -33.09 48.76
C ALA N 86 32.51 -34.17 47.70
N ASN N 87 32.53 -33.80 46.42
CA ASN N 87 32.57 -34.76 45.32
C ASN N 87 31.45 -35.79 45.42
N VAL N 88 30.30 -35.38 45.97
CA VAL N 88 29.18 -36.28 46.15
C VAL N 88 28.12 -35.89 45.12
N GLU N 89 28.58 -35.47 43.94
CA GLU N 89 27.67 -35.01 42.89
C GLU N 89 26.56 -36.04 42.69
N VAL N 90 25.32 -35.63 42.92
CA VAL N 90 24.14 -36.46 42.71
C VAL N 90 23.09 -35.60 42.04
N ASP N 91 22.59 -36.06 40.89
CA ASP N 91 21.73 -35.24 40.04
C ASP N 91 20.61 -34.58 40.81
N ARG N 92 20.19 -33.40 40.34
CA ARG N 92 19.06 -32.71 40.93
C ARG N 92 17.77 -33.52 40.79
N LYS N 93 17.59 -34.16 39.64
CA LYS N 93 16.44 -35.05 39.44
C LYS N 93 16.18 -35.89 40.68
N ILE N 94 17.21 -36.59 41.16
CA ILE N 94 17.07 -37.48 42.30
C ILE N 94 17.43 -36.81 43.62
N LEU N 95 18.18 -35.71 43.59
CA LEU N 95 18.45 -34.99 44.82
C LEU N 95 17.19 -34.33 45.35
N ALA N 96 16.28 -33.95 44.46
CA ALA N 96 14.97 -33.44 44.84
C ALA N 96 13.97 -34.55 45.13
N GLU N 97 14.27 -35.78 44.72
CA GLU N 97 13.41 -36.91 45.04
C GLU N 97 13.62 -37.40 46.46
N LEU N 98 14.75 -37.04 47.08
CA LEU N 98 15.00 -37.40 48.46
C LEU N 98 14.29 -36.44 49.42
N ALA N 99 14.27 -35.15 49.07
CA ALA N 99 13.67 -34.15 49.95
C ALA N 99 12.20 -34.48 50.22
N VAL N 100 11.48 -34.91 49.19
CA VAL N 100 10.05 -35.18 49.36
C VAL N 100 9.84 -36.42 50.20
N ASN N 101 10.33 -37.57 49.73
CA ASN N 101 10.03 -38.83 50.38
C ASN N 101 10.92 -39.05 51.60
N ASP N 102 12.23 -39.17 51.39
CA ASP N 102 13.15 -39.56 52.45
C ASP N 102 13.81 -38.28 52.95
N ALA N 103 13.16 -37.62 53.91
CA ALA N 103 13.73 -36.41 54.48
C ALA N 103 15.03 -36.70 55.20
N ASN N 104 15.13 -37.86 55.85
CA ASN N 104 16.35 -38.18 56.58
C ASN N 104 17.56 -38.21 55.65
N ALA N 105 17.42 -38.84 54.48
CA ALA N 105 18.54 -38.92 53.56
C ALA N 105 18.97 -37.54 53.10
N PHE N 106 18.01 -36.70 52.70
CA PHE N 106 18.34 -35.34 52.34
C PHE N 106 18.91 -34.59 53.53
N ALA N 107 18.39 -34.83 54.73
CA ALA N 107 18.96 -34.22 55.92
C ALA N 107 20.40 -34.70 56.14
N ALA N 108 20.67 -35.96 55.80
CA ALA N 108 22.04 -36.46 55.92
C ALA N 108 22.97 -35.87 54.87
N LEU N 109 22.43 -35.36 53.76
CA LEU N 109 23.25 -34.80 52.71
C LEU N 109 23.55 -33.33 52.92
N VAL N 110 22.64 -32.58 53.55
CA VAL N 110 22.95 -31.22 53.93
C VAL N 110 24.07 -31.19 54.97
N GLU N 111 24.10 -32.19 55.85
CA GLU N 111 25.18 -32.27 56.83
C GLU N 111 26.52 -32.37 56.13
N VAL N 112 26.61 -33.23 55.11
CA VAL N 112 27.85 -33.36 54.36
C VAL N 112 28.17 -32.07 53.63
N ALA N 113 27.16 -31.44 53.02
CA ALA N 113 27.40 -30.22 52.25
C ALA N 113 27.83 -29.08 53.15
N GLN N 114 27.39 -29.07 54.42
CA GLN N 114 27.76 -28.00 55.33
C GLN N 114 29.19 -28.13 55.81
N LYS N 115 29.65 -29.36 56.05
CA LYS N 115 30.99 -29.61 56.54
C LYS N 115 32.03 -29.52 55.44
N ALA N 116 31.62 -29.67 54.18
CA ALA N 116 32.52 -29.54 53.04
C ALA N 116 32.73 -28.10 52.60
N LEU N 117 32.07 -27.15 53.25
CA LEU N 117 32.23 -25.75 52.91
C LEU N 117 33.44 -25.18 53.65
N PRO N 118 34.03 -24.10 53.14
CA PRO N 118 35.09 -23.44 53.90
C PRO N 118 34.54 -22.75 55.13
N SER N 119 35.40 -22.56 56.12
CA SER N 119 34.97 -22.00 57.39
C SER N 119 34.29 -20.65 57.16
N ASP N 120 35.03 -19.66 56.66
CA ASP N 120 34.48 -18.37 56.33
C ASP N 120 34.29 -18.32 54.82
N VAL N 121 33.04 -18.23 54.38
CA VAL N 121 32.73 -18.45 52.97
C VAL N 121 33.00 -17.24 52.09
N ASN N 122 33.19 -16.07 52.68
CA ASN N 122 33.35 -14.84 51.91
C ASN N 122 34.79 -14.35 51.84
N ALA N 123 35.70 -14.98 52.57
CA ALA N 123 37.10 -14.57 52.51
C ALA N 123 37.69 -14.92 51.15
N PRO N 124 38.74 -14.23 50.73
CA PRO N 124 39.30 -14.48 49.40
C PRO N 124 39.71 -15.94 49.25
N LYS N 125 39.47 -16.49 48.08
CA LYS N 125 39.76 -17.89 47.81
C LYS N 125 41.24 -18.17 47.98
N MET O 1 18.59 -50.55 51.46
CA MET O 1 17.24 -50.48 50.83
C MET O 1 17.36 -50.24 49.33
N TYR O 2 17.77 -49.03 48.94
CA TYR O 2 17.87 -48.68 47.54
C TYR O 2 19.18 -47.93 47.31
N ALA O 3 19.57 -47.82 46.04
CA ALA O 3 20.83 -47.19 45.68
C ALA O 3 20.63 -46.32 44.45
N ILE O 4 21.49 -45.31 44.34
CA ILE O 4 21.50 -44.40 43.20
C ILE O 4 22.60 -44.86 42.25
N VAL O 5 22.25 -45.10 40.99
CA VAL O 5 23.22 -45.59 40.02
C VAL O 5 23.14 -44.74 38.76
N ARG O 6 24.31 -44.52 38.15
CA ARG O 6 24.40 -43.82 36.88
C ARG O 6 24.50 -44.84 35.76
N SER O 7 23.70 -44.66 34.71
CA SER O 7 23.66 -45.59 33.59
C SER O 7 23.58 -44.78 32.29
N GLY O 8 24.75 -44.42 31.76
CA GLY O 8 24.81 -43.70 30.51
C GLY O 8 24.43 -42.23 30.63
N GLY O 9 25.16 -41.48 31.45
CA GLY O 9 24.90 -40.07 31.60
C GLY O 9 23.50 -39.79 32.08
N ARG O 10 23.04 -40.56 33.06
CA ARG O 10 21.71 -40.43 33.65
C ARG O 10 21.71 -41.17 34.97
N GLN O 11 21.10 -40.58 35.99
CA GLN O 11 20.99 -41.18 37.30
C GLN O 11 19.61 -41.81 37.48
N HIS O 12 19.54 -42.78 38.38
CA HIS O 12 18.32 -43.54 38.61
C HIS O 12 18.23 -43.90 40.07
N LYS O 13 17.01 -44.16 40.55
CA LYS O 13 16.78 -44.68 41.88
C LYS O 13 16.32 -46.13 41.73
N VAL O 14 17.08 -47.06 42.28
CA VAL O 14 16.87 -48.48 42.05
C VAL O 14 16.94 -49.23 43.37
N ALA O 15 16.03 -50.18 43.54
CA ALA O 15 16.08 -51.17 44.61
C ALA O 15 16.18 -52.54 43.97
N VAL O 16 16.59 -53.53 44.78
CA VAL O 16 16.71 -54.87 44.25
C VAL O 16 15.38 -55.32 43.67
N GLY O 17 15.41 -55.86 42.45
CA GLY O 17 14.22 -56.35 41.79
C GLY O 17 13.58 -55.38 40.82
N ASP O 18 13.96 -54.10 40.87
CA ASP O 18 13.38 -53.12 39.96
C ASP O 18 13.76 -53.41 38.52
N ILE O 19 12.84 -53.12 37.61
CA ILE O 19 13.11 -53.12 36.17
C ILE O 19 13.16 -51.67 35.72
N VAL O 20 14.31 -51.24 35.21
CA VAL O 20 14.53 -49.85 34.85
C VAL O 20 14.91 -49.77 33.38
N GLU O 21 14.59 -48.63 32.78
CA GLU O 21 14.87 -48.38 31.37
C GLU O 21 16.08 -47.46 31.25
N VAL O 22 17.08 -47.88 30.51
CA VAL O 22 18.32 -47.13 30.36
C VAL O 22 18.66 -47.02 28.88
N ASP O 23 19.49 -46.03 28.56
CA ASP O 23 19.98 -45.88 27.19
C ASP O 23 20.59 -47.19 26.74
N LYS O 24 20.52 -47.44 25.43
CA LYS O 24 20.91 -48.74 24.91
C LYS O 24 22.34 -49.08 25.31
N ILE O 25 22.51 -50.30 25.83
CA ILE O 25 23.84 -50.86 26.09
C ILE O 25 24.11 -51.82 24.93
N SER O 26 24.72 -51.30 23.87
CA SER O 26 24.86 -52.07 22.63
C SER O 26 25.76 -53.28 22.82
N THR O 27 26.71 -53.23 23.74
CA THR O 27 27.65 -54.32 23.92
C THR O 27 27.03 -55.54 24.58
N ALA O 28 25.88 -55.39 25.24
CA ALA O 28 25.31 -56.44 26.06
C ALA O 28 24.12 -57.08 25.36
N LYS O 29 24.08 -58.40 25.36
CA LYS O 29 22.95 -59.16 24.82
C LYS O 29 21.95 -59.47 25.93
N VAL O 30 20.79 -59.98 25.51
CA VAL O 30 19.76 -60.32 26.48
C VAL O 30 20.29 -61.41 27.41
N GLY O 31 20.04 -61.24 28.71
CA GLY O 31 20.53 -62.16 29.71
C GLY O 31 21.88 -61.81 30.29
N ASP O 32 22.64 -60.93 29.62
CA ASP O 32 23.95 -60.56 30.12
C ASP O 32 23.84 -59.79 31.44
N THR O 33 24.97 -59.64 32.11
CA THR O 33 25.04 -58.94 33.38
C THR O 33 25.95 -57.72 33.23
N VAL O 34 25.50 -56.59 33.77
CA VAL O 34 26.25 -55.34 33.68
C VAL O 34 26.36 -54.73 35.07
N GLU O 35 27.50 -54.11 35.35
CA GLU O 35 27.73 -53.46 36.63
C GLU O 35 27.57 -51.95 36.46
N LEU O 36 26.78 -51.36 37.35
CA LEU O 36 26.47 -49.94 37.31
C LEU O 36 27.20 -49.22 38.43
N SER O 37 27.80 -48.07 38.12
CA SER O 37 28.52 -47.31 39.12
C SER O 37 27.54 -46.61 40.05
N THR O 38 27.60 -46.91 41.33
CA THR O 38 26.68 -46.34 42.29
C THR O 38 27.13 -44.95 42.72
N LEU O 39 26.15 -44.09 42.98
CA LEU O 39 26.42 -42.73 43.46
C LEU O 39 25.86 -42.46 44.85
N LEU O 40 24.93 -43.28 45.33
CA LEU O 40 24.43 -43.13 46.69
C LEU O 40 23.79 -44.45 47.09
N VAL O 41 23.88 -44.75 48.38
CA VAL O 41 23.25 -45.92 48.96
C VAL O 41 22.51 -45.49 50.21
N VAL O 42 21.24 -45.86 50.31
CA VAL O 42 20.42 -45.54 51.46
C VAL O 42 19.86 -46.83 52.01
N ASP O 43 20.27 -47.20 53.22
CA ASP O 43 19.79 -48.40 53.90
C ASP O 43 19.24 -47.96 55.25
N GLY O 44 17.94 -47.70 55.28
CA GLY O 44 17.34 -47.19 56.50
C GLY O 44 17.92 -45.83 56.85
N ASP O 45 18.51 -45.72 58.03
CA ASP O 45 19.12 -44.49 58.48
C ASP O 45 20.56 -44.35 58.02
N ALA O 46 21.14 -45.42 57.47
CA ALA O 46 22.54 -45.41 57.02
C ALA O 46 22.59 -44.86 55.59
N VAL O 47 23.24 -43.72 55.43
CA VAL O 47 23.41 -43.09 54.12
C VAL O 47 24.91 -43.12 53.80
N THR O 48 25.28 -43.89 52.78
CA THR O 48 26.67 -44.02 52.36
C THR O 48 26.90 -43.12 51.17
N SER O 49 27.62 -42.02 51.38
CA SER O 49 27.87 -41.03 50.33
C SER O 49 29.34 -40.73 50.11
N ASP O 50 30.23 -41.42 50.79
CA ASP O 50 31.66 -41.22 50.61
C ASP O 50 32.06 -41.73 49.22
N PRO O 51 32.62 -40.91 48.34
CA PRO O 51 32.96 -41.43 47.00
C PRO O 51 34.02 -42.51 47.01
N TRP O 52 34.99 -42.48 47.91
CA TRP O 52 35.97 -43.55 47.97
C TRP O 52 35.31 -44.87 48.36
N VAL O 53 34.40 -44.83 49.33
CA VAL O 53 33.66 -46.03 49.68
C VAL O 53 32.81 -46.48 48.50
N LEU O 54 32.15 -45.52 47.83
CA LEU O 54 31.26 -45.86 46.74
C LEU O 54 32.00 -46.35 45.51
N ALA O 55 33.27 -45.99 45.35
CA ALA O 55 34.01 -46.41 44.17
C ALA O 55 34.11 -47.93 44.09
N GLY O 56 34.03 -48.62 45.23
CA GLY O 56 34.10 -50.07 45.25
C GLY O 56 32.77 -50.77 45.14
N ILE O 57 31.67 -50.05 45.37
CA ILE O 57 30.33 -50.62 45.30
C ILE O 57 29.85 -50.54 43.86
N LYS O 58 29.47 -51.68 43.30
CA LYS O 58 28.92 -51.75 41.95
C LYS O 58 27.60 -52.50 42.01
N VAL O 59 26.55 -51.88 41.46
CA VAL O 59 25.23 -52.50 41.47
C VAL O 59 25.13 -53.44 40.28
N GLN O 60 24.80 -54.70 40.54
CA GLN O 60 24.78 -55.72 39.50
C GLN O 60 23.37 -55.83 38.93
N ALA O 61 23.27 -55.80 37.60
CA ALA O 61 21.97 -55.84 36.95
C ALA O 61 22.04 -56.75 35.74
N GLU O 62 20.88 -57.26 35.34
CA GLU O 62 20.74 -58.22 34.25
C GLU O 62 19.99 -57.57 33.10
N VAL O 63 20.49 -57.75 31.89
CA VAL O 63 19.88 -57.15 30.70
C VAL O 63 18.62 -57.94 30.35
N VAL O 64 17.45 -57.34 30.56
CA VAL O 64 16.20 -58.06 30.40
C VAL O 64 15.71 -57.98 28.95
N ASP O 65 15.72 -56.80 28.35
CA ASP O 65 15.08 -56.59 27.07
C ASP O 65 15.80 -55.51 26.27
N HIS O 66 15.71 -55.62 24.96
CA HIS O 66 16.06 -54.54 24.03
C HIS O 66 14.80 -54.13 23.29
N HIS O 67 14.42 -52.86 23.44
CA HIS O 67 13.16 -52.38 22.87
C HIS O 67 13.33 -50.94 22.41
N LYS O 68 12.33 -50.45 21.69
CA LYS O 68 12.30 -49.09 21.18
C LYS O 68 11.08 -48.37 21.72
N GLY O 69 11.26 -47.11 22.10
CA GLY O 69 10.20 -46.34 22.68
C GLY O 69 9.15 -45.94 21.65
N ALA O 70 8.21 -45.14 22.12
CA ALA O 70 7.13 -44.67 21.25
C ALA O 70 7.69 -43.78 20.14
N LYS O 71 6.93 -43.68 19.06
CA LYS O 71 7.36 -42.88 17.92
C LYS O 71 7.02 -41.41 18.15
N ILE O 72 8.02 -40.55 17.97
CA ILE O 72 7.88 -39.11 18.12
C ILE O 72 7.91 -38.49 16.74
N ASP O 73 6.92 -37.67 16.44
CA ASP O 73 6.81 -37.05 15.13
C ASP O 73 7.32 -35.61 15.21
N ILE O 74 8.19 -35.25 14.28
CA ILE O 74 8.95 -34.00 14.32
C ILE O 74 8.64 -33.18 13.07
N LEU O 75 8.48 -31.88 13.24
CA LEU O 75 8.26 -30.99 12.11
C LEU O 75 9.00 -29.69 12.31
N ARG O 76 9.87 -29.37 11.36
CA ARG O 76 10.42 -28.03 11.18
C ARG O 76 9.55 -27.23 10.23
N TYR O 77 9.36 -25.94 10.55
CA TYR O 77 8.45 -25.12 9.78
C TYR O 77 8.71 -23.65 10.07
N LYS O 78 8.70 -22.84 9.02
CA LYS O 78 8.75 -21.39 9.13
C LYS O 78 7.79 -20.83 8.10
N ASN O 79 6.91 -19.92 8.53
CA ASN O 79 5.82 -19.49 7.68
C ASN O 79 6.31 -18.61 6.53
N LYS O 80 5.54 -18.64 5.44
CA LYS O 80 5.67 -17.73 4.30
C LYS O 80 6.88 -18.04 3.43
N THR O 81 7.71 -19.02 3.81
CA THR O 81 8.88 -19.38 3.02
C THR O 81 8.75 -20.72 2.32
N GLY O 82 7.84 -21.58 2.78
CA GLY O 82 7.72 -22.92 2.23
C GLY O 82 8.64 -23.93 2.85
N TYR O 83 9.50 -23.54 3.77
CA TYR O 83 10.37 -24.49 4.45
C TYR O 83 9.54 -25.43 5.31
N ARG O 84 9.80 -26.73 5.17
CA ARG O 84 9.10 -27.73 5.97
C ARG O 84 9.91 -29.01 5.91
N ARG O 85 10.45 -29.44 7.04
CA ARG O 85 11.18 -30.71 7.14
C ARG O 85 10.43 -31.62 8.09
N ARG O 86 10.06 -32.81 7.61
CA ARG O 86 9.36 -33.81 8.40
C ARG O 86 10.31 -34.96 8.70
N GLN O 87 10.21 -35.47 9.93
CA GLN O 87 11.16 -36.45 10.41
C GLN O 87 10.51 -37.25 11.53
N GLY O 88 10.97 -38.49 11.69
CA GLY O 88 10.47 -39.33 12.76
C GLY O 88 11.63 -39.87 13.57
N HIS O 89 11.31 -40.32 14.78
CA HIS O 89 12.35 -40.82 15.67
C HIS O 89 11.76 -41.82 16.65
N ARG O 90 12.50 -42.91 16.88
CA ARG O 90 12.20 -43.88 17.93
C ARG O 90 13.49 -44.14 18.69
N GLN O 91 13.56 -43.65 19.92
CA GLN O 91 14.74 -43.86 20.75
C GLN O 91 14.80 -45.32 21.19
N GLN O 92 15.99 -45.89 21.10
CA GLN O 92 16.21 -47.29 21.46
C GLN O 92 16.66 -47.39 22.90
N TYR O 93 16.10 -48.36 23.63
CA TYR O 93 16.35 -48.49 25.05
C TYR O 93 16.66 -49.93 25.41
N THR O 94 17.24 -50.09 26.60
CA THR O 94 17.50 -51.39 27.21
C THR O 94 16.88 -51.41 28.60
N ALA O 95 16.13 -52.46 28.89
CA ALA O 95 15.58 -52.68 30.23
C ALA O 95 16.49 -53.62 31.00
N ILE O 96 16.85 -53.23 32.22
CA ILE O 96 17.74 -54.03 33.05
C ILE O 96 17.06 -54.24 34.40
N LYS O 97 17.15 -55.47 34.90
CA LYS O 97 16.62 -55.81 36.21
C LYS O 97 17.76 -55.78 37.20
N VAL O 98 17.63 -54.97 38.23
CA VAL O 98 18.66 -54.88 39.27
C VAL O 98 18.57 -56.11 40.14
N THR O 99 19.71 -56.78 40.31
CA THR O 99 19.77 -58.03 41.07
C THR O 99 20.43 -57.90 42.42
N ALA O 100 21.49 -57.09 42.55
CA ALA O 100 22.24 -57.01 43.79
C ALA O 100 22.73 -55.60 44.03
N ILE O 101 22.76 -55.20 45.29
CA ILE O 101 23.41 -53.96 45.73
C ILE O 101 24.42 -54.32 46.81
N PRO O 102 25.68 -54.59 46.47
CA PRO O 102 26.63 -55.04 47.50
C PRO O 102 26.81 -54.00 48.60
N THR O 103 26.96 -54.48 49.82
CA THR O 103 27.06 -53.61 50.99
C THR O 103 28.50 -53.22 51.29
N MET P 1 -40.05 -53.46 24.36
CA MET P 1 -41.29 -53.62 23.56
C MET P 1 -41.26 -52.59 22.44
N GLU P 2 -40.05 -52.19 22.07
CA GLU P 2 -39.85 -51.10 21.11
C GLU P 2 -40.65 -51.31 19.84
N ALA P 3 -41.63 -50.43 19.59
CA ALA P 3 -42.36 -50.39 18.34
C ALA P 3 -42.37 -48.95 17.85
N ARG P 4 -42.17 -48.76 16.55
CA ARG P 4 -41.98 -47.41 16.04
C ARG P 4 -42.58 -47.26 14.65
N ALA P 5 -42.90 -46.02 14.31
CA ALA P 5 -43.31 -45.64 12.97
C ALA P 5 -42.59 -44.36 12.61
N GLN P 6 -42.70 -43.97 11.35
CA GLN P 6 -42.08 -42.74 10.90
C GLN P 6 -42.73 -42.29 9.60
N ALA P 7 -42.85 -40.98 9.43
CA ALA P 7 -43.34 -40.39 8.20
C ALA P 7 -42.16 -39.74 7.48
N ARG P 8 -41.99 -40.07 6.21
CA ARG P 8 -40.87 -39.60 5.42
C ARG P 8 -41.34 -38.61 4.37
N TYR P 9 -40.51 -37.60 4.12
CA TYR P 9 -40.84 -36.54 3.18
C TYR P 9 -42.06 -35.74 3.63
N ILE P 10 -42.16 -35.50 4.94
CA ILE P 10 -43.20 -34.64 5.48
C ILE P 10 -42.80 -33.19 5.23
N ARG P 11 -43.66 -32.46 4.53
CA ARG P 11 -43.33 -31.10 4.09
C ARG P 11 -43.46 -30.14 5.26
N VAL P 12 -42.43 -30.12 6.09
CA VAL P 12 -42.27 -29.10 7.12
C VAL P 12 -40.79 -29.04 7.47
N THR P 13 -40.25 -27.82 7.56
CA THR P 13 -38.82 -27.67 7.72
C THR P 13 -38.35 -28.41 8.98
N PRO P 14 -37.15 -29.00 8.95
CA PRO P 14 -36.72 -29.79 10.11
C PRO P 14 -36.72 -29.02 11.42
N MET P 15 -36.29 -27.76 11.43
CA MET P 15 -36.26 -27.01 12.68
C MET P 15 -37.67 -26.79 13.22
N LYS P 16 -38.62 -26.48 12.33
CA LYS P 16 -40.00 -26.29 12.77
C LYS P 16 -40.59 -27.58 13.28
N ALA P 17 -40.17 -28.72 12.72
CA ALA P 17 -40.62 -30.01 13.24
C ALA P 17 -39.98 -30.32 14.58
N ARG P 18 -38.69 -30.04 14.72
CA ARG P 18 -38.02 -30.29 15.99
C ARG P 18 -38.61 -29.43 17.11
N ARG P 19 -39.12 -28.24 16.78
CA ARG P 19 -39.71 -27.39 17.81
C ARG P 19 -40.79 -28.15 18.56
N VAL P 20 -41.54 -29.00 17.86
CA VAL P 20 -42.64 -29.73 18.48
C VAL P 20 -42.19 -31.09 19.02
N VAL P 21 -41.31 -31.78 18.29
CA VAL P 21 -40.89 -33.11 18.71
C VAL P 21 -40.09 -33.04 20.00
N ASP P 22 -39.50 -31.90 20.32
CA ASP P 22 -38.75 -31.75 21.56
C ASP P 22 -39.66 -31.62 22.77
N LEU P 23 -40.97 -31.46 22.57
CA LEU P 23 -41.91 -31.48 23.69
C LEU P 23 -42.27 -32.89 24.11
N ILE P 24 -42.25 -33.85 23.18
CA ILE P 24 -42.88 -35.15 23.37
C ILE P 24 -41.85 -36.24 23.65
N ARG P 25 -40.66 -35.87 24.11
CA ARG P 25 -39.62 -36.85 24.42
C ARG P 25 -39.77 -37.29 25.86
N GLY P 26 -40.02 -38.58 26.07
CA GLY P 26 -40.00 -39.14 27.41
C GLY P 26 -41.23 -38.92 28.26
N MET P 27 -42.40 -38.74 27.65
CA MET P 27 -43.64 -38.68 28.39
C MET P 27 -44.52 -39.87 28.02
N ASP P 28 -45.53 -40.10 28.83
CA ASP P 28 -46.49 -41.16 28.54
C ASP P 28 -47.09 -40.93 27.16
N ALA P 29 -47.35 -42.03 26.45
CA ALA P 29 -47.83 -41.91 25.08
C ALA P 29 -49.14 -41.15 25.01
N THR P 30 -50.12 -41.52 25.84
CA THR P 30 -51.38 -40.79 25.85
C THR P 30 -51.18 -39.34 26.29
N GLU P 31 -50.35 -39.12 27.31
CA GLU P 31 -50.12 -37.76 27.77
C GLU P 31 -49.45 -36.92 26.69
N ALA P 32 -48.72 -37.55 25.78
CA ALA P 32 -48.14 -36.81 24.67
C ALA P 32 -49.18 -36.46 23.62
N GLN P 33 -50.14 -37.34 23.36
CA GLN P 33 -51.23 -36.98 22.45
C GLN P 33 -52.02 -35.80 22.97
N ALA P 34 -52.25 -35.75 24.29
CA ALA P 34 -52.98 -34.65 24.89
C ALA P 34 -52.18 -33.36 24.93
N VAL P 35 -50.89 -33.41 24.60
CA VAL P 35 -50.07 -32.21 24.46
C VAL P 35 -50.01 -31.73 23.02
N LEU P 36 -49.82 -32.65 22.07
CA LEU P 36 -49.90 -32.27 20.67
C LEU P 36 -51.30 -31.87 20.26
N ARG P 37 -52.31 -32.33 20.98
CA ARG P 37 -53.68 -31.91 20.68
C ARG P 37 -53.84 -30.41 20.87
N PHE P 38 -53.46 -29.91 22.04
CA PHE P 38 -53.56 -28.50 22.36
C PHE P 38 -52.19 -27.82 22.20
N ALA P 39 -51.71 -27.79 20.96
CA ALA P 39 -50.42 -27.18 20.66
C ALA P 39 -50.59 -26.19 19.51
N PRO P 40 -50.24 -24.91 19.69
CA PRO P 40 -50.47 -23.94 18.61
C PRO P 40 -49.75 -24.26 17.32
N GLN P 41 -48.53 -24.80 17.40
CA GLN P 41 -47.72 -24.98 16.20
C GLN P 41 -48.42 -25.84 15.17
N ALA P 42 -48.19 -25.52 13.90
CA ALA P 42 -48.79 -26.26 12.79
C ALA P 42 -48.06 -27.56 12.48
N ALA P 43 -46.85 -27.75 12.99
CA ALA P 43 -46.14 -29.01 12.83
C ALA P 43 -46.71 -30.10 13.73
N SER P 44 -47.51 -29.73 14.73
CA SER P 44 -48.03 -30.73 15.67
C SER P 44 -49.01 -31.68 15.01
N VAL P 45 -49.50 -31.37 13.81
CA VAL P 45 -50.47 -32.23 13.15
C VAL P 45 -49.77 -33.44 12.54
N PRO P 46 -48.78 -33.28 11.65
CA PRO P 46 -48.07 -34.48 11.17
C PRO P 46 -47.42 -35.28 12.28
N VAL P 47 -46.89 -34.62 13.31
CA VAL P 47 -46.20 -35.36 14.37
C VAL P 47 -47.17 -36.24 15.12
N LYS P 48 -48.36 -35.73 15.43
CA LYS P 48 -49.34 -36.53 16.14
C LYS P 48 -49.88 -37.65 15.26
N LYS P 49 -49.87 -37.44 13.94
CA LYS P 49 -50.28 -38.50 13.02
C LYS P 49 -49.27 -39.64 13.02
N VAL P 50 -48.00 -39.34 13.30
CA VAL P 50 -46.98 -40.38 13.40
C VAL P 50 -47.01 -41.03 14.77
N LEU P 51 -47.29 -40.24 15.81
CA LEU P 51 -47.41 -40.79 17.15
C LEU P 51 -48.55 -41.79 17.25
N ASP P 52 -49.56 -41.68 16.39
CA ASP P 52 -50.67 -42.63 16.41
C ASP P 52 -50.33 -43.92 15.66
N SER P 53 -49.51 -43.85 14.62
CA SER P 53 -49.05 -45.07 13.98
C SER P 53 -48.20 -45.90 14.92
N ALA P 54 -47.32 -45.25 15.70
CA ALA P 54 -46.48 -45.98 16.64
C ALA P 54 -47.33 -46.74 17.64
N ILE P 55 -48.37 -46.10 18.17
CA ILE P 55 -49.26 -46.80 19.10
C ILE P 55 -50.05 -47.87 18.38
N ALA P 56 -50.47 -47.60 17.14
CA ALA P 56 -51.22 -48.61 16.39
C ALA P 56 -50.35 -49.82 16.10
N ASN P 57 -49.08 -49.59 15.77
CA ASN P 57 -48.16 -50.71 15.57
C ASN P 57 -47.95 -51.47 16.87
N ALA P 58 -47.80 -50.76 17.98
CA ALA P 58 -47.61 -51.43 19.26
C ALA P 58 -48.80 -52.31 19.60
N ALA P 59 -50.01 -51.80 19.40
CA ALA P 59 -51.20 -52.59 19.69
C ALA P 59 -51.32 -53.78 18.74
N HIS P 60 -51.26 -53.52 17.44
CA HIS P 60 -51.52 -54.57 16.46
C HIS P 60 -50.34 -55.53 16.34
N ASN P 61 -49.21 -55.04 15.84
CA ASN P 61 -48.14 -55.96 15.44
C ASN P 61 -47.65 -56.79 16.62
N TYR P 62 -47.36 -56.13 17.73
CA TYR P 62 -46.71 -56.79 18.86
C TYR P 62 -47.68 -57.15 19.98
N ASP P 63 -48.97 -56.87 19.82
CA ASP P 63 -49.97 -57.26 20.80
C ASP P 63 -49.65 -56.67 22.18
N HIS P 64 -49.64 -55.34 22.21
CA HIS P 64 -49.50 -54.60 23.47
C HIS P 64 -50.67 -53.65 23.60
N THR P 65 -51.88 -54.18 23.40
CA THR P 65 -53.09 -53.36 23.28
C THR P 65 -53.11 -52.20 24.27
N ASP P 66 -52.79 -52.46 25.54
CA ASP P 66 -52.91 -51.43 26.56
C ASP P 66 -51.95 -50.28 26.27
N ALA P 67 -52.47 -49.17 25.77
CA ALA P 67 -51.67 -48.01 25.42
C ALA P 67 -51.62 -47.00 26.56
N SER P 68 -51.28 -47.47 27.76
CA SER P 68 -51.10 -46.60 28.91
C SER P 68 -49.82 -46.89 29.67
N SER P 69 -49.14 -47.99 29.38
CA SER P 69 -47.83 -48.28 29.92
C SER P 69 -46.71 -47.88 28.97
N LEU P 70 -47.03 -47.12 27.94
CA LEU P 70 -46.08 -46.73 26.91
C LEU P 70 -45.57 -45.32 27.16
N PHE P 71 -44.29 -45.10 26.86
CA PHE P 71 -43.70 -43.78 26.90
C PHE P 71 -42.89 -43.59 25.62
N ILE P 72 -42.65 -42.34 25.25
CA ILE P 72 -41.87 -42.06 24.06
C ILE P 72 -40.41 -42.37 24.36
N SER P 73 -39.90 -43.46 23.78
CA SER P 73 -38.50 -43.81 23.98
C SER P 73 -37.59 -42.96 23.10
N GLU P 74 -37.83 -42.98 21.79
CA GLU P 74 -37.07 -42.18 20.84
C GLU P 74 -38.03 -41.34 20.02
N ALA P 75 -37.55 -40.15 19.64
CA ALA P 75 -38.28 -39.29 18.72
C ALA P 75 -37.29 -38.27 18.18
N PHE P 76 -37.13 -38.24 16.86
CA PHE P 76 -36.14 -37.37 16.25
C PHE P 76 -36.57 -37.07 14.82
N VAL P 77 -36.13 -35.93 14.31
CA VAL P 77 -36.47 -35.47 12.98
C VAL P 77 -35.19 -35.38 12.16
N ASP P 78 -35.17 -36.05 11.01
CA ASP P 78 -34.03 -36.05 10.12
C ASP P 78 -34.30 -35.17 8.92
N GLU P 79 -33.23 -34.61 8.35
CA GLU P 79 -33.36 -33.78 7.18
C GLU P 79 -33.80 -34.62 5.99
N GLY P 80 -34.48 -33.96 5.05
CA GLY P 80 -34.97 -34.62 3.86
C GLY P 80 -34.58 -33.88 2.60
N PRO P 81 -34.89 -34.47 1.45
CA PRO P 81 -34.49 -33.83 0.18
C PRO P 81 -35.04 -32.43 0.01
N THR P 82 -34.16 -31.46 -0.08
CA THR P 82 -34.56 -30.06 -0.23
C THR P 82 -34.89 -29.74 -1.68
N LEU P 83 -35.97 -29.00 -1.88
CA LEU P 83 -36.35 -28.49 -3.18
C LEU P 83 -35.88 -27.04 -3.32
N LYS P 84 -35.57 -26.63 -4.54
CA LYS P 84 -34.91 -25.35 -4.78
C LYS P 84 -35.65 -24.59 -5.87
N ARG P 85 -36.15 -23.40 -5.53
CA ARG P 85 -36.83 -22.54 -6.47
C ARG P 85 -36.39 -21.10 -6.23
N PHE P 86 -36.69 -20.25 -7.21
CA PHE P 86 -36.16 -18.89 -7.27
C PHE P 86 -37.26 -17.88 -6.97
N ARG P 87 -36.83 -16.63 -6.82
CA ARG P 87 -37.74 -15.53 -6.51
C ARG P 87 -37.24 -14.25 -7.15
N PRO P 88 -37.99 -13.65 -8.08
CA PRO P 88 -37.54 -12.39 -8.67
C PRO P 88 -37.57 -11.26 -7.65
N ARG P 89 -36.51 -10.46 -7.64
CA ARG P 89 -36.35 -9.35 -6.69
C ARG P 89 -35.83 -8.14 -7.44
N ALA P 90 -35.45 -7.11 -6.70
CA ALA P 90 -35.18 -5.80 -7.28
C ALA P 90 -34.02 -5.85 -8.26
N GLN P 91 -34.11 -5.02 -9.29
CA GLN P 91 -33.01 -4.78 -10.23
C GLN P 91 -32.56 -6.07 -10.89
N GLY P 92 -33.51 -6.88 -11.31
CA GLY P 92 -33.25 -7.98 -12.21
C GLY P 92 -32.54 -9.17 -11.62
N ARG P 93 -32.28 -9.17 -10.32
CA ARG P 93 -31.58 -10.29 -9.68
C ARG P 93 -32.59 -11.33 -9.22
N ALA P 94 -32.06 -12.42 -8.65
CA ALA P 94 -32.90 -13.51 -8.19
C ALA P 94 -32.22 -14.19 -7.02
N TYR P 95 -32.97 -14.38 -5.93
CA TYR P 95 -32.49 -15.08 -4.74
C TYR P 95 -33.17 -16.43 -4.64
N ARG P 96 -32.42 -17.43 -4.20
CA ARG P 96 -32.94 -18.78 -4.12
C ARG P 96 -33.80 -18.96 -2.87
N ILE P 97 -34.73 -19.90 -2.95
CA ILE P 97 -35.59 -20.27 -1.83
C ILE P 97 -35.60 -21.78 -1.74
N ARG P 98 -35.28 -22.31 -0.56
CA ARG P 98 -35.24 -23.75 -0.34
C ARG P 98 -36.47 -24.19 0.45
N LYS P 99 -37.24 -25.09 -0.15
CA LYS P 99 -38.40 -25.69 0.51
C LYS P 99 -37.94 -26.98 1.17
N ARG P 100 -37.64 -26.91 2.46
CA ARG P 100 -37.05 -28.05 3.14
C ARG P 100 -38.12 -29.06 3.55
N THR P 101 -37.71 -30.30 3.68
CA THR P 101 -38.57 -31.38 4.14
C THR P 101 -37.88 -32.09 5.29
N SER P 102 -38.57 -33.06 5.89
CA SER P 102 -38.05 -33.73 7.07
C SER P 102 -38.59 -35.15 7.14
N HIS P 103 -37.90 -35.98 7.91
CA HIS P 103 -38.29 -37.36 8.16
C HIS P 103 -38.52 -37.50 9.66
N ILE P 104 -39.76 -37.65 10.08
CA ILE P 104 -40.11 -37.72 11.50
C ILE P 104 -40.25 -39.18 11.90
N THR P 105 -39.56 -39.56 12.99
CA THR P 105 -39.59 -40.90 13.54
C THR P 105 -39.98 -40.84 15.00
N VAL P 106 -40.83 -41.77 15.42
CA VAL P 106 -41.28 -41.86 16.80
C VAL P 106 -41.22 -43.32 17.23
N VAL P 107 -40.79 -43.56 18.47
CA VAL P 107 -40.61 -44.90 19.00
C VAL P 107 -41.25 -44.95 20.38
N VAL P 108 -42.19 -45.88 20.56
CA VAL P 108 -42.84 -46.10 21.85
C VAL P 108 -42.40 -47.45 22.40
N SER P 109 -42.02 -47.46 23.67
CA SER P 109 -41.61 -48.68 24.35
C SER P 109 -42.44 -48.84 25.62
N SER P 110 -42.52 -50.08 26.10
CA SER P 110 -43.19 -50.33 27.37
C SER P 110 -42.36 -49.76 28.51
N LYS P 111 -43.06 -49.27 29.53
CA LYS P 111 -42.37 -48.71 30.69
C LYS P 111 -41.52 -49.76 31.39
N VAL Q 6 -62.20 -44.23 -66.63
CA VAL Q 6 -61.66 -44.11 -65.27
C VAL Q 6 -60.31 -44.81 -65.20
N THR Q 7 -59.43 -44.25 -64.38
CA THR Q 7 -58.09 -44.75 -64.19
C THR Q 7 -57.78 -44.81 -62.70
N SER Q 8 -56.52 -45.13 -62.39
CA SER Q 8 -56.06 -45.21 -61.01
C SER Q 8 -55.46 -43.89 -60.52
N LYS Q 9 -55.55 -42.83 -61.32
CA LYS Q 9 -55.14 -41.50 -60.89
C LYS Q 9 -56.26 -40.49 -60.94
N THR Q 10 -57.26 -40.68 -61.81
CA THR Q 10 -58.41 -39.80 -61.93
C THR Q 10 -59.64 -40.45 -61.29
N PHE Q 11 -59.41 -41.13 -60.17
CA PHE Q 11 -60.46 -41.77 -59.39
C PHE Q 11 -60.63 -41.01 -58.09
N THR Q 12 -61.85 -40.54 -57.82
CA THR Q 12 -62.16 -39.86 -56.57
C THR Q 12 -63.49 -40.38 -56.04
N ASP Q 13 -63.52 -40.68 -54.74
CA ASP Q 13 -64.71 -41.19 -54.10
C ASP Q 13 -65.15 -40.24 -52.99
N PRO Q 14 -66.41 -39.79 -52.98
CA PRO Q 14 -66.81 -38.83 -51.95
C PRO Q 14 -66.54 -39.27 -50.53
N ARG Q 15 -66.61 -40.57 -50.24
CA ARG Q 15 -66.39 -41.05 -48.88
C ARG Q 15 -65.03 -40.65 -48.33
N ASP Q 16 -64.13 -40.14 -49.15
CA ASP Q 16 -62.86 -39.63 -48.63
C ASP Q 16 -63.05 -38.30 -47.93
N ILE Q 17 -63.95 -37.46 -48.43
CA ILE Q 17 -64.19 -36.16 -47.78
C ILE Q 17 -64.79 -36.38 -46.40
N LEU Q 18 -65.78 -37.25 -46.29
CA LEU Q 18 -66.47 -37.49 -45.03
C LEU Q 18 -65.62 -38.42 -44.18
N VAL Q 19 -64.83 -37.84 -43.27
CA VAL Q 19 -63.92 -38.65 -42.46
C VAL Q 19 -64.70 -39.49 -41.47
N LYS Q 20 -65.53 -38.86 -40.66
CA LYS Q 20 -66.27 -39.55 -39.61
C LYS Q 20 -67.29 -38.58 -39.02
N PRO Q 21 -68.31 -39.11 -38.34
CA PRO Q 21 -69.25 -38.24 -37.64
C PRO Q 21 -68.70 -37.75 -36.31
N VAL Q 22 -69.36 -36.75 -35.76
CA VAL Q 22 -69.02 -36.18 -34.47
C VAL Q 22 -70.09 -36.59 -33.47
N VAL Q 23 -69.68 -37.29 -32.41
CA VAL Q 23 -70.57 -37.69 -31.33
C VAL Q 23 -70.30 -36.79 -30.13
N SER Q 24 -71.33 -36.06 -29.69
CA SER Q 24 -71.16 -35.16 -28.56
C SER Q 24 -72.53 -34.64 -28.16
N GLU Q 25 -72.59 -33.98 -27.00
CA GLU Q 25 -73.85 -33.44 -26.52
C GLU Q 25 -74.38 -32.35 -27.45
N LYS Q 26 -73.50 -31.46 -27.92
CA LYS Q 26 -73.93 -30.43 -28.85
C LYS Q 26 -74.39 -31.04 -30.17
N SER Q 27 -73.65 -32.02 -30.68
CA SER Q 27 -74.06 -32.67 -31.93
C SER Q 27 -75.39 -33.38 -31.76
N TYR Q 28 -75.58 -34.07 -30.63
CA TYR Q 28 -76.86 -34.71 -30.37
C TYR Q 28 -77.98 -33.69 -30.33
N ALA Q 29 -77.76 -32.55 -29.66
CA ALA Q 29 -78.76 -31.50 -29.63
C ALA Q 29 -79.08 -31.01 -31.04
N LEU Q 30 -78.06 -30.97 -31.91
CA LEU Q 30 -78.27 -30.51 -33.27
C LEU Q 30 -79.01 -31.52 -34.13
N LEU Q 31 -78.95 -32.80 -33.77
CA LEU Q 31 -79.66 -33.82 -34.55
C LEU Q 31 -81.15 -33.51 -34.59
N ASP Q 32 -81.71 -33.07 -33.46
CA ASP Q 32 -83.14 -32.80 -33.39
C ASP Q 32 -83.58 -31.72 -34.37
N GLU Q 33 -82.67 -30.83 -34.76
CA GLU Q 33 -82.96 -29.81 -35.75
C GLU Q 33 -82.51 -30.23 -37.15
N ASN Q 34 -82.14 -31.50 -37.32
CA ASN Q 34 -81.75 -32.05 -38.62
C ASN Q 34 -80.46 -31.42 -39.13
N LYS Q 35 -79.57 -31.02 -38.21
CA LYS Q 35 -78.25 -30.54 -38.55
C LYS Q 35 -77.25 -31.62 -38.16
N TYR Q 36 -76.56 -32.20 -39.15
CA TYR Q 36 -75.62 -33.27 -38.91
C TYR Q 36 -74.20 -32.74 -38.96
N THR Q 37 -73.39 -33.11 -37.98
CA THR Q 37 -72.01 -32.65 -37.88
C THR Q 37 -71.07 -33.76 -38.31
N PHE Q 38 -70.16 -33.44 -39.23
CA PHE Q 38 -69.15 -34.38 -39.70
C PHE Q 38 -67.77 -33.77 -39.54
N VAL Q 39 -66.76 -34.63 -39.46
CA VAL Q 39 -65.37 -34.22 -39.59
C VAL Q 39 -64.94 -34.52 -41.02
N VAL Q 40 -64.42 -33.51 -41.71
CA VAL Q 40 -64.18 -33.60 -43.14
C VAL Q 40 -62.72 -33.37 -43.44
N ASP Q 41 -62.31 -33.73 -44.65
CA ASP Q 41 -60.94 -33.52 -45.08
C ASP Q 41 -60.64 -32.02 -45.02
N PRO Q 42 -59.57 -31.59 -44.34
CA PRO Q 42 -59.34 -30.15 -44.18
C PRO Q 42 -59.20 -29.39 -45.49
N ARG Q 43 -58.85 -30.05 -46.58
CA ARG Q 43 -58.67 -29.35 -47.85
C ARG Q 43 -59.99 -29.12 -48.60
N ALA Q 44 -61.11 -29.62 -48.09
CA ALA Q 44 -62.39 -29.46 -48.77
C ALA Q 44 -63.01 -28.11 -48.44
N ASN Q 45 -63.83 -27.62 -49.38
CA ASN Q 45 -64.59 -26.40 -49.20
C ASN Q 45 -66.08 -26.73 -49.09
N LYS Q 46 -66.87 -25.73 -48.72
CA LYS Q 46 -68.29 -25.95 -48.50
C LYS Q 46 -68.93 -26.61 -49.72
N THR Q 47 -68.51 -26.22 -50.92
CA THR Q 47 -69.12 -26.79 -52.13
C THR Q 47 -68.83 -28.28 -52.24
N GLN Q 48 -67.58 -28.69 -51.97
CA GLN Q 48 -67.27 -30.12 -51.97
C GLN Q 48 -68.07 -30.86 -50.91
N ILE Q 49 -68.20 -30.28 -49.72
CA ILE Q 49 -68.93 -30.95 -48.65
C ILE Q 49 -70.36 -31.19 -49.09
N LYS Q 50 -70.98 -30.17 -49.70
CA LYS Q 50 -72.36 -30.31 -50.15
C LYS Q 50 -72.50 -31.40 -51.20
N GLN Q 51 -71.60 -31.41 -52.19
CA GLN Q 51 -71.66 -32.44 -53.22
C GLN Q 51 -71.38 -33.81 -52.63
N ALA Q 52 -70.41 -33.91 -51.71
CA ALA Q 52 -70.08 -35.20 -51.13
C ALA Q 52 -71.27 -35.78 -50.36
N VAL Q 53 -71.91 -34.96 -49.53
CA VAL Q 53 -73.05 -35.45 -48.76
C VAL Q 53 -74.19 -35.86 -49.69
N GLU Q 54 -74.46 -35.03 -50.70
CA GLU Q 54 -75.56 -35.34 -51.62
C GLU Q 54 -75.32 -36.66 -52.33
N ALA Q 55 -74.09 -36.92 -52.76
CA ALA Q 55 -73.81 -38.15 -53.48
C ALA Q 55 -73.79 -39.35 -52.56
N VAL Q 56 -73.22 -39.22 -51.36
CA VAL Q 56 -73.09 -40.36 -50.46
C VAL Q 56 -74.45 -40.79 -49.93
N PHE Q 57 -75.26 -39.83 -49.48
CA PHE Q 57 -76.52 -40.13 -48.81
C PHE Q 57 -77.74 -39.86 -49.68
N SER Q 58 -77.57 -39.34 -50.89
CA SER Q 58 -78.69 -39.10 -51.79
C SER Q 58 -79.75 -38.23 -51.14
N VAL Q 59 -79.31 -37.25 -50.34
CA VAL Q 59 -80.20 -36.35 -49.64
C VAL Q 59 -80.04 -34.95 -50.22
N LYS Q 60 -81.05 -34.12 -50.01
CA LYS Q 60 -81.06 -32.75 -50.50
C LYS Q 60 -80.49 -31.84 -49.42
N VAL Q 61 -79.31 -31.27 -49.67
CA VAL Q 61 -78.62 -30.42 -48.70
C VAL Q 61 -79.07 -28.98 -48.90
N THR Q 62 -79.44 -28.32 -47.82
CA THR Q 62 -79.88 -26.93 -47.85
C THR Q 62 -78.76 -25.94 -47.58
N GLY Q 63 -77.95 -26.18 -46.56
CA GLY Q 63 -76.85 -25.30 -46.23
C GLY Q 63 -75.76 -26.06 -45.51
N VAL Q 64 -74.55 -25.54 -45.61
CA VAL Q 64 -73.38 -26.16 -44.99
C VAL Q 64 -72.56 -25.08 -44.31
N ASN Q 65 -72.27 -25.30 -43.03
CA ASN Q 65 -71.40 -24.44 -42.24
C ASN Q 65 -70.15 -25.22 -41.88
N THR Q 66 -69.00 -24.57 -41.90
CA THR Q 66 -67.72 -25.20 -41.62
C THR Q 66 -67.01 -24.50 -40.49
N ILE Q 67 -66.51 -25.28 -39.53
CA ILE Q 67 -65.78 -24.76 -38.38
C ILE Q 67 -64.36 -25.31 -38.45
N ASN Q 68 -63.39 -24.41 -38.44
CA ASN Q 68 -61.98 -24.79 -38.47
C ASN Q 68 -61.45 -24.76 -37.05
N ARG Q 69 -61.04 -25.91 -36.54
CA ARG Q 69 -60.68 -26.08 -35.14
C ARG Q 69 -59.19 -26.36 -35.02
N GLN Q 70 -58.51 -25.57 -34.20
CA GLN Q 70 -57.08 -25.73 -34.01
C GLN Q 70 -56.80 -26.91 -33.07
N GLY Q 71 -55.75 -27.66 -33.38
CA GLY Q 71 -55.39 -28.79 -32.55
C GLY Q 71 -54.96 -28.34 -31.17
N LYS Q 72 -55.28 -29.17 -30.17
CA LYS Q 72 -55.01 -28.83 -28.79
C LYS Q 72 -53.59 -29.24 -28.40
N ARG Q 73 -52.83 -28.27 -27.89
CA ARG Q 73 -51.46 -28.54 -27.47
C ARG Q 73 -51.47 -29.33 -26.16
N LYS Q 74 -50.66 -30.38 -26.11
CA LYS Q 74 -50.66 -31.31 -24.98
C LYS Q 74 -49.27 -31.45 -24.42
N ARG Q 75 -49.17 -31.45 -23.09
CA ARG Q 75 -47.91 -31.67 -22.40
C ARG Q 75 -47.60 -33.16 -22.31
N THR Q 76 -46.31 -33.48 -22.33
CA THR Q 76 -45.85 -34.86 -22.20
C THR Q 76 -44.64 -34.90 -21.28
N ARG Q 77 -44.14 -36.11 -21.05
CA ARG Q 77 -42.91 -36.27 -20.27
C ARG Q 77 -41.78 -35.48 -20.90
N THR Q 78 -41.61 -35.60 -22.22
CA THR Q 78 -40.51 -34.96 -22.92
C THR Q 78 -40.74 -33.48 -23.16
N GLY Q 79 -41.99 -33.10 -23.48
CA GLY Q 79 -42.27 -31.72 -23.82
C GLY Q 79 -43.70 -31.52 -24.29
N TYR Q 80 -43.86 -30.80 -25.39
CA TYR Q 80 -45.18 -30.40 -25.90
C TYR Q 80 -45.43 -31.01 -27.28
N GLY Q 81 -46.58 -31.67 -27.43
CA GLY Q 81 -47.07 -32.08 -28.72
C GLY Q 81 -48.39 -31.39 -29.03
N LYS Q 82 -48.79 -31.47 -30.29
CA LYS Q 82 -50.02 -30.83 -30.76
C LYS Q 82 -50.85 -31.86 -31.50
N ARG Q 83 -52.11 -32.02 -31.11
CA ARG Q 83 -52.99 -32.90 -31.86
C ARG Q 83 -53.23 -32.34 -33.26
N ALA Q 84 -53.82 -33.18 -34.10
CA ALA Q 84 -54.13 -32.78 -35.46
C ALA Q 84 -55.19 -31.68 -35.46
N ASN Q 85 -55.04 -30.73 -36.36
CA ASN Q 85 -56.11 -29.77 -36.64
C ASN Q 85 -57.22 -30.47 -37.40
N THR Q 86 -58.45 -29.97 -37.25
CA THR Q 86 -59.60 -30.61 -37.84
C THR Q 86 -60.55 -29.56 -38.41
N LYS Q 87 -61.31 -29.96 -39.42
CA LYS Q 87 -62.36 -29.15 -40.02
C LYS Q 87 -63.69 -29.85 -39.84
N ARG Q 88 -64.65 -29.17 -39.23
CA ARG Q 88 -65.96 -29.73 -38.97
C ARG Q 88 -67.01 -29.04 -39.81
N ALA Q 89 -67.92 -29.82 -40.37
CA ALA Q 89 -68.98 -29.31 -41.23
C ALA Q 89 -70.33 -29.65 -40.61
N ILE Q 90 -71.22 -28.67 -40.56
CA ILE Q 90 -72.57 -28.84 -40.03
C ILE Q 90 -73.52 -28.74 -41.21
N VAL Q 91 -74.16 -29.85 -41.56
CA VAL Q 91 -74.97 -29.96 -42.76
C VAL Q 91 -76.44 -29.86 -42.36
N THR Q 92 -77.14 -28.88 -42.92
CA THR Q 92 -78.57 -28.72 -42.68
C THR Q 92 -79.33 -29.32 -43.86
N LEU Q 93 -80.21 -30.27 -43.57
CA LEU Q 93 -80.93 -31.02 -44.58
C LEU Q 93 -82.33 -30.43 -44.78
N ALA Q 94 -82.92 -30.75 -45.93
CA ALA Q 94 -84.29 -30.33 -46.20
C ALA Q 94 -85.24 -31.01 -45.23
N GLU Q 95 -86.40 -30.38 -45.01
CA GLU Q 95 -87.39 -30.95 -44.11
C GLU Q 95 -87.82 -32.33 -44.59
N GLY Q 96 -87.91 -33.27 -43.64
CA GLY Q 96 -88.31 -34.63 -43.94
C GLY Q 96 -87.18 -35.57 -44.30
N ASN Q 97 -85.95 -35.07 -44.44
CA ASN Q 97 -84.81 -35.89 -44.79
C ASN Q 97 -83.96 -36.16 -43.55
N ARG Q 98 -83.41 -37.37 -43.46
CA ARG Q 98 -82.63 -37.77 -42.30
C ARG Q 98 -81.48 -38.67 -42.75
N ILE Q 99 -80.48 -38.76 -41.88
CA ILE Q 99 -79.36 -39.67 -42.05
C ILE Q 99 -79.24 -40.53 -40.80
N ASP Q 100 -79.08 -41.84 -40.99
CA ASP Q 100 -78.83 -42.76 -39.89
C ASP Q 100 -77.32 -42.93 -39.77
N ILE Q 101 -76.71 -42.16 -38.87
CA ILE Q 101 -75.29 -42.27 -38.64
C ILE Q 101 -74.94 -43.39 -37.68
N PHE Q 102 -75.88 -43.82 -36.84
CA PHE Q 102 -75.65 -44.95 -35.96
C PHE Q 102 -76.13 -46.25 -36.59
N MET R 1 -32.05 -69.75 -33.43
CA MET R 1 -32.71 -70.42 -32.29
C MET R 1 -32.99 -71.88 -32.63
N LYS R 2 -32.12 -72.76 -32.14
CA LYS R 2 -32.31 -74.18 -32.40
C LYS R 2 -33.47 -74.74 -31.60
N ILE R 3 -33.70 -74.21 -30.40
CA ILE R 3 -34.76 -74.70 -29.53
C ILE R 3 -36.09 -74.26 -30.12
N LYS R 4 -36.80 -75.20 -30.74
CA LYS R 4 -38.12 -74.91 -31.28
C LYS R 4 -39.12 -74.81 -30.15
N LYS R 5 -40.32 -74.32 -30.47
CA LYS R 5 -41.43 -74.38 -29.54
C LYS R 5 -41.98 -75.79 -29.51
N GLY R 6 -42.31 -76.27 -28.31
CA GLY R 6 -42.81 -77.61 -28.15
C GLY R 6 -41.75 -78.67 -28.37
N ASP R 7 -40.69 -78.64 -27.56
CA ASP R 7 -39.66 -79.67 -27.54
C ASP R 7 -39.43 -80.09 -26.11
N LEU R 8 -38.82 -81.25 -25.94
CA LEU R 8 -38.46 -81.78 -24.63
C LEU R 8 -37.02 -81.40 -24.36
N VAL R 9 -36.80 -80.63 -23.29
CA VAL R 9 -35.48 -80.09 -22.98
C VAL R 9 -35.15 -80.42 -21.53
N GLN R 10 -33.87 -80.21 -21.18
CA GLN R 10 -33.38 -80.46 -19.83
C GLN R 10 -32.58 -79.26 -19.37
N VAL R 11 -32.92 -78.74 -18.20
CA VAL R 11 -32.17 -77.62 -17.62
C VAL R 11 -30.83 -78.15 -17.14
N ILE R 12 -29.75 -77.61 -17.70
CA ILE R 12 -28.41 -78.07 -17.37
C ILE R 12 -27.70 -77.16 -16.37
N THR R 13 -28.12 -75.90 -16.25
CA THR R 13 -27.47 -74.98 -15.31
C THR R 13 -28.54 -74.02 -14.78
N GLY R 14 -28.98 -74.25 -13.56
CA GLY R 14 -29.94 -73.35 -12.94
C GLY R 14 -30.26 -73.84 -11.55
N LYS R 15 -31.19 -73.13 -10.90
CA LYS R 15 -31.64 -73.54 -9.58
C LYS R 15 -32.18 -74.97 -9.63
N ASP R 16 -32.82 -75.34 -10.73
CA ASP R 16 -33.47 -76.63 -10.89
C ASP R 16 -32.76 -77.40 -12.00
N LYS R 17 -31.69 -78.09 -11.64
CA LYS R 17 -31.04 -78.98 -12.59
C LYS R 17 -31.83 -80.27 -12.75
N GLY R 18 -31.59 -80.95 -13.85
CA GLY R 18 -32.24 -82.22 -14.10
C GLY R 18 -33.62 -82.13 -14.71
N LYS R 19 -34.50 -81.33 -14.11
CA LYS R 19 -35.90 -81.29 -14.53
C LYS R 19 -36.04 -81.18 -16.03
N GLN R 20 -36.77 -82.13 -16.62
CA GLN R 20 -37.18 -82.02 -18.01
C GLN R 20 -38.47 -81.21 -18.09
N GLY R 21 -38.89 -80.92 -19.32
CA GLY R 21 -40.15 -80.24 -19.50
C GLY R 21 -40.34 -79.86 -20.95
N LYS R 22 -41.58 -79.52 -21.26
CA LYS R 22 -41.93 -79.09 -22.60
C LYS R 22 -41.66 -77.60 -22.75
N VAL R 23 -41.59 -77.14 -24.00
CA VAL R 23 -41.30 -75.75 -24.30
C VAL R 23 -42.64 -75.05 -24.53
N ILE R 24 -43.06 -74.24 -23.56
CA ILE R 24 -44.36 -73.59 -23.66
C ILE R 24 -44.33 -72.53 -24.76
N ALA R 25 -43.49 -71.52 -24.60
CA ALA R 25 -43.35 -70.46 -25.59
C ALA R 25 -41.90 -70.04 -25.67
N ALA R 26 -41.45 -69.69 -26.87
CA ALA R 26 -40.06 -69.32 -27.11
C ALA R 26 -40.00 -67.88 -27.58
N PHE R 27 -39.01 -67.14 -27.08
CA PHE R 27 -38.79 -65.74 -27.44
C PHE R 27 -37.47 -65.65 -28.18
N PRO R 28 -37.47 -65.87 -29.51
CA PRO R 28 -36.21 -65.97 -30.25
C PRO R 28 -35.45 -64.67 -30.42
N ARG R 29 -35.93 -63.56 -29.86
CA ARG R 29 -35.29 -62.26 -30.01
C ARG R 29 -34.46 -61.89 -28.79
N GLU R 30 -34.94 -62.22 -27.59
CA GLU R 30 -34.20 -62.01 -26.37
C GLU R 30 -33.50 -63.28 -25.89
N ASP R 31 -33.55 -64.34 -26.69
CA ASP R 31 -32.89 -65.61 -26.37
C ASP R 31 -33.31 -66.13 -25.00
N ARG R 32 -34.61 -66.35 -24.84
CA ARG R 32 -35.15 -67.00 -23.65
C ARG R 32 -36.29 -67.92 -24.07
N VAL R 33 -36.56 -68.92 -23.24
CA VAL R 33 -37.65 -69.85 -23.47
C VAL R 33 -38.40 -70.08 -22.17
N LEU R 34 -39.61 -70.61 -22.29
CA LEU R 34 -40.42 -71.02 -21.16
C LEU R 34 -40.50 -72.54 -21.15
N VAL R 35 -39.97 -73.15 -20.11
CA VAL R 35 -40.05 -74.59 -19.89
C VAL R 35 -40.99 -74.82 -18.71
N GLU R 36 -42.09 -75.53 -18.96
CA GLU R 36 -43.09 -75.69 -17.91
C GLU R 36 -42.52 -76.45 -16.73
N GLY R 37 -42.43 -75.79 -15.58
CA GLY R 37 -42.01 -76.46 -14.36
C GLY R 37 -40.85 -75.80 -13.65
N VAL R 38 -40.06 -75.01 -14.37
CA VAL R 38 -38.81 -74.47 -13.84
C VAL R 38 -38.95 -72.96 -13.71
N ASN R 39 -38.32 -72.42 -12.67
CA ASN R 39 -38.41 -71.00 -12.34
C ASN R 39 -39.88 -70.58 -12.20
N ARG R 40 -40.59 -71.30 -11.34
CA ARG R 40 -42.01 -71.02 -11.10
C ARG R 40 -42.10 -69.97 -10.00
N VAL R 41 -42.37 -68.73 -10.40
CA VAL R 41 -42.34 -67.60 -9.49
C VAL R 41 -43.74 -67.37 -8.92
N LYS R 42 -43.78 -66.70 -7.77
CA LYS R 42 -45.03 -66.41 -7.07
C LYS R 42 -45.27 -64.90 -7.14
N LYS R 43 -46.08 -64.48 -8.11
CA LYS R 43 -46.39 -63.07 -8.27
C LYS R 43 -47.44 -62.64 -7.25
N HIS R 44 -47.19 -61.51 -6.59
CA HIS R 44 -48.14 -60.94 -5.64
C HIS R 44 -49.04 -59.96 -6.40
N THR R 45 -50.20 -60.45 -6.83
CA THR R 45 -51.12 -59.66 -7.63
C THR R 45 -52.40 -59.41 -6.84
N LYS R 46 -52.95 -58.21 -6.99
CA LYS R 46 -54.18 -57.84 -6.33
C LYS R 46 -55.35 -57.88 -7.30
N ALA R 47 -56.56 -57.76 -6.75
CA ALA R 47 -57.78 -57.92 -7.53
C ALA R 47 -57.85 -56.90 -8.67
N ALA R 56 -60.21 -62.32 -8.69
CA ALA R 56 -59.44 -63.07 -7.71
C ALA R 56 -57.98 -62.60 -7.70
N GLY R 57 -57.66 -61.69 -6.77
CA GLY R 57 -56.31 -61.19 -6.62
C GLY R 57 -55.62 -61.91 -5.48
N GLY R 58 -54.45 -62.45 -5.77
CA GLY R 58 -53.71 -63.20 -4.77
C GLY R 58 -52.45 -63.78 -5.35
N ILE R 59 -51.80 -64.63 -4.55
CA ILE R 59 -50.56 -65.27 -4.99
C ILE R 59 -50.85 -66.16 -6.19
N VAL R 60 -50.13 -65.93 -7.28
CA VAL R 60 -50.25 -66.71 -8.50
C VAL R 60 -48.87 -67.24 -8.85
N THR R 61 -48.78 -68.54 -9.12
CA THR R 61 -47.51 -69.22 -9.37
C THR R 61 -47.45 -69.63 -10.84
N VAL R 62 -46.61 -68.93 -11.61
CA VAL R 62 -46.39 -69.26 -13.02
C VAL R 62 -44.89 -69.20 -13.28
N GLU R 63 -44.46 -69.90 -14.34
CA GLU R 63 -43.05 -70.03 -14.64
C GLU R 63 -42.56 -68.86 -15.51
N ALA R 64 -41.35 -68.36 -15.17
CA ALA R 64 -40.68 -67.26 -15.85
C ALA R 64 -39.61 -67.78 -16.81
N PRO R 65 -39.32 -67.05 -17.88
CA PRO R 65 -38.40 -67.59 -18.89
C PRO R 65 -37.00 -67.82 -18.36
N ILE R 66 -36.35 -68.83 -18.92
CA ILE R 66 -34.97 -69.17 -18.60
C ILE R 66 -34.15 -69.00 -19.87
N HIS R 67 -32.87 -68.69 -19.70
CA HIS R 67 -32.01 -68.46 -20.85
C HIS R 67 -31.93 -69.70 -21.72
N VAL R 68 -31.85 -69.49 -23.03
CA VAL R 68 -31.85 -70.61 -23.97
C VAL R 68 -30.62 -71.48 -23.78
N SER R 69 -29.49 -70.88 -23.44
CA SER R 69 -28.27 -71.64 -23.25
C SER R 69 -28.24 -72.39 -21.92
N ASN R 70 -29.32 -72.33 -21.15
CA ASN R 70 -29.43 -73.09 -19.91
C ASN R 70 -30.28 -74.35 -20.08
N VAL R 71 -30.80 -74.59 -21.28
CA VAL R 71 -31.53 -75.81 -21.59
C VAL R 71 -30.86 -76.48 -22.78
N GLN R 72 -31.27 -77.71 -23.05
CA GLN R 72 -30.66 -78.48 -24.13
C GLN R 72 -31.54 -79.69 -24.42
N LEU R 73 -31.67 -80.03 -25.69
CA LEU R 73 -32.63 -81.04 -26.10
C LEU R 73 -32.36 -82.38 -25.43
N VAL R 74 -33.44 -83.11 -25.17
CA VAL R 74 -33.37 -84.47 -24.65
C VAL R 74 -33.75 -85.41 -25.78
N VAL R 75 -32.83 -86.27 -26.16
CA VAL R 75 -33.06 -87.31 -27.15
C VAL R 75 -32.97 -88.66 -26.45
N GLU R 76 -33.83 -89.59 -26.84
CA GLU R 76 -33.88 -90.91 -26.22
C GLU R 76 -32.88 -91.82 -26.93
N LYS R 77 -31.94 -92.38 -26.17
CA LYS R 77 -30.94 -93.30 -26.71
C LYS R 77 -30.76 -94.45 -25.75
N ASP R 78 -30.93 -95.67 -26.25
CA ASP R 78 -30.76 -96.89 -25.47
C ASP R 78 -31.49 -96.80 -24.13
N GLY R 79 -32.81 -96.68 -24.21
CA GLY R 79 -33.62 -96.70 -23.01
C GLY R 79 -33.78 -95.33 -22.38
N ASN R 80 -32.93 -95.05 -21.39
CA ASN R 80 -33.01 -93.80 -20.65
C ASN R 80 -32.75 -92.60 -21.55
N LYS R 81 -32.87 -91.40 -20.98
CA LYS R 81 -32.77 -90.15 -21.71
C LYS R 81 -31.34 -89.62 -21.65
N VAL R 82 -30.99 -88.82 -22.66
CA VAL R 82 -29.64 -88.26 -22.74
C VAL R 82 -29.71 -86.91 -23.44
N VAL R 83 -29.05 -85.91 -22.84
CA VAL R 83 -29.01 -84.57 -23.43
C VAL R 83 -28.07 -84.56 -24.62
N THR R 84 -28.45 -83.84 -25.68
CA THR R 84 -27.68 -83.81 -26.91
C THR R 84 -27.68 -82.42 -27.51
N ARG R 85 -26.62 -82.10 -28.24
CA ARG R 85 -26.57 -80.91 -29.08
C ARG R 85 -27.14 -81.24 -30.46
N VAL R 86 -27.48 -80.20 -31.21
CA VAL R 86 -28.26 -80.32 -32.44
C VAL R 86 -27.47 -79.75 -33.60
N GLY R 87 -27.37 -80.53 -34.68
CA GLY R 87 -26.84 -80.07 -35.94
C GLY R 87 -27.89 -80.23 -37.03
N TYR R 88 -27.48 -79.87 -38.24
CA TYR R 88 -28.39 -79.86 -39.39
C TYR R 88 -27.83 -80.73 -40.51
N ARG R 89 -28.72 -81.08 -41.44
CA ARG R 89 -28.36 -81.87 -42.60
C ARG R 89 -29.45 -81.71 -43.65
N PHE R 90 -29.04 -81.59 -44.91
CA PHE R 90 -29.98 -81.57 -46.02
C PHE R 90 -30.30 -83.01 -46.42
N ASP R 91 -31.56 -83.24 -46.83
CA ASP R 91 -31.98 -84.62 -47.14
C ASP R 91 -31.79 -84.93 -48.61
N GLU R 92 -32.57 -84.30 -49.50
CA GLU R 92 -32.19 -84.17 -50.90
C GLU R 92 -32.54 -82.83 -51.52
N ASN R 93 -33.53 -82.12 -51.00
CA ASN R 93 -34.05 -80.90 -51.62
C ASN R 93 -33.59 -79.65 -50.87
N GLY R 94 -32.41 -79.69 -50.28
CA GLY R 94 -31.91 -78.56 -49.51
C GLY R 94 -32.81 -78.18 -48.37
N ASN R 95 -33.23 -79.17 -47.58
CA ASN R 95 -34.15 -78.95 -46.45
C ASN R 95 -33.41 -79.33 -45.18
N LYS R 96 -33.08 -78.34 -44.37
CA LYS R 96 -32.41 -78.60 -43.11
C LYS R 96 -33.37 -79.30 -42.15
N ILE R 97 -32.91 -80.38 -41.54
CA ILE R 97 -33.69 -81.12 -40.57
C ILE R 97 -32.85 -81.27 -39.30
N ARG R 98 -33.45 -80.92 -38.17
CA ARG R 98 -32.75 -80.99 -36.89
C ARG R 98 -32.24 -82.41 -36.67
N VAL R 99 -30.92 -82.56 -36.60
CA VAL R 99 -30.27 -83.86 -36.44
C VAL R 99 -29.54 -83.86 -35.11
N ALA R 100 -29.89 -84.83 -34.25
CA ALA R 100 -29.18 -84.99 -33.00
C ALA R 100 -27.74 -85.38 -33.25
N LYS R 101 -26.85 -84.96 -32.35
CA LYS R 101 -25.43 -85.27 -32.47
C LYS R 101 -24.95 -86.29 -31.47
N ARG R 102 -25.60 -86.40 -30.30
CA ARG R 102 -25.23 -87.44 -29.36
C ARG R 102 -25.49 -88.82 -29.96
N THR R 103 -26.59 -88.97 -30.69
CA THR R 103 -26.98 -90.24 -31.28
C THR R 103 -26.76 -90.30 -32.77
N GLY R 104 -26.70 -89.16 -33.46
CA GLY R 104 -26.69 -89.15 -34.90
C GLY R 104 -28.03 -89.45 -35.53
N GLU R 105 -29.11 -89.46 -34.75
CA GLU R 105 -30.44 -89.75 -35.24
C GLU R 105 -31.11 -88.46 -35.70
N ASP R 106 -32.40 -88.53 -35.99
CA ASP R 106 -33.17 -87.40 -36.51
C ASP R 106 -34.18 -86.97 -35.46
N ILE R 107 -34.00 -85.77 -34.92
CA ILE R 107 -34.94 -85.22 -33.94
C ILE R 107 -35.84 -84.19 -34.59
N GLU S 3 66.86 25.48 46.76
CA GLU S 3 66.88 24.10 46.32
C GLU S 3 65.75 23.31 46.97
N VAL S 4 65.05 22.52 46.18
CA VAL S 4 63.90 21.75 46.65
C VAL S 4 64.22 20.27 46.51
N LYS S 5 64.12 19.54 47.61
CA LYS S 5 64.34 18.10 47.59
C LYS S 5 63.05 17.38 47.19
N ILE S 6 63.13 16.55 46.16
CA ILE S 6 62.01 15.75 45.71
C ILE S 6 62.49 14.34 45.44
N THR S 7 61.74 13.36 45.94
CA THR S 7 62.07 11.96 45.69
C THR S 7 61.61 11.56 44.29
N ALA S 8 62.46 10.84 43.57
CA ALA S 8 62.17 10.43 42.21
C ALA S 8 62.50 8.95 42.04
N GLU S 9 61.66 8.25 41.29
CA GLU S 9 61.85 6.84 41.00
C GLU S 9 62.15 6.66 39.51
N THR S 10 62.70 5.49 39.18
CA THR S 10 63.06 5.20 37.81
C THR S 10 61.86 4.62 37.05
N ARG S 11 61.69 5.06 35.81
CA ARG S 11 60.64 4.55 34.95
C ARG S 11 61.21 3.46 34.06
N SER S 12 60.54 2.31 34.02
CA SER S 12 60.95 1.21 33.15
C SER S 12 59.96 0.92 32.04
N GLU S 13 58.68 1.23 32.25
CA GLU S 13 57.64 1.00 31.26
C GLU S 13 57.42 2.27 30.46
N PHE S 14 57.44 2.16 29.13
CA PHE S 14 57.27 3.29 28.26
C PHE S 14 56.07 3.07 27.34
N GLY S 15 55.51 4.17 26.85
CA GLY S 15 54.44 4.13 25.89
C GLY S 15 53.17 4.76 26.42
N LYS S 16 52.15 4.73 25.55
CA LYS S 16 50.86 5.32 25.87
C LYS S 16 50.23 4.68 27.10
N GLY S 17 50.16 3.35 27.11
CA GLY S 17 49.49 2.67 28.21
C GLY S 17 50.20 2.86 29.54
N ALA S 18 51.53 2.78 29.53
CA ALA S 18 52.29 2.89 30.77
C ALA S 18 52.15 4.27 31.38
N ALA S 19 52.27 5.32 30.57
CA ALA S 19 52.21 6.68 31.09
C ALA S 19 50.83 6.99 31.65
N ARG S 20 49.77 6.53 30.97
CA ARG S 20 48.42 6.80 31.46
C ARG S 20 48.19 6.17 32.81
N ARG S 21 48.70 4.95 33.02
CA ARG S 21 48.61 4.30 34.32
C ARG S 21 49.36 5.10 35.38
N ILE S 22 50.51 5.66 35.01
CA ILE S 22 51.33 6.41 35.97
C ILE S 22 50.59 7.64 36.46
N ARG S 23 50.10 8.46 35.53
CA ARG S 23 49.29 9.61 35.91
C ARG S 23 48.04 9.19 36.67
N ARG S 24 47.47 8.04 36.32
CA ARG S 24 46.32 7.54 37.06
C ARG S 24 46.69 7.25 38.50
N GLU S 25 47.95 6.94 38.75
CA GLU S 25 48.47 6.76 40.10
C GLU S 25 48.91 8.08 40.72
N ASN S 26 48.71 9.19 40.02
CA ASN S 26 49.01 10.52 40.54
C ASN S 26 50.52 10.75 40.60
N LYS S 27 51.25 10.13 39.67
CA LYS S 27 52.66 10.42 39.47
C LYS S 27 52.87 11.01 38.09
N VAL S 28 53.86 11.89 37.98
CA VAL S 28 54.15 12.63 36.75
C VAL S 28 55.39 12.00 36.12
N PRO S 29 55.30 11.45 34.91
CA PRO S 29 56.51 10.95 34.25
C PRO S 29 57.43 12.09 33.83
N GLY S 30 58.73 11.83 33.90
CA GLY S 30 59.72 12.84 33.53
C GLY S 30 60.92 12.21 32.89
N VAL S 31 61.73 13.07 32.25
CA VAL S 31 62.98 12.66 31.63
C VAL S 31 64.06 13.66 32.00
N LEU S 32 65.21 13.17 32.42
CA LEU S 32 66.33 13.99 32.84
C LEU S 32 67.46 13.82 31.84
N TYR S 33 67.86 14.93 31.20
CA TYR S 33 68.87 14.86 30.17
C TYR S 33 69.78 16.08 30.26
N GLY S 34 70.82 16.08 29.45
CA GLY S 34 71.75 17.19 29.36
C GLY S 34 73.19 16.76 29.44
N HIS S 35 74.10 17.64 29.03
CA HIS S 35 75.53 17.44 29.23
C HIS S 35 76.00 16.12 28.61
N GLY S 36 75.40 15.75 27.48
CA GLY S 36 75.84 14.56 26.77
C GLY S 36 75.57 13.26 27.49
N THR S 37 74.83 13.29 28.60
CA THR S 37 74.48 12.06 29.31
C THR S 37 73.29 11.39 28.65
N ASP S 38 73.22 10.07 28.79
CA ASP S 38 72.04 9.35 28.34
C ASP S 38 70.83 9.78 29.19
N PRO S 39 69.67 10.03 28.58
CA PRO S 39 68.52 10.45 29.38
C PRO S 39 68.18 9.40 30.44
N VAL S 40 67.80 9.89 31.62
CA VAL S 40 67.36 9.05 32.72
C VAL S 40 65.86 9.24 32.86
N HIS S 41 65.11 8.14 32.82
CA HIS S 41 63.65 8.20 32.75
C HIS S 41 63.08 8.11 34.17
N LEU S 42 62.32 9.12 34.57
CA LEU S 42 61.92 9.29 35.95
C LEU S 42 60.40 9.19 36.09
N THR S 43 59.97 8.80 37.29
CA THR S 43 58.61 8.98 37.73
C THR S 43 58.63 9.88 38.96
N LEU S 44 57.73 10.85 39.01
CA LEU S 44 57.79 11.87 40.04
C LEU S 44 56.49 11.92 40.83
N PRO S 45 56.54 12.33 42.09
CA PRO S 45 55.31 12.50 42.87
C PRO S 45 54.55 13.73 42.39
N GLY S 46 53.30 13.52 41.98
CA GLY S 46 52.56 14.58 41.32
C GLY S 46 52.35 15.80 42.21
N HIS S 47 51.96 15.57 43.47
CA HIS S 47 51.67 16.71 44.34
C HIS S 47 52.92 17.48 44.70
N ASP S 48 53.97 16.79 45.15
CA ASP S 48 55.20 17.48 45.50
C ASP S 48 55.73 18.28 44.32
N LEU S 49 55.57 17.74 43.12
CA LEU S 49 56.03 18.44 41.92
C LEU S 49 55.32 19.78 41.76
N MET S 50 53.98 19.78 41.82
CA MET S 50 53.24 21.00 41.55
C MET S 50 53.53 22.08 42.58
N MET S 51 53.66 21.70 43.85
CA MET S 51 54.02 22.68 44.87
C MET S 51 55.38 23.29 44.57
N ALA S 52 56.33 22.46 44.15
CA ALA S 52 57.66 22.96 43.79
C ALA S 52 57.60 23.86 42.56
N LEU S 53 56.86 23.43 41.53
CA LEU S 53 56.88 24.14 40.25
C LEU S 53 56.08 25.43 40.28
N LYS S 54 55.43 25.77 41.38
CA LYS S 54 54.77 27.08 41.45
C LYS S 54 55.75 28.19 41.15
N THR S 55 57.03 28.01 41.49
CA THR S 55 58.06 29.01 41.27
C THR S 55 58.71 28.77 39.91
N SER S 56 59.04 29.86 39.22
CA SER S 56 59.67 29.76 37.92
C SER S 56 61.14 29.38 38.05
N ASN S 57 61.56 28.40 37.25
CA ASN S 57 62.95 27.95 37.24
C ASN S 57 63.43 27.57 38.64
N VAL S 58 62.61 26.78 39.33
CA VAL S 58 62.97 26.31 40.66
C VAL S 58 64.04 25.24 40.54
N LEU S 59 65.06 25.33 41.38
CA LEU S 59 66.14 24.35 41.38
C LEU S 59 65.70 23.10 42.14
N LEU S 60 65.73 21.95 41.47
CA LEU S 60 65.31 20.69 42.06
C LEU S 60 66.52 19.82 42.33
N SER S 61 66.60 19.25 43.53
CA SER S 61 67.63 18.27 43.89
C SER S 61 66.97 16.90 43.89
N LEU S 62 67.20 16.13 42.84
CA LEU S 62 66.52 14.85 42.66
C LEU S 62 67.17 13.79 43.52
N ASP S 63 66.43 13.28 44.50
CA ASP S 63 66.92 12.17 45.35
C ASP S 63 66.69 10.88 44.56
N LEU S 64 67.53 10.68 43.55
CA LEU S 64 67.37 9.61 42.58
C LEU S 64 68.13 8.38 43.07
N ASP S 65 67.40 7.40 43.58
CA ASP S 65 67.96 6.09 43.94
C ASP S 65 69.19 6.24 44.84
N GLY S 66 69.11 7.17 45.80
CA GLY S 66 70.22 7.46 46.67
C GLY S 66 71.27 8.38 46.09
N LYS S 67 71.10 8.81 44.84
CA LYS S 67 72.00 9.76 44.19
C LYS S 67 71.27 11.08 44.00
N THR S 68 71.89 12.16 44.48
CA THR S 68 71.31 13.49 44.38
C THR S 68 71.87 14.21 43.17
N GLU S 69 70.98 14.71 42.30
CA GLU S 69 71.37 15.39 41.07
C GLU S 69 70.64 16.71 40.97
N LEU S 70 71.32 17.71 40.43
CA LEU S 70 70.75 19.05 40.28
C LEU S 70 70.07 19.16 38.92
N ALA S 71 68.86 19.71 38.91
CA ALA S 71 68.08 19.79 37.69
C ALA S 71 67.22 21.05 37.72
N ILE S 72 66.79 21.47 36.53
CA ILE S 72 65.97 22.67 36.35
C ILE S 72 64.84 22.31 35.40
N PRO S 73 63.57 22.62 35.70
CA PRO S 73 62.49 22.27 34.76
C PRO S 73 62.59 23.06 33.47
N LYS S 74 62.91 22.39 32.37
CA LYS S 74 63.13 23.09 31.12
C LYS S 74 61.83 23.23 30.32
N ALA S 75 61.07 22.15 30.19
CA ALA S 75 59.80 22.18 29.49
C ALA S 75 58.80 21.29 30.22
N VAL S 76 57.60 21.80 30.44
CA VAL S 76 56.55 21.09 31.16
C VAL S 76 55.30 21.06 30.29
N GLN S 77 54.69 19.89 30.17
CA GLN S 77 53.44 19.72 29.42
C GLN S 77 52.29 19.62 30.41
N ARG S 78 51.30 20.51 30.26
CA ARG S 78 50.11 20.50 31.09
C ARG S 78 48.88 20.20 30.25
N ASP S 79 47.88 19.62 30.89
CA ASP S 79 46.60 19.44 30.22
C ASP S 79 46.04 20.80 29.84
N PRO S 80 45.77 21.05 28.56
CA PRO S 80 45.36 22.41 28.16
C PRO S 80 44.07 22.87 28.79
N LEU S 81 43.24 21.96 29.30
CA LEU S 81 41.94 22.30 29.86
C LEU S 81 41.86 22.14 31.37
N LYS S 82 42.44 21.08 31.94
CA LYS S 82 42.31 20.80 33.36
C LYS S 82 43.48 21.32 34.19
N GLY S 83 44.66 21.46 33.59
CA GLY S 83 45.77 22.14 34.23
C GLY S 83 46.73 21.27 35.01
N PHE S 84 46.45 19.98 35.20
CA PHE S 84 47.39 19.14 35.93
C PHE S 84 48.59 18.79 35.07
N LEU S 85 49.71 18.51 35.73
CA LEU S 85 50.96 18.22 35.02
C LEU S 85 50.88 16.87 34.34
N GLU S 86 51.46 16.79 33.14
CA GLU S 86 51.51 15.57 32.35
C GLU S 86 52.93 15.07 32.12
N HIS S 87 53.89 15.98 31.97
CA HIS S 87 55.27 15.61 31.70
C HIS S 87 56.19 16.75 32.12
N VAL S 88 57.38 16.38 32.58
CA VAL S 88 58.42 17.34 32.94
C VAL S 88 59.70 16.97 32.23
N ASP S 89 60.36 17.95 31.63
CA ASP S 89 61.72 17.81 31.12
C ASP S 89 62.65 18.49 32.10
N LEU S 90 63.60 17.75 32.64
CA LEU S 90 64.55 18.25 33.62
C LEU S 90 65.94 18.31 33.00
N LEU S 91 66.59 19.46 33.08
CA LEU S 91 67.90 19.67 32.52
C LEU S 91 68.94 19.68 33.62
N LEU S 92 70.00 18.89 33.45
CA LEU S 92 71.06 18.83 34.45
C LEU S 92 71.82 20.15 34.48
N VAL S 93 72.13 20.61 35.69
CA VAL S 93 72.97 21.78 35.90
C VAL S 93 73.87 21.51 37.09
N LYS S 94 75.17 21.75 36.92
CA LYS S 94 76.14 21.64 37.99
C LYS S 94 76.35 23.00 38.66
N ARG S 95 76.81 22.96 39.90
CA ARG S 95 76.96 24.18 40.69
C ARG S 95 77.84 25.17 39.95
N GLY S 96 77.25 26.28 39.51
CA GLY S 96 78.02 27.40 39.03
C GLY S 96 78.28 27.48 37.54
N GLU S 97 77.47 26.81 36.70
CA GLU S 97 77.63 26.88 35.26
C GLU S 97 76.47 27.66 34.64
N GLN S 98 76.75 28.28 33.50
CA GLN S 98 75.83 29.21 32.87
C GLN S 98 74.85 28.48 31.96
N VAL S 99 73.56 28.84 32.08
CA VAL S 99 72.51 28.32 31.21
C VAL S 99 71.60 29.48 30.82
N ASN S 100 70.90 29.30 29.71
CA ASN S 100 69.94 30.29 29.23
C ASN S 100 68.53 29.90 29.66
N VAL S 101 67.85 30.84 30.33
CA VAL S 101 66.53 30.60 30.92
C VAL S 101 65.67 31.82 30.69
N GLU S 102 64.36 31.60 30.79
CA GLU S 102 63.37 32.67 30.65
C GLU S 102 62.83 33.04 32.02
N ILE S 103 62.91 34.32 32.36
CA ILE S 103 62.44 34.83 33.65
C ILE S 103 61.23 35.72 33.40
N PRO S 104 60.14 35.56 34.14
CA PRO S 104 59.01 36.48 33.98
C PRO S 104 59.36 37.87 34.42
N VAL S 105 58.75 38.86 33.77
CA VAL S 105 58.92 40.27 34.12
C VAL S 105 57.69 40.74 34.86
N VAL S 106 57.90 41.35 36.02
CA VAL S 106 56.83 41.94 36.82
C VAL S 106 57.04 43.45 36.85
N THR S 107 56.00 44.19 36.49
CA THR S 107 56.11 45.63 36.35
C THR S 107 55.68 46.31 37.63
N GLU S 108 56.51 47.24 38.10
CA GLU S 108 56.28 47.96 39.35
C GLU S 108 55.86 49.38 39.04
N GLY S 109 55.05 49.95 39.93
CA GLY S 109 54.50 51.27 39.75
C GLY S 109 53.21 51.25 38.95
N GLU S 110 52.58 52.42 38.88
CA GLU S 110 51.30 52.59 38.22
C GLU S 110 51.43 53.60 37.09
N LEU S 111 50.88 53.26 35.94
CA LEU S 111 51.03 54.10 34.76
C LEU S 111 50.53 55.51 35.06
N ALA S 112 50.96 56.44 34.23
CA ALA S 112 50.49 57.81 34.36
C ALA S 112 48.98 57.85 34.10
N PRO S 113 48.24 58.70 34.81
CA PRO S 113 46.77 58.65 34.69
C PRO S 113 46.30 58.89 33.26
N GLY S 114 45.25 58.17 32.89
CA GLY S 114 44.65 58.27 31.58
C GLY S 114 44.24 56.91 31.08
N GLY S 115 43.84 56.86 29.80
CA GLY S 115 43.42 55.62 29.19
C GLY S 115 44.59 54.82 28.65
N ASN S 116 45.68 54.76 29.42
CA ASN S 116 46.88 54.04 29.00
C ASN S 116 46.81 52.59 29.46
N LEU S 117 47.20 51.67 28.58
CA LEU S 117 47.19 50.25 28.86
C LEU S 117 48.57 49.67 28.60
N LEU S 118 48.93 48.66 29.38
CA LEU S 118 50.25 48.04 29.29
C LEU S 118 50.14 46.69 28.60
N GLU S 119 50.91 46.49 27.54
CA GLU S 119 50.94 45.23 26.81
C GLU S 119 52.26 44.53 27.09
N HIS S 120 52.19 43.23 27.38
CA HIS S 120 53.38 42.41 27.57
C HIS S 120 53.70 41.75 26.23
N VAL S 121 54.58 42.39 25.45
CA VAL S 121 54.98 41.81 24.17
C VAL S 121 55.70 40.49 24.40
N LEU S 122 56.59 40.45 25.38
CA LEU S 122 57.29 39.23 25.77
C LEU S 122 56.86 38.87 27.18
N ASN S 123 56.24 37.69 27.34
CA ASN S 123 55.85 37.25 28.66
C ASN S 123 57.04 37.04 29.57
N ALA S 124 58.13 36.48 29.03
CA ALA S 124 59.32 36.16 29.80
C ALA S 124 60.55 36.68 29.05
N LEU S 125 61.49 37.24 29.80
CA LEU S 125 62.70 37.79 29.23
C LEU S 125 63.77 36.71 29.16
N PRO S 126 64.30 36.37 27.98
CA PRO S 126 65.39 35.37 27.93
C PRO S 126 66.71 35.99 28.36
N VAL S 127 67.36 35.36 29.35
CA VAL S 127 68.66 35.78 29.82
C VAL S 127 69.46 34.53 30.19
N GLU S 128 70.79 34.68 30.22
CA GLU S 128 71.67 33.63 30.71
C GLU S 128 72.05 33.97 32.14
N ALA S 129 71.89 33.01 33.05
CA ALA S 129 72.19 33.22 34.45
C ALA S 129 72.77 31.95 35.04
N GLU S 130 73.49 32.10 36.15
CA GLU S 130 74.05 30.95 36.84
C GLU S 130 72.93 30.01 37.27
N ALA S 131 73.13 28.72 37.05
CA ALA S 131 72.05 27.75 37.22
C ALA S 131 71.49 27.73 38.63
N THR S 132 72.26 28.17 39.63
CA THR S 132 71.83 28.10 41.02
C THR S 132 71.33 29.43 41.57
N HIS S 133 71.62 30.54 40.92
CA HIS S 133 71.28 31.87 41.41
C HIS S 133 70.30 32.58 40.48
N ILE S 134 69.33 31.83 39.95
CA ILE S 134 68.37 32.38 38.98
C ILE S 134 67.36 33.24 39.73
N PRO S 135 67.25 34.53 39.44
CA PRO S 135 66.26 35.36 40.14
C PRO S 135 64.86 34.91 39.82
N GLU S 136 63.97 35.08 40.80
CA GLU S 136 62.59 34.63 40.61
C GLU S 136 61.88 35.45 39.56
N SER S 137 62.11 36.75 39.52
CA SER S 137 61.48 37.62 38.54
C SER S 137 62.34 38.86 38.33
N LEU S 138 62.09 39.55 37.22
CA LEU S 138 62.75 40.81 36.90
C LEU S 138 61.74 41.93 37.02
N SER S 139 62.08 42.96 37.79
CA SER S 139 61.17 44.05 38.09
C SER S 139 61.47 45.25 37.19
N VAL S 140 60.40 45.85 36.65
CA VAL S 140 60.49 46.98 35.75
C VAL S 140 59.62 48.10 36.29
N SER S 141 60.13 49.32 36.26
CA SER S 141 59.36 50.50 36.67
C SER S 141 58.68 51.10 35.43
N VAL S 142 57.34 51.11 35.45
CA VAL S 142 56.55 51.65 34.36
C VAL S 142 55.75 52.87 34.76
N ALA S 143 55.91 53.36 35.99
CA ALA S 143 55.12 54.48 36.46
C ALA S 143 55.38 55.72 35.61
N GLY S 144 54.32 56.48 35.34
CA GLY S 144 54.42 57.74 34.64
C GLY S 144 54.49 57.63 33.13
N LEU S 145 54.49 56.43 32.58
CA LEU S 145 54.60 56.24 31.14
C LEU S 145 53.30 56.62 30.46
N GLU S 146 53.42 57.13 29.24
CA GLU S 146 52.28 57.58 28.45
C GLU S 146 52.12 56.67 27.23
N ALA S 147 51.03 56.87 26.51
CA ALA S 147 50.74 56.05 25.34
C ALA S 147 51.86 56.18 24.31
N GLY S 148 52.18 55.06 23.65
CA GLY S 148 53.23 55.02 22.67
C GLY S 148 54.60 54.73 23.23
N ALA S 149 54.79 54.84 24.54
CA ALA S 149 56.08 54.57 25.16
C ALA S 149 56.31 53.08 25.23
N SER S 150 57.48 52.64 24.76
CA SER S 150 57.85 51.24 24.70
C SER S 150 59.15 51.02 25.45
N VAL S 151 59.18 49.96 26.27
CA VAL S 151 60.32 49.64 27.11
C VAL S 151 61.11 48.53 26.41
N LEU S 152 62.39 48.77 26.20
CA LEU S 152 63.23 47.82 25.49
C LEU S 152 63.84 46.82 26.47
N ALA S 153 64.46 45.77 25.92
CA ALA S 153 65.14 44.79 26.75
C ALA S 153 66.29 45.43 27.51
N LYS S 154 67.04 46.31 26.84
CA LYS S 154 68.16 46.99 27.48
C LYS S 154 67.72 47.99 28.53
N ASP S 155 66.42 48.28 28.62
CA ASP S 155 65.89 49.14 29.66
C ASP S 155 65.64 48.40 30.98
N ILE S 156 65.77 47.08 30.99
CA ILE S 156 65.49 46.28 32.18
C ILE S 156 66.73 46.25 33.06
N ALA S 157 66.58 46.63 34.33
CA ALA S 157 67.68 46.64 35.26
C ALA S 157 67.90 45.22 35.78
N LEU S 158 68.87 44.53 35.21
CA LEU S 158 69.18 43.15 35.57
C LEU S 158 69.92 43.10 36.91
N PRO S 159 69.73 42.04 37.68
CA PRO S 159 70.60 41.82 38.84
C PRO S 159 72.00 41.41 38.39
N LYS S 160 72.95 41.60 39.29
CA LYS S 160 74.34 41.27 38.98
C LYS S 160 74.47 39.81 38.60
N GLY S 161 75.29 39.53 37.59
CA GLY S 161 75.51 38.17 37.13
C GLY S 161 74.59 37.70 36.03
N VAL S 162 73.68 38.55 35.55
CA VAL S 162 72.73 38.18 34.51
C VAL S 162 72.98 39.07 33.30
N SER S 163 72.97 38.48 32.11
CA SER S 163 73.11 39.21 30.87
C SER S 163 72.05 38.75 29.88
N LEU S 164 71.68 39.65 28.97
CA LEU S 164 70.64 39.35 27.99
C LEU S 164 71.05 38.24 27.04
N ALA S 165 70.09 37.36 26.75
CA ALA S 165 70.22 36.34 25.72
C ALA S 165 69.53 36.71 24.43
N VAL S 166 69.02 37.94 24.32
CA VAL S 166 68.33 38.42 23.13
C VAL S 166 68.94 39.75 22.73
N GLU S 167 68.70 40.14 21.47
CA GLU S 167 69.22 41.40 20.98
C GLU S 167 68.71 42.55 21.84
N ALA S 168 69.60 43.51 22.12
CA ALA S 168 69.30 44.56 23.08
C ALA S 168 68.14 45.44 22.64
N ASP S 169 67.76 45.40 21.38
CA ASP S 169 66.73 46.30 20.85
C ASP S 169 65.34 45.67 20.85
N THR S 170 65.18 44.47 21.37
CA THR S 170 63.88 43.82 21.35
C THR S 170 62.94 44.46 22.37
N VAL S 171 61.73 44.77 21.92
CA VAL S 171 60.72 45.37 22.81
C VAL S 171 60.19 44.30 23.74
N VAL S 172 60.02 44.66 25.02
CA VAL S 172 59.42 43.78 26.01
C VAL S 172 58.05 44.26 26.44
N LEU S 173 57.90 45.56 26.69
CA LEU S 173 56.63 46.15 27.11
C LEU S 173 56.28 47.30 26.18
N GLN S 174 54.98 47.58 26.09
CA GLN S 174 54.49 48.71 25.33
C GLN S 174 53.23 49.24 25.99
N VAL S 175 52.95 50.52 25.77
CA VAL S 175 51.79 51.19 26.34
C VAL S 175 50.88 51.63 25.21
N LEU S 176 49.61 51.25 25.27
CA LEU S 176 48.65 51.50 24.21
C LEU S 176 47.58 52.48 24.68
N ALA S 177 47.00 53.20 23.72
CA ALA S 177 45.96 54.18 24.01
C ALA S 177 44.83 53.53 24.81
N ARG T 11 25.51 23.89 -12.01
CA ARG T 11 26.35 23.81 -13.20
C ARG T 11 27.55 22.91 -12.92
N ASN T 12 27.50 22.23 -11.78
CA ASN T 12 28.48 21.24 -11.39
C ASN T 12 28.05 19.87 -11.91
N GLY T 13 28.67 18.81 -11.39
CA GLY T 13 28.23 17.48 -11.70
C GLY T 13 28.91 16.86 -12.90
N ARG T 14 30.12 17.27 -13.21
CA ARG T 14 30.89 16.73 -14.32
C ARG T 14 32.23 16.22 -13.82
N ASP T 15 32.66 15.10 -14.37
CA ASP T 15 33.90 14.46 -13.94
C ASP T 15 34.40 13.61 -15.09
N SER T 16 35.69 13.31 -15.05
CA SER T 16 36.32 12.44 -16.05
C SER T 16 36.53 11.07 -15.42
N ASN T 17 36.15 10.02 -16.15
CA ASN T 17 36.21 8.68 -15.59
C ASN T 17 37.66 8.30 -15.27
N ALA T 18 37.82 7.48 -14.24
CA ALA T 18 39.11 7.25 -13.63
C ALA T 18 40.08 6.60 -14.60
N GLN T 19 41.37 6.89 -14.40
CA GLN T 19 42.43 6.46 -15.32
C GLN T 19 43.22 5.27 -14.81
N ARG T 20 43.09 4.90 -13.54
CA ARG T 20 43.90 3.84 -12.94
C ARG T 20 45.39 4.11 -13.16
N LEU T 21 45.84 5.25 -12.67
CA LEU T 21 47.27 5.52 -12.64
C LEU T 21 47.90 4.77 -11.47
N GLY T 22 49.17 5.05 -11.20
CA GLY T 22 49.85 4.56 -10.04
C GLY T 22 50.92 3.54 -10.39
N VAL T 23 51.62 3.09 -9.34
CA VAL T 23 52.67 2.10 -9.50
C VAL T 23 52.03 0.73 -9.74
N LYS T 24 52.51 0.03 -10.76
CA LYS T 24 51.97 -1.27 -11.12
C LYS T 24 52.88 -2.42 -10.74
N ARG T 25 54.17 -2.17 -10.55
CA ARG T 25 55.11 -3.14 -10.01
C ARG T 25 55.87 -2.48 -8.87
N PHE T 26 55.86 -3.11 -7.71
CA PHE T 26 56.51 -2.55 -6.52
C PHE T 26 57.87 -3.19 -6.32
N GLY T 27 58.59 -2.68 -5.32
CA GLY T 27 59.94 -3.17 -5.09
C GLY T 27 59.96 -4.65 -4.79
N GLY T 28 61.01 -5.32 -5.25
CA GLY T 28 61.16 -6.73 -5.02
C GLY T 28 60.32 -7.62 -5.92
N GLN T 29 59.65 -7.04 -6.90
CA GLN T 29 58.76 -7.78 -7.79
C GLN T 29 59.51 -8.13 -9.07
N VAL T 30 59.54 -9.41 -9.41
CA VAL T 30 60.24 -9.87 -10.60
C VAL T 30 59.38 -9.58 -11.82
N VAL T 31 60.01 -9.02 -12.86
CA VAL T 31 59.30 -8.60 -14.06
C VAL T 31 60.02 -9.16 -15.27
N ASN T 32 59.31 -9.21 -16.39
CA ASN T 32 59.87 -9.56 -17.68
C ASN T 32 60.02 -8.29 -18.52
N ALA T 33 60.96 -8.33 -19.46
CA ALA T 33 61.27 -7.15 -20.24
C ALA T 33 60.02 -6.62 -20.92
N GLY T 34 59.78 -5.32 -20.75
CA GLY T 34 58.67 -4.65 -21.40
C GLY T 34 57.43 -4.49 -20.54
N GLU T 35 57.39 -5.08 -19.35
CA GLU T 35 56.21 -4.90 -18.50
C GLU T 35 56.09 -3.46 -18.04
N ILE T 36 54.85 -3.04 -17.79
CA ILE T 36 54.59 -1.71 -17.27
C ILE T 36 54.92 -1.70 -15.78
N LEU T 37 55.74 -0.74 -15.37
CA LEU T 37 56.09 -0.57 -13.97
C LEU T 37 55.28 0.54 -13.30
N VAL T 38 55.10 1.67 -13.99
CA VAL T 38 54.40 2.81 -13.44
C VAL T 38 53.62 3.48 -14.57
N ARG T 39 52.38 3.88 -14.29
CA ARG T 39 51.62 4.75 -15.15
C ARG T 39 51.41 6.07 -14.41
N GLN T 40 51.76 7.17 -15.04
CA GLN T 40 51.85 8.44 -14.34
C GLN T 40 51.68 9.59 -15.32
N ARG T 41 51.37 10.76 -14.77
CA ARG T 41 51.32 12.01 -15.53
C ARG T 41 52.54 12.82 -15.12
N GLY T 42 53.35 13.21 -16.10
CA GLY T 42 54.62 13.81 -15.79
C GLY T 42 55.55 12.75 -15.23
N THR T 43 56.77 13.19 -14.90
CA THR T 43 57.79 12.29 -14.36
C THR T 43 57.87 12.45 -12.85
N HIS T 44 56.89 11.87 -12.16
CA HIS T 44 57.02 11.74 -10.71
C HIS T 44 58.18 10.81 -10.36
N PHE T 45 58.33 9.72 -11.12
CA PHE T 45 59.48 8.83 -11.05
C PHE T 45 60.22 8.88 -12.37
N HIS T 46 61.53 9.02 -12.33
CA HIS T 46 62.33 9.07 -13.53
C HIS T 46 62.82 7.67 -13.90
N PRO T 47 63.16 7.44 -15.17
CA PRO T 47 63.69 6.13 -15.55
C PRO T 47 65.14 5.96 -15.10
N GLY T 48 65.43 4.81 -14.51
CA GLY T 48 66.76 4.50 -14.05
C GLY T 48 67.43 3.46 -14.93
N ALA T 49 68.27 2.63 -14.34
CA ALA T 49 68.99 1.62 -15.11
C ALA T 49 68.04 0.53 -15.58
N GLY T 50 68.00 0.30 -16.89
CA GLY T 50 67.15 -0.75 -17.44
C GLY T 50 65.69 -0.39 -17.53
N VAL T 51 65.33 0.87 -17.33
CA VAL T 51 63.95 1.33 -17.34
C VAL T 51 63.80 2.39 -18.41
N GLY T 52 62.76 2.27 -19.22
CA GLY T 52 62.50 3.24 -20.28
C GLY T 52 61.30 4.11 -20.01
N ARG T 53 61.23 5.25 -20.69
CA ARG T 53 60.09 6.14 -20.63
C ARG T 53 59.26 6.02 -21.90
N GLY T 54 57.95 5.86 -21.74
CA GLY T 54 57.05 5.79 -22.87
C GLY T 54 56.62 7.16 -23.34
N GLY T 55 55.66 7.17 -24.27
CA GLY T 55 55.18 8.43 -24.82
C GLY T 55 54.42 9.27 -23.82
N ASP T 56 53.72 8.63 -22.89
CA ASP T 56 52.88 9.31 -21.91
C ASP T 56 53.40 9.12 -20.50
N ASP T 57 54.72 9.18 -20.33
CA ASP T 57 55.40 9.10 -19.05
C ASP T 57 55.39 7.71 -18.45
N THR T 58 54.88 6.72 -19.18
CA THR T 58 54.84 5.36 -18.67
C THR T 58 56.26 4.82 -18.48
N LEU T 59 56.49 4.16 -17.36
CA LEU T 59 57.77 3.52 -17.07
C LEU T 59 57.64 2.03 -17.29
N PHE T 60 58.50 1.49 -18.14
CA PHE T 60 58.48 0.07 -18.49
C PHE T 60 59.89 -0.49 -18.44
N ALA T 61 59.99 -1.74 -18.02
CA ALA T 61 61.28 -2.40 -17.90
C ALA T 61 61.83 -2.74 -19.27
N LEU T 62 63.13 -2.51 -19.45
CA LEU T 62 63.81 -2.88 -20.69
C LEU T 62 64.39 -4.28 -20.64
N GLN T 63 64.66 -4.79 -19.44
CA GLN T 63 65.27 -6.10 -19.26
C GLN T 63 64.63 -6.81 -18.08
N ALA T 64 64.61 -8.13 -18.13
CA ALA T 64 64.05 -8.90 -17.03
C ALA T 64 64.86 -8.69 -15.76
N GLY T 65 64.17 -8.71 -14.63
CA GLY T 65 64.83 -8.53 -13.36
C GLY T 65 63.84 -8.19 -12.28
N SER T 66 64.37 -7.74 -11.15
CA SER T 66 63.57 -7.29 -10.03
C SER T 66 63.46 -5.77 -10.05
N VAL T 67 62.31 -5.26 -9.66
CA VAL T 67 62.10 -3.82 -9.59
C VAL T 67 62.72 -3.30 -8.29
N GLN T 68 63.34 -2.14 -8.37
CA GLN T 68 63.96 -1.53 -7.20
C GLN T 68 63.93 -0.02 -7.36
N PHE T 69 63.39 0.67 -6.36
CA PHE T 69 63.34 2.12 -6.35
C PHE T 69 64.57 2.69 -5.66
N GLY T 70 64.90 3.92 -6.00
CA GLY T 70 66.07 4.55 -5.42
C GLY T 70 66.13 6.01 -5.80
N THR T 71 67.25 6.64 -5.44
CA THR T 71 67.49 8.06 -5.73
C THR T 71 68.83 8.18 -6.46
N PHE T 72 68.78 8.30 -7.78
CA PHE T 72 69.97 8.44 -8.61
C PHE T 72 70.10 9.89 -9.08
N ARG T 73 71.20 10.53 -8.66
CA ARG T 73 71.51 11.90 -9.07
C ARG T 73 70.48 12.89 -8.51
N GLY T 74 70.03 12.63 -7.28
CA GLY T 74 69.08 13.50 -6.63
C GLY T 74 67.69 13.54 -7.26
N ARG T 75 67.13 12.39 -7.60
CA ARG T 75 65.78 12.33 -8.16
C ARG T 75 65.30 10.90 -8.11
N LYS T 76 64.06 10.69 -7.67
CA LYS T 76 63.54 9.33 -7.53
C LYS T 76 63.49 8.64 -8.89
N VAL T 77 64.03 7.42 -8.94
CA VAL T 77 64.07 6.64 -10.16
C VAL T 77 63.62 5.22 -9.87
N VAL T 78 63.23 4.53 -10.92
CA VAL T 78 62.98 3.09 -10.85
C VAL T 78 64.17 2.40 -11.47
N ASN T 79 64.47 1.19 -10.99
CA ASN T 79 65.61 0.43 -11.48
C ASN T 79 65.24 -1.03 -11.60
N ILE T 80 65.81 -1.68 -12.62
CA ILE T 80 65.67 -3.11 -12.82
C ILE T 80 67.03 -3.74 -12.53
N VAL T 81 67.05 -4.70 -11.62
CA VAL T 81 68.28 -5.40 -11.23
C VAL T 81 68.22 -6.79 -11.87
N PRO T 82 69.02 -7.08 -12.91
CA PRO T 82 69.02 -8.41 -13.51
C PRO T 82 69.10 -9.54 -12.49
N ASN U 4 -13.33 -4.14 -68.91
CA ASN U 4 -13.44 -5.38 -69.66
C ASN U 4 -13.79 -5.15 -71.12
N CYS U 5 -12.85 -5.47 -72.01
CA CYS U 5 -13.13 -5.45 -73.44
C CYS U 5 -14.05 -6.60 -73.79
N ASP U 6 -15.16 -6.28 -74.46
CA ASP U 6 -16.11 -7.32 -74.86
C ASP U 6 -15.60 -8.18 -76.01
N VAL U 7 -14.47 -7.82 -76.63
CA VAL U 7 -13.97 -8.57 -77.78
C VAL U 7 -12.93 -9.58 -77.33
N CYS U 8 -11.82 -9.11 -76.78
CA CYS U 8 -10.70 -9.99 -76.46
C CYS U 8 -10.69 -10.46 -75.02
N GLY U 9 -11.62 -9.99 -74.19
CA GLY U 9 -11.63 -10.38 -72.79
C GLY U 9 -10.57 -9.75 -71.92
N LYS U 10 -9.89 -8.72 -72.42
CA LYS U 10 -8.86 -8.05 -71.63
C LYS U 10 -9.48 -7.42 -70.39
N GLY U 11 -9.04 -7.85 -69.21
CA GLY U 11 -9.58 -7.37 -67.97
C GLY U 11 -8.62 -6.45 -67.24
N PRO U 12 -9.06 -5.89 -66.12
CA PRO U 12 -8.20 -4.99 -65.35
C PRO U 12 -7.18 -5.75 -64.50
N GLY U 13 -5.99 -5.16 -64.39
CA GLY U 13 -4.93 -5.73 -63.59
C GLY U 13 -4.82 -5.05 -62.24
N PHE U 14 -4.29 -5.78 -61.27
CA PHE U 14 -4.16 -5.31 -59.89
C PHE U 14 -2.70 -5.30 -59.47
N GLY U 15 -2.37 -4.34 -58.61
CA GLY U 15 -1.00 -4.18 -58.20
C GLY U 15 -0.89 -3.22 -57.04
N ASN U 16 0.31 -2.70 -56.84
CA ASN U 16 0.62 -1.83 -55.71
C ASN U 16 1.07 -0.46 -56.21
N ASN U 17 0.58 0.58 -55.56
CA ASN U 17 1.10 1.93 -55.75
C ASN U 17 2.16 2.21 -54.69
N ILE U 18 3.35 2.59 -55.12
CA ILE U 18 4.53 2.66 -54.27
C ILE U 18 4.94 4.12 -54.10
N SER U 19 5.14 4.54 -52.87
CA SER U 19 5.54 5.91 -52.57
C SER U 19 7.06 6.02 -52.47
N HIS U 20 7.54 7.24 -52.28
CA HIS U 20 8.98 7.45 -52.09
C HIS U 20 9.45 6.73 -50.83
N SER U 21 8.63 6.74 -49.78
CA SER U 21 8.92 5.99 -48.57
C SER U 21 8.77 4.49 -48.77
N HIS U 22 8.36 4.06 -49.95
CA HIS U 22 8.19 2.65 -50.29
C HIS U 22 7.01 2.01 -49.57
N ARG U 23 6.07 2.81 -49.09
CA ARG U 23 4.82 2.27 -48.58
C ARG U 23 3.98 1.75 -49.74
N ARG U 24 3.49 0.53 -49.63
CA ARG U 24 2.68 -0.07 -50.67
C ARG U 24 1.19 0.07 -50.33
N THR U 25 0.41 0.45 -51.35
CA THR U 25 -1.04 0.46 -51.27
C THR U 25 -1.58 -0.12 -52.57
N SER U 26 -2.83 -0.56 -52.53
CA SER U 26 -3.41 -1.26 -53.66
C SER U 26 -4.00 -0.27 -54.66
N ARG U 27 -3.69 -0.46 -55.94
CA ARG U 27 -4.29 0.30 -57.02
C ARG U 27 -4.70 -0.68 -58.11
N ARG U 28 -5.10 -0.14 -59.27
CA ARG U 28 -5.69 -0.97 -60.31
C ARG U 28 -5.42 -0.36 -61.67
N TRP U 29 -4.89 -1.18 -62.58
CA TRP U 29 -4.67 -0.77 -63.97
C TRP U 29 -5.88 -1.18 -64.80
N ASN U 30 -6.74 -0.20 -65.10
CA ASN U 30 -7.91 -0.46 -65.94
C ASN U 30 -7.53 -0.33 -67.41
N PRO U 31 -7.96 -1.24 -68.28
CA PRO U 31 -7.58 -1.14 -69.68
C PRO U 31 -8.26 0.05 -70.35
N ASN U 32 -7.62 0.54 -71.41
CA ASN U 32 -8.15 1.67 -72.15
C ASN U 32 -9.32 1.21 -73.01
N ILE U 33 -10.53 1.32 -72.50
CA ILE U 33 -11.72 0.81 -73.18
C ILE U 33 -12.56 2.00 -73.61
N GLN U 34 -12.85 2.07 -74.91
CA GLN U 34 -13.61 3.16 -75.50
C GLN U 34 -14.93 2.62 -76.02
N ARG U 35 -16.00 3.37 -75.80
CA ARG U 35 -17.32 2.97 -76.30
C ARG U 35 -17.43 3.31 -77.77
N VAL U 36 -17.67 2.29 -78.60
CA VAL U 36 -17.66 2.44 -80.04
C VAL U 36 -18.97 1.87 -80.60
N ARG U 37 -19.55 2.56 -81.57
CA ARG U 37 -20.69 2.04 -82.32
C ARG U 37 -20.16 1.18 -83.45
N ALA U 38 -20.61 -0.07 -83.50
CA ALA U 38 -20.13 -1.03 -84.48
C ALA U 38 -21.30 -1.78 -85.08
N VAL U 39 -21.04 -2.50 -86.15
CA VAL U 39 -22.03 -3.31 -86.85
C VAL U 39 -21.60 -4.76 -86.74
N VAL U 40 -22.30 -5.53 -85.91
CA VAL U 40 -22.06 -6.96 -85.77
C VAL U 40 -23.22 -7.69 -86.42
N GLY U 41 -22.93 -8.47 -87.45
CA GLY U 41 -23.98 -9.18 -88.16
C GLY U 41 -25.03 -8.26 -88.76
N ARG U 42 -24.60 -7.14 -89.32
CA ARG U 42 -25.43 -6.18 -90.04
C ARG U 42 -26.31 -5.35 -89.10
N THR U 43 -26.26 -5.59 -87.79
CA THR U 43 -27.11 -4.89 -86.82
C THR U 43 -26.31 -3.82 -86.09
N PRO U 44 -26.79 -2.59 -85.99
CA PRO U 44 -26.05 -1.57 -85.24
C PRO U 44 -26.08 -1.82 -83.74
N LYS U 45 -24.93 -1.71 -83.11
CA LYS U 45 -24.79 -1.97 -81.69
C LYS U 45 -23.62 -1.16 -81.14
N ARG U 46 -23.71 -0.84 -79.85
CA ARG U 46 -22.65 -0.11 -79.16
C ARG U 46 -21.88 -1.05 -78.25
N LEU U 47 -20.56 -1.00 -78.33
CA LEU U 47 -19.69 -1.92 -77.62
C LEU U 47 -18.66 -1.16 -76.81
N ASN U 48 -18.22 -1.78 -75.71
CA ASN U 48 -17.02 -1.35 -75.00
C ASN U 48 -15.85 -2.13 -75.58
N VAL U 49 -14.93 -1.43 -76.24
CA VAL U 49 -13.80 -2.08 -76.90
C VAL U 49 -12.52 -1.36 -76.49
N CYS U 50 -11.45 -2.13 -76.36
CA CYS U 50 -10.14 -1.59 -76.01
C CYS U 50 -9.42 -1.14 -77.28
N THR U 51 -8.66 -0.04 -77.14
CA THR U 51 -8.05 0.57 -78.31
C THR U 51 -7.12 -0.40 -79.04
N SER U 52 -6.63 -1.43 -78.37
CA SER U 52 -5.84 -2.44 -79.07
C SER U 52 -6.67 -3.14 -80.14
N CYS U 53 -7.92 -3.50 -79.81
CA CYS U 53 -8.80 -4.10 -80.80
C CYS U 53 -9.13 -3.10 -81.90
N ILE U 54 -9.38 -1.85 -81.54
CA ILE U 54 -9.62 -0.82 -82.55
C ILE U 54 -8.43 -0.72 -83.49
N LYS U 55 -7.23 -0.63 -82.93
CA LYS U 55 -6.03 -0.48 -83.76
C LYS U 55 -5.86 -1.69 -84.67
N ALA U 56 -6.10 -2.90 -84.15
CA ALA U 56 -5.95 -4.11 -84.94
C ALA U 56 -7.03 -4.25 -86.01
N GLY U 57 -8.07 -3.44 -85.98
CA GLY U 57 -9.15 -3.58 -86.93
C GLY U 57 -10.13 -4.69 -86.62
N LYS U 58 -10.17 -5.15 -85.37
CA LYS U 58 -11.12 -6.19 -84.99
C LYS U 58 -12.56 -5.70 -84.94
N VAL U 59 -12.79 -4.40 -85.06
CA VAL U 59 -14.14 -3.86 -85.08
C VAL U 59 -14.35 -3.01 -86.32
N ALA V 7 -54.13 -61.29 -53.48
CA ALA V 7 -53.55 -60.49 -54.55
C ALA V 7 -53.66 -61.21 -55.89
N SER V 8 -53.25 -62.48 -55.91
CA SER V 8 -53.40 -63.28 -57.12
C SER V 8 -54.86 -63.37 -57.53
N GLU V 9 -55.74 -63.57 -56.55
CA GLU V 9 -57.16 -63.65 -56.86
C GLU V 9 -57.67 -62.35 -57.50
N LEU V 10 -57.07 -61.22 -57.17
CA LEU V 10 -57.47 -59.96 -57.79
C LEU V 10 -57.04 -59.90 -59.26
N ARG V 11 -55.85 -60.40 -59.57
CA ARG V 11 -55.30 -60.20 -60.90
C ARG V 11 -56.19 -60.78 -61.99
N GLU V 12 -57.07 -61.72 -61.64
CA GLU V 12 -57.95 -62.34 -62.62
C GLU V 12 -59.16 -61.48 -62.96
N LEU V 13 -59.43 -60.44 -62.18
CA LEU V 13 -60.57 -59.57 -62.41
C LEU V 13 -60.29 -58.60 -63.54
N SER V 14 -61.34 -58.26 -64.30
CA SER V 14 -61.20 -57.29 -65.37
C SER V 14 -61.02 -55.89 -64.80
N ASN V 15 -60.77 -54.93 -65.68
CA ASN V 15 -60.60 -53.55 -65.24
C ASN V 15 -61.84 -53.06 -64.50
N GLU V 16 -63.02 -53.28 -65.08
CA GLU V 16 -64.25 -52.84 -64.45
C GLU V 16 -64.46 -53.53 -63.11
N GLU V 17 -64.20 -54.83 -63.05
CA GLU V 17 -64.32 -55.54 -61.78
C GLU V 17 -63.36 -54.96 -60.74
N LEU V 18 -62.14 -54.62 -61.16
CA LEU V 18 -61.21 -53.98 -60.23
C LEU V 18 -61.73 -52.64 -59.76
N VAL V 19 -62.27 -51.83 -60.67
CA VAL V 19 -62.85 -50.55 -60.28
C VAL V 19 -63.97 -50.78 -59.28
N GLY V 20 -64.84 -51.75 -59.56
CA GLY V 20 -65.89 -52.10 -58.64
C GLY V 20 -65.33 -52.39 -57.26
N LYS V 21 -64.56 -53.47 -57.15
CA LYS V 21 -63.97 -53.89 -55.89
C LYS V 21 -63.40 -52.72 -55.11
N LEU V 22 -62.86 -51.73 -55.81
CA LEU V 22 -62.39 -50.52 -55.14
C LEU V 22 -63.55 -49.76 -54.50
N ARG V 23 -64.69 -49.69 -55.19
CA ARG V 23 -65.86 -49.02 -54.62
C ARG V 23 -66.27 -49.66 -53.30
N GLU V 24 -66.47 -50.98 -53.29
CA GLU V 24 -66.89 -51.63 -52.06
C GLU V 24 -65.82 -51.52 -50.99
N ALA V 25 -64.55 -51.61 -51.39
CA ALA V 25 -63.47 -51.42 -50.43
C ALA V 25 -63.54 -50.04 -49.80
N LYS V 26 -63.70 -49.01 -50.63
CA LYS V 26 -63.82 -47.65 -50.11
C LYS V 26 -65.07 -47.50 -49.25
N GLU V 27 -66.19 -48.07 -49.71
CA GLU V 27 -67.42 -47.98 -48.94
C GLU V 27 -67.31 -48.73 -47.61
N GLU V 28 -66.68 -49.91 -47.62
CA GLU V 28 -66.53 -50.66 -46.38
C GLU V 28 -65.71 -49.88 -45.37
N LEU V 29 -64.57 -49.31 -45.80
CA LEU V 29 -63.79 -48.49 -44.88
C LEU V 29 -64.58 -47.30 -44.38
N PHE V 30 -65.42 -46.74 -45.25
CA PHE V 30 -66.29 -45.64 -44.82
C PHE V 30 -67.17 -46.06 -43.66
N ASN V 31 -67.80 -47.23 -43.76
CA ASN V 31 -68.68 -47.70 -42.69
C ASN V 31 -67.90 -48.02 -41.42
N LEU V 32 -66.73 -48.65 -41.56
CA LEU V 32 -65.93 -48.95 -40.37
C LEU V 32 -65.53 -47.68 -39.64
N ARG V 33 -65.16 -46.64 -40.39
CA ARG V 33 -64.78 -45.38 -39.76
C ARG V 33 -65.95 -44.78 -38.99
N PHE V 34 -67.16 -44.85 -39.56
CA PHE V 34 -68.33 -44.36 -38.87
C PHE V 34 -68.63 -45.20 -37.63
N GLN V 35 -68.56 -46.52 -37.75
CA GLN V 35 -68.81 -47.36 -36.60
C GLN V 35 -67.80 -47.11 -35.50
N ALA V 36 -66.52 -46.97 -35.86
CA ALA V 36 -65.51 -46.69 -34.86
C ALA V 36 -65.78 -45.37 -34.15
N ALA V 37 -66.15 -44.34 -34.92
CA ALA V 37 -66.42 -43.04 -34.32
C ALA V 37 -67.59 -43.10 -33.35
N THR V 38 -68.64 -43.82 -33.71
CA THR V 38 -69.83 -43.92 -32.88
C THR V 38 -69.69 -44.96 -31.78
N GLY V 39 -68.59 -45.71 -31.76
CA GLY V 39 -68.29 -46.61 -30.67
C GLY V 39 -68.81 -48.03 -30.81
N GLN V 40 -69.27 -48.43 -31.98
CA GLN V 40 -69.82 -49.77 -32.17
C GLN V 40 -68.84 -50.74 -32.82
N LEU V 41 -67.63 -50.31 -33.16
CA LEU V 41 -66.68 -51.21 -33.79
C LEU V 41 -66.16 -52.23 -32.79
N GLU V 42 -66.06 -53.49 -33.22
CA GLU V 42 -65.60 -54.58 -32.38
C GLU V 42 -64.19 -55.04 -32.72
N ASN V 43 -63.89 -55.27 -34.00
CA ASN V 43 -62.58 -55.73 -34.44
C ASN V 43 -61.85 -54.53 -35.03
N HIS V 44 -60.98 -53.92 -34.22
CA HIS V 44 -60.20 -52.78 -34.70
C HIS V 44 -59.28 -53.17 -35.85
N GLY V 45 -58.89 -54.44 -35.92
CA GLY V 45 -57.96 -54.85 -36.96
C GLY V 45 -58.53 -54.70 -38.36
N ARG V 46 -59.87 -54.69 -38.48
CA ARG V 46 -60.48 -54.62 -39.80
C ARG V 46 -60.10 -53.34 -40.52
N LEU V 47 -60.05 -52.22 -39.81
CA LEU V 47 -59.67 -50.96 -40.44
C LEU V 47 -58.35 -51.12 -41.20
N LYS V 48 -57.35 -51.68 -40.54
CA LYS V 48 -56.08 -51.94 -41.21
C LYS V 48 -56.26 -52.91 -42.37
N ALA V 49 -57.03 -53.97 -42.15
CA ALA V 49 -57.18 -55.00 -43.18
C ALA V 49 -57.78 -54.41 -44.46
N VAL V 50 -58.86 -53.65 -44.33
CA VAL V 50 -59.52 -53.09 -45.51
C VAL V 50 -58.60 -52.09 -46.21
N ARG V 51 -57.83 -51.34 -45.44
CA ARG V 51 -56.91 -50.38 -46.05
C ARG V 51 -55.87 -51.10 -46.91
N LYS V 52 -55.41 -52.26 -46.46
CA LYS V 52 -54.41 -52.99 -47.24
C LYS V 52 -55.03 -53.49 -48.54
N ASP V 53 -56.28 -53.97 -48.48
CA ASP V 53 -56.96 -54.34 -49.71
C ASP V 53 -57.08 -53.14 -50.64
N ILE V 54 -57.45 -51.97 -50.09
CA ILE V 54 -57.53 -50.77 -50.90
C ILE V 54 -56.20 -50.49 -51.57
N ALA V 55 -55.10 -50.63 -50.83
CA ALA V 55 -53.78 -50.38 -51.40
C ALA V 55 -53.48 -51.34 -52.54
N ARG V 56 -53.85 -52.62 -52.38
CA ARG V 56 -53.58 -53.60 -53.43
C ARG V 56 -54.25 -53.19 -54.73
N ILE V 57 -55.52 -52.79 -54.67
CA ILE V 57 -56.28 -52.60 -55.89
C ILE V 57 -55.70 -51.47 -56.74
N TYR V 58 -55.29 -50.36 -56.12
CA TYR V 58 -54.56 -49.35 -56.88
C TYR V 58 -53.30 -49.93 -57.51
N THR V 59 -52.56 -50.75 -56.75
CA THR V 59 -51.29 -51.25 -57.28
C THR V 59 -51.52 -52.05 -58.55
N LEU V 60 -52.52 -52.95 -58.53
CA LEU V 60 -52.79 -53.74 -59.73
C LEU V 60 -53.35 -52.89 -60.86
N MET V 61 -54.23 -51.93 -60.53
CA MET V 61 -54.74 -51.06 -61.59
C MET V 61 -53.60 -50.32 -62.26
N ARG V 62 -52.69 -49.74 -61.47
CA ARG V 62 -51.55 -49.05 -62.04
C ARG V 62 -50.65 -49.99 -62.82
N GLU V 63 -50.44 -51.20 -62.33
CA GLU V 63 -49.60 -52.16 -63.04
C GLU V 63 -50.12 -52.39 -64.45
N ARG V 64 -51.44 -52.50 -64.58
CA ARG V 64 -52.04 -52.70 -65.90
C ARG V 64 -51.88 -51.46 -66.78
N GLU V 65 -52.04 -50.27 -66.20
CA GLU V 65 -51.89 -49.05 -66.97
C GLU V 65 -50.48 -48.92 -67.54
N LEU V 66 -49.46 -49.20 -66.71
CA LEU V 66 -48.08 -49.15 -67.16
C LEU V 66 -47.64 -50.40 -67.91
N GLY V 67 -48.47 -51.44 -67.93
CA GLY V 67 -48.09 -52.66 -68.61
C GLY V 67 -46.90 -53.35 -67.98
N ILE V 68 -46.79 -53.31 -66.66
CA ILE V 68 -45.70 -53.98 -65.96
C ILE V 68 -45.98 -55.48 -65.96
N ARG W 3 55.28 -24.10 25.41
CA ARG W 3 54.18 -24.30 24.49
C ARG W 3 52.94 -23.54 24.95
N LEU W 4 52.01 -23.31 24.03
CA LEU W 4 50.77 -22.59 24.29
C LEU W 4 49.59 -23.55 24.23
N LYS W 5 48.72 -23.49 25.24
CA LYS W 5 47.44 -24.17 25.22
C LYS W 5 46.36 -23.12 25.00
N ILE W 6 45.70 -23.18 23.84
CA ILE W 6 44.77 -22.16 23.40
C ILE W 6 43.36 -22.72 23.49
N THR W 7 42.50 -22.04 24.24
CA THR W 7 41.10 -22.42 24.38
C THR W 7 40.22 -21.30 23.83
N GLN W 8 39.25 -21.66 23.00
CA GLN W 8 38.29 -20.69 22.52
C GLN W 8 37.17 -20.53 23.53
N THR W 9 36.89 -19.28 23.92
CA THR W 9 35.90 -18.99 24.94
C THR W 9 34.70 -18.22 24.43
N LYS W 10 34.82 -17.53 23.30
CA LYS W 10 33.74 -16.74 22.73
C LYS W 10 33.41 -17.24 21.34
N SER W 11 32.18 -16.97 20.91
CA SER W 11 31.72 -17.41 19.61
C SER W 11 32.37 -16.59 18.50
N TYR W 12 32.45 -17.18 17.32
CA TYR W 12 32.93 -16.47 16.14
C TYR W 12 31.87 -15.61 15.49
N ILE W 13 30.61 -15.73 15.91
CA ILE W 13 29.53 -14.98 15.29
C ILE W 13 29.67 -13.51 15.64
N GLY W 14 29.61 -12.65 14.63
CA GLY W 14 29.74 -11.23 14.81
C GLY W 14 31.14 -10.70 14.71
N SER W 15 32.14 -11.56 14.53
CA SER W 15 33.52 -11.16 14.41
C SER W 15 33.92 -11.05 12.95
N LYS W 16 34.99 -10.28 12.70
CA LYS W 16 35.43 -10.02 11.34
C LYS W 16 35.85 -11.32 10.66
N GLN W 17 35.92 -11.27 9.32
CA GLN W 17 36.24 -12.47 8.58
C GLN W 17 37.64 -12.96 8.90
N ASN W 18 38.61 -12.05 9.01
CA ASN W 18 39.98 -12.47 9.30
C ASN W 18 40.09 -13.06 10.70
N HIS W 19 39.31 -12.56 11.66
CA HIS W 19 39.29 -13.19 12.97
C HIS W 19 38.82 -14.64 12.87
N ARG W 20 37.80 -14.88 12.04
CA ARG W 20 37.35 -16.25 11.85
C ARG W 20 38.46 -17.13 11.28
N ASP W 21 39.19 -16.62 10.28
CA ASP W 21 40.25 -17.41 9.68
C ASP W 21 41.40 -17.63 10.64
N THR W 22 41.68 -16.65 11.51
CA THR W 22 42.73 -16.82 12.51
C THR W 22 42.38 -17.97 13.45
N LEU W 23 41.13 -18.03 13.91
CA LEU W 23 40.72 -19.13 14.75
C LEU W 23 40.84 -20.45 14.01
N ARG W 24 40.41 -20.49 12.75
CA ARG W 24 40.52 -21.72 11.96
C ARG W 24 41.98 -22.15 11.84
N SER W 25 42.88 -21.19 11.60
CA SER W 25 44.28 -21.51 11.43
C SER W 25 44.88 -22.03 12.73
N LEU W 26 44.45 -21.49 13.87
CA LEU W 26 44.91 -22.03 15.15
C LEU W 26 44.40 -23.43 15.39
N GLY W 27 43.42 -23.89 14.62
CA GLY W 27 42.83 -25.19 14.83
C GLY W 27 41.59 -25.18 15.71
N LEU W 28 41.24 -24.04 16.29
CA LEU W 28 40.02 -23.97 17.09
C LEU W 28 38.80 -24.14 16.19
N LYS W 29 37.80 -24.86 16.70
CA LYS W 29 36.63 -25.21 15.89
C LYS W 29 35.32 -25.02 16.64
N GLY W 30 35.31 -24.32 17.75
CA GLY W 30 34.08 -24.06 18.46
C GLY W 30 34.37 -23.59 19.87
N ILE W 31 33.29 -23.34 20.61
CA ILE W 31 33.44 -22.97 22.01
C ILE W 31 34.06 -24.14 22.77
N ASN W 32 34.94 -23.82 23.71
CA ASN W 32 35.54 -24.77 24.64
C ASN W 32 36.44 -25.78 23.97
N THR W 33 36.78 -25.59 22.70
CA THR W 33 37.76 -26.45 22.04
C THR W 33 39.17 -25.98 22.34
N GLN W 34 40.12 -26.91 22.30
CA GLN W 34 41.51 -26.60 22.65
C GLN W 34 42.45 -27.06 21.55
N VAL W 35 43.59 -26.38 21.47
CA VAL W 35 44.70 -26.76 20.59
C VAL W 35 45.99 -26.39 21.31
N VAL W 36 47.04 -27.16 21.05
CA VAL W 36 48.34 -26.92 21.65
C VAL W 36 49.33 -26.60 20.54
N LYS W 37 50.04 -25.48 20.69
CA LYS W 37 50.96 -25.00 19.67
C LYS W 37 52.27 -24.61 20.32
N GLU W 38 53.33 -24.56 19.51
CA GLU W 38 54.63 -24.11 19.99
C GLU W 38 54.65 -22.59 20.14
N ASP W 39 55.40 -22.12 21.12
CA ASP W 39 55.51 -20.69 21.34
C ASP W 39 56.41 -20.08 20.27
N ARG W 40 55.81 -19.65 19.17
CA ARG W 40 56.55 -19.06 18.06
C ARG W 40 55.91 -17.75 17.67
N PRO W 41 56.68 -16.84 17.06
CA PRO W 41 56.13 -15.50 16.78
C PRO W 41 54.86 -15.53 15.95
N GLU W 42 54.72 -16.50 15.05
CA GLU W 42 53.50 -16.59 14.26
C GLU W 42 52.30 -16.84 15.16
N PHE W 43 52.43 -17.77 16.11
CA PHE W 43 51.28 -18.16 16.93
C PHE W 43 50.98 -17.11 18.00
N ARG W 44 52.02 -16.49 18.55
CA ARG W 44 51.79 -15.35 19.42
C ARG W 44 51.01 -14.26 18.69
N GLY W 45 51.33 -14.08 17.40
CA GLY W 45 50.61 -13.09 16.61
C GLY W 45 49.16 -13.48 16.36
N MET W 46 48.91 -14.76 16.07
CA MET W 46 47.53 -15.19 15.87
C MET W 46 46.71 -15.00 17.13
N VAL W 47 47.27 -15.33 18.29
CA VAL W 47 46.57 -15.12 19.54
C VAL W 47 46.23 -13.64 19.71
N HIS W 48 47.19 -12.77 19.44
CA HIS W 48 46.95 -11.34 19.60
C HIS W 48 45.82 -10.86 18.70
N THR W 49 45.72 -11.42 17.49
CA THR W 49 44.66 -10.99 16.58
C THR W 49 43.27 -11.31 17.13
N VAL W 50 43.12 -12.45 17.80
CA VAL W 50 41.84 -12.87 18.33
C VAL W 50 41.93 -12.94 19.84
N ARG W 51 42.69 -12.03 20.44
CA ARG W 51 42.89 -12.06 21.89
C ARG W 51 41.59 -12.00 22.65
N HIS W 52 40.52 -11.48 22.04
CA HIS W 52 39.24 -11.37 22.72
C HIS W 52 38.38 -12.62 22.59
N LEU W 53 38.79 -13.59 21.78
CA LEU W 53 38.02 -14.81 21.57
C LEU W 53 38.67 -16.04 22.18
N VAL W 54 39.90 -15.96 22.66
CA VAL W 54 40.62 -17.12 23.17
C VAL W 54 41.27 -16.78 24.50
N THR W 55 41.61 -17.82 25.26
CA THR W 55 42.48 -17.72 26.43
C THR W 55 43.68 -18.61 26.21
N VAL W 56 44.85 -18.11 26.59
CA VAL W 56 46.11 -18.81 26.38
C VAL W 56 46.71 -19.15 27.74
N GLU W 57 47.11 -20.39 27.91
CA GLU W 57 47.81 -20.85 29.11
C GLU W 57 49.16 -21.42 28.70
N GLU W 58 50.18 -21.09 29.47
CA GLU W 58 51.53 -21.58 29.20
C GLU W 58 51.69 -22.97 29.81
N VAL W 59 51.98 -23.96 28.98
CA VAL W 59 52.17 -25.33 29.41
C VAL W 59 53.50 -25.83 28.88
N ASP W 60 54.23 -26.56 29.72
CA ASP W 60 55.56 -27.05 29.37
C ASP W 60 55.49 -28.02 28.19
N ALA X 2 -25.80 -3.56 7.18
CA ALA X 2 -24.55 -4.17 7.61
C ALA X 2 -24.50 -5.62 7.16
N VAL X 3 -23.33 -6.23 7.33
CA VAL X 3 -23.09 -7.59 6.83
C VAL X 3 -22.33 -8.38 7.89
N PRO X 4 -22.58 -9.68 7.97
CA PRO X 4 -21.83 -10.50 8.92
C PRO X 4 -20.35 -10.51 8.58
N LYS X 5 -19.53 -10.18 9.56
CA LYS X 5 -18.09 -10.08 9.31
C LYS X 5 -17.43 -11.45 9.24
N ARG X 6 -17.94 -12.44 9.97
CA ARG X 6 -17.35 -13.78 9.98
C ARG X 6 -18.46 -14.81 10.06
N LYS X 7 -18.15 -16.02 9.62
CA LYS X 7 -19.06 -17.14 9.82
C LYS X 7 -19.18 -17.42 11.31
N MET X 8 -20.41 -17.47 11.80
CA MET X 8 -20.62 -17.64 13.23
C MET X 8 -20.17 -19.02 13.66
N SER X 9 -19.40 -19.08 14.75
CA SER X 9 -18.89 -20.34 15.24
C SER X 9 -20.03 -21.24 15.71
N ARG X 10 -19.79 -22.55 15.64
CA ARG X 10 -20.87 -23.49 15.94
C ARG X 10 -21.38 -23.30 17.36
N SER X 11 -20.48 -23.01 18.30
CA SER X 11 -20.89 -22.78 19.68
C SER X 11 -21.85 -21.59 19.77
N ASN X 12 -21.49 -20.49 19.12
CA ASN X 12 -22.30 -19.27 19.22
C ASN X 12 -23.64 -19.43 18.52
N THR X 13 -23.66 -20.11 17.38
CA THR X 13 -24.92 -20.34 16.68
C THR X 13 -25.89 -21.13 17.55
N ARG X 14 -25.40 -22.18 18.21
CA ARG X 14 -26.27 -23.05 18.97
C ARG X 14 -26.68 -22.46 20.31
N HIS X 15 -25.83 -21.61 20.90
CA HIS X 15 -26.28 -20.87 22.07
C HIS X 15 -27.60 -20.15 21.80
N ARG X 16 -27.75 -19.61 20.60
CA ARG X 16 -28.91 -18.80 20.28
C ARG X 16 -30.12 -19.67 19.94
N ARG X 17 -29.95 -20.63 19.03
CA ARG X 17 -31.10 -21.44 18.62
C ARG X 17 -31.73 -22.20 19.76
N SER X 18 -30.98 -22.45 20.83
CA SER X 18 -31.59 -23.05 22.02
C SER X 18 -32.72 -22.17 22.54
N GLN X 19 -32.59 -20.85 22.38
CA GLN X 19 -33.61 -19.94 22.86
C GLN X 19 -34.88 -19.99 22.03
N TRP X 20 -34.84 -20.62 20.86
CA TRP X 20 -36.01 -20.70 19.98
C TRP X 20 -36.74 -22.01 20.24
N LYS X 21 -37.35 -22.09 21.42
CA LYS X 21 -38.04 -23.30 21.86
C LYS X 21 -39.49 -22.99 22.19
N ALA X 22 -40.35 -23.99 22.02
CA ALA X 22 -41.75 -23.88 22.35
C ALA X 22 -41.98 -24.29 23.80
N ALA X 23 -43.08 -23.81 24.36
CA ALA X 23 -43.39 -24.02 25.77
C ALA X 23 -44.41 -25.14 25.93
N VAL X 24 -44.25 -25.93 26.97
CA VAL X 24 -45.19 -27.03 27.23
C VAL X 24 -46.54 -26.44 27.60
N PRO X 25 -47.64 -26.84 26.96
CA PRO X 25 -48.96 -26.29 27.29
C PRO X 25 -49.52 -26.83 28.60
N VAL Y 6 38.01 24.96 -41.95
CA VAL Y 6 39.13 25.87 -42.10
C VAL Y 6 40.40 25.09 -42.39
N ARG Y 7 40.59 23.96 -41.69
CA ARG Y 7 41.72 23.09 -41.93
C ARG Y 7 41.22 21.83 -42.63
N PRO Y 8 41.33 21.74 -43.95
CA PRO Y 8 40.82 20.57 -44.66
C PRO Y 8 41.87 19.48 -44.75
N LYS Y 9 41.40 18.30 -45.14
CA LYS Y 9 42.25 17.12 -45.26
C LYS Y 9 42.84 17.09 -46.67
N ILE Y 10 44.15 17.10 -46.77
CA ILE Y 10 44.85 17.06 -48.04
C ILE Y 10 45.34 15.64 -48.28
N THR Y 11 45.55 15.31 -49.54
CA THR Y 11 46.05 13.99 -49.94
C THR Y 11 47.34 14.19 -50.72
N LEU Y 12 48.45 13.74 -50.15
CA LEU Y 12 49.75 13.92 -50.78
C LEU Y 12 49.98 12.89 -51.88
N ALA Y 13 50.80 13.27 -52.86
CA ALA Y 13 51.12 12.39 -53.98
C ALA Y 13 52.38 12.88 -54.65
N CYS Y 14 53.28 11.96 -54.97
CA CYS Y 14 54.48 12.29 -55.72
C CYS Y 14 54.21 12.17 -57.22
N VAL Y 15 55.25 12.42 -58.02
CA VAL Y 15 55.10 12.51 -59.47
C VAL Y 15 55.35 11.19 -60.18
N GLU Y 16 55.63 10.11 -59.45
CA GLU Y 16 55.98 8.84 -60.05
C GLU Y 16 54.95 7.74 -59.80
N CYS Y 17 54.66 7.43 -58.54
CA CYS Y 17 53.80 6.27 -58.25
C CYS Y 17 52.36 6.55 -58.61
N LYS Y 18 51.93 7.82 -58.54
CA LYS Y 18 50.53 8.19 -58.73
C LYS Y 18 49.62 7.27 -57.93
N GLU Y 19 49.97 7.13 -56.65
CA GLU Y 19 49.18 6.45 -55.63
C GLU Y 19 49.06 7.36 -54.42
N ARG Y 20 47.85 7.53 -53.91
CA ARG Y 20 47.64 8.46 -52.80
C ARG Y 20 48.11 7.79 -51.50
N ASN Y 21 49.22 8.27 -50.96
CA ASN Y 21 49.83 7.61 -49.81
C ASN Y 21 49.31 8.14 -48.48
N TYR Y 22 49.47 9.45 -48.24
CA TYR Y 22 49.21 10.05 -46.95
C TYR Y 22 48.17 11.15 -47.07
N ILE Y 23 47.52 11.43 -45.94
CA ILE Y 23 46.60 12.56 -45.81
C ILE Y 23 46.92 13.27 -44.51
N THR Y 24 46.70 14.58 -44.50
CA THR Y 24 47.09 15.41 -43.36
C THR Y 24 46.23 16.66 -43.34
N LYS Y 25 46.32 17.40 -42.23
CA LYS Y 25 45.64 18.67 -42.09
C LYS Y 25 46.60 19.81 -42.40
N LYS Y 26 46.08 20.90 -42.95
CA LYS Y 26 46.87 22.09 -43.20
C LYS Y 26 45.95 23.29 -43.34
N ASN Y 27 46.23 24.32 -42.56
CA ASN Y 27 45.42 25.53 -42.60
C ASN Y 27 45.46 26.15 -43.99
N ARG Y 28 44.28 26.29 -44.61
CA ARG Y 28 44.21 26.85 -45.96
C ARG Y 28 44.83 28.24 -46.00
N ARG Y 29 44.26 29.18 -45.24
CA ARG Y 29 44.66 30.58 -45.37
C ARG Y 29 46.12 30.79 -45.02
N ASN Y 30 46.66 29.99 -44.10
CA ASN Y 30 48.07 30.13 -43.75
C ASN Y 30 48.97 29.65 -44.89
N ASN Y 31 48.67 28.49 -45.46
CA ASN Y 31 49.44 27.91 -46.55
C ASN Y 31 48.55 27.75 -47.77
N PRO Y 32 48.13 28.86 -48.38
CA PRO Y 32 47.35 28.74 -49.63
C PRO Y 32 48.10 28.03 -50.73
N ASP Y 33 49.42 28.20 -50.81
CA ASP Y 33 50.20 27.54 -51.83
C ASP Y 33 50.17 26.04 -51.62
N ARG Y 34 50.00 25.29 -52.72
CA ARG Y 34 49.88 23.85 -52.61
C ARG Y 34 51.08 23.26 -51.88
N LEU Y 35 50.80 22.65 -50.73
CA LEU Y 35 51.83 22.21 -49.81
C LEU Y 35 52.60 21.04 -50.42
N GLU Y 36 53.84 20.85 -49.94
CA GLU Y 36 54.70 19.84 -50.52
C GLU Y 36 55.77 19.45 -49.50
N MET Y 37 56.17 18.19 -49.55
CA MET Y 37 57.21 17.64 -48.68
C MET Y 37 57.63 16.30 -49.27
N LYS Y 38 58.49 15.58 -48.55
CA LYS Y 38 59.03 14.31 -49.03
C LYS Y 38 58.71 13.22 -48.03
N LYS Y 39 58.34 12.05 -48.54
CA LYS Y 39 57.92 10.92 -47.73
C LYS Y 39 58.56 9.65 -48.28
N HIS Y 40 58.25 8.53 -47.66
CA HIS Y 40 58.63 7.20 -48.13
C HIS Y 40 57.47 6.59 -48.90
N CYS Y 41 57.56 6.63 -50.20
CA CYS Y 41 56.59 5.98 -51.06
C CYS Y 41 56.85 4.48 -51.04
N PRO Y 42 55.91 3.64 -50.59
CA PRO Y 42 56.18 2.20 -50.58
C PRO Y 42 56.21 1.57 -51.97
N ARG Y 43 55.45 2.05 -52.94
CA ARG Y 43 55.60 1.55 -54.30
C ARG Y 43 57.00 1.86 -54.85
N CYS Y 44 57.42 3.11 -54.79
CA CYS Y 44 58.71 3.49 -55.36
C CYS Y 44 59.86 2.96 -54.52
N ASN Y 45 59.66 2.78 -53.22
CA ASN Y 45 60.73 2.41 -52.30
C ASN Y 45 61.86 3.44 -52.37
N ALA Y 46 61.50 4.70 -52.20
CA ALA Y 46 62.46 5.79 -52.22
C ALA Y 46 61.87 6.96 -51.45
N HIS Y 47 62.73 7.92 -51.12
CA HIS Y 47 62.33 9.09 -50.36
C HIS Y 47 62.04 10.26 -51.31
N THR Y 48 61.00 10.09 -52.12
CA THR Y 48 60.66 11.07 -53.14
C THR Y 48 59.87 12.22 -52.54
N ALA Y 49 59.45 13.14 -53.40
CA ALA Y 49 58.71 14.33 -52.99
C ALA Y 49 57.24 14.18 -53.38
N HIS Y 50 56.35 14.42 -52.42
CA HIS Y 50 54.92 14.20 -52.57
C HIS Y 50 54.21 15.55 -52.60
N ARG Y 51 53.92 16.04 -53.81
CA ARG Y 51 53.25 17.32 -53.95
C ARG Y 51 51.78 17.16 -53.61
N GLU Y 52 51.24 18.09 -52.82
CA GLU Y 52 49.83 18.01 -52.43
C GLU Y 52 48.92 17.98 -53.64
N THR Y 53 47.92 17.10 -53.60
CA THR Y 53 46.96 16.97 -54.68
C THR Y 53 46.04 18.19 -54.71
N SER Z 2 -41.26 1.78 -17.88
CA SER Z 2 -41.81 2.53 -19.00
C SER Z 2 -42.03 1.60 -20.19
N LYS Z 3 -41.73 2.07 -21.39
CA LYS Z 3 -41.92 1.28 -22.61
C LYS Z 3 -40.66 0.47 -22.89
N ARG Z 4 -40.78 -0.84 -22.84
CA ARG Z 4 -39.64 -1.72 -23.06
C ARG Z 4 -39.31 -1.82 -24.55
N THR Z 5 -38.23 -2.54 -24.84
CA THR Z 5 -37.60 -2.53 -26.15
C THR Z 5 -38.03 -3.69 -27.02
N PHE Z 6 -39.19 -4.29 -26.75
CA PHE Z 6 -39.66 -5.40 -27.59
C PHE Z 6 -41.19 -5.32 -27.63
N GLN Z 7 -41.72 -4.71 -28.70
CA GLN Z 7 -43.14 -4.67 -28.94
C GLN Z 7 -43.47 -5.67 -30.04
N PRO Z 8 -44.00 -6.84 -29.72
CA PRO Z 8 -44.14 -7.88 -30.74
C PRO Z 8 -45.08 -7.48 -31.86
N ASN Z 9 -44.75 -7.92 -33.07
CA ASN Z 9 -45.61 -7.71 -34.23
C ASN Z 9 -45.23 -8.76 -35.26
N ASN Z 10 -46.11 -9.74 -35.48
CA ASN Z 10 -45.78 -10.86 -36.35
C ASN Z 10 -45.52 -10.39 -37.78
N ARG Z 11 -46.34 -9.47 -38.29
CA ARG Z 11 -46.10 -8.96 -39.64
C ARG Z 11 -44.69 -8.44 -39.79
N ARG Z 12 -44.29 -7.54 -38.90
CA ARG Z 12 -42.99 -6.89 -39.01
C ARG Z 12 -41.84 -7.83 -38.63
N ARG Z 13 -42.15 -9.00 -38.07
CA ARG Z 13 -41.12 -9.97 -37.74
C ARG Z 13 -40.99 -11.03 -38.83
N ALA Z 14 -41.89 -11.05 -39.79
CA ALA Z 14 -41.77 -11.89 -40.97
C ALA Z 14 -41.23 -11.13 -42.18
N LYS Z 15 -41.33 -9.81 -42.18
CA LYS Z 15 -40.76 -8.97 -43.21
C LYS Z 15 -39.34 -8.54 -42.90
N THR Z 16 -38.81 -8.92 -41.74
CA THR Z 16 -37.45 -8.56 -41.36
C THR Z 16 -36.56 -9.78 -41.20
N HIS Z 17 -37.04 -10.80 -40.48
CA HIS Z 17 -36.28 -12.04 -40.28
C HIS Z 17 -36.95 -13.23 -40.96
N GLY Z 18 -37.87 -12.97 -41.89
CA GLY Z 18 -38.62 -14.06 -42.47
C GLY Z 18 -37.76 -14.92 -43.38
N PHE Z 19 -38.29 -16.10 -43.70
CA PHE Z 19 -37.56 -16.99 -44.60
C PHE Z 19 -37.47 -16.39 -46.00
N ARG Z 20 -38.53 -15.74 -46.46
CA ARG Z 20 -38.48 -15.12 -47.78
C ARG Z 20 -37.37 -14.08 -47.85
N LEU Z 21 -37.20 -13.30 -46.79
CA LEU Z 21 -36.12 -12.31 -46.77
C LEU Z 21 -34.75 -12.96 -46.73
N ARG Z 22 -34.61 -14.11 -46.06
CA ARG Z 22 -33.32 -14.76 -45.98
C ARG Z 22 -32.88 -15.28 -47.34
N MET Z 23 -33.82 -15.69 -48.19
CA MET Z 23 -33.50 -16.20 -49.51
C MET Z 23 -33.25 -15.11 -50.55
N ARG Z 24 -33.42 -13.85 -50.20
CA ARG Z 24 -33.27 -12.79 -51.19
C ARG Z 24 -31.83 -12.35 -51.36
N THR Z 25 -31.07 -12.25 -50.27
CA THR Z 25 -29.67 -11.84 -50.31
C THR Z 25 -28.79 -13.07 -50.13
N ARG Z 26 -27.82 -13.24 -51.04
CA ARG Z 26 -26.94 -14.40 -50.95
C ARG Z 26 -26.22 -14.45 -49.60
N ALA Z 27 -25.97 -13.29 -49.00
CA ALA Z 27 -25.42 -13.28 -47.66
C ALA Z 27 -26.39 -13.88 -46.65
N GLY Z 28 -27.69 -13.85 -46.96
CA GLY Z 28 -28.69 -14.40 -46.07
C GLY Z 28 -28.91 -15.88 -46.28
N ARG Z 29 -28.71 -16.35 -47.51
CA ARG Z 29 -28.81 -17.78 -47.78
C ARG Z 29 -27.68 -18.57 -47.15
N ALA Z 30 -26.54 -17.92 -46.88
CA ALA Z 30 -25.49 -18.58 -46.11
C ALA Z 30 -25.92 -18.77 -44.66
N ILE Z 31 -26.65 -17.80 -44.10
CA ILE Z 31 -27.16 -17.94 -42.74
C ILE Z 31 -28.10 -19.12 -42.66
N LEU Z 32 -28.99 -19.25 -43.65
CA LEU Z 32 -29.91 -20.38 -43.66
C LEU Z 32 -29.15 -21.70 -43.77
N ALA Z 33 -28.17 -21.76 -44.68
CA ALA Z 33 -27.43 -22.99 -44.88
C ALA Z 33 -26.60 -23.36 -43.66
N THR Z 34 -25.97 -22.38 -43.02
CA THR Z 34 -25.15 -22.67 -41.85
C THR Z 34 -26.00 -22.97 -40.63
N ARG Z 35 -27.30 -22.80 -40.70
CA ARG Z 35 -28.19 -23.27 -39.65
C ARG Z 35 -28.68 -24.68 -39.94
N ARG Z 36 -28.90 -24.99 -41.22
CA ARG Z 36 -29.23 -26.36 -41.60
C ARG Z 36 -28.10 -27.31 -41.23
N SER Z 37 -26.86 -26.90 -41.47
CA SER Z 37 -25.73 -27.76 -41.14
C SER Z 37 -25.55 -27.90 -39.64
N LYS Z 38 -25.84 -26.86 -38.88
CA LYS Z 38 -25.71 -26.95 -37.42
C LYS Z 38 -26.84 -27.75 -36.80
N GLY Z 39 -27.96 -27.90 -37.50
CA GLY Z 39 -29.01 -28.81 -37.08
C GLY Z 39 -30.20 -28.17 -36.39
N ARG Z 40 -30.27 -26.85 -36.33
CA ARG Z 40 -31.37 -26.20 -35.61
C ARG Z 40 -32.72 -26.65 -36.15
N ALA Z 41 -33.73 -26.58 -35.29
CA ALA Z 41 -35.08 -26.95 -35.68
C ALA Z 41 -35.79 -25.82 -36.42
N ARG Z 42 -35.99 -24.69 -35.75
CA ARG Z 42 -36.57 -23.52 -36.38
C ARG Z 42 -35.49 -22.84 -37.22
N LEU Z 43 -35.62 -22.95 -38.54
CA LEU Z 43 -34.54 -22.56 -39.44
C LEU Z 43 -34.53 -21.06 -39.73
N SER Z 44 -35.65 -20.37 -39.56
CA SER Z 44 -35.69 -18.93 -39.72
C SER Z 44 -36.90 -18.39 -38.98
N ALA Z 45 -36.75 -17.19 -38.45
CA ALA Z 45 -37.83 -16.57 -37.68
C ALA Z 45 -39.06 -16.34 -38.55
N LYS AA 3 14.58 -27.87 -38.39
CA LYS AA 3 15.95 -27.41 -38.51
C LYS AA 3 16.18 -26.14 -37.72
N ASN AA 4 17.44 -25.89 -37.36
CA ASN AA 4 17.84 -24.58 -36.89
C ASN AA 4 18.05 -23.65 -38.07
N LYS AA 5 17.79 -22.37 -37.84
CA LYS AA 5 18.26 -21.31 -38.74
C LYS AA 5 19.38 -20.57 -38.04
N THR AA 6 20.56 -20.59 -38.65
CA THR AA 6 21.69 -19.85 -38.11
C THR AA 6 21.45 -18.36 -38.25
N HIS AA 7 21.86 -17.61 -37.23
CA HIS AA 7 21.60 -16.18 -37.21
C HIS AA 7 22.31 -15.54 -38.39
N SER AA 8 21.54 -15.12 -39.41
CA SER AA 8 22.15 -14.70 -40.67
C SER AA 8 23.17 -13.60 -40.45
N GLY AA 9 22.91 -12.71 -39.48
CA GLY AA 9 23.87 -11.64 -39.22
C GLY AA 9 25.19 -12.15 -38.67
N ALA AA 10 25.13 -13.10 -37.73
CA ALA AA 10 26.34 -13.53 -37.04
C ALA AA 10 27.21 -14.42 -37.93
N LYS AA 11 26.59 -15.20 -38.81
CA LYS AA 11 27.36 -16.02 -39.72
C LYS AA 11 28.25 -15.18 -40.64
N LYS AA 12 27.93 -13.89 -40.79
CA LYS AA 12 28.72 -13.02 -41.65
C LYS AA 12 29.84 -12.30 -40.91
N ARG AA 13 29.85 -12.34 -39.58
CA ARG AA 13 30.82 -11.58 -38.80
C ARG AA 13 31.83 -12.45 -38.03
N PHE AA 14 31.58 -13.75 -37.90
CA PHE AA 14 32.44 -14.61 -37.10
C PHE AA 14 32.85 -15.82 -37.92
N LYS AA 15 34.09 -16.28 -37.72
CA LYS AA 15 34.59 -17.48 -38.35
C LYS AA 15 35.17 -18.40 -37.28
N ILE AA 16 35.04 -19.70 -37.51
CA ILE AA 16 35.50 -20.73 -36.57
C ILE AA 16 36.77 -21.37 -37.13
N THR AA 17 37.76 -21.54 -36.26
CA THR AA 17 39.07 -22.03 -36.67
C THR AA 17 39.06 -23.55 -36.74
N GLY AA 18 40.26 -24.15 -36.89
CA GLY AA 18 40.37 -25.59 -36.92
C GLY AA 18 40.29 -26.24 -35.56
N SER AA 19 40.48 -25.47 -34.49
CA SER AA 19 40.34 -25.98 -33.14
C SER AA 19 39.04 -25.57 -32.48
N GLY AA 20 38.14 -24.94 -33.22
CA GLY AA 20 36.87 -24.52 -32.68
C GLY AA 20 36.83 -23.12 -32.13
N LYS AA 21 37.95 -22.40 -32.12
CA LYS AA 21 37.93 -21.02 -31.67
C LYS AA 21 37.08 -20.17 -32.62
N VAL AA 22 36.45 -19.15 -32.06
CA VAL AA 22 35.60 -18.23 -32.80
C VAL AA 22 36.29 -16.88 -32.83
N LEU AA 23 36.48 -16.34 -34.04
CA LEU AA 23 37.31 -15.16 -34.25
C LEU AA 23 36.49 -14.04 -34.88
N ARG AA 24 36.87 -12.81 -34.59
CA ARG AA 24 36.22 -11.62 -35.10
C ARG AA 24 37.24 -10.72 -35.79
N GLU AA 25 36.74 -9.73 -36.51
CA GLU AA 25 37.55 -8.63 -36.99
C GLU AA 25 37.40 -7.43 -36.09
N ARG AA 26 38.45 -6.61 -36.02
CA ARG AA 26 38.45 -5.45 -35.14
C ARG AA 26 37.58 -4.35 -35.72
N ALA AA 27 36.89 -3.64 -34.83
CA ALA AA 27 35.99 -2.57 -35.21
C ALA AA 27 36.67 -1.21 -35.06
N GLY AA 28 36.34 -0.30 -35.97
CA GLY AA 28 36.88 1.05 -35.94
C GLY AA 28 37.86 1.39 -37.04
N LYS AA 29 37.96 0.57 -38.09
CA LYS AA 29 38.92 0.79 -39.17
C LYS AA 29 38.25 1.01 -40.52
N ARG AA 30 37.01 1.51 -40.52
CA ARG AA 30 36.32 1.83 -41.76
C ARG AA 30 36.44 3.29 -42.19
N HIS AA 31 36.38 4.25 -41.27
CA HIS AA 31 36.52 5.64 -41.68
C HIS AA 31 36.97 6.47 -40.48
N LEU AA 32 37.11 7.78 -40.71
CA LEU AA 32 37.81 8.68 -39.79
C LEU AA 32 39.21 8.15 -39.51
N LEU AA 33 39.89 7.77 -40.59
CA LEU AA 33 41.20 7.15 -40.50
C LEU AA 33 42.34 8.14 -40.54
N GLU AA 34 42.06 9.43 -40.72
CA GLU AA 34 43.13 10.42 -40.77
C GLU AA 34 43.89 10.52 -39.47
N HIS AA 35 43.20 10.81 -38.37
CA HIS AA 35 43.90 11.09 -37.12
C HIS AA 35 44.35 9.84 -36.39
N LYS AA 36 44.02 8.66 -36.91
CA LYS AA 36 44.45 7.40 -36.32
C LYS AA 36 45.88 7.11 -36.78
N SER AA 37 46.83 7.16 -35.85
CA SER AA 37 48.22 6.89 -36.20
C SER AA 37 48.35 5.51 -36.82
N SER AA 38 49.52 5.27 -37.43
CA SER AA 38 49.73 4.01 -38.11
C SER AA 38 49.61 2.83 -37.14
N LYS AA 39 50.13 3.00 -35.92
CA LYS AA 39 50.12 1.89 -34.98
C LYS AA 39 48.71 1.52 -34.55
N LEU AA 40 47.82 2.49 -34.41
CA LEU AA 40 46.44 2.17 -34.05
C LEU AA 40 45.78 1.34 -35.14
N THR AA 41 46.01 1.68 -36.40
CA THR AA 41 45.44 0.90 -37.50
C THR AA 41 45.96 -0.53 -37.47
N ARG AA 42 47.26 -0.70 -37.23
CA ARG AA 42 47.83 -2.04 -37.09
C ARG AA 42 47.19 -2.79 -35.94
N ARG AA 43 47.02 -2.13 -34.80
CA ARG AA 43 46.42 -2.79 -33.66
C ARG AA 43 44.99 -3.22 -33.94
N LEU AA 44 44.36 -2.64 -34.95
CA LEU AA 44 43.02 -3.03 -35.39
C LEU AA 44 43.02 -3.95 -36.60
N THR AA 45 44.19 -4.29 -37.13
CA THR AA 45 44.23 -5.25 -38.23
C THR AA 45 43.98 -6.66 -37.70
N GLY AA 46 43.80 -7.58 -38.63
CA GLY AA 46 43.78 -8.99 -38.29
C GLY AA 46 42.52 -9.39 -37.53
N ASN AA 47 42.59 -10.61 -37.00
CA ASN AA 47 41.49 -11.22 -36.26
C ASN AA 47 41.86 -11.34 -34.79
N ALA AA 48 40.89 -11.09 -33.92
CA ALA AA 48 41.07 -11.20 -32.48
C ALA AA 48 40.15 -12.26 -31.92
N GLU AA 49 40.64 -13.01 -30.93
CA GLU AA 49 39.82 -14.03 -30.29
C GLU AA 49 38.74 -13.38 -29.43
N MET AA 50 37.66 -14.12 -29.21
CA MET AA 50 36.52 -13.63 -28.45
C MET AA 50 36.70 -13.90 -26.96
N ALA AA 51 36.00 -13.11 -26.16
CA ALA AA 51 35.89 -13.39 -24.74
C ALA AA 51 35.08 -14.67 -24.54
N PRO AA 52 35.19 -15.31 -23.39
CA PRO AA 52 34.50 -16.59 -23.21
C PRO AA 52 33.00 -16.46 -23.21
N GLY AA 53 32.47 -15.47 -22.48
CA GLY AA 53 31.02 -15.28 -22.46
C GLY AA 53 30.48 -14.90 -23.82
N ASP AA 54 31.17 -14.03 -24.55
CA ASP AA 54 30.73 -13.66 -25.88
C ASP AA 54 30.81 -14.84 -26.84
N SER AA 55 31.90 -15.62 -26.77
CA SER AA 55 32.02 -16.78 -27.65
C SER AA 55 30.94 -17.80 -27.37
N ALA AA 56 30.58 -17.97 -26.10
CA ALA AA 56 29.52 -18.93 -25.74
C ALA AA 56 28.22 -18.58 -26.44
N LYS AA 57 27.84 -17.30 -26.40
CA LYS AA 57 26.58 -16.89 -27.01
C LYS AA 57 26.62 -17.04 -28.53
N ILE AA 58 27.73 -16.64 -29.15
CA ILE AA 58 27.84 -16.75 -30.60
C ILE AA 58 27.85 -18.22 -31.02
N LYS AA 59 28.62 -19.05 -30.30
CA LYS AA 59 28.63 -20.48 -30.61
C LYS AA 59 27.23 -21.07 -30.53
N LYS AA 60 26.41 -20.54 -29.63
CA LYS AA 60 25.08 -21.07 -29.36
C LYS AA 60 24.01 -20.38 -30.19
N MET AA 61 24.38 -19.40 -31.00
CA MET AA 61 23.45 -18.71 -31.88
C MET AA 61 23.80 -18.90 -33.34
N LEU AA 62 24.87 -19.63 -33.64
CA LEU AA 62 25.33 -19.87 -35.00
C LEU AA 62 25.29 -21.35 -35.34
N GLY AA 63 24.42 -22.10 -34.66
CA GLY AA 63 24.34 -23.53 -34.86
C GLY AA 63 25.37 -24.28 -34.03
N MET BA 1 5.01 38.04 44.39
CA MET BA 1 6.23 37.19 44.40
C MET BA 1 6.62 36.81 42.98
N LYS BA 2 7.91 36.94 42.66
CA LYS BA 2 8.42 36.69 41.32
C LYS BA 2 8.84 35.23 41.20
N VAL BA 3 8.34 34.56 40.16
CA VAL BA 3 8.66 33.16 39.92
C VAL BA 3 9.60 33.10 38.72
N LYS BA 4 10.85 32.71 38.97
CA LYS BA 4 11.86 32.66 37.94
C LYS BA 4 12.83 31.52 38.27
N PRO BA 5 13.23 30.71 37.28
CA PRO BA 5 14.27 29.71 37.55
C PRO BA 5 15.59 30.30 38.00
N SER BA 6 15.94 31.50 37.55
CA SER BA 6 17.17 32.17 37.98
C SER BA 6 16.82 33.09 39.15
N VAL BA 7 17.27 32.71 40.34
CA VAL BA 7 16.97 33.44 41.57
C VAL BA 7 18.29 33.95 42.14
N LYS BA 8 18.42 35.27 42.25
CA LYS BA 8 19.64 35.90 42.70
C LYS BA 8 19.34 36.98 43.73
N LYS BA 9 20.35 37.27 44.55
CA LYS BA 9 20.29 38.43 45.43
C LYS BA 9 20.36 39.70 44.60
N ILE BA 10 19.58 40.71 44.99
CA ILE BA 10 19.59 42.00 44.33
C ILE BA 10 20.21 43.08 45.22
N CYS BA 11 20.01 42.99 46.52
CA CYS BA 11 20.68 43.85 47.48
C CYS BA 11 21.25 43.00 48.60
N ASP BA 12 22.01 43.64 49.50
CA ASP BA 12 22.69 42.90 50.55
C ASP BA 12 21.70 42.21 51.49
N LYS BA 13 20.61 42.89 51.84
CA LYS BA 13 19.69 42.34 52.83
C LYS BA 13 19.04 41.05 52.37
N CYS BA 14 19.04 40.76 51.07
CA CYS BA 14 18.45 39.52 50.59
C CYS BA 14 19.12 38.32 51.25
N LYS BA 15 18.30 37.36 51.67
CA LYS BA 15 18.77 36.11 52.25
C LYS BA 15 18.25 34.94 51.42
N VAL BA 16 19.15 34.08 50.98
CA VAL BA 16 18.78 32.92 50.16
C VAL BA 16 18.56 31.75 51.10
N ILE BA 17 17.35 31.20 51.09
CA ILE BA 17 16.98 30.10 51.96
C ILE BA 17 16.31 29.01 51.13
N ARG BA 18 16.26 27.81 51.70
CA ARG BA 18 15.68 26.65 51.03
C ARG BA 18 14.48 26.18 51.86
N ARG BA 19 13.28 26.38 51.32
CA ARG BA 19 12.04 25.99 51.97
C ARG BA 19 11.33 24.95 51.10
N HIS BA 20 10.97 23.82 51.72
CA HIS BA 20 10.14 22.82 51.05
C HIS BA 20 10.73 22.41 49.71
N GLY BA 21 12.05 22.23 49.66
CA GLY BA 21 12.71 21.84 48.44
C GLY BA 21 12.80 22.90 47.38
N ARG BA 22 12.37 24.13 47.67
CA ARG BA 22 12.37 25.23 46.72
C ARG BA 22 13.24 26.36 47.27
N VAL BA 23 14.12 26.90 46.44
CA VAL BA 23 14.98 27.98 46.85
C VAL BA 23 14.24 29.30 46.65
N MET BA 24 14.15 30.10 47.71
CA MET BA 24 13.53 31.41 47.62
C MET BA 24 14.39 32.44 48.36
N VAL BA 25 14.21 33.70 47.98
CA VAL BA 25 14.91 34.83 48.59
C VAL BA 25 13.90 35.64 49.39
N ILE BA 26 14.22 35.89 50.66
CA ILE BA 26 13.40 36.71 51.54
C ILE BA 26 14.16 37.99 51.82
N CYS BA 27 13.49 39.13 51.68
CA CYS BA 27 14.12 40.42 51.89
C CYS BA 27 13.10 41.38 52.48
N ASP BA 28 13.59 42.43 53.12
CA ASP BA 28 12.70 43.44 53.68
C ASP BA 28 11.95 44.16 52.59
N ASN BA 29 12.62 44.49 51.49
CA ASN BA 29 11.96 45.06 50.32
C ASN BA 29 11.13 43.98 49.64
N LEU BA 30 9.82 44.08 49.75
CA LEU BA 30 8.93 43.00 49.30
C LEU BA 30 9.09 42.71 47.81
N ARG BA 31 9.55 43.69 47.04
CA ARG BA 31 9.75 43.48 45.61
C ARG BA 31 10.79 42.41 45.32
N HIS BA 32 11.70 42.14 46.25
CA HIS BA 32 12.78 41.20 46.04
C HIS BA 32 12.44 39.77 46.46
N LYS BA 33 11.20 39.50 46.87
CA LYS BA 33 10.80 38.13 47.11
C LYS BA 33 10.84 37.33 45.82
N GLN BA 34 11.56 36.21 45.84
CA GLN BA 34 11.78 35.41 44.66
C GLN BA 34 11.61 33.93 45.00
N ARG BA 35 11.04 33.18 44.06
CA ARG BA 35 10.83 31.75 44.21
C ARG BA 35 11.31 31.06 42.94
N GLN BA 36 12.02 29.95 43.09
CA GLN BA 36 12.59 29.23 41.96
C GLN BA 36 11.59 28.18 41.49
N GLY BA 37 11.26 28.24 40.20
CA GLY BA 37 10.32 27.30 39.61
C GLY BA 37 9.72 27.81 38.32
N PRO CA 2 -69.45 3.74 25.63
CA PRO CA 2 -68.36 2.99 26.29
C PRO CA 2 -67.00 3.63 26.05
N LYS CA 3 -66.05 3.33 26.92
CA LYS CA 3 -64.74 3.95 26.83
C LYS CA 3 -64.05 3.55 25.53
N PRO CA 4 -63.31 4.45 24.88
CA PRO CA 4 -62.65 4.10 23.63
C PRO CA 4 -61.46 3.16 23.85
N ALA CA 5 -60.96 2.63 22.75
CA ALA CA 5 -59.87 1.68 22.80
C ALA CA 5 -58.52 2.37 22.72
N LYS CA 6 -57.56 1.89 23.52
CA LYS CA 6 -56.17 2.28 23.32
C LYS CA 6 -55.60 1.58 22.09
N GLY CA 7 -54.58 2.18 21.52
CA GLY CA 7 -53.87 1.50 20.47
C GLY CA 7 -54.68 1.38 19.20
N ALA CA 8 -54.26 0.44 18.35
CA ALA CA 8 -54.84 0.31 17.03
C ALA CA 8 -56.32 -0.04 17.10
N ARG CA 9 -57.10 0.60 16.25
CA ARG CA 9 -58.53 0.32 16.16
C ARG CA 9 -58.77 -0.99 15.42
N LEU CA 10 -59.84 -1.68 15.81
CA LEU CA 10 -60.20 -2.91 15.12
C LEU CA 10 -60.54 -2.61 13.67
N GLY CA 11 -60.13 -3.49 12.77
CA GLY CA 11 -60.44 -3.32 11.37
C GLY CA 11 -59.59 -2.30 10.64
N GLY CA 12 -58.61 -1.69 11.32
CA GLY CA 12 -57.66 -0.83 10.66
C GLY CA 12 -58.02 0.63 10.61
N SER CA 13 -59.23 1.01 11.04
CA SER CA 13 -59.62 2.41 11.03
C SER CA 13 -60.66 2.65 12.10
N ALA CA 14 -60.78 3.91 12.51
CA ALA CA 14 -61.85 4.27 13.44
C ALA CA 14 -63.21 4.15 12.78
N ALA CA 15 -63.31 4.49 11.50
CA ALA CA 15 -64.58 4.37 10.79
C ALA CA 15 -65.00 2.91 10.64
N HIS CA 16 -64.06 2.05 10.23
CA HIS CA 16 -64.38 0.62 10.13
C HIS CA 16 -64.80 0.07 11.48
N GLU CA 17 -64.14 0.50 12.55
CA GLU CA 17 -64.46 -0.03 13.87
C GLU CA 17 -65.92 0.21 14.23
N LYS CA 18 -66.39 1.45 14.06
CA LYS CA 18 -67.78 1.76 14.41
C LYS CA 18 -68.74 0.84 13.68
N LEU CA 19 -68.60 0.76 12.36
CA LEU CA 19 -69.50 -0.10 11.58
C LEU CA 19 -69.27 -1.56 11.87
N LEU CA 20 -68.04 -1.93 12.23
CA LEU CA 20 -67.76 -3.32 12.58
C LEU CA 20 -68.50 -3.71 13.86
N LEU CA 21 -68.37 -2.88 14.91
CA LEU CA 21 -69.00 -3.20 16.17
C LEU CA 21 -70.51 -3.06 16.08
N ALA CA 22 -70.99 -2.13 15.26
CA ALA CA 22 -72.43 -1.99 15.07
C ALA CA 22 -73.03 -3.23 14.42
N ASN CA 23 -72.38 -3.76 13.39
CA ASN CA 23 -72.90 -4.94 12.72
C ASN CA 23 -72.76 -6.20 13.55
N LEU CA 24 -71.68 -6.31 14.32
CA LEU CA 24 -71.57 -7.46 15.22
C LEU CA 24 -72.73 -7.46 16.22
N ALA CA 25 -73.07 -6.29 16.76
CA ALA CA 25 -74.23 -6.21 17.64
C ALA CA 25 -75.49 -6.61 16.91
N LYS CA 26 -75.62 -6.22 15.64
CA LYS CA 26 -76.74 -6.66 14.84
C LYS CA 26 -76.86 -8.18 14.85
N SER CA 27 -75.75 -8.87 14.58
CA SER CA 27 -75.78 -10.32 14.51
C SER CA 27 -76.03 -10.94 15.88
N LEU CA 28 -75.48 -10.34 16.94
CA LEU CA 28 -75.65 -10.90 18.27
C LEU CA 28 -77.12 -10.88 18.69
N PHE CA 29 -77.82 -9.80 18.38
CA PHE CA 29 -79.25 -9.72 18.68
C PHE CA 29 -80.07 -10.59 17.74
N GLU CA 30 -79.57 -10.82 16.52
CA GLU CA 30 -80.31 -11.63 15.57
C GLU CA 30 -80.31 -13.10 15.98
N HIS CA 31 -79.16 -13.62 16.40
CA HIS CA 31 -79.00 -15.04 16.68
C HIS CA 31 -78.80 -15.35 18.15
N GLY CA 32 -78.42 -14.37 18.96
CA GLY CA 32 -78.26 -14.56 20.39
C GLY CA 32 -76.90 -15.07 20.79
N ARG CA 33 -76.08 -15.52 19.85
CA ARG CA 33 -74.76 -16.04 20.15
C ARG CA 33 -73.93 -16.03 18.88
N ILE CA 34 -72.70 -15.56 18.98
CA ILE CA 34 -71.79 -15.52 17.85
C ILE CA 34 -70.40 -15.93 18.32
N THR CA 35 -69.63 -16.50 17.40
CA THR CA 35 -68.25 -16.88 17.65
C THR CA 35 -67.35 -15.94 16.86
N THR CA 36 -66.41 -15.31 17.55
CA THR CA 36 -65.57 -14.30 16.93
C THR CA 36 -64.29 -14.16 17.73
N THR CA 37 -63.37 -13.36 17.21
CA THR CA 37 -62.06 -13.22 17.84
C THR CA 37 -62.20 -12.67 19.24
N GLU CA 38 -61.28 -13.07 20.11
CA GLU CA 38 -61.35 -12.69 21.51
C GLU CA 38 -61.32 -11.18 21.67
N ALA CA 39 -60.47 -10.49 20.91
CA ALA CA 39 -60.41 -9.04 21.00
C ALA CA 39 -61.72 -8.40 20.56
N LYS CA 40 -62.31 -8.90 19.48
CA LYS CA 40 -63.58 -8.34 19.01
C LYS CA 40 -64.69 -8.60 20.01
N ALA CA 41 -64.68 -9.76 20.67
CA ALA CA 41 -65.69 -10.04 21.67
C ALA CA 41 -65.60 -9.08 22.84
N ARG CA 42 -64.39 -8.77 23.29
CA ARG CA 42 -64.22 -7.87 24.43
C ARG CA 42 -64.71 -6.46 24.10
N ARG CA 43 -64.41 -5.97 22.89
CA ARG CA 43 -64.94 -4.68 22.48
C ARG CA 43 -66.45 -4.70 22.38
N LEU CA 44 -67.01 -5.80 21.89
CA LEU CA 44 -68.44 -5.84 21.60
C LEU CA 44 -69.29 -5.93 22.86
N ARG CA 45 -68.74 -6.45 23.96
CA ARG CA 45 -69.56 -6.62 25.15
C ARG CA 45 -70.15 -5.29 25.63
N PRO CA 46 -69.35 -4.27 25.93
CA PRO CA 46 -69.94 -3.02 26.42
C PRO CA 46 -70.89 -2.36 25.45
N VAL CA 47 -70.64 -2.45 24.14
CA VAL CA 47 -71.53 -1.83 23.17
C VAL CA 47 -72.91 -2.50 23.21
N ALA CA 48 -72.92 -3.84 23.18
CA ALA CA 48 -74.19 -4.54 23.18
C ALA CA 48 -74.93 -4.33 24.50
N GLU CA 49 -74.21 -4.29 25.61
CA GLU CA 49 -74.86 -4.11 26.90
C GLU CA 49 -75.48 -2.72 27.00
N ARG CA 50 -74.82 -1.70 26.45
CA ARG CA 50 -75.43 -0.37 26.43
C ARG CA 50 -76.71 -0.35 25.59
N LEU CA 51 -76.70 -1.01 24.44
CA LEU CA 51 -77.89 -1.04 23.59
C LEU CA 51 -79.06 -1.69 24.31
N ILE CA 52 -78.81 -2.78 25.05
CA ILE CA 52 -79.87 -3.40 25.82
C ILE CA 52 -80.40 -2.45 26.87
N THR CA 53 -79.51 -1.70 27.51
CA THR CA 53 -79.95 -0.73 28.52
C THR CA 53 -80.92 0.28 27.91
N LYS CA 54 -80.63 0.74 26.69
CA LYS CA 54 -81.50 1.71 26.05
C LYS CA 54 -82.82 1.08 25.64
N ALA CA 55 -82.78 -0.18 25.20
CA ALA CA 55 -84.00 -0.89 24.82
C ALA CA 55 -84.89 -1.17 26.02
N LYS CA 56 -84.30 -1.30 27.21
CA LYS CA 56 -85.12 -1.51 28.41
C LYS CA 56 -86.07 -0.35 28.62
N LYS CA 57 -85.61 0.89 28.37
CA LYS CA 57 -86.45 2.05 28.63
C LYS CA 57 -87.64 2.09 27.68
N GLY CA 58 -87.42 1.83 26.40
CA GLY CA 58 -88.49 1.46 25.49
C GLY CA 58 -89.18 2.60 24.77
N ASP CA 59 -88.99 3.84 25.21
CA ASP CA 59 -89.74 4.94 24.62
C ASP CA 59 -89.26 5.24 23.21
N ILE CA 60 -90.04 6.08 22.51
CA ILE CA 60 -89.71 6.39 21.11
C ILE CA 60 -88.35 7.05 21.01
N HIS CA 61 -88.03 7.93 21.95
CA HIS CA 61 -86.74 8.61 21.90
C HIS CA 61 -85.59 7.61 21.88
N ASN CA 62 -85.60 6.67 22.82
CA ASN CA 62 -84.52 5.69 22.85
C ASN CA 62 -84.50 4.86 21.58
N ARG CA 63 -85.65 4.65 20.96
CA ARG CA 63 -85.70 3.87 19.72
C ARG CA 63 -84.96 4.58 18.59
N ARG CA 64 -85.09 5.91 18.50
CA ARG CA 64 -84.18 6.67 17.65
C ARG CA 64 -82.72 6.40 18.00
N LEU CA 65 -82.38 6.45 19.28
CA LEU CA 65 -80.97 6.38 19.66
C LEU CA 65 -80.36 5.04 19.28
N VAL CA 66 -81.11 3.95 19.49
CA VAL CA 66 -80.62 2.65 19.06
C VAL CA 66 -80.50 2.61 17.54
N LEU CA 67 -81.43 3.25 16.85
CA LEU CA 67 -81.40 3.27 15.39
C LEU CA 67 -80.18 3.99 14.83
N GLN CA 68 -79.55 4.86 15.62
CA GLN CA 68 -78.33 5.51 15.15
C GLN CA 68 -77.20 4.52 14.97
N THR CA 69 -77.25 3.37 15.66
CA THR CA 69 -76.21 2.35 15.62
C THR CA 69 -76.61 1.14 14.80
N ILE CA 70 -77.80 0.59 15.01
CA ILE CA 70 -78.33 -0.53 14.23
C ILE CA 70 -79.35 0.05 13.28
N THR CA 71 -78.99 0.16 12.00
CA THR CA 71 -79.88 0.73 11.02
C THR CA 71 -81.06 -0.18 10.67
N ASP CA 72 -81.05 -1.43 11.14
CA ASP CA 72 -82.06 -2.40 10.77
C ASP CA 72 -83.27 -2.26 11.69
N LYS CA 73 -84.43 -1.95 11.12
CA LYS CA 73 -85.62 -1.77 11.94
C LYS CA 73 -86.13 -3.10 12.48
N GLY CA 74 -85.98 -4.18 11.71
CA GLY CA 74 -86.44 -5.47 12.18
C GLY CA 74 -85.67 -5.95 13.40
N ILE CA 75 -84.35 -5.77 13.40
CA ILE CA 75 -83.55 -6.16 14.56
C ILE CA 75 -83.95 -5.33 15.76
N VAL CA 76 -84.15 -4.03 15.57
CA VAL CA 76 -84.51 -3.17 16.69
C VAL CA 76 -85.88 -3.55 17.24
N HIS CA 77 -86.79 -3.99 16.37
CA HIS CA 77 -88.09 -4.45 16.85
C HIS CA 77 -87.93 -5.61 17.81
N THR CA 78 -87.15 -6.62 17.42
CA THR CA 78 -86.92 -7.76 18.30
C THR CA 78 -86.23 -7.32 19.58
N LEU CA 79 -85.30 -6.37 19.47
CA LEU CA 79 -84.56 -5.90 20.63
C LEU CA 79 -85.50 -5.31 21.68
N PHE CA 80 -86.44 -4.47 21.23
CA PHE CA 80 -87.33 -3.78 22.16
C PHE CA 80 -88.50 -4.66 22.61
N THR CA 81 -88.91 -5.62 21.77
CA THR CA 81 -90.11 -6.39 22.03
C THR CA 81 -89.85 -7.83 22.47
N GLU CA 82 -88.66 -8.35 22.27
CA GLU CA 82 -88.32 -9.71 22.71
C GLU CA 82 -87.20 -9.74 23.73
N ILE CA 83 -86.13 -8.98 23.54
CA ILE CA 83 -84.98 -9.09 24.41
C ILE CA 83 -85.13 -8.19 25.64
N ALA CA 84 -85.40 -6.91 25.43
CA ALA CA 84 -85.51 -6.00 26.57
C ALA CA 84 -86.53 -6.48 27.60
N PRO CA 85 -87.72 -6.96 27.23
CA PRO CA 85 -88.62 -7.53 28.24
C PRO CA 85 -87.99 -8.66 29.02
N ARG CA 86 -87.15 -9.47 28.37
CA ARG CA 86 -86.53 -10.59 29.05
C ARG CA 86 -85.62 -10.12 30.18
N TYR CA 87 -84.90 -9.02 29.96
CA TYR CA 87 -83.95 -8.49 30.93
C TYR CA 87 -84.54 -7.38 31.79
N ALA CA 88 -85.87 -7.32 31.89
CA ALA CA 88 -86.50 -6.24 32.63
C ALA CA 88 -85.96 -6.15 34.06
N GLU CA 89 -85.72 -7.30 34.69
CA GLU CA 89 -85.34 -7.34 36.09
C GLU CA 89 -83.84 -7.35 36.32
N ARG CA 90 -83.07 -7.80 35.33
CA ARG CA 90 -81.63 -8.01 35.52
C ARG CA 90 -80.89 -6.69 35.38
N PRO CA 91 -80.14 -6.24 36.41
CA PRO CA 91 -79.40 -4.96 36.31
C PRO CA 91 -77.97 -5.08 35.75
N GLY CA 92 -77.87 -5.17 34.43
CA GLY CA 92 -76.57 -5.22 33.78
C GLY CA 92 -76.03 -6.62 33.67
N GLY CA 93 -74.87 -6.72 33.03
CA GLY CA 93 -74.25 -8.01 32.79
C GLY CA 93 -75.11 -8.89 31.90
N TYR CA 94 -75.61 -8.33 30.82
CA TYR CA 94 -76.52 -9.05 29.94
C TYR CA 94 -75.83 -10.04 29.01
N THR CA 95 -74.50 -10.02 28.93
CA THR CA 95 -73.77 -10.84 27.98
C THR CA 95 -72.74 -11.73 28.68
N ARG CA 96 -72.51 -12.89 28.09
CA ARG CA 96 -71.62 -13.91 28.62
C ARG CA 96 -70.54 -14.15 27.58
N ILE CA 97 -69.28 -14.16 28.01
CA ILE CA 97 -68.15 -14.37 27.11
C ILE CA 97 -67.43 -15.65 27.52
N THR CA 98 -67.27 -16.56 26.57
CA THR CA 98 -66.61 -17.83 26.81
C THR CA 98 -65.45 -17.98 25.84
N LYS CA 99 -64.30 -18.38 26.35
CA LYS CA 99 -63.12 -18.58 25.53
C LYS CA 99 -63.10 -19.99 24.96
N ILE CA 100 -62.72 -20.10 23.70
CA ILE CA 100 -62.55 -21.41 23.08
C ILE CA 100 -61.13 -21.53 22.55
N GLY CA 101 -60.84 -22.62 21.86
CA GLY CA 101 -59.49 -22.84 21.37
C GLY CA 101 -59.10 -21.88 20.26
N ASN CA 102 -57.80 -21.80 20.02
CA ASN CA 102 -57.29 -20.92 18.98
C ASN CA 102 -57.78 -21.39 17.62
N ARG CA 103 -57.92 -20.44 16.70
CA ARG CA 103 -58.39 -20.76 15.36
C ARG CA 103 -57.25 -21.32 14.52
N ARG CA 104 -57.60 -22.27 13.67
CA ARG CA 104 -56.64 -22.78 12.69
C ARG CA 104 -56.42 -21.76 11.58
N GLY CA 105 -55.24 -21.78 10.99
CA GLY CA 105 -54.91 -20.83 9.95
C GLY CA 105 -54.09 -19.64 10.41
N ASP CA 106 -54.61 -18.83 11.33
CA ASP CA 106 -53.83 -17.72 11.88
C ASP CA 106 -53.63 -17.81 13.38
N ASN CA 107 -54.10 -18.87 14.02
CA ASN CA 107 -53.93 -19.05 15.46
C ASN CA 107 -54.46 -17.85 16.23
N ALA CA 108 -55.60 -17.32 15.78
CA ALA CA 108 -56.25 -16.23 16.48
C ALA CA 108 -57.09 -16.77 17.62
N PRO CA 109 -56.94 -16.28 18.84
CA PRO CA 109 -57.79 -16.78 19.95
C PRO CA 109 -59.23 -16.37 19.74
N MET CA 110 -60.12 -17.36 19.69
CA MET CA 110 -61.54 -17.11 19.44
C MET CA 110 -62.32 -17.14 20.74
N ALA CA 111 -63.57 -16.72 20.67
CA ALA CA 111 -64.44 -16.71 21.84
C ALA CA 111 -65.89 -16.65 21.38
N VAL CA 112 -66.77 -17.13 22.25
CA VAL CA 112 -68.21 -17.06 22.03
C VAL CA 112 -68.78 -16.00 22.98
N ILE CA 113 -69.56 -15.08 22.43
CA ILE CA 113 -70.31 -14.11 23.22
C ILE CA 113 -71.78 -14.38 22.97
N GLU CA 114 -72.54 -14.52 24.06
CA GLU CA 114 -73.96 -14.84 23.96
C GLU CA 114 -74.74 -14.02 24.96
N LEU CA 115 -76.04 -13.90 24.70
CA LEU CA 115 -76.94 -13.23 25.62
C LEU CA 115 -77.26 -14.17 26.78
N VAL CA 116 -77.15 -13.66 28.01
CA VAL CA 116 -77.47 -14.45 29.18
C VAL CA 116 -78.96 -14.74 29.18
N GLU CA 117 -79.32 -16.01 29.38
CA GLU CA 117 -80.71 -16.42 29.32
C GLU CA 117 -81.52 -15.79 30.46
#